data_8DDS
#
_entry.id   8DDS
#
_cell.length_a   1.00
_cell.length_b   1.00
_cell.length_c   1.00
_cell.angle_alpha   90.00
_cell.angle_beta   90.00
_cell.angle_gamma   90.00
#
_symmetry.space_group_name_H-M   'P 1'
#
loop_
_entity.id
_entity.type
_entity.pdbx_description
1 polymer 'Transient receptor potential cation channel, subfamily M, member 3'
2 polymer 'Unidentified segment at the N-terminus of TRPM3'
3 non-polymer 1,2-DIACYL-GLYCEROL-3-SN-PHOSPHATE
4 non-polymer (3beta,14beta,17beta,25R)-3-[4-methoxy-3-(methoxymethyl)butoxy]spirost-5-en
5 non-polymer '[(2R)-2-octanoyloxy-3-[oxidanyl-[(1R,2R,3S,4R,5R,6S)-2,3,6-tris(oxidanyl)-4,5-diphosphonooxy-cyclohexyl]oxy-phosphoryl]oxy-propyl] octanoate'
6 non-polymer 'SODIUM ION'
#
loop_
_entity_poly.entity_id
_entity_poly.type
_entity_poly.pdbx_seq_one_letter_code
_entity_poly.pdbx_strand_id
1 'polypeptide(L)'
;GKKWRDAGELERGCSDREDSAESRRRSRSASRGRFAESWKRLSSKQGSTKRSGLPAQQTPAQKSWIERAFYKRECVHIIP
STKDPHRCCCGRLIGQHVGLTPSISVLQNEKNESRLSRNDIQSEKWSISKHTQLSPTDAFGTIEFQGGGHSNKAMYVRVS
FDTKPDLLLHLMTKEWQLELPKLLISVHGGLQNFELQPKLKQVFGKGLIKAAMTTGAWIFTGGVNTGVIRHVGDALKDHA
SKSRGKICTIGIAPWGIVENQEDLIGRDVVRPYQTMSNPMSKLTVLNSMHSHFILADNGTTGKYGAEVKLRRQLEKHISL
QKINTRIGQGVPVVALIVEGGPNVISIVLEYLRDTPPVPVVVCDGSGRASDILAFGHKYSEEGGLINESLRDQLLVTIQK
TFTYTRTQAQHLFIILMECMKKKELITVFRMGSEGHQDIDLAILTALLKGANASAPDQLSLALAWNRVDIARSQIFIYGQ
QWPVGSLEQAMLDALVLDRVDFVKLLIENGVSMHRFLTISRLEELYNTRHGPSNTLYHLVRDVKKGNLPPDYRISLIDIG
LVIEYLMGGAYRCNYTRKRFRTLYHNLFGPKRPKALKLLGMEDDIPLRRGRKTTKKREEEVDIDLDDPEINHFPFPFHEL
MVWAVLMKRQKMALFFWQHGEEAMAKALVACKLCKAMAHEASENDMVDDISQELNHNSRDFGQLAVELLDQSYKQDEQLA
MKLLTYELKNWSNATCLQLAVAAKHRDFIAHTCSQMLLTDMWMGRLRMRKNSGLKVILGILLPPSILSLEFKNKDDMPYM
TQAQEIHLQEKEPEEPEKPTKEKDEEDMELTAMLGRSNGESSRKKDEEEVQSRHRLIPVGRKIYEFYNAPIVKFWFYTLA
YIGYLMLFNYIVLVKMERWPSTQEWIVISYIFTLGIEKMREILMSEPGKLLQKVKVWLQEYWNVTDLIAILLFSVGMILR
LQDQPFRSDGRVIYCVNIIYWYIRLLDIFGVNKYLGPYVMMIGKMMIDMMYFVIIMLVVLMSFGVARQAILFPNEEPSWK
LAKNIFYMPYWMIYGEVFADQIDPPCGQNETREDGKTIQLPPCKTGAWIVPAIMACYLLVANILLVNLLIAVFNNTFFEV
KSISNQVWKFQRYQLIMTFHERPVLPPPLIIFSHMTMIFQHVCCRWRKHESDQDERDYGLKLFITDDELKKVHDFEEQCI
EEYFREKDDRFNSSNDERIRVTSERVENMSMRLEEVNEREHSMKASLQTVDIRLAQLEDLIGRMATALERLTGLERAESN
KIRSRTSSDCTDAAYIVRQSSFNSQEGNTFKLQESIDPAGEETISPTSPTLMPRMRSHSFYSVNVKDKGGIEKLESIFKE
RSLSLHRATS
;
A,B,C,D
2 'polypeptide(L)'
;(UNK)(UNK)(UNK)(UNK)(UNK)(UNK)(UNK)(UNK)(UNK)(UNK)(UNK)(UNK)(UNK)(UNK)(UNK)(UNK)
(UNK)
;
E,F,G,H
#
# COMPACT_ATOMS: atom_id res chain seq x y z
N ILE A 128 -5.99 20.73 76.02
CA ILE A 128 -5.46 21.51 77.12
C ILE A 128 -4.31 22.39 76.64
N SER A 129 -3.35 22.64 77.53
CA SER A 129 -2.22 23.51 77.21
C SER A 129 -1.05 22.72 76.63
N LYS A 130 -1.33 21.93 75.60
CA LYS A 130 -0.33 21.14 74.88
C LYS A 130 0.45 20.23 75.82
N HIS A 131 -0.25 19.60 76.76
CA HIS A 131 0.36 18.64 77.68
C HIS A 131 0.16 17.25 77.10
N THR A 132 1.11 16.84 76.26
CA THR A 132 1.04 15.57 75.55
C THR A 132 2.37 14.85 75.65
N GLN A 133 2.32 13.52 75.55
CA GLN A 133 3.53 12.72 75.63
C GLN A 133 4.31 12.82 74.32
N LEU A 134 5.60 13.15 74.44
CA LEU A 134 6.49 13.21 73.26
C LEU A 134 7.07 11.83 73.00
N SER A 135 6.17 10.92 72.61
CA SER A 135 6.52 9.55 72.33
C SER A 135 7.25 9.43 70.98
N PRO A 136 8.08 8.40 70.82
CA PRO A 136 8.70 8.17 69.51
C PRO A 136 7.67 7.76 68.46
N THR A 137 8.02 8.02 67.20
CA THR A 137 7.14 7.68 66.10
C THR A 137 6.96 6.18 65.98
N ASP A 138 5.73 5.75 65.66
CA ASP A 138 5.42 4.33 65.59
C ASP A 138 4.54 4.00 64.39
N ALA A 139 4.49 4.86 63.37
CA ALA A 139 3.59 4.62 62.24
C ALA A 139 4.22 5.26 61.00
N PHE A 140 4.79 4.43 60.14
CA PHE A 140 5.31 4.87 58.85
C PHE A 140 5.37 3.64 57.94
N GLY A 141 6.08 3.77 56.82
CA GLY A 141 6.22 2.65 55.92
C GLY A 141 5.72 2.93 54.51
N THR A 142 4.69 2.20 54.09
CA THR A 142 4.17 2.32 52.73
C THR A 142 2.69 1.97 52.74
N ILE A 143 1.88 2.79 52.07
CA ILE A 143 0.47 2.51 51.92
C ILE A 143 0.19 2.17 50.47
N GLU A 144 -0.92 1.46 50.26
CA GLU A 144 -1.36 1.09 48.92
C GLU A 144 -2.87 1.31 48.84
N PHE A 145 -3.29 2.17 47.92
CA PHE A 145 -4.69 2.57 47.84
C PHE A 145 -5.48 1.50 47.10
N GLN A 146 -6.35 0.80 47.82
CA GLN A 146 -7.24 -0.18 47.22
C GLN A 146 -8.60 0.45 46.94
N GLY A 147 -9.16 0.13 45.77
CA GLY A 147 -10.43 0.68 45.36
C GLY A 147 -10.36 1.98 44.61
N GLY A 148 -9.17 2.55 44.43
CA GLY A 148 -9.02 3.76 43.66
C GLY A 148 -9.00 3.48 42.17
N GLY A 149 -8.81 4.55 41.40
CA GLY A 149 -8.75 4.41 39.95
C GLY A 149 -7.55 3.60 39.50
N HIS A 150 -6.39 3.83 40.11
CA HIS A 150 -5.17 3.12 39.76
C HIS A 150 -4.48 2.67 41.03
N SER A 151 -3.69 1.60 40.91
CA SER A 151 -2.92 1.09 42.04
C SER A 151 -1.66 1.93 42.18
N ASN A 152 -1.56 2.70 43.26
CA ASN A 152 -0.43 3.58 43.49
C ASN A 152 0.06 3.41 44.92
N LYS A 153 1.37 3.47 45.11
CA LYS A 153 1.99 3.42 46.42
C LYS A 153 2.51 4.80 46.79
N ALA A 154 2.69 5.02 48.09
CA ALA A 154 3.16 6.31 48.58
C ALA A 154 3.75 6.12 49.97
N MET A 155 5.03 6.36 50.13
CA MET A 155 5.66 6.31 51.44
C MET A 155 5.09 7.41 52.33
N TYR A 156 5.12 7.17 53.63
CA TYR A 156 4.55 8.11 54.59
C TYR A 156 5.28 7.99 55.91
N VAL A 157 5.21 9.05 56.70
CA VAL A 157 5.77 9.05 58.04
C VAL A 157 5.12 10.17 58.86
N ARG A 158 4.70 9.87 60.08
CA ARG A 158 4.11 10.88 60.95
C ARG A 158 5.20 11.52 61.79
N VAL A 159 5.17 12.85 61.89
CA VAL A 159 6.18 13.60 62.63
C VAL A 159 5.48 14.71 63.40
N SER A 160 6.11 15.15 64.49
CA SER A 160 5.57 16.24 65.29
C SER A 160 5.74 17.56 64.57
N PHE A 161 4.95 18.55 64.99
CA PHE A 161 4.97 19.86 64.36
C PHE A 161 6.28 20.60 64.59
N ASP A 162 7.02 20.26 65.64
CA ASP A 162 8.25 20.96 65.98
C ASP A 162 9.49 20.29 65.38
N THR A 163 9.31 19.46 64.36
CA THR A 163 10.44 18.78 63.73
C THR A 163 11.31 19.79 62.98
N LYS A 164 12.62 19.64 63.12
CA LYS A 164 13.55 20.52 62.42
C LYS A 164 13.48 20.26 60.92
N PRO A 165 13.34 21.31 60.10
CA PRO A 165 13.19 21.09 58.65
C PRO A 165 14.38 20.41 58.00
N ASP A 166 15.58 20.58 58.55
CA ASP A 166 16.75 19.91 57.99
C ASP A 166 16.62 18.40 58.05
N LEU A 167 16.05 17.89 59.16
CA LEU A 167 15.83 16.46 59.29
C LEU A 167 14.85 15.95 58.25
N LEU A 168 13.77 16.71 58.00
CA LEU A 168 12.80 16.31 56.99
C LEU A 168 13.42 16.33 55.60
N LEU A 169 14.24 17.33 55.30
CA LEU A 169 14.91 17.37 54.01
C LEU A 169 15.85 16.18 53.85
N HIS A 170 16.56 15.82 54.93
CA HIS A 170 17.42 14.64 54.89
C HIS A 170 16.62 13.38 54.65
N LEU A 171 15.46 13.26 55.31
CA LEU A 171 14.59 12.11 55.10
C LEU A 171 14.13 12.01 53.66
N MET A 172 13.76 13.15 53.07
CA MET A 172 13.32 13.13 51.67
C MET A 172 14.46 12.84 50.71
N THR A 173 15.69 13.24 51.08
CA THR A 173 16.81 13.07 50.17
C THR A 173 17.39 11.66 50.23
N LYS A 174 17.89 11.25 51.39
CA LYS A 174 18.61 9.99 51.48
C LYS A 174 17.70 8.81 51.84
N GLU A 175 16.65 9.03 52.62
CA GLU A 175 15.78 7.94 53.03
C GLU A 175 14.64 7.67 52.06
N TRP A 176 14.47 8.52 51.04
CA TRP A 176 13.44 8.32 50.03
C TRP A 176 13.97 8.38 48.60
N GLN A 177 15.27 8.63 48.42
CA GLN A 177 15.92 8.69 47.11
C GLN A 177 15.26 9.74 46.20
N LEU A 178 15.35 10.99 46.64
CA LEU A 178 14.83 12.12 45.87
C LEU A 178 15.89 13.22 45.85
N GLU A 179 16.19 13.71 44.65
CA GLU A 179 17.13 14.81 44.51
C GLU A 179 16.45 16.14 44.84
N LEU A 180 17.26 17.18 44.98
CA LEU A 180 16.71 18.51 45.22
C LEU A 180 15.92 18.96 43.99
N PRO A 181 14.73 19.53 44.17
CA PRO A 181 13.93 19.94 43.03
C PRO A 181 14.40 21.26 42.45
N LYS A 182 14.06 21.47 41.18
CA LYS A 182 14.32 22.72 40.50
C LYS A 182 13.12 23.65 40.50
N LEU A 183 12.08 23.30 41.27
CA LEU A 183 10.82 24.03 41.32
C LEU A 183 10.03 23.51 42.51
N LEU A 184 9.38 24.43 43.23
CA LEU A 184 8.69 24.09 44.48
C LEU A 184 7.30 24.68 44.50
N ILE A 185 6.52 24.41 43.46
CA ILE A 185 5.13 24.85 43.34
C ILE A 185 4.35 24.48 44.59
N SER A 186 3.79 25.47 45.27
CA SER A 186 2.93 25.27 46.42
C SER A 186 1.51 25.67 46.09
N VAL A 187 0.54 24.92 46.60
CA VAL A 187 -0.86 25.13 46.30
C VAL A 187 -1.60 25.37 47.61
N HIS A 188 -2.38 26.44 47.66
CA HIS A 188 -3.24 26.75 48.79
C HIS A 188 -4.66 26.97 48.30
N GLY A 189 -5.62 26.78 49.19
CA GLY A 189 -7.01 26.97 48.81
C GLY A 189 -7.93 26.74 50.00
N GLY A 190 -9.22 26.87 49.73
CA GLY A 190 -10.21 26.66 50.75
C GLY A 190 -10.42 25.19 51.08
N LEU A 191 -10.88 24.94 52.29
CA LEU A 191 -11.10 23.59 52.78
C LEU A 191 -12.48 23.04 52.46
N GLN A 192 -13.36 23.87 51.90
CA GLN A 192 -14.69 23.40 51.50
C GLN A 192 -14.62 22.85 50.08
N ASN A 193 -15.35 21.77 49.83
CA ASN A 193 -15.30 21.07 48.55
C ASN A 193 -16.14 21.82 47.53
N PHE A 194 -15.56 22.88 47.00
CA PHE A 194 -16.20 23.64 45.93
C PHE A 194 -16.02 22.91 44.60
N GLU A 195 -16.65 23.45 43.56
CA GLU A 195 -16.60 22.85 42.23
C GLU A 195 -16.33 23.96 41.21
N LEU A 196 -15.22 23.83 40.49
CA LEU A 196 -14.93 24.77 39.41
C LEU A 196 -15.91 24.57 38.26
N GLN A 197 -16.17 25.66 37.54
CA GLN A 197 -16.99 25.57 36.35
C GLN A 197 -16.25 24.77 35.27
N PRO A 198 -16.97 23.99 34.47
CA PRO A 198 -16.32 23.16 33.46
C PRO A 198 -15.59 23.99 32.43
N LYS A 199 -14.69 23.34 31.70
CA LYS A 199 -13.80 23.92 30.70
C LYS A 199 -12.80 24.91 31.30
N LEU A 200 -12.75 25.02 32.61
CA LEU A 200 -11.75 25.83 33.30
C LEU A 200 -10.78 24.98 34.11
N LYS A 201 -11.26 23.97 34.82
CA LYS A 201 -10.37 23.08 35.54
C LYS A 201 -9.52 22.25 34.59
N GLN A 202 -9.99 22.01 33.36
CA GLN A 202 -9.24 21.21 32.42
C GLN A 202 -7.93 21.89 32.01
N VAL A 203 -8.00 23.16 31.60
CA VAL A 203 -6.81 23.87 31.18
C VAL A 203 -5.88 24.12 32.37
N PHE A 204 -6.46 24.39 33.54
CA PHE A 204 -5.65 24.55 34.75
C PHE A 204 -4.88 23.28 35.06
N GLY A 205 -5.56 22.13 35.03
CA GLY A 205 -4.89 20.87 35.30
C GLY A 205 -3.82 20.55 34.28
N LYS A 206 -4.11 20.76 32.99
CA LYS A 206 -3.12 20.47 31.96
C LYS A 206 -1.90 21.38 32.09
N GLY A 207 -2.13 22.67 32.38
CA GLY A 207 -1.00 23.58 32.56
C GLY A 207 -0.15 23.21 33.77
N LEU A 208 -0.80 22.89 34.88
CA LEU A 208 -0.05 22.49 36.07
C LEU A 208 0.75 21.22 35.82
N ILE A 209 0.14 20.24 35.14
CA ILE A 209 0.83 18.98 34.85
C ILE A 209 2.02 19.22 33.93
N LYS A 210 1.85 20.04 32.90
CA LYS A 210 2.96 20.32 31.99
C LYS A 210 4.09 21.04 32.73
N ALA A 211 3.75 22.01 33.58
CA ALA A 211 4.78 22.75 34.31
C ALA A 211 5.50 21.87 35.32
N ALA A 212 4.82 20.90 35.91
CA ALA A 212 5.45 20.02 36.88
C ALA A 212 6.14 18.81 36.24
N MET A 213 5.85 18.52 34.97
CA MET A 213 6.48 17.39 34.29
C MET A 213 7.70 17.81 33.48
N THR A 214 7.59 18.87 32.66
CA THR A 214 8.74 19.28 31.87
C THR A 214 9.90 19.76 32.72
N THR A 215 9.64 20.19 33.95
CA THR A 215 10.66 20.60 34.89
C THR A 215 10.54 19.75 36.15
N GLY A 216 11.67 19.32 36.68
CA GLY A 216 11.66 18.60 37.94
C GLY A 216 11.09 19.45 39.06
N ALA A 217 9.89 19.12 39.51
CA ALA A 217 9.14 19.98 40.41
C ALA A 217 8.57 19.18 41.57
N TRP A 218 8.42 19.84 42.71
CA TRP A 218 7.76 19.30 43.87
C TRP A 218 6.47 20.09 44.12
N ILE A 219 5.35 19.39 44.17
CA ILE A 219 4.04 20.02 44.34
C ILE A 219 3.61 19.76 45.78
N PHE A 220 3.74 20.77 46.63
CA PHE A 220 3.17 20.69 47.97
C PHE A 220 1.67 20.92 47.90
N THR A 221 0.94 20.19 48.73
CA THR A 221 -0.52 20.28 48.74
C THR A 221 -1.03 19.87 50.11
N GLY A 222 -2.32 20.12 50.34
CA GLY A 222 -2.93 19.73 51.61
C GLY A 222 -2.94 18.23 51.81
N GLY A 223 -3.25 17.47 50.76
CA GLY A 223 -3.20 16.03 50.83
C GLY A 223 -4.53 15.38 51.10
N VAL A 224 -5.30 15.93 52.02
CA VAL A 224 -6.61 15.38 52.33
C VAL A 224 -7.59 15.73 51.22
N ASN A 225 -8.49 14.79 50.92
CA ASN A 225 -9.36 14.93 49.76
C ASN A 225 -10.45 15.97 49.99
N THR A 226 -10.06 17.25 50.02
CA THR A 226 -11.02 18.34 50.21
C THR A 226 -10.56 19.56 49.45
N GLY A 227 -11.49 20.20 48.75
CA GLY A 227 -11.18 21.48 48.13
C GLY A 227 -10.29 21.34 46.91
N VAL A 228 -9.27 22.20 46.83
CA VAL A 228 -8.39 22.25 45.67
C VAL A 228 -7.56 20.97 45.55
N ILE A 229 -7.30 20.30 46.67
CA ILE A 229 -6.49 19.08 46.64
C ILE A 229 -7.19 18.00 45.82
N ARG A 230 -8.52 17.93 45.91
CA ARG A 230 -9.26 17.00 45.05
C ARG A 230 -9.06 17.35 43.58
N HIS A 231 -9.05 18.64 43.25
CA HIS A 231 -8.87 19.05 41.86
C HIS A 231 -7.49 18.71 41.34
N VAL A 232 -6.45 18.91 42.16
CA VAL A 232 -5.11 18.55 41.70
C VAL A 232 -4.96 17.03 41.62
N GLY A 233 -5.65 16.29 42.49
CA GLY A 233 -5.66 14.84 42.36
C GLY A 233 -6.31 14.38 41.07
N ASP A 234 -7.43 15.01 40.71
CA ASP A 234 -8.08 14.70 39.43
C ASP A 234 -7.16 15.06 38.26
N ALA A 235 -6.46 16.20 38.36
CA ALA A 235 -5.54 16.58 37.30
C ALA A 235 -4.40 15.57 37.15
N LEU A 236 -3.87 15.08 38.27
CA LEU A 236 -2.84 14.04 38.21
C LEU A 236 -3.41 12.76 37.60
N LYS A 237 -4.65 12.41 37.95
CA LYS A 237 -5.26 11.21 37.39
C LYS A 237 -5.53 11.36 35.90
N ASP A 238 -5.73 12.58 35.42
CA ASP A 238 -5.99 12.84 34.01
C ASP A 238 -4.71 13.07 33.20
N HIS A 239 -3.56 12.66 33.73
CA HIS A 239 -2.31 12.70 32.97
C HIS A 239 -1.64 11.34 32.98
N ALA A 240 -1.80 10.59 34.08
CA ALA A 240 -1.19 9.28 34.21
C ALA A 240 -1.77 8.28 33.21
N SER A 241 -2.95 8.53 32.70
CA SER A 241 -3.56 7.70 31.67
C SER A 241 -3.18 8.13 30.26
N LYS A 242 -2.34 9.16 30.12
CA LYS A 242 -1.94 9.64 28.80
C LYS A 242 -0.44 9.86 28.65
N SER A 243 0.33 9.88 29.73
CA SER A 243 1.74 10.21 29.64
C SER A 243 2.55 9.33 30.58
N ARG A 244 3.86 9.33 30.38
CA ARG A 244 4.79 8.57 31.19
C ARG A 244 5.26 9.40 32.38
N GLY A 245 6.29 8.93 33.07
CA GLY A 245 6.92 9.70 34.11
C GLY A 245 6.15 9.71 35.41
N LYS A 246 6.68 10.47 36.37
CA LYS A 246 6.08 10.60 37.69
C LYS A 246 6.20 12.04 38.15
N ILE A 247 5.32 12.42 39.08
CA ILE A 247 5.34 13.72 39.71
C ILE A 247 5.47 13.51 41.21
N CYS A 248 6.46 14.17 41.83
CA CYS A 248 6.74 14.00 43.25
C CYS A 248 5.81 14.89 44.08
N THR A 249 4.53 14.52 44.07
CA THR A 249 3.48 15.33 44.70
C THR A 249 3.48 15.05 46.20
N ILE A 250 4.42 15.68 46.90
CA ILE A 250 4.50 15.54 48.35
C ILE A 250 3.30 16.22 48.98
N GLY A 251 2.62 15.52 49.89
CA GLY A 251 1.45 16.05 50.57
C GLY A 251 1.71 16.15 52.07
N ILE A 252 1.37 17.30 52.63
CA ILE A 252 1.52 17.55 54.05
C ILE A 252 0.12 17.70 54.64
N ALA A 253 -0.35 16.66 55.32
CA ALA A 253 -1.71 16.62 55.86
C ALA A 253 -1.67 16.43 57.37
N PRO A 254 -2.60 17.06 58.10
CA PRO A 254 -2.63 16.85 59.55
C PRO A 254 -3.06 15.43 59.88
N TRP A 255 -2.40 14.86 60.90
CA TRP A 255 -2.67 13.47 61.26
C TRP A 255 -4.03 13.30 61.90
N GLY A 256 -4.51 14.31 62.61
CA GLY A 256 -5.76 14.19 63.34
C GLY A 256 -7.01 14.27 62.51
N ILE A 257 -6.91 14.51 61.21
CA ILE A 257 -8.07 14.60 60.33
C ILE A 257 -8.21 13.38 59.42
N VAL A 258 -7.22 12.49 59.40
CA VAL A 258 -7.33 11.27 58.60
C VAL A 258 -8.47 10.43 59.12
N GLU A 259 -9.33 9.94 58.22
CA GLU A 259 -10.47 9.15 58.63
C GLU A 259 -10.05 7.83 59.27
N ASN A 260 -8.95 7.25 58.82
CA ASN A 260 -8.40 6.04 59.43
C ASN A 260 -7.04 6.41 60.02
N GLN A 261 -7.06 6.94 61.25
CA GLN A 261 -5.83 7.14 61.98
C GLN A 261 -5.18 5.81 62.33
N GLU A 262 -6.00 4.80 62.58
CA GLU A 262 -5.50 3.44 62.74
C GLU A 262 -5.28 2.83 61.35
N ASP A 263 -4.94 1.55 61.31
CA ASP A 263 -4.61 0.81 60.08
C ASP A 263 -3.42 1.44 59.35
N LEU A 264 -2.58 2.18 60.08
CA LEU A 264 -1.37 2.76 59.50
C LEU A 264 -0.18 2.61 60.45
N ILE A 265 -0.27 1.73 61.44
CA ILE A 265 0.71 1.69 62.52
C ILE A 265 1.84 0.71 62.26
N GLY A 266 1.69 -0.20 61.30
CA GLY A 266 2.76 -1.15 61.00
C GLY A 266 3.99 -0.48 60.41
N ARG A 267 5.06 -0.42 61.19
CA ARG A 267 6.26 0.29 60.76
C ARG A 267 6.99 -0.51 59.69
N ASP A 268 7.38 0.18 58.61
CA ASP A 268 8.14 -0.41 57.50
C ASP A 268 7.43 -1.61 56.90
N VAL A 269 6.10 -1.53 56.80
CA VAL A 269 5.31 -2.60 56.19
C VAL A 269 4.28 -1.97 55.27
N VAL A 270 3.82 -2.77 54.30
CA VAL A 270 2.82 -2.32 53.34
C VAL A 270 1.44 -2.49 53.98
N ARG A 271 0.71 -1.38 54.11
CA ARG A 271 -0.61 -1.39 54.74
C ARG A 271 -1.64 -0.97 53.70
N PRO A 272 -2.65 -1.80 53.42
CA PRO A 272 -3.69 -1.39 52.47
C PRO A 272 -4.53 -0.26 53.03
N TYR A 273 -5.04 0.57 52.12
CA TYR A 273 -5.91 1.67 52.50
C TYR A 273 -7.08 1.75 51.52
N GLN A 274 -8.27 2.00 52.05
CA GLN A 274 -9.48 2.08 51.25
C GLN A 274 -9.82 3.54 51.00
N THR A 275 -9.98 3.90 49.73
CA THR A 275 -10.24 5.28 49.36
C THR A 275 -11.70 5.68 49.53
N MET A 276 -12.59 4.73 49.83
CA MET A 276 -13.99 5.06 50.05
C MET A 276 -14.18 5.77 51.38
N SER A 277 -15.03 6.79 51.38
CA SER A 277 -15.33 7.55 52.58
C SER A 277 -16.83 7.78 52.70
N ASN A 278 -17.28 7.97 53.94
CA ASN A 278 -18.68 8.23 54.23
C ASN A 278 -18.87 9.68 54.66
N PRO A 279 -19.91 10.35 54.15
CA PRO A 279 -20.11 11.77 54.50
C PRO A 279 -20.34 12.03 55.99
N MET A 280 -20.85 11.05 56.73
CA MET A 280 -21.14 11.23 58.14
C MET A 280 -19.95 10.87 59.03
N SER A 281 -18.81 10.51 58.45
CA SER A 281 -17.64 10.11 59.24
C SER A 281 -16.99 11.28 59.97
N LYS A 282 -17.37 12.51 59.65
CA LYS A 282 -16.83 13.74 60.26
C LYS A 282 -15.34 13.91 60.05
N LEU A 283 -14.73 13.13 59.16
CA LEU A 283 -13.30 13.21 58.87
C LEU A 283 -13.12 13.18 57.37
N THR A 284 -11.88 13.01 56.92
CA THR A 284 -11.58 12.98 55.49
C THR A 284 -10.59 11.87 55.20
N VAL A 285 -10.61 11.38 53.97
CA VAL A 285 -9.74 10.31 53.52
C VAL A 285 -8.58 10.92 52.76
N LEU A 286 -7.37 10.41 53.00
CA LEU A 286 -6.20 10.90 52.29
C LEU A 286 -6.34 10.62 50.80
N ASN A 287 -6.09 11.66 50.00
CA ASN A 287 -6.27 11.54 48.56
C ASN A 287 -5.24 10.60 47.96
N SER A 288 -5.66 9.84 46.96
CA SER A 288 -4.72 9.02 46.21
C SER A 288 -3.94 9.91 45.24
N MET A 289 -3.10 9.28 44.42
CA MET A 289 -2.24 9.94 43.44
C MET A 289 -1.23 10.89 44.07
N HIS A 290 -1.10 10.89 45.40
CA HIS A 290 -0.13 11.71 46.10
C HIS A 290 1.04 10.79 46.46
N SER A 291 2.03 10.73 45.58
CA SER A 291 3.04 9.70 45.73
C SER A 291 4.12 10.09 46.73
N HIS A 292 3.70 10.52 47.92
CA HIS A 292 4.47 10.77 49.14
C HIS A 292 3.50 11.35 50.16
N PHE A 293 3.92 11.33 51.42
CA PHE A 293 3.08 11.90 52.47
C PHE A 293 3.95 12.34 53.63
N ILE A 294 3.47 13.35 54.36
CA ILE A 294 4.04 13.77 55.64
C ILE A 294 2.87 14.10 56.56
N LEU A 295 2.80 13.42 57.69
CA LEU A 295 1.70 13.60 58.63
C LEU A 295 2.18 14.41 59.83
N ALA A 296 1.46 15.47 60.15
CA ALA A 296 1.80 16.35 61.27
C ALA A 296 0.73 16.22 62.35
N ASP A 297 1.15 15.94 63.58
CA ASP A 297 0.24 15.76 64.69
C ASP A 297 0.71 16.57 65.89
N ASN A 298 -0.24 17.20 66.58
CA ASN A 298 0.02 17.93 67.81
C ASN A 298 -0.91 17.46 68.93
N GLY A 299 -1.33 16.20 68.86
CA GLY A 299 -2.15 15.61 69.89
C GLY A 299 -3.64 15.76 69.71
N THR A 300 -4.08 16.66 68.83
CA THR A 300 -5.50 16.87 68.63
C THR A 300 -6.08 15.80 67.70
N THR A 301 -7.37 15.90 67.45
CA THR A 301 -8.06 14.99 66.54
C THR A 301 -9.27 15.72 65.97
N GLY A 302 -9.32 15.84 64.64
CA GLY A 302 -10.42 16.52 63.99
C GLY A 302 -10.24 18.01 63.81
N LYS A 303 -9.03 18.54 63.97
CA LYS A 303 -8.77 19.95 63.78
C LYS A 303 -7.55 20.15 62.90
N TYR A 304 -7.59 21.23 62.12
CA TYR A 304 -6.52 21.58 61.20
C TYR A 304 -5.52 22.50 61.92
N GLY A 305 -4.65 23.14 61.14
CA GLY A 305 -3.75 24.14 61.66
C GLY A 305 -2.48 23.61 62.31
N ALA A 306 -2.27 22.31 62.31
CA ALA A 306 -1.09 21.72 62.92
C ALA A 306 0.06 21.54 61.94
N GLU A 307 -0.12 21.88 60.67
CA GLU A 307 0.90 21.67 59.66
C GLU A 307 1.30 22.93 58.92
N VAL A 308 0.62 24.06 59.13
CA VAL A 308 0.97 25.29 58.42
C VAL A 308 2.36 25.75 58.80
N LYS A 309 2.70 25.69 60.09
CA LYS A 309 4.05 26.03 60.52
C LYS A 309 5.08 25.08 59.92
N LEU A 310 4.76 23.78 59.90
CA LEU A 310 5.69 22.81 59.34
C LEU A 310 5.92 23.07 57.85
N ARG A 311 4.84 23.31 57.10
CA ARG A 311 4.98 23.56 55.67
C ARG A 311 5.77 24.83 55.40
N ARG A 312 5.48 25.91 56.14
CA ARG A 312 6.18 27.16 55.91
C ARG A 312 7.67 27.02 56.25
N GLN A 313 7.99 26.34 57.35
CA GLN A 313 9.39 26.12 57.69
C GLN A 313 10.09 25.27 56.65
N LEU A 314 9.42 24.24 56.14
CA LEU A 314 10.02 23.40 55.11
C LEU A 314 10.29 24.19 53.84
N GLU A 315 9.34 25.03 53.42
CA GLU A 315 9.55 25.85 52.24
C GLU A 315 10.71 26.84 52.45
N LYS A 316 10.77 27.45 53.63
CA LYS A 316 11.86 28.39 53.90
C LYS A 316 13.21 27.70 53.87
N HIS A 317 13.29 26.48 54.43
CA HIS A 317 14.57 25.78 54.41
C HIS A 317 14.93 25.31 53.02
N ILE A 318 13.94 24.93 52.20
CA ILE A 318 14.24 24.46 50.86
C ILE A 318 14.71 25.61 49.98
N SER A 319 14.06 26.77 50.08
CA SER A 319 14.44 27.91 49.25
C SER A 319 15.84 28.41 49.54
N LEU A 320 16.41 28.09 50.69
CA LEU A 320 17.79 28.46 51.01
C LEU A 320 18.81 27.44 50.51
N GLN A 321 18.37 26.29 50.02
CA GLN A 321 19.30 25.30 49.49
C GLN A 321 19.89 25.79 48.18
N LYS A 322 21.03 25.20 47.82
CA LYS A 322 21.78 25.61 46.64
C LYS A 322 21.54 24.62 45.51
N ILE A 323 21.04 25.12 44.38
CA ILE A 323 20.85 24.31 43.18
C ILE A 323 22.23 24.10 42.57
N ASN A 324 22.32 23.18 41.59
CA ASN A 324 23.62 22.77 41.06
C ASN A 324 24.36 23.90 40.36
N THR A 325 23.68 24.97 39.95
CA THR A 325 24.36 26.08 39.31
C THR A 325 25.24 26.82 40.30
N ARG A 326 26.43 27.21 39.83
CA ARG A 326 27.43 27.83 40.68
C ARG A 326 27.36 29.35 40.69
N ILE A 327 26.37 29.94 40.03
CA ILE A 327 26.22 31.40 40.07
C ILE A 327 25.84 31.87 41.46
N GLY A 328 24.94 31.15 42.12
CA GLY A 328 24.59 31.46 43.49
C GLY A 328 23.11 31.55 43.78
N GLN A 329 22.27 31.09 42.86
CA GLN A 329 20.84 31.15 43.05
C GLN A 329 20.34 29.89 43.75
N GLY A 330 19.30 30.07 44.57
CA GLY A 330 18.66 28.97 45.24
C GLY A 330 17.44 28.47 44.47
N VAL A 331 16.80 27.45 45.03
CA VAL A 331 15.63 26.85 44.41
C VAL A 331 14.47 27.84 44.46
N PRO A 332 13.90 28.22 43.32
CA PRO A 332 12.80 29.17 43.34
C PRO A 332 11.52 28.54 43.86
N VAL A 333 10.65 29.38 44.43
CA VAL A 333 9.38 28.95 44.97
C VAL A 333 8.28 29.83 44.41
N VAL A 334 7.17 29.22 44.02
CA VAL A 334 6.02 29.95 43.49
C VAL A 334 4.76 29.36 44.12
N ALA A 335 3.91 30.23 44.66
CA ALA A 335 2.69 29.80 45.32
C ALA A 335 1.51 30.00 44.36
N LEU A 336 0.78 28.92 44.11
CA LEU A 336 -0.40 28.97 43.26
C LEU A 336 -1.64 29.02 44.16
N ILE A 337 -2.51 30.00 43.90
CA ILE A 337 -3.68 30.24 44.74
C ILE A 337 -4.93 29.97 43.91
N VAL A 338 -5.75 29.04 44.37
CA VAL A 338 -7.06 28.77 43.81
C VAL A 338 -8.06 28.83 44.96
N GLU A 339 -9.26 29.35 44.68
CA GLU A 339 -10.31 29.51 45.68
C GLU A 339 -9.83 30.43 46.80
N GLY A 340 -9.42 29.87 47.93
CA GLY A 340 -8.90 30.65 49.01
C GLY A 340 -9.88 30.80 50.18
N GLY A 341 -9.61 31.81 51.00
CA GLY A 341 -10.39 32.07 52.18
C GLY A 341 -9.85 33.26 52.96
N PRO A 342 -10.46 33.55 54.10
CA PRO A 342 -9.96 34.67 54.92
C PRO A 342 -8.54 34.49 55.41
N ASN A 343 -8.14 33.25 55.73
CA ASN A 343 -6.76 32.98 56.13
C ASN A 343 -5.82 33.01 54.94
N VAL A 344 -6.33 32.74 53.74
CA VAL A 344 -5.50 32.70 52.55
C VAL A 344 -4.94 34.08 52.23
N ILE A 345 -5.72 35.13 52.48
CA ILE A 345 -5.21 36.49 52.33
C ILE A 345 -4.04 36.73 53.29
N SER A 346 -4.16 36.23 54.52
CA SER A 346 -3.08 36.39 55.49
C SER A 346 -1.82 35.65 55.05
N ILE A 347 -1.96 34.43 54.57
CA ILE A 347 -0.77 33.69 54.15
C ILE A 347 -0.18 34.28 52.87
N VAL A 348 -1.01 34.85 52.01
CA VAL A 348 -0.49 35.56 50.84
C VAL A 348 0.32 36.77 51.26
N LEU A 349 -0.20 37.54 52.23
CA LEU A 349 0.57 38.67 52.75
C LEU A 349 1.87 38.20 53.40
N GLU A 350 1.84 37.05 54.08
CA GLU A 350 3.06 36.49 54.63
C GLU A 350 4.06 36.14 53.53
N TYR A 351 3.60 35.55 52.44
CA TYR A 351 4.47 35.24 51.32
C TYR A 351 5.07 36.51 50.73
N LEU A 352 4.26 37.55 50.56
CA LEU A 352 4.70 38.78 49.91
C LEU A 352 5.63 39.62 50.78
N ARG A 353 5.76 39.30 52.07
CA ARG A 353 6.58 40.09 52.98
C ARG A 353 7.87 39.38 53.40
N ASP A 354 8.17 38.23 52.80
CA ASP A 354 9.42 37.53 53.12
C ASP A 354 10.60 38.29 52.54
N THR A 355 11.77 38.11 53.16
CA THR A 355 12.96 38.79 52.69
C THR A 355 13.33 38.40 51.26
N PRO A 356 13.34 37.13 50.87
CA PRO A 356 13.15 36.81 49.45
C PRO A 356 11.68 36.71 49.13
N PRO A 357 11.12 37.64 48.37
CA PRO A 357 9.69 37.57 48.04
C PRO A 357 9.36 36.37 47.18
N VAL A 358 8.17 35.83 47.40
CA VAL A 358 7.69 34.64 46.70
C VAL A 358 6.59 35.06 45.75
N PRO A 359 6.77 34.94 44.44
CA PRO A 359 5.70 35.31 43.50
C PRO A 359 4.49 34.43 43.69
N VAL A 360 3.30 35.03 43.50
CA VAL A 360 2.03 34.37 43.76
C VAL A 360 1.18 34.45 42.51
N VAL A 361 0.66 33.31 42.08
CA VAL A 361 -0.23 33.22 40.94
C VAL A 361 -1.62 32.86 41.43
N VAL A 362 -2.62 33.64 41.03
CA VAL A 362 -3.99 33.39 41.44
C VAL A 362 -4.83 33.09 40.20
N CYS A 363 -6.11 32.80 40.39
CA CYS A 363 -7.03 32.56 39.29
C CYS A 363 -8.30 33.37 39.50
N ASP A 364 -8.85 33.87 38.39
CA ASP A 364 -10.04 34.71 38.46
C ASP A 364 -11.30 33.89 38.66
N GLY A 365 -11.38 32.73 38.05
CA GLY A 365 -12.60 31.92 38.11
C GLY A 365 -12.65 30.97 39.28
N SER A 366 -12.84 31.51 40.50
CA SER A 366 -12.99 30.68 41.68
C SER A 366 -14.13 31.10 42.60
N GLY A 367 -14.58 32.34 42.56
CA GLY A 367 -15.65 32.78 43.44
C GLY A 367 -15.29 32.76 44.90
N ARG A 368 -14.08 33.18 45.24
CA ARG A 368 -13.59 33.15 46.62
C ARG A 368 -12.58 34.28 46.77
N ALA A 369 -11.73 34.18 47.79
CA ALA A 369 -10.72 35.22 48.04
C ALA A 369 -9.81 35.43 46.83
N SER A 370 -9.54 34.38 46.05
CA SER A 370 -8.79 34.57 44.81
C SER A 370 -9.57 35.42 43.82
N ASP A 371 -10.90 35.20 43.74
CA ASP A 371 -11.72 36.04 42.89
C ASP A 371 -11.73 37.49 43.37
N ILE A 372 -11.69 37.68 44.69
CA ILE A 372 -11.59 39.02 45.25
C ILE A 372 -10.27 39.66 44.85
N LEU A 373 -9.17 38.89 44.89
CA LEU A 373 -7.88 39.42 44.47
C LEU A 373 -7.89 39.78 42.98
N ALA A 374 -8.52 38.95 42.16
CA ALA A 374 -8.63 39.27 40.73
C ALA A 374 -9.46 40.52 40.51
N PHE A 375 -10.56 40.67 41.26
CA PHE A 375 -11.40 41.86 41.16
C PHE A 375 -10.63 43.11 41.57
N GLY A 376 -9.82 43.01 42.63
CA GLY A 376 -9.03 44.13 43.08
C GLY A 376 -7.77 44.39 42.26
N HIS A 377 -7.37 43.46 41.40
CA HIS A 377 -6.19 43.68 40.56
C HIS A 377 -6.40 44.87 39.64
N LYS A 378 -7.57 44.96 39.02
CA LYS A 378 -7.96 46.16 38.31
C LYS A 378 -8.24 47.28 39.32
N TYR A 379 -7.92 48.51 38.92
CA TYR A 379 -8.10 49.70 39.76
C TYR A 379 -7.33 49.56 41.07
N SER A 380 -6.00 49.52 40.94
CA SER A 380 -5.10 49.37 42.07
C SER A 380 -4.43 50.71 42.37
N GLU A 381 -3.52 50.68 43.35
CA GLU A 381 -2.79 51.87 43.76
C GLU A 381 -1.28 51.65 43.62
N VAL A 396 -14.02 53.47 46.14
CA VAL A 396 -14.53 52.13 45.88
C VAL A 396 -14.13 51.20 47.02
N THR A 397 -14.87 51.30 48.13
CA THR A 397 -14.63 50.46 49.30
C THR A 397 -15.88 49.75 49.79
N ILE A 398 -17.04 50.40 49.72
CA ILE A 398 -18.27 49.80 50.23
C ILE A 398 -18.78 48.66 49.37
N GLN A 399 -18.23 48.48 48.17
CA GLN A 399 -18.60 47.36 47.33
C GLN A 399 -18.04 46.03 47.84
N LYS A 400 -17.14 46.08 48.82
CA LYS A 400 -16.47 44.89 49.34
C LYS A 400 -17.35 44.04 50.25
N THR A 401 -18.55 44.52 50.59
CA THR A 401 -19.43 43.77 51.47
C THR A 401 -20.20 42.74 50.65
N PHE A 402 -19.85 41.46 50.83
CA PHE A 402 -20.57 40.35 50.21
C PHE A 402 -21.11 39.39 51.26
N THR A 403 -21.21 39.84 52.51
CA THR A 403 -21.56 39.01 53.67
C THR A 403 -20.58 37.84 53.85
N TYR A 404 -19.38 37.95 53.29
CA TYR A 404 -18.37 36.92 53.43
C TYR A 404 -17.62 37.01 54.75
N THR A 405 -17.69 38.17 55.42
CA THR A 405 -17.06 38.35 56.71
C THR A 405 -18.09 38.81 57.73
N ARG A 406 -17.63 39.24 58.91
CA ARG A 406 -18.52 39.71 59.96
C ARG A 406 -19.06 41.09 59.59
N THR A 407 -20.02 41.08 58.67
CA THR A 407 -20.75 42.25 58.18
C THR A 407 -19.76 43.30 57.66
N GLN A 408 -20.16 44.56 57.65
CA GLN A 408 -19.23 45.64 57.37
C GLN A 408 -18.40 46.04 58.58
N ALA A 409 -18.76 45.53 59.77
CA ALA A 409 -18.00 45.84 60.98
C ALA A 409 -16.59 45.29 60.89
N GLN A 410 -16.44 44.06 60.42
CA GLN A 410 -15.13 43.43 60.25
C GLN A 410 -14.80 43.37 58.77
N HIS A 411 -13.58 43.78 58.41
CA HIS A 411 -13.16 43.78 57.03
C HIS A 411 -11.66 43.51 56.98
N LEU A 412 -11.25 42.78 55.94
CA LEU A 412 -9.84 42.58 55.63
C LEU A 412 -9.38 43.49 54.50
N PHE A 413 -10.07 44.61 54.30
CA PHE A 413 -9.78 45.49 53.18
C PHE A 413 -8.42 46.15 53.31
N ILE A 414 -7.95 46.41 54.53
CA ILE A 414 -6.63 46.99 54.71
C ILE A 414 -5.55 46.03 54.24
N ILE A 415 -5.66 44.76 54.62
CA ILE A 415 -4.70 43.74 54.18
C ILE A 415 -4.80 43.55 52.68
N LEU A 416 -6.02 43.53 52.14
CA LEU A 416 -6.20 43.37 50.70
C LEU A 416 -5.57 44.53 49.93
N MET A 417 -5.73 45.75 50.44
CA MET A 417 -5.15 46.90 49.78
C MET A 417 -3.63 46.92 49.90
N GLU A 418 -3.08 46.43 51.01
CA GLU A 418 -1.63 46.30 51.11
C GLU A 418 -1.10 45.29 50.08
N CYS A 419 -1.78 44.15 49.94
CA CYS A 419 -1.37 43.17 48.95
C CYS A 419 -1.49 43.73 47.54
N MET A 420 -2.54 44.50 47.27
CA MET A 420 -2.68 45.14 45.97
C MET A 420 -1.63 46.24 45.77
N LYS A 421 -1.16 46.84 46.86
CA LYS A 421 -0.06 47.80 46.77
C LYS A 421 1.23 47.10 46.34
N LYS A 422 1.46 45.88 46.83
CA LYS A 422 2.63 45.12 46.42
C LYS A 422 2.37 44.20 45.24
N LYS A 423 1.49 44.61 44.31
CA LYS A 423 1.05 43.79 43.19
C LYS A 423 2.12 43.56 42.13
N GLU A 424 3.37 43.98 42.36
CA GLU A 424 4.41 43.77 41.35
C GLU A 424 4.71 42.30 41.16
N LEU A 425 4.56 41.49 42.20
CA LEU A 425 4.87 40.07 42.14
C LEU A 425 3.66 39.19 41.86
N ILE A 426 2.46 39.65 42.22
CA ILE A 426 1.26 38.87 41.94
C ILE A 426 1.00 38.85 40.44
N THR A 427 0.79 37.66 39.90
CA THR A 427 0.53 37.47 38.48
C THR A 427 -0.81 36.76 38.33
N VAL A 428 -1.87 37.51 38.09
CA VAL A 428 -3.20 36.93 37.98
C VAL A 428 -3.35 36.23 36.64
N PHE A 429 -4.38 35.40 36.54
CA PHE A 429 -4.63 34.60 35.35
C PHE A 429 -6.11 34.65 35.02
N ARG A 430 -6.42 34.91 33.76
CA ARG A 430 -7.79 34.93 33.27
C ARG A 430 -7.88 34.10 32.00
N MET A 431 -8.98 33.36 31.86
CA MET A 431 -9.12 32.44 30.74
C MET A 431 -9.39 33.17 29.43
N GLY A 432 -8.33 33.48 28.68
CA GLY A 432 -8.45 34.06 27.36
C GLY A 432 -8.67 35.55 27.31
N SER A 433 -8.98 36.19 28.44
CA SER A 433 -9.20 37.63 28.44
C SER A 433 -7.91 38.41 28.31
N GLU A 434 -6.79 37.84 28.76
CA GLU A 434 -5.52 38.54 28.75
C GLU A 434 -4.45 37.72 28.02
N GLY A 435 -3.21 38.19 28.06
CA GLY A 435 -2.10 37.40 27.56
C GLY A 435 -1.73 36.28 28.52
N HIS A 436 -0.83 35.41 28.06
CA HIS A 436 -0.37 34.24 28.81
C HIS A 436 -1.56 33.37 29.21
N GLN A 437 -2.25 32.83 28.20
CA GLN A 437 -3.43 32.01 28.43
C GLN A 437 -3.08 30.64 28.98
N ASP A 438 -1.81 30.27 29.04
CA ASP A 438 -1.39 28.96 29.52
C ASP A 438 -0.86 29.06 30.94
N ILE A 439 -1.31 28.14 31.80
CA ILE A 439 -0.89 28.17 33.20
C ILE A 439 0.60 27.90 33.32
N ASP A 440 1.11 26.91 32.58
CA ASP A 440 2.53 26.57 32.68
C ASP A 440 3.41 27.74 32.25
N LEU A 441 3.00 28.46 31.20
CA LEU A 441 3.70 29.69 30.85
C LEU A 441 3.56 30.75 31.94
N ALA A 442 2.36 30.85 32.53
CA ALA A 442 2.13 31.84 33.57
C ALA A 442 2.96 31.56 34.82
N ILE A 443 3.03 30.30 35.24
CA ILE A 443 3.81 29.96 36.42
C ILE A 443 5.29 30.17 36.17
N LEU A 444 5.79 29.71 35.02
CA LEU A 444 7.21 29.81 34.74
C LEU A 444 7.66 31.26 34.61
N THR A 445 6.88 32.08 33.89
CA THR A 445 7.24 33.48 33.73
C THR A 445 7.17 34.26 35.04
N ALA A 446 6.40 33.77 36.01
CA ALA A 446 6.34 34.45 37.31
C ALA A 446 7.69 34.37 38.02
N LEU A 447 8.37 33.24 37.92
CA LEU A 447 9.67 33.09 38.59
C LEU A 447 10.76 33.93 37.95
N LEU A 448 10.61 34.29 36.67
CA LEU A 448 11.64 35.08 36.01
C LEU A 448 11.52 36.55 36.38
N LYS A 449 10.36 37.16 36.12
CA LYS A 449 10.17 38.56 36.46
C LYS A 449 10.14 38.77 37.97
N GLY A 450 9.64 37.79 38.72
CA GLY A 450 9.58 37.92 40.17
C GLY A 450 10.93 37.80 40.86
N ALA A 451 11.91 37.20 40.19
CA ALA A 451 13.24 37.11 40.77
C ALA A 451 13.94 38.46 40.80
N ASN A 452 13.64 39.32 39.82
CA ASN A 452 14.30 40.62 39.67
C ASN A 452 15.82 40.45 39.59
N ALA A 453 16.24 39.38 38.95
CA ALA A 453 17.65 39.04 38.83
C ALA A 453 18.18 39.45 37.45
N SER A 454 19.49 39.30 37.29
CA SER A 454 20.15 39.67 36.05
C SER A 454 19.86 38.64 34.95
N ALA A 455 20.18 39.02 33.72
CA ALA A 455 19.98 38.12 32.59
C ALA A 455 20.72 36.79 32.70
N PRO A 456 22.00 36.73 33.14
CA PRO A 456 22.63 35.41 33.30
C PRO A 456 21.89 34.48 34.25
N ASP A 457 21.32 35.01 35.33
CA ASP A 457 20.58 34.17 36.26
C ASP A 457 19.36 33.56 35.58
N GLN A 458 18.62 34.37 34.83
CA GLN A 458 17.43 33.87 34.14
C GLN A 458 17.82 32.85 33.08
N LEU A 459 18.91 33.10 32.35
CA LEU A 459 19.35 32.13 31.34
C LEU A 459 19.77 30.82 31.98
N SER A 460 20.51 30.88 33.08
CA SER A 460 20.92 29.65 33.75
C SER A 460 19.73 28.89 34.30
N LEU A 461 18.73 29.60 34.83
CA LEU A 461 17.54 28.95 35.34
C LEU A 461 16.78 28.25 34.21
N ALA A 462 16.58 28.95 33.09
CA ALA A 462 15.89 28.35 31.96
C ALA A 462 16.68 27.19 31.37
N LEU A 463 18.01 27.24 31.47
CA LEU A 463 18.83 26.12 31.05
C LEU A 463 18.64 24.92 31.97
N ALA A 464 18.55 25.17 33.27
CA ALA A 464 18.35 24.07 34.22
C ALA A 464 16.99 23.42 34.04
N TRP A 465 15.96 24.23 33.76
CA TRP A 465 14.62 23.66 33.57
C TRP A 465 14.46 22.89 32.27
N ASN A 466 15.42 22.99 31.36
CA ASN A 466 15.32 22.39 30.02
C ASN A 466 14.07 22.89 29.28
N ARG A 467 13.80 24.18 29.40
CA ARG A 467 12.77 24.85 28.63
C ARG A 467 13.44 25.84 27.70
N VAL A 468 13.17 25.71 26.40
CA VAL A 468 13.81 26.53 25.39
C VAL A 468 12.97 27.73 24.99
N ASP A 469 11.65 27.53 24.83
CA ASP A 469 10.77 28.62 24.40
C ASP A 469 10.69 29.71 25.46
N ILE A 470 10.84 29.35 26.74
CA ILE A 470 10.83 30.35 27.80
C ILE A 470 12.01 31.30 27.64
N ALA A 471 13.20 30.75 27.37
CA ALA A 471 14.37 31.61 27.15
C ALA A 471 14.24 32.37 25.84
N ARG A 472 13.69 31.74 24.80
CA ARG A 472 13.57 32.39 23.51
C ARG A 472 12.63 33.58 23.57
N SER A 473 11.52 33.45 24.29
CA SER A 473 10.47 34.48 24.30
C SER A 473 10.68 35.53 25.38
N GLN A 474 11.06 35.12 26.58
CA GLN A 474 11.16 36.05 27.70
C GLN A 474 12.56 36.59 27.93
N ILE A 475 13.60 35.80 27.69
CA ILE A 475 14.95 36.23 28.02
C ILE A 475 15.59 36.98 26.85
N PHE A 476 15.76 36.31 25.72
CA PHE A 476 16.40 36.93 24.56
C PHE A 476 15.40 37.90 23.94
N ILE A 477 15.41 39.12 24.45
CA ILE A 477 14.47 40.15 24.02
C ILE A 477 15.22 41.40 23.62
N TYR A 478 14.48 42.46 23.35
CA TYR A 478 15.02 43.72 22.83
C TYR A 478 15.98 44.38 23.80
N GLY A 479 17.28 44.33 23.48
CA GLY A 479 18.29 45.01 24.26
C GLY A 479 18.40 44.55 25.71
N GLN A 480 18.83 43.31 25.92
CA GLN A 480 18.98 42.79 27.28
C GLN A 480 20.30 43.18 27.93
N GLN A 481 21.27 43.66 27.15
CA GLN A 481 22.57 44.12 27.66
C GLN A 481 23.28 43.01 28.42
N TRP A 482 23.64 41.96 27.69
CA TRP A 482 24.35 40.84 28.28
C TRP A 482 25.76 41.26 28.70
N PRO A 483 26.18 40.94 29.92
CA PRO A 483 27.55 41.28 30.33
C PRO A 483 28.58 40.50 29.54
N VAL A 484 29.80 41.03 29.52
CA VAL A 484 30.88 40.42 28.76
C VAL A 484 31.30 39.12 29.42
N GLY A 485 31.36 38.05 28.63
CA GLY A 485 31.76 36.75 29.11
C GLY A 485 30.63 35.88 29.63
N SER A 486 29.41 36.41 29.72
CA SER A 486 28.29 35.62 30.20
C SER A 486 27.85 34.60 29.15
N LEU A 487 27.81 34.99 27.89
CA LEU A 487 27.34 34.10 26.83
C LEU A 487 28.26 32.89 26.68
N GLU A 488 29.57 33.09 26.83
CA GLU A 488 30.50 31.98 26.75
C GLU A 488 30.25 30.95 27.86
N GLN A 489 30.04 31.43 29.09
CA GLN A 489 29.77 30.52 30.19
C GLN A 489 28.44 29.81 30.01
N ALA A 490 27.43 30.51 29.48
CA ALA A 490 26.16 29.86 29.19
C ALA A 490 26.34 28.79 28.13
N MET A 491 27.14 29.06 27.11
CA MET A 491 27.42 28.06 26.08
C MET A 491 28.09 26.84 26.68
N LEU A 492 29.08 27.04 27.55
CA LEU A 492 29.76 25.90 28.16
C LEU A 492 28.81 25.08 29.03
N ASP A 493 27.97 25.76 29.82
CA ASP A 493 27.02 25.04 30.67
C ASP A 493 25.99 24.28 29.86
N ALA A 494 25.51 24.87 28.76
CA ALA A 494 24.58 24.12 27.91
C ALA A 494 25.28 23.00 27.17
N LEU A 495 26.58 23.13 26.95
CA LEU A 495 27.33 22.10 26.22
C LEU A 495 27.56 20.86 27.09
N VAL A 496 27.94 21.06 28.36
CA VAL A 496 28.21 19.90 29.20
C VAL A 496 26.93 19.14 29.50
N LEU A 497 25.82 19.85 29.67
CA LEU A 497 24.57 19.24 30.09
C LEU A 497 23.79 18.60 28.95
N ASP A 498 24.33 18.61 27.73
CA ASP A 498 23.67 18.04 26.55
C ASP A 498 22.31 18.70 26.29
N ARG A 499 22.37 20.00 26.02
CA ARG A 499 21.19 20.79 25.67
C ARG A 499 21.41 21.30 24.24
N VAL A 500 20.91 20.55 23.27
CA VAL A 500 21.11 20.93 21.86
C VAL A 500 20.38 22.22 21.53
N ASP A 501 19.15 22.37 22.04
CA ASP A 501 18.34 23.54 21.71
C ASP A 501 19.02 24.81 22.21
N PHE A 502 19.59 24.78 23.41
CA PHE A 502 20.24 25.97 23.94
C PHE A 502 21.52 26.29 23.16
N VAL A 503 22.26 25.27 22.73
CA VAL A 503 23.44 25.52 21.91
C VAL A 503 23.04 26.18 20.60
N LYS A 504 21.98 25.66 19.97
CA LYS A 504 21.50 26.26 18.72
C LYS A 504 21.05 27.69 18.93
N LEU A 505 20.32 27.96 20.01
CA LEU A 505 19.82 29.30 20.27
C LEU A 505 20.96 30.27 20.56
N LEU A 506 21.97 29.83 21.32
CA LEU A 506 23.10 30.70 21.61
C LEU A 506 23.91 30.98 20.35
N ILE A 507 24.07 29.99 19.48
CA ILE A 507 24.75 30.25 18.21
C ILE A 507 23.96 31.25 17.38
N GLU A 508 22.63 31.12 17.35
CA GLU A 508 21.81 32.04 16.58
C GLU A 508 21.74 33.43 17.17
N ASN A 509 22.24 33.65 18.38
CA ASN A 509 22.12 34.93 19.06
C ASN A 509 23.47 35.50 19.47
N GLY A 510 24.46 35.41 18.59
CA GLY A 510 25.69 36.18 18.71
C GLY A 510 26.91 35.38 19.12
N VAL A 511 26.74 34.21 19.72
CA VAL A 511 27.90 33.44 20.17
C VAL A 511 28.57 32.79 18.96
N SER A 512 29.87 33.00 18.83
CA SER A 512 30.64 32.43 17.73
C SER A 512 31.46 31.27 18.25
N MET A 513 31.39 30.14 17.54
CA MET A 513 32.05 28.92 18.03
C MET A 513 33.56 29.01 17.86
N HIS A 514 34.04 29.73 16.84
CA HIS A 514 35.48 29.85 16.64
C HIS A 514 36.14 30.58 17.80
N ARG A 515 35.51 31.65 18.29
CA ARG A 515 36.09 32.41 19.39
C ARG A 515 35.88 31.72 20.74
N PHE A 516 34.75 31.03 20.91
CA PHE A 516 34.44 30.42 22.20
C PHE A 516 35.38 29.25 22.50
N LEU A 517 35.61 28.38 21.53
CA LEU A 517 36.37 27.18 21.77
C LEU A 517 37.85 27.50 21.95
N THR A 518 38.49 26.77 22.86
CA THR A 518 39.92 26.90 23.10
C THR A 518 40.42 25.58 23.66
N ILE A 519 41.73 25.51 23.89
CA ILE A 519 42.32 24.27 24.40
C ILE A 519 41.81 23.96 25.80
N SER A 520 41.78 24.98 26.66
CA SER A 520 41.37 24.76 28.05
C SER A 520 39.90 24.40 28.16
N ARG A 521 39.04 25.07 27.39
CA ARG A 521 37.62 24.78 27.46
C ARG A 521 37.30 23.39 26.94
N LEU A 522 37.94 22.98 25.84
CA LEU A 522 37.75 21.61 25.35
C LEU A 522 38.30 20.60 26.34
N GLU A 523 39.43 20.90 26.97
CA GLU A 523 40.01 20.00 27.96
C GLU A 523 39.06 19.80 29.13
N GLU A 524 38.44 20.88 29.61
CA GLU A 524 37.46 20.75 30.69
C GLU A 524 36.18 20.10 30.20
N LEU A 525 35.86 20.25 28.92
CA LEU A 525 34.67 19.63 28.36
C LEU A 525 34.82 18.12 28.27
N TYR A 526 36.05 17.63 28.09
CA TYR A 526 36.27 16.19 28.01
C TYR A 526 36.23 15.50 29.36
N ASN A 527 36.31 16.24 30.47
CA ASN A 527 36.30 15.64 31.80
C ASN A 527 35.02 15.95 32.56
N THR A 528 33.96 16.33 31.87
CA THR A 528 32.70 16.64 32.53
C THR A 528 32.02 15.36 33.01
N ARG A 529 31.01 15.53 33.86
CA ARG A 529 30.25 14.41 34.41
C ARG A 529 28.75 14.57 34.26
N HIS A 530 28.23 15.76 33.97
CA HIS A 530 26.79 16.01 33.96
C HIS A 530 26.21 15.62 32.60
N GLY A 531 26.20 14.31 32.34
CA GLY A 531 25.68 13.81 31.10
C GLY A 531 25.42 12.31 31.13
N PRO A 532 25.00 11.76 30.00
CA PRO A 532 24.78 10.31 29.93
C PRO A 532 26.08 9.54 30.08
N SER A 533 25.95 8.29 30.53
CA SER A 533 27.09 7.44 30.75
C SER A 533 27.85 7.21 29.45
N ASN A 534 29.18 7.28 29.53
CA ASN A 534 30.04 7.24 28.36
C ASN A 534 31.14 6.20 28.57
N THR A 535 31.69 5.73 27.46
CA THR A 535 32.73 4.70 27.47
C THR A 535 34.11 5.26 27.21
N LEU A 536 34.35 6.52 27.55
CA LEU A 536 35.65 7.13 27.26
C LEU A 536 36.71 6.67 28.26
N TYR A 537 36.34 6.46 29.52
CA TYR A 537 37.34 6.14 30.53
C TYR A 537 37.93 4.76 30.31
N HIS A 538 37.11 3.79 29.88
CA HIS A 538 37.63 2.46 29.62
C HIS A 538 38.62 2.48 28.46
N LEU A 539 38.31 3.23 27.41
CA LEU A 539 39.25 3.38 26.30
C LEU A 539 40.54 4.05 26.76
N VAL A 540 40.43 5.11 27.56
CA VAL A 540 41.62 5.84 27.98
C VAL A 540 42.44 5.06 29.00
N ARG A 541 41.85 4.06 29.65
CA ARG A 541 42.63 3.18 30.51
C ARG A 541 43.19 1.99 29.76
N ASP A 542 42.57 1.58 28.64
CA ASP A 542 43.16 0.54 27.82
C ASP A 542 44.33 1.05 27.00
N VAL A 543 44.27 2.30 26.53
CA VAL A 543 45.36 2.85 25.75
C VAL A 543 46.60 3.05 26.61
N LYS A 544 46.41 3.48 27.86
CA LYS A 544 47.53 3.75 28.76
C LYS A 544 48.17 2.49 29.32
N LYS A 545 47.75 1.31 28.85
CA LYS A 545 48.29 0.03 29.31
C LYS A 545 48.10 -0.17 30.82
N GLY A 546 46.94 0.23 31.33
CA GLY A 546 46.66 0.05 32.74
C GLY A 546 47.47 0.98 33.62
N ASN A 547 47.47 0.65 34.91
CA ASN A 547 48.20 1.41 35.94
C ASN A 547 47.79 2.89 35.93
N LEU A 548 46.48 3.12 35.97
CA LEU A 548 45.95 4.47 35.94
C LEU A 548 45.70 4.96 37.37
N PRO A 549 46.29 6.09 37.78
CA PRO A 549 45.97 6.63 39.09
C PRO A 549 44.52 7.13 39.12
N PRO A 550 43.85 7.03 40.26
CA PRO A 550 42.48 7.54 40.36
C PRO A 550 42.45 9.06 40.23
N ASP A 551 41.30 9.56 39.77
CA ASP A 551 41.08 10.99 39.54
C ASP A 551 42.11 11.55 38.56
N TYR A 552 42.09 11.01 37.35
CA TYR A 552 43.01 11.40 36.30
C TYR A 552 42.33 12.39 35.38
N ARG A 553 42.94 13.56 35.21
CA ARG A 553 42.48 14.52 34.23
C ARG A 553 42.90 14.07 32.83
N ILE A 554 41.93 13.76 31.98
CA ILE A 554 42.19 13.18 30.67
C ILE A 554 42.72 14.30 29.77
N SER A 555 44.04 14.37 29.62
CA SER A 555 44.64 15.38 28.76
C SER A 555 44.36 15.06 27.29
N LEU A 556 44.47 16.09 26.45
CA LEU A 556 44.18 15.94 25.03
C LEU A 556 45.12 14.95 24.35
N ILE A 557 46.32 14.76 24.88
CA ILE A 557 47.23 13.76 24.32
C ILE A 557 46.64 12.36 24.48
N ASP A 558 45.99 12.10 25.62
CA ASP A 558 45.35 10.81 25.83
C ASP A 558 44.22 10.60 24.84
N ILE A 559 43.42 11.63 24.57
CA ILE A 559 42.34 11.51 23.61
C ILE A 559 42.88 11.33 22.20
N GLY A 560 43.99 11.99 21.88
CA GLY A 560 44.63 11.76 20.60
C GLY A 560 45.10 10.33 20.44
N LEU A 561 45.68 9.77 21.51
CA LEU A 561 46.08 8.37 21.45
C LEU A 561 44.87 7.45 21.31
N VAL A 562 43.76 7.79 21.97
CA VAL A 562 42.54 7.00 21.83
C VAL A 562 42.03 7.02 20.40
N ILE A 563 42.05 8.20 19.77
CA ILE A 563 41.64 8.32 18.38
C ILE A 563 42.55 7.50 17.48
N GLU A 564 43.86 7.56 17.73
CA GLU A 564 44.81 6.81 16.93
C GLU A 564 44.59 5.31 17.09
N TYR A 565 44.24 4.87 18.29
CA TYR A 565 44.00 3.44 18.52
C TYR A 565 42.71 2.99 17.85
N LEU A 566 41.64 3.78 17.95
CA LEU A 566 40.36 3.36 17.39
C LEU A 566 40.36 3.41 15.88
N MET A 567 40.98 4.44 15.28
CA MET A 567 40.80 4.70 13.86
C MET A 567 41.46 3.63 13.00
N GLY A 568 42.72 3.30 13.30
CA GLY A 568 43.41 2.31 12.51
C GLY A 568 44.91 2.40 12.74
N GLY A 569 45.63 1.71 11.86
CA GLY A 569 47.08 1.64 11.97
C GLY A 569 47.80 2.83 11.40
N ALA A 570 47.60 3.12 10.12
CA ALA A 570 48.31 4.20 9.45
C ALA A 570 47.86 5.58 9.90
N TYR A 571 46.78 5.68 10.66
CA TYR A 571 46.25 6.96 11.07
C TYR A 571 47.17 7.63 12.08
N ARG A 572 47.20 8.97 12.04
CA ARG A 572 48.02 9.77 12.94
C ARG A 572 47.23 11.04 13.23
N CYS A 573 46.56 11.08 14.38
CA CYS A 573 45.67 12.19 14.68
C CYS A 573 46.46 13.48 14.87
N ASN A 574 45.74 14.60 14.81
CA ASN A 574 46.38 15.90 14.89
C ASN A 574 46.91 16.20 16.29
N TYR A 575 46.30 15.62 17.31
CA TYR A 575 46.70 15.93 18.68
C TYR A 575 48.11 15.44 18.99
N THR A 576 48.48 14.27 18.49
CA THR A 576 49.76 13.68 18.84
C THR A 576 50.92 14.20 18.01
N ARG A 577 50.67 15.07 17.04
CA ARG A 577 51.76 15.63 16.24
C ARG A 577 52.63 16.56 17.09
N LYS A 578 53.91 16.63 16.73
CA LYS A 578 54.87 17.39 17.53
C LYS A 578 54.55 18.88 17.56
N ARG A 579 53.89 19.39 16.52
CA ARG A 579 53.41 20.77 16.55
C ARG A 579 52.47 20.98 17.73
N PHE A 580 51.44 20.13 17.84
CA PHE A 580 50.52 20.24 18.96
C PHE A 580 51.18 19.84 20.26
N ARG A 581 52.17 18.93 20.21
CA ARG A 581 52.89 18.56 21.41
C ARG A 581 53.60 19.76 22.02
N THR A 582 54.37 20.50 21.22
CA THR A 582 55.06 21.67 21.74
C THR A 582 54.11 22.84 21.99
N LEU A 583 52.95 22.86 21.33
CA LEU A 583 51.94 23.85 21.69
C LEU A 583 51.39 23.57 23.09
N TYR A 584 51.16 22.30 23.42
CA TYR A 584 50.59 21.93 24.70
C TYR A 584 51.62 21.87 25.81
N HIS A 585 52.91 21.81 25.48
CA HIS A 585 53.94 21.73 26.51
C HIS A 585 53.97 22.98 27.38
N ASN A 586 53.88 24.16 26.76
CA ASN A 586 54.02 25.42 27.46
C ASN A 586 52.68 26.12 27.69
N LEU A 587 51.61 25.36 27.82
CA LEU A 587 50.28 25.95 28.03
C LEU A 587 49.34 24.96 28.68
N ASN A 631 45.61 28.29 22.81
CA ASN A 631 45.32 29.23 21.74
C ASN A 631 43.88 29.05 21.28
N HIS A 632 43.70 28.85 19.97
CA HIS A 632 42.38 28.64 19.38
C HIS A 632 42.47 27.43 18.46
N PHE A 633 41.41 27.20 17.70
CA PHE A 633 41.36 26.15 16.70
C PHE A 633 40.96 26.73 15.35
N PRO A 634 41.61 26.31 14.27
CA PRO A 634 41.19 26.78 12.95
C PRO A 634 39.79 26.33 12.59
N PHE A 635 39.53 25.03 12.64
CA PHE A 635 38.19 24.49 12.48
C PHE A 635 37.72 23.94 13.82
N PRO A 636 36.77 24.57 14.50
CA PRO A 636 36.38 24.08 15.83
C PRO A 636 35.40 22.93 15.77
N PHE A 637 34.60 22.89 14.71
CA PHE A 637 33.53 21.89 14.64
C PHE A 637 34.08 20.49 14.44
N HIS A 638 35.28 20.35 13.88
CA HIS A 638 35.91 19.03 13.83
C HIS A 638 36.13 18.47 15.23
N GLU A 639 36.77 19.26 16.08
CA GLU A 639 37.02 18.84 17.45
C GLU A 639 35.73 18.61 18.20
N LEU A 640 34.75 19.50 18.00
CA LEU A 640 33.48 19.35 18.71
C LEU A 640 32.74 18.10 18.28
N MET A 641 32.77 17.75 16.99
CA MET A 641 32.08 16.54 16.56
C MET A 641 32.81 15.29 17.02
N VAL A 642 34.14 15.33 17.04
CA VAL A 642 34.88 14.18 17.59
C VAL A 642 34.52 13.99 19.06
N TRP A 643 34.45 15.09 19.81
CA TRP A 643 34.04 14.99 21.21
C TRP A 643 32.62 14.47 21.35
N ALA A 644 31.70 14.95 20.51
CA ALA A 644 30.31 14.53 20.62
C ALA A 644 30.13 13.08 20.23
N VAL A 645 30.98 12.55 19.35
CA VAL A 645 30.85 11.15 18.96
C VAL A 645 31.65 10.22 19.87
N LEU A 646 32.60 10.74 20.64
CA LEU A 646 33.30 9.89 21.60
C LEU A 646 32.52 9.72 22.89
N MET A 647 31.70 10.70 23.27
CA MET A 647 30.94 10.67 24.50
C MET A 647 29.54 10.10 24.31
N LYS A 648 29.28 9.47 23.16
CA LYS A 648 28.01 8.79 22.87
C LYS A 648 26.81 9.73 23.00
N ARG A 649 26.99 10.96 22.52
CA ARG A 649 25.89 11.92 22.42
C ARG A 649 25.56 12.07 20.94
N GLN A 650 24.42 11.55 20.53
CA GLN A 650 24.12 11.42 19.11
C GLN A 650 23.52 12.68 18.50
N LYS A 651 22.50 13.26 19.14
CA LYS A 651 21.83 14.41 18.56
C LYS A 651 22.76 15.61 18.47
N MET A 652 23.63 15.79 19.46
CA MET A 652 24.61 16.86 19.39
C MET A 652 25.61 16.62 18.27
N ALA A 653 26.01 15.37 18.06
CA ALA A 653 26.90 15.07 16.95
C ALA A 653 26.23 15.36 15.61
N LEU A 654 24.95 15.02 15.48
CA LEU A 654 24.24 15.30 14.24
C LEU A 654 24.10 16.80 14.01
N PHE A 655 23.92 17.56 15.10
CA PHE A 655 23.89 19.01 14.96
C PHE A 655 25.23 19.57 14.52
N PHE A 656 26.33 19.09 15.12
CA PHE A 656 27.64 19.59 14.76
C PHE A 656 28.11 19.11 13.40
N TRP A 657 27.47 18.07 12.85
CA TRP A 657 27.90 17.56 11.54
C TRP A 657 27.61 18.54 10.43
N GLN A 658 26.48 19.24 10.49
CA GLN A 658 26.06 20.09 9.38
C GLN A 658 26.68 21.47 9.40
N HIS A 659 27.55 21.77 10.37
CA HIS A 659 28.29 23.02 10.39
C HIS A 659 29.74 22.75 9.98
N GLY A 660 30.46 23.84 9.69
CA GLY A 660 31.83 23.70 9.28
C GLY A 660 31.95 23.19 7.86
N GLU A 661 33.16 22.76 7.52
CA GLU A 661 33.48 22.24 6.19
C GLU A 661 33.97 20.80 6.31
N GLU A 662 34.22 20.19 5.14
CA GLU A 662 34.61 18.78 5.04
C GLU A 662 33.58 17.87 5.68
N ALA A 663 32.31 18.05 5.30
CA ALA A 663 31.23 17.32 5.94
C ALA A 663 31.33 15.82 5.68
N MET A 664 31.69 15.43 4.46
CA MET A 664 31.75 14.02 4.12
C MET A 664 32.84 13.30 4.91
N ALA A 665 34.00 13.95 5.08
CA ALA A 665 35.06 13.37 5.89
C ALA A 665 34.61 13.18 7.33
N LYS A 666 33.90 14.17 7.88
CA LYS A 666 33.40 14.06 9.24
C LYS A 666 32.42 12.90 9.37
N ALA A 667 31.54 12.73 8.38
CA ALA A 667 30.60 11.62 8.42
C ALA A 667 31.32 10.27 8.40
N LEU A 668 32.31 10.13 7.51
CA LEU A 668 33.03 8.85 7.43
C LEU A 668 33.81 8.57 8.71
N VAL A 669 34.46 9.59 9.27
CA VAL A 669 35.22 9.38 10.50
C VAL A 669 34.29 9.03 11.66
N ALA A 670 33.11 9.66 11.72
CA ALA A 670 32.15 9.32 12.74
C ALA A 670 31.69 7.87 12.60
N CYS A 671 31.46 7.42 11.36
CA CYS A 671 31.03 6.04 11.14
C CYS A 671 32.10 5.06 11.63
N LYS A 672 33.35 5.31 11.26
CA LYS A 672 34.43 4.41 11.68
C LYS A 672 34.60 4.39 13.19
N LEU A 673 34.52 5.57 13.83
CA LEU A 673 34.68 5.63 15.27
C LEU A 673 33.55 4.91 15.99
N CYS A 674 32.31 5.07 15.51
CA CYS A 674 31.19 4.37 16.13
C CYS A 674 31.35 2.87 15.99
N LYS A 675 31.76 2.39 14.82
CA LYS A 675 31.96 0.95 14.64
C LYS A 675 33.05 0.41 15.57
N ALA A 676 34.18 1.13 15.66
CA ALA A 676 35.27 0.67 16.52
C ALA A 676 34.86 0.68 17.99
N MET A 677 34.13 1.72 18.42
CA MET A 677 33.69 1.76 19.81
C MET A 677 32.69 0.65 20.11
N ALA A 678 31.82 0.32 19.15
CA ALA A 678 30.91 -0.80 19.34
C ALA A 678 31.67 -2.10 19.51
N HIS A 679 32.69 -2.32 18.67
CA HIS A 679 33.49 -3.53 18.79
C HIS A 679 34.21 -3.60 20.14
N GLU A 680 34.77 -2.48 20.58
CA GLU A 680 35.46 -2.45 21.87
C GLU A 680 34.51 -2.70 23.03
N ALA A 681 33.31 -2.13 22.98
CA ALA A 681 32.33 -2.35 24.03
C ALA A 681 31.87 -3.80 24.07
N SER A 682 31.67 -4.41 22.90
CA SER A 682 31.30 -5.82 22.87
C SER A 682 32.44 -6.71 23.36
N GLU A 683 33.68 -6.30 23.15
CA GLU A 683 34.81 -7.11 23.59
C GLU A 683 34.97 -7.09 25.11
N ASN A 684 34.64 -5.96 25.74
CA ASN A 684 34.82 -5.82 27.19
C ASN A 684 33.62 -6.30 28.00
N ASP A 685 32.62 -6.86 27.34
CA ASP A 685 31.45 -7.46 28.00
C ASP A 685 30.69 -6.44 28.84
N MET A 686 30.21 -5.39 28.17
CA MET A 686 29.41 -4.36 28.79
C MET A 686 27.94 -4.77 28.76
N VAL A 687 27.05 -3.81 29.00
CA VAL A 687 25.62 -4.07 29.14
C VAL A 687 24.97 -4.60 27.87
N ASP A 688 25.69 -4.57 26.74
CA ASP A 688 25.26 -5.10 25.45
C ASP A 688 24.06 -4.37 24.86
N ASP A 689 23.65 -3.24 25.45
CA ASP A 689 22.82 -2.27 24.76
C ASP A 689 23.66 -1.13 24.20
N ILE A 690 24.81 -0.87 24.80
CA ILE A 690 25.75 0.11 24.28
C ILE A 690 26.20 -0.28 22.87
N SER A 691 26.42 -1.58 22.64
CA SER A 691 26.82 -2.03 21.33
C SER A 691 25.74 -1.74 20.29
N GLN A 692 24.48 -1.99 20.64
CA GLN A 692 23.39 -1.71 19.71
C GLN A 692 23.26 -0.23 19.44
N GLU A 693 23.41 0.61 20.48
CA GLU A 693 23.35 2.05 20.26
C GLU A 693 24.46 2.52 19.34
N LEU A 694 25.68 2.04 19.56
CA LEU A 694 26.80 2.47 18.74
C LEU A 694 26.66 2.00 17.30
N ASN A 695 26.16 0.79 17.09
CA ASN A 695 25.94 0.32 15.73
C ASN A 695 24.85 1.14 15.04
N HIS A 696 23.80 1.51 15.78
CA HIS A 696 22.78 2.37 15.19
C HIS A 696 23.36 3.72 14.77
N ASN A 697 24.22 4.30 15.63
CA ASN A 697 24.87 5.55 15.28
C ASN A 697 25.73 5.41 14.04
N SER A 698 26.49 4.31 13.95
CA SER A 698 27.35 4.09 12.79
C SER A 698 26.53 3.97 11.51
N ARG A 699 25.41 3.24 11.57
CA ARG A 699 24.57 3.12 10.38
C ARG A 699 23.95 4.46 9.99
N ASP A 700 23.55 5.26 10.97
CA ASP A 700 22.99 6.57 10.66
C ASP A 700 24.02 7.45 9.96
N PHE A 701 25.25 7.48 10.47
CA PHE A 701 26.28 8.31 9.84
C PHE A 701 26.63 7.79 8.45
N GLY A 702 26.67 6.48 8.26
CA GLY A 702 26.91 5.94 6.93
C GLY A 702 25.84 6.31 5.94
N GLN A 703 24.57 6.24 6.37
CA GLN A 703 23.46 6.64 5.50
C GLN A 703 23.55 8.12 5.14
N LEU A 704 23.93 8.96 6.11
CA LEU A 704 24.10 10.38 5.82
C LEU A 704 25.20 10.60 4.78
N ALA A 705 26.31 9.89 4.91
CA ALA A 705 27.39 10.04 3.95
C ALA A 705 26.95 9.61 2.55
N VAL A 706 26.21 8.51 2.45
CA VAL A 706 25.75 8.04 1.15
C VAL A 706 24.80 9.04 0.52
N GLU A 707 23.86 9.58 1.31
CA GLU A 707 22.93 10.56 0.77
C GLU A 707 23.65 11.80 0.30
N LEU A 708 24.63 12.28 1.06
CA LEU A 708 25.37 13.47 0.66
C LEU A 708 26.14 13.23 -0.63
N LEU A 709 26.76 12.05 -0.77
CA LEU A 709 27.45 11.72 -2.02
C LEU A 709 26.49 11.68 -3.19
N ASP A 710 25.31 11.10 -2.99
CA ASP A 710 24.32 11.03 -4.07
C ASP A 710 23.90 12.42 -4.51
N GLN A 711 23.65 13.31 -3.54
CA GLN A 711 23.29 14.67 -3.89
C GLN A 711 24.41 15.38 -4.64
N SER A 712 25.65 15.19 -4.19
CA SER A 712 26.79 15.84 -4.84
C SER A 712 26.94 15.35 -6.28
N TYR A 713 26.79 14.05 -6.51
CA TYR A 713 26.88 13.54 -7.88
C TYR A 713 25.74 14.04 -8.73
N LYS A 714 24.53 14.11 -8.17
CA LYS A 714 23.37 14.55 -8.95
C LYS A 714 23.44 16.04 -9.25
N GLN A 715 24.23 16.81 -8.51
CA GLN A 715 24.33 18.24 -8.81
C GLN A 715 25.38 18.51 -9.89
N ASP A 716 26.62 18.08 -9.67
CA ASP A 716 27.69 18.30 -10.64
C ASP A 716 28.67 17.14 -10.56
N GLU A 717 28.90 16.47 -11.70
CA GLU A 717 29.66 15.22 -11.68
C GLU A 717 31.15 15.48 -11.48
N GLN A 718 31.71 16.48 -12.16
CA GLN A 718 33.15 16.69 -12.12
C GLN A 718 33.61 17.13 -10.73
N LEU A 719 32.88 18.07 -10.11
CA LEU A 719 33.22 18.46 -8.75
C LEU A 719 32.97 17.34 -7.76
N ALA A 720 31.98 16.49 -8.03
CA ALA A 720 31.76 15.33 -7.16
C ALA A 720 32.94 14.38 -7.22
N MET A 721 33.48 14.13 -8.42
CA MET A 721 34.66 13.30 -8.53
C MET A 721 35.87 13.95 -7.86
N LYS A 722 36.01 15.26 -8.02
CA LYS A 722 37.14 15.96 -7.40
C LYS A 722 37.01 15.97 -5.88
N LEU A 723 35.79 15.86 -5.36
CA LEU A 723 35.59 15.92 -3.92
C LEU A 723 36.02 14.63 -3.24
N LEU A 724 35.96 13.50 -3.94
CA LEU A 724 36.23 12.21 -3.32
C LEU A 724 37.71 11.86 -3.31
N THR A 725 38.59 12.67 -3.87
CA THR A 725 39.97 12.26 -4.04
C THR A 725 40.99 13.34 -3.69
N TYR A 726 40.58 14.44 -3.07
CA TYR A 726 41.53 15.47 -2.68
C TYR A 726 42.05 15.17 -1.29
N GLU A 727 43.33 15.44 -1.07
CA GLU A 727 43.98 15.10 0.18
C GLU A 727 43.38 15.90 1.33
N LEU A 728 43.07 15.22 2.42
CA LEU A 728 42.47 15.84 3.60
C LEU A 728 43.57 16.13 4.60
N LYS A 729 43.95 17.41 4.71
CA LYS A 729 45.09 17.77 5.55
C LYS A 729 44.80 17.63 7.04
N ASN A 730 43.53 17.62 7.43
CA ASN A 730 43.18 17.54 8.84
C ASN A 730 42.97 16.12 9.35
N TRP A 731 42.94 15.13 8.45
CA TRP A 731 42.66 13.77 8.88
C TRP A 731 43.82 12.84 8.51
N SER A 732 45.04 13.29 8.78
CA SER A 732 46.26 12.50 8.55
C SER A 732 46.43 12.12 7.09
N ASN A 733 46.02 13.02 6.19
CA ASN A 733 46.29 12.90 4.75
C ASN A 733 45.72 11.61 4.17
N ALA A 734 44.39 11.50 4.20
CA ALA A 734 43.69 10.38 3.61
C ALA A 734 42.52 10.89 2.81
N THR A 735 42.34 10.35 1.60
CA THR A 735 41.21 10.76 0.78
C THR A 735 39.92 10.16 1.32
N CYS A 736 38.80 10.62 0.77
CA CYS A 736 37.50 10.11 1.21
C CYS A 736 37.36 8.63 0.87
N LEU A 737 37.91 8.19 -0.26
CA LEU A 737 37.82 6.79 -0.64
C LEU A 737 38.54 5.90 0.37
N GLN A 738 39.73 6.31 0.83
CA GLN A 738 40.45 5.50 1.80
C GLN A 738 39.70 5.42 3.12
N LEU A 739 39.10 6.53 3.54
CA LEU A 739 38.30 6.51 4.77
C LEU A 739 37.09 5.60 4.62
N ALA A 740 36.43 5.63 3.46
CA ALA A 740 35.28 4.76 3.23
C ALA A 740 35.70 3.29 3.22
N VAL A 741 36.86 2.99 2.64
CA VAL A 741 37.34 1.61 2.60
C VAL A 741 37.70 1.13 4.00
N ALA A 742 38.35 1.99 4.79
CA ALA A 742 38.73 1.61 6.15
C ALA A 742 37.52 1.34 7.03
N ALA A 743 36.37 1.94 6.72
CA ALA A 743 35.15 1.71 7.48
C ALA A 743 34.31 0.58 6.90
N LYS A 744 34.73 -0.03 5.81
CA LYS A 744 33.99 -1.10 5.13
C LYS A 744 32.56 -0.65 4.80
N HIS A 745 32.44 0.58 4.32
CA HIS A 745 31.14 1.11 3.92
C HIS A 745 30.88 0.68 2.49
N ARG A 746 30.18 -0.44 2.34
CA ARG A 746 29.99 -1.03 1.02
C ARG A 746 29.09 -0.17 0.14
N ASP A 747 28.09 0.49 0.72
CA ASP A 747 27.17 1.28 -0.09
C ASP A 747 27.85 2.53 -0.67
N PHE A 748 28.84 3.06 0.03
CA PHE A 748 29.52 4.25 -0.48
C PHE A 748 30.38 3.93 -1.69
N ILE A 749 31.17 2.85 -1.61
CA ILE A 749 32.04 2.50 -2.72
C ILE A 749 31.22 2.04 -3.91
N ALA A 750 30.13 1.32 -3.67
CA ALA A 750 29.31 0.77 -4.74
C ALA A 750 28.39 1.79 -5.37
N HIS A 751 28.55 3.08 -5.07
CA HIS A 751 27.72 4.09 -5.70
C HIS A 751 28.16 4.32 -7.14
N THR A 752 27.28 4.95 -7.92
CA THR A 752 27.56 5.18 -9.33
C THR A 752 28.75 6.11 -9.52
N CYS A 753 28.81 7.20 -8.74
CA CYS A 753 29.90 8.15 -8.90
C CYS A 753 31.24 7.54 -8.53
N SER A 754 31.28 6.76 -7.43
CA SER A 754 32.53 6.11 -7.04
C SER A 754 32.95 5.08 -8.08
N GLN A 755 32.00 4.34 -8.66
CA GLN A 755 32.36 3.37 -9.68
C GLN A 755 32.87 4.06 -10.93
N MET A 756 32.28 5.20 -11.31
CA MET A 756 32.78 5.93 -12.46
C MET A 756 34.19 6.46 -12.20
N LEU A 757 34.45 6.94 -10.99
CA LEU A 757 35.80 7.38 -10.63
C LEU A 757 36.79 6.22 -10.69
N LEU A 758 36.39 5.05 -10.19
CA LEU A 758 37.27 3.90 -10.23
C LEU A 758 37.54 3.46 -11.67
N THR A 759 36.53 3.54 -12.53
CA THR A 759 36.75 3.21 -13.94
C THR A 759 37.72 4.18 -14.58
N ASP A 760 37.55 5.48 -14.31
CA ASP A 760 38.47 6.47 -14.89
C ASP A 760 39.89 6.31 -14.35
N MET A 761 40.03 5.88 -13.11
CA MET A 761 41.37 5.63 -12.57
C MET A 761 41.97 4.36 -13.16
N TRP A 762 41.14 3.35 -13.39
CA TRP A 762 41.61 2.06 -13.89
C TRP A 762 42.03 2.17 -15.35
N MET A 763 41.32 2.96 -16.15
CA MET A 763 41.67 3.13 -17.55
C MET A 763 43.01 3.83 -17.72
N GLY A 764 43.48 4.55 -16.70
CA GLY A 764 44.77 5.22 -16.80
C GLY A 764 44.67 6.50 -17.62
N ARG A 765 45.81 6.89 -18.19
CA ARG A 765 45.88 8.09 -19.01
C ARG A 765 45.51 7.85 -20.46
N LEU A 766 44.77 6.79 -20.75
CA LEU A 766 44.31 6.51 -22.10
C LEU A 766 42.93 7.11 -22.30
N ARG A 767 42.35 6.86 -23.48
CA ARG A 767 41.03 7.41 -23.79
C ARG A 767 40.14 6.41 -24.52
N MET A 768 40.46 5.13 -24.48
CA MET A 768 39.66 4.10 -25.14
C MET A 768 38.56 3.66 -24.20
N ARG A 769 37.31 3.98 -24.56
CA ARG A 769 36.16 3.62 -23.73
C ARG A 769 35.06 2.88 -24.47
N LYS A 770 34.99 2.99 -25.80
CA LYS A 770 33.95 2.29 -26.54
C LYS A 770 34.18 0.79 -26.52
N ASN A 771 35.41 0.35 -26.81
CA ASN A 771 35.73 -1.07 -26.84
C ASN A 771 37.21 -1.22 -26.51
N SER A 772 37.50 -1.55 -25.25
CA SER A 772 38.86 -1.76 -24.80
C SER A 772 39.21 -3.24 -24.93
N GLY A 773 40.33 -3.64 -24.34
CA GLY A 773 40.73 -5.04 -24.36
C GLY A 773 41.47 -5.43 -25.62
N LEU A 774 40.76 -5.46 -26.75
CA LEU A 774 41.40 -5.83 -28.01
C LEU A 774 42.47 -4.82 -28.39
N LYS A 775 42.20 -3.53 -28.20
CA LYS A 775 43.21 -2.51 -28.48
C LYS A 775 44.41 -2.66 -27.57
N VAL A 776 44.18 -2.95 -26.29
CA VAL A 776 45.29 -3.15 -25.36
C VAL A 776 46.06 -4.41 -25.71
N ILE A 777 45.36 -5.45 -26.16
CA ILE A 777 46.04 -6.67 -26.57
C ILE A 777 46.94 -6.40 -27.77
N LEU A 778 46.44 -5.66 -28.76
CA LEU A 778 47.26 -5.32 -29.91
C LEU A 778 48.43 -4.43 -29.52
N GLY A 779 48.24 -3.54 -28.54
CA GLY A 779 49.34 -2.72 -28.09
C GLY A 779 50.42 -3.52 -27.38
N ILE A 780 50.01 -4.46 -26.53
CA ILE A 780 51.00 -5.23 -25.77
C ILE A 780 51.66 -6.30 -26.64
N LEU A 781 51.01 -6.76 -27.70
CA LEU A 781 51.59 -7.76 -28.58
C LEU A 781 52.44 -7.12 -29.67
N LEU A 782 51.91 -6.12 -30.37
CA LEU A 782 52.66 -5.39 -31.38
C LEU A 782 53.31 -4.17 -30.75
N PRO A 783 54.63 -4.05 -30.76
CA PRO A 783 55.28 -2.83 -30.25
C PRO A 783 54.83 -1.58 -30.99
N PRO A 784 54.59 -1.62 -32.33
CA PRO A 784 53.94 -0.46 -32.95
C PRO A 784 52.44 -0.42 -32.68
N SER A 785 51.75 0.56 -33.29
CA SER A 785 50.33 0.85 -33.14
C SER A 785 49.98 1.39 -31.75
N ILE A 786 50.93 1.45 -30.83
CA ILE A 786 50.69 2.11 -29.55
C ILE A 786 50.56 3.62 -29.76
N LEU A 787 51.36 4.18 -30.66
CA LEU A 787 51.34 5.62 -30.90
C LEU A 787 50.02 6.06 -31.52
N SER A 788 49.35 5.19 -32.26
CA SER A 788 48.07 5.54 -32.86
C SER A 788 46.92 5.31 -31.89
N LEU A 789 47.03 5.85 -30.68
CA LEU A 789 45.99 5.77 -29.68
C LEU A 789 45.83 7.14 -29.03
N GLU A 790 44.60 7.61 -28.94
CA GLU A 790 44.35 8.91 -28.34
C GLU A 790 44.60 8.85 -26.84
N PHE A 791 45.21 9.91 -26.31
CA PHE A 791 45.51 10.02 -24.89
C PHE A 791 44.65 11.12 -24.26
N LYS A 792 44.86 11.33 -22.97
CA LYS A 792 44.12 12.32 -22.20
C LYS A 792 45.02 13.51 -21.93
N ASN A 793 44.48 14.71 -22.13
CA ASN A 793 45.25 15.94 -21.98
C ASN A 793 45.66 16.17 -20.53
N GLY A 860 58.17 8.65 -27.12
CA GLY A 860 59.06 8.60 -25.98
C GLY A 860 58.34 8.71 -24.65
N ARG A 861 57.53 9.76 -24.50
CA ARG A 861 56.70 9.95 -23.32
C ARG A 861 55.30 9.39 -23.47
N LYS A 862 54.95 8.87 -24.65
CA LYS A 862 53.68 8.19 -24.86
C LYS A 862 53.78 6.69 -24.65
N ILE A 863 54.97 6.18 -24.37
CA ILE A 863 55.15 4.77 -24.04
C ILE A 863 55.19 4.55 -22.54
N TYR A 864 55.86 5.45 -21.81
CA TYR A 864 55.88 5.35 -20.36
C TYR A 864 54.49 5.50 -19.76
N GLU A 865 53.64 6.31 -20.40
CA GLU A 865 52.28 6.45 -19.91
C GLU A 865 51.41 5.25 -20.26
N PHE A 866 51.64 4.65 -21.44
CA PHE A 866 50.85 3.48 -21.82
C PHE A 866 51.23 2.27 -20.98
N TYR A 867 52.51 2.04 -20.75
CA TYR A 867 52.95 0.88 -20.01
C TYR A 867 52.83 1.04 -18.50
N ASN A 868 52.19 2.12 -18.04
CA ASN A 868 51.93 2.29 -16.61
C ASN A 868 50.44 2.39 -16.30
N ALA A 869 49.57 2.32 -17.29
CA ALA A 869 48.16 2.23 -17.01
C ALA A 869 47.85 0.89 -16.37
N PRO A 870 47.05 0.85 -15.30
CA PRO A 870 46.80 -0.43 -14.62
C PRO A 870 46.19 -1.50 -15.50
N ILE A 871 45.35 -1.12 -16.47
CA ILE A 871 44.75 -2.12 -17.34
C ILE A 871 45.81 -2.80 -18.19
N VAL A 872 46.84 -2.05 -18.61
CA VAL A 872 47.90 -2.65 -19.41
C VAL A 872 48.73 -3.60 -18.56
N LYS A 873 49.00 -3.24 -17.31
CA LYS A 873 49.67 -4.17 -16.41
C LYS A 873 48.85 -5.44 -16.22
N PHE A 874 47.53 -5.29 -16.06
CA PHE A 874 46.68 -6.46 -15.89
C PHE A 874 46.71 -7.37 -17.10
N TRP A 875 46.65 -6.79 -18.31
CA TRP A 875 46.66 -7.63 -19.50
C TRP A 875 48.02 -8.27 -19.72
N PHE A 876 49.10 -7.56 -19.40
CA PHE A 876 50.41 -8.16 -19.47
C PHE A 876 50.53 -9.35 -18.53
N TYR A 877 50.04 -9.18 -17.30
CA TYR A 877 50.09 -10.28 -16.33
C TYR A 877 49.23 -11.46 -16.77
N THR A 878 48.05 -11.18 -17.35
CA THR A 878 47.19 -12.26 -17.82
C THR A 878 47.83 -13.02 -18.96
N LEU A 879 48.45 -12.33 -19.91
CA LEU A 879 49.12 -13.03 -21.00
C LEU A 879 50.29 -13.84 -20.49
N ALA A 880 51.03 -13.31 -19.52
CA ALA A 880 52.12 -14.09 -18.92
C ALA A 880 51.60 -15.33 -18.24
N TYR A 881 50.49 -15.23 -17.52
CA TYR A 881 49.93 -16.39 -16.83
C TYR A 881 49.45 -17.44 -17.83
N ILE A 882 48.82 -17.01 -18.93
CA ILE A 882 48.37 -17.95 -19.94
C ILE A 882 49.56 -18.67 -20.58
N GLY A 883 50.63 -17.93 -20.87
CA GLY A 883 51.83 -18.57 -21.40
C GLY A 883 52.43 -19.55 -20.42
N TYR A 884 52.45 -19.19 -19.13
CA TYR A 884 52.98 -20.09 -18.12
C TYR A 884 52.15 -21.36 -18.03
N LEU A 885 50.84 -21.24 -18.10
CA LEU A 885 49.98 -22.44 -18.06
C LEU A 885 50.18 -23.29 -19.31
N MET A 886 50.36 -22.66 -20.47
CA MET A 886 50.63 -23.42 -21.69
C MET A 886 51.93 -24.19 -21.57
N LEU A 887 52.94 -23.59 -20.95
CA LEU A 887 54.19 -24.32 -20.73
C LEU A 887 54.04 -25.42 -19.68
N PHE A 888 53.22 -25.18 -18.66
CA PHE A 888 53.04 -26.19 -17.62
C PHE A 888 52.29 -27.41 -18.15
N ASN A 889 51.34 -27.21 -19.06
CA ASN A 889 50.59 -28.33 -19.62
C ASN A 889 51.37 -29.12 -20.65
N TYR A 890 52.60 -28.73 -20.97
CA TYR A 890 53.41 -29.48 -21.92
C TYR A 890 54.41 -30.40 -21.25
N ILE A 891 54.90 -30.07 -20.06
CA ILE A 891 55.95 -30.87 -19.43
C ILE A 891 55.41 -32.04 -18.62
N VAL A 892 54.10 -32.15 -18.45
CA VAL A 892 53.55 -33.26 -17.68
C VAL A 892 52.96 -34.30 -18.62
N LEU A 893 52.43 -33.86 -19.76
CA LEU A 893 51.85 -34.80 -20.71
C LEU A 893 52.93 -35.61 -21.40
N VAL A 894 53.98 -34.96 -21.89
CA VAL A 894 55.06 -35.65 -22.59
C VAL A 894 55.97 -36.30 -21.57
N LYS A 895 56.87 -37.17 -22.04
CA LYS A 895 57.78 -37.86 -21.15
C LYS A 895 58.77 -36.90 -20.52
N MET A 896 59.24 -37.24 -19.33
CA MET A 896 60.24 -36.47 -18.62
C MET A 896 61.59 -37.17 -18.74
N GLU A 897 62.65 -36.43 -18.40
CA GLU A 897 64.01 -36.94 -18.56
C GLU A 897 64.79 -36.70 -17.27
N ARG A 898 66.04 -37.18 -17.26
CA ARG A 898 66.88 -37.07 -16.07
C ARG A 898 67.16 -35.60 -15.75
N TRP A 899 67.44 -34.80 -16.76
CA TRP A 899 67.60 -33.38 -16.48
C TRP A 899 66.45 -32.59 -17.09
N PRO A 900 66.00 -31.53 -16.43
CA PRO A 900 64.84 -30.78 -16.93
C PRO A 900 65.10 -30.16 -18.30
N SER A 901 64.04 -30.06 -19.09
CA SER A 901 64.13 -29.42 -20.39
C SER A 901 64.01 -27.91 -20.22
N THR A 902 63.98 -27.20 -21.36
CA THR A 902 63.90 -25.74 -21.31
C THR A 902 62.59 -25.27 -20.70
N GLN A 903 61.48 -25.90 -21.06
CA GLN A 903 60.18 -25.48 -20.55
C GLN A 903 60.09 -25.66 -19.04
N GLU A 904 60.67 -26.74 -18.52
CA GLU A 904 60.69 -26.94 -17.08
C GLU A 904 61.48 -25.85 -16.38
N TRP A 905 62.60 -25.43 -16.99
CA TRP A 905 63.38 -24.34 -16.42
C TRP A 905 62.59 -23.03 -16.45
N ILE A 906 61.83 -22.78 -17.52
CA ILE A 906 61.03 -21.57 -17.57
C ILE A 906 59.96 -21.59 -16.49
N VAL A 907 59.31 -22.73 -16.29
CA VAL A 907 58.27 -22.83 -15.26
C VAL A 907 58.88 -22.63 -13.87
N ILE A 908 60.04 -23.24 -13.61
CA ILE A 908 60.69 -23.10 -12.31
C ILE A 908 61.09 -21.65 -12.07
N SER A 909 61.62 -20.99 -13.10
CA SER A 909 61.99 -19.58 -12.97
C SER A 909 60.76 -18.73 -12.68
N TYR A 910 59.64 -19.03 -13.35
CA TYR A 910 58.42 -18.27 -13.11
C TYR A 910 57.97 -18.41 -11.66
N ILE A 911 57.98 -19.63 -11.14
CA ILE A 911 57.51 -19.83 -9.77
C ILE A 911 58.47 -19.19 -8.77
N PHE A 912 59.78 -19.25 -9.05
CA PHE A 912 60.75 -18.60 -8.17
C PHE A 912 60.56 -17.09 -8.13
N THR A 913 60.36 -16.47 -9.30
CA THR A 913 60.15 -15.02 -9.32
C THR A 913 58.83 -14.66 -8.67
N LEU A 914 57.80 -15.49 -8.83
CA LEU A 914 56.54 -15.25 -8.14
C LEU A 914 56.73 -15.31 -6.63
N GLY A 915 57.54 -16.26 -6.16
CA GLY A 915 57.79 -16.35 -4.73
C GLY A 915 58.52 -15.14 -4.18
N ILE A 916 59.55 -14.67 -4.89
CA ILE A 916 60.25 -13.49 -4.40
C ILE A 916 59.36 -12.25 -4.51
N GLU A 917 58.44 -12.22 -5.47
CA GLU A 917 57.47 -11.13 -5.53
C GLU A 917 56.53 -11.16 -4.34
N LYS A 918 56.08 -12.35 -3.93
CA LYS A 918 55.26 -12.46 -2.74
C LYS A 918 56.03 -11.99 -1.50
N MET A 919 57.30 -12.35 -1.41
CA MET A 919 58.13 -11.90 -0.29
C MET A 919 58.24 -10.38 -0.28
N ARG A 920 58.45 -9.77 -1.45
CA ARG A 920 58.52 -8.32 -1.54
C ARG A 920 57.20 -7.69 -1.14
N GLU A 921 56.08 -8.29 -1.54
CA GLU A 921 54.77 -7.77 -1.15
C GLU A 921 54.57 -7.84 0.36
N ILE A 922 55.02 -8.93 0.98
CA ILE A 922 54.92 -9.04 2.44
C ILE A 922 55.75 -7.96 3.11
N LEU A 923 56.98 -7.75 2.64
CA LEU A 923 57.87 -6.80 3.31
C LEU A 923 57.58 -5.35 2.97
N MET A 924 56.66 -5.08 2.05
CA MET A 924 56.23 -3.72 1.73
C MET A 924 54.83 -3.43 2.26
N SER A 925 54.45 -4.06 3.36
CA SER A 925 53.11 -3.94 3.89
C SER A 925 52.95 -2.62 4.66
N GLU A 926 51.76 -2.43 5.24
CA GLU A 926 51.45 -1.21 5.96
C GLU A 926 52.02 -1.19 7.40
N PRO A 927 51.84 -2.25 8.22
CA PRO A 927 52.39 -2.18 9.59
C PRO A 927 53.91 -2.23 9.63
N GLY A 928 54.47 -2.21 10.84
CA GLY A 928 55.91 -2.21 11.01
C GLY A 928 56.44 -3.46 11.69
N LYS A 929 55.55 -4.26 12.27
CA LYS A 929 55.94 -5.50 12.94
C LYS A 929 55.89 -6.65 11.95
N LEU A 930 56.92 -7.51 11.99
CA LEU A 930 56.99 -8.64 11.07
C LEU A 930 55.83 -9.60 11.29
N LEU A 931 55.50 -9.88 12.55
CA LEU A 931 54.40 -10.78 12.85
C LEU A 931 53.03 -10.10 12.72
N GLN A 932 53.00 -8.79 12.50
CA GLN A 932 51.75 -8.09 12.24
C GLN A 932 51.47 -7.89 10.75
N LYS A 933 52.51 -7.70 9.94
CA LYS A 933 52.31 -7.66 8.50
C LYS A 933 51.95 -9.03 7.95
N VAL A 934 52.49 -10.09 8.54
CA VAL A 934 52.25 -11.45 8.06
C VAL A 934 50.77 -11.80 8.18
N LYS A 935 50.15 -11.48 9.33
CA LYS A 935 48.75 -11.86 9.52
C LYS A 935 47.83 -11.02 8.63
N VAL A 936 48.12 -9.73 8.46
CA VAL A 936 47.29 -8.91 7.60
C VAL A 936 47.49 -9.28 6.14
N TRP A 937 48.60 -9.91 5.78
CA TRP A 937 48.75 -10.45 4.44
C TRP A 937 48.08 -11.81 4.30
N LEU A 938 48.04 -12.59 5.37
CA LEU A 938 47.39 -13.89 5.36
C LEU A 938 45.89 -13.81 5.57
N GLN A 939 45.34 -12.61 5.77
CA GLN A 939 43.89 -12.47 5.91
C GLN A 939 43.16 -12.94 4.66
N GLU A 940 43.69 -12.62 3.48
CA GLU A 940 43.09 -13.08 2.23
C GLU A 940 43.46 -14.52 1.97
N TYR A 941 42.49 -15.30 1.49
CA TYR A 941 42.71 -16.74 1.29
C TYR A 941 43.57 -17.04 0.08
N TRP A 942 43.53 -16.18 -0.95
CA TRP A 942 44.31 -16.45 -2.16
C TRP A 942 45.80 -16.45 -1.85
N ASN A 943 46.25 -15.55 -0.98
CA ASN A 943 47.66 -15.53 -0.61
C ASN A 943 48.07 -16.80 0.11
N VAL A 944 47.21 -17.30 1.01
CA VAL A 944 47.52 -18.53 1.73
C VAL A 944 47.61 -19.71 0.76
N THR A 945 46.66 -19.80 -0.18
CA THR A 945 46.69 -20.91 -1.12
C THR A 945 47.89 -20.81 -2.06
N ASP A 946 48.27 -19.59 -2.46
CA ASP A 946 49.45 -19.42 -3.28
C ASP A 946 50.71 -19.85 -2.54
N LEU A 947 50.81 -19.51 -1.26
CA LEU A 947 51.95 -19.94 -0.47
C LEU A 947 52.02 -21.45 -0.36
N ILE A 948 50.86 -22.09 -0.11
CA ILE A 948 50.83 -23.55 0.00
C ILE A 948 51.26 -24.18 -1.32
N ALA A 949 50.76 -23.66 -2.44
CA ALA A 949 51.10 -24.22 -3.74
C ALA A 949 52.58 -24.06 -4.06
N ILE A 950 53.15 -22.89 -3.74
CA ILE A 950 54.57 -22.67 -4.01
C ILE A 950 55.42 -23.61 -3.17
N LEU A 951 55.07 -23.79 -1.88
CA LEU A 951 55.82 -24.72 -1.04
C LEU A 951 55.71 -26.14 -1.57
N LEU A 952 54.51 -26.56 -1.97
CA LEU A 952 54.32 -27.93 -2.46
C LEU A 952 55.09 -28.16 -3.75
N PHE A 953 55.10 -27.16 -4.65
CA PHE A 953 55.87 -27.30 -5.88
C PHE A 953 57.37 -27.34 -5.57
N SER A 954 57.82 -26.58 -4.57
CA SER A 954 59.23 -26.64 -4.20
C SER A 954 59.60 -28.03 -3.69
N VAL A 955 58.73 -28.62 -2.87
CA VAL A 955 58.96 -29.98 -2.39
C VAL A 955 59.01 -30.95 -3.57
N GLY A 956 58.06 -30.81 -4.50
CA GLY A 956 58.05 -31.71 -5.65
C GLY A 956 59.27 -31.58 -6.53
N MET A 957 59.73 -30.35 -6.74
CA MET A 957 60.92 -30.12 -7.56
C MET A 957 62.17 -30.66 -6.88
N ILE A 958 62.27 -30.50 -5.55
CA ILE A 958 63.40 -31.08 -4.82
C ILE A 958 63.38 -32.60 -4.94
N LEU A 959 62.20 -33.21 -4.79
CA LEU A 959 62.11 -34.66 -4.95
C LEU A 959 62.26 -35.09 -6.41
N ARG A 960 62.16 -34.17 -7.36
CA ARG A 960 62.21 -34.54 -8.76
C ARG A 960 63.63 -34.86 -9.23
N LEU A 961 64.62 -34.15 -8.70
CA LEU A 961 66.00 -34.28 -9.15
C LEU A 961 66.72 -35.42 -8.41
N GLN A 962 66.12 -36.60 -8.47
CA GLN A 962 66.63 -37.78 -7.76
C GLN A 962 66.50 -38.98 -8.69
N ASP A 963 66.56 -40.17 -8.12
CA ASP A 963 66.44 -41.41 -8.90
C ASP A 963 64.98 -41.65 -9.28
N GLN A 964 64.70 -42.85 -9.80
CA GLN A 964 63.40 -43.12 -10.42
C GLN A 964 62.19 -42.98 -9.50
N PRO A 965 62.14 -43.58 -8.30
CA PRO A 965 60.91 -43.45 -7.49
C PRO A 965 60.64 -42.03 -7.03
N PHE A 966 61.67 -41.31 -6.59
CA PHE A 966 61.48 -39.92 -6.21
C PHE A 966 61.13 -39.06 -7.42
N ARG A 967 61.64 -39.43 -8.60
CA ARG A 967 61.24 -38.72 -9.81
C ARG A 967 59.76 -38.92 -10.12
N SER A 968 59.27 -40.14 -9.93
CA SER A 968 57.83 -40.38 -10.12
C SER A 968 57.00 -39.59 -9.12
N ASP A 969 57.45 -39.54 -7.86
CA ASP A 969 56.73 -38.75 -6.86
C ASP A 969 56.74 -37.27 -7.21
N GLY A 970 57.86 -36.76 -7.70
CA GLY A 970 57.89 -35.38 -8.15
C GLY A 970 56.95 -35.11 -9.30
N ARG A 971 56.82 -36.08 -10.22
CA ARG A 971 55.85 -35.96 -11.29
C ARG A 971 54.43 -35.87 -10.74
N VAL A 972 54.12 -36.69 -9.74
CA VAL A 972 52.78 -36.66 -9.14
C VAL A 972 52.50 -35.31 -8.48
N ILE A 973 53.49 -34.78 -7.76
CA ILE A 973 53.32 -33.48 -7.13
C ILE A 973 53.13 -32.40 -8.18
N TYR A 974 53.83 -32.52 -9.31
CA TYR A 974 53.62 -31.59 -10.42
C TYR A 974 52.18 -31.65 -10.92
N CYS A 975 51.62 -32.86 -11.03
CA CYS A 975 50.24 -33.00 -11.50
C CYS A 975 49.25 -32.29 -10.57
N VAL A 976 49.40 -32.51 -9.26
CA VAL A 976 48.47 -31.90 -8.32
C VAL A 976 48.64 -30.37 -8.32
N ASN A 977 49.87 -29.89 -8.39
CA ASN A 977 50.09 -28.45 -8.49
C ASN A 977 49.47 -27.90 -9.77
N ILE A 978 49.47 -28.67 -10.86
CA ILE A 978 48.84 -28.23 -12.09
C ILE A 978 47.33 -28.11 -11.90
N ILE A 979 46.74 -29.01 -11.11
CA ILE A 979 45.32 -28.86 -10.77
C ILE A 979 45.08 -27.52 -10.11
N TYR A 980 45.91 -27.18 -9.12
CA TYR A 980 45.69 -25.91 -8.42
C TYR A 980 45.86 -24.71 -9.34
N TRP A 981 46.90 -24.72 -10.18
CA TRP A 981 47.13 -23.55 -11.03
C TRP A 981 46.06 -23.42 -12.10
N TYR A 982 45.46 -24.54 -12.51
CA TYR A 982 44.30 -24.46 -13.39
C TYR A 982 43.11 -23.82 -12.68
N ILE A 983 42.87 -24.22 -11.43
CA ILE A 983 41.73 -23.66 -10.69
C ILE A 983 41.92 -22.17 -10.45
N ARG A 984 43.16 -21.72 -10.26
CA ARG A 984 43.41 -20.32 -9.92
C ARG A 984 43.08 -19.34 -11.04
N LEU A 985 42.57 -19.80 -12.19
CA LEU A 985 42.20 -18.87 -13.26
C LEU A 985 40.93 -18.09 -12.95
N LEU A 986 40.15 -18.50 -11.95
CA LEU A 986 38.95 -17.76 -11.63
C LEU A 986 39.28 -16.40 -11.04
N ASP A 987 40.44 -16.28 -10.39
CA ASP A 987 40.89 -14.98 -9.91
C ASP A 987 41.15 -14.02 -11.07
N ILE A 988 41.67 -14.55 -12.19
CA ILE A 988 41.81 -13.74 -13.39
C ILE A 988 40.46 -13.44 -14.00
N PHE A 989 39.56 -14.43 -14.03
CA PHE A 989 38.22 -14.21 -14.57
C PHE A 989 37.43 -13.17 -13.79
N GLY A 990 37.77 -12.95 -12.52
CA GLY A 990 36.99 -12.04 -11.69
C GLY A 990 36.98 -10.60 -12.15
N VAL A 991 37.85 -10.21 -13.08
CA VAL A 991 37.87 -8.82 -13.54
C VAL A 991 36.64 -8.48 -14.37
N ASN A 992 35.94 -9.48 -14.89
CA ASN A 992 34.80 -9.21 -15.76
C ASN A 992 33.62 -8.70 -14.94
N LYS A 993 32.71 -8.00 -15.62
CA LYS A 993 31.55 -7.45 -14.97
C LYS A 993 30.43 -8.48 -14.78
N TYR A 994 30.55 -9.67 -15.36
CA TYR A 994 29.52 -10.69 -15.26
C TYR A 994 30.02 -12.02 -14.74
N LEU A 995 31.32 -12.21 -14.53
CA LEU A 995 31.84 -13.48 -14.05
C LEU A 995 32.21 -13.47 -12.58
N GLY A 996 32.65 -12.34 -12.05
CA GLY A 996 32.99 -12.24 -10.65
C GLY A 996 31.84 -12.52 -9.70
N PRO A 997 30.68 -11.90 -9.95
CA PRO A 997 29.50 -12.24 -9.14
C PRO A 997 29.13 -13.71 -9.17
N TYR A 998 29.31 -14.40 -10.30
CA TYR A 998 28.98 -15.82 -10.34
C TYR A 998 29.92 -16.64 -9.47
N VAL A 999 31.22 -16.31 -9.46
CA VAL A 999 32.14 -17.00 -8.59
C VAL A 999 31.80 -16.74 -7.13
N MET A 1000 31.47 -15.50 -6.79
CA MET A 1000 31.11 -15.21 -5.41
C MET A 1000 29.81 -15.89 -5.00
N MET A 1001 28.89 -16.13 -5.95
CA MET A 1001 27.73 -16.95 -5.66
C MET A 1001 28.13 -18.40 -5.46
N ILE A 1002 29.10 -18.87 -6.25
CA ILE A 1002 29.53 -20.26 -6.18
C ILE A 1002 30.09 -20.57 -4.80
N GLY A 1003 30.78 -19.63 -4.18
CA GLY A 1003 31.31 -19.88 -2.84
C GLY A 1003 30.22 -20.20 -1.81
N LYS A 1004 29.20 -19.34 -1.74
CA LYS A 1004 28.13 -19.55 -0.77
C LYS A 1004 27.32 -20.79 -1.09
N MET A 1005 27.01 -21.01 -2.37
CA MET A 1005 26.32 -22.23 -2.74
C MET A 1005 27.17 -23.46 -2.43
N MET A 1006 28.50 -23.31 -2.40
CA MET A 1006 29.36 -24.42 -2.06
C MET A 1006 29.25 -24.76 -0.58
N ILE A 1007 29.17 -23.75 0.28
CA ILE A 1007 28.99 -24.08 1.71
C ILE A 1007 27.63 -24.74 1.94
N ASP A 1008 26.60 -24.28 1.22
CA ASP A 1008 25.30 -24.94 1.34
C ASP A 1008 25.36 -26.38 0.82
N MET A 1009 26.11 -26.60 -0.26
CA MET A 1009 26.26 -27.94 -0.82
C MET A 1009 26.98 -28.86 0.16
N MET A 1010 27.96 -28.35 0.91
CA MET A 1010 28.61 -29.16 1.94
C MET A 1010 27.61 -29.55 3.02
N TYR A 1011 26.83 -28.57 3.50
CA TYR A 1011 25.85 -28.87 4.53
C TYR A 1011 24.85 -29.93 4.07
N PHE A 1012 24.49 -29.92 2.79
CA PHE A 1012 23.57 -30.93 2.30
C PHE A 1012 24.24 -32.19 1.78
N VAL A 1013 25.57 -32.22 1.71
CA VAL A 1013 26.27 -33.44 1.31
C VAL A 1013 26.67 -34.28 2.51
N ILE A 1014 26.68 -33.72 3.72
CA ILE A 1014 26.93 -34.53 4.91
C ILE A 1014 25.88 -35.64 5.03
N ILE A 1015 24.61 -35.29 4.83
CA ILE A 1015 23.52 -36.26 4.97
C ILE A 1015 23.63 -37.35 3.90
N MET A 1016 23.92 -36.96 2.66
CA MET A 1016 24.08 -37.95 1.60
C MET A 1016 25.25 -38.88 1.90
N LEU A 1017 26.32 -38.34 2.49
CA LEU A 1017 27.44 -39.20 2.88
C LEU A 1017 27.01 -40.21 3.94
N VAL A 1018 26.17 -39.79 4.89
CA VAL A 1018 25.67 -40.72 5.91
C VAL A 1018 24.89 -41.85 5.27
N VAL A 1019 23.96 -41.51 4.38
CA VAL A 1019 23.12 -42.53 3.74
C VAL A 1019 23.98 -43.45 2.87
N LEU A 1020 24.95 -42.89 2.15
CA LEU A 1020 25.83 -43.68 1.31
C LEU A 1020 26.64 -44.67 2.13
N MET A 1021 27.19 -44.24 3.26
CA MET A 1021 27.93 -45.15 4.13
C MET A 1021 27.03 -46.27 4.63
N SER A 1022 25.79 -45.93 5.00
CA SER A 1022 24.86 -46.94 5.48
C SER A 1022 24.63 -48.02 4.43
N PHE A 1023 24.27 -47.61 3.22
CA PHE A 1023 23.98 -48.60 2.18
C PHE A 1023 25.22 -49.41 1.81
N GLY A 1024 26.37 -48.75 1.72
CA GLY A 1024 27.58 -49.47 1.37
C GLY A 1024 27.94 -50.52 2.39
N VAL A 1025 27.85 -50.17 3.68
CA VAL A 1025 28.16 -51.15 4.72
C VAL A 1025 27.18 -52.31 4.67
N ALA A 1026 25.89 -52.02 4.49
CA ALA A 1026 24.90 -53.09 4.44
C ALA A 1026 25.17 -54.06 3.29
N ARG A 1027 25.43 -53.51 2.09
CA ARG A 1027 25.68 -54.38 0.94
C ARG A 1027 26.96 -55.18 1.10
N GLN A 1028 28.04 -54.53 1.54
CA GLN A 1028 29.32 -55.21 1.67
C GLN A 1028 29.25 -56.29 2.74
N ALA A 1029 28.49 -56.07 3.81
CA ALA A 1029 28.37 -57.09 4.84
C ALA A 1029 27.48 -58.25 4.39
N ILE A 1030 26.42 -57.95 3.65
CA ILE A 1030 25.50 -59.01 3.22
C ILE A 1030 26.16 -59.91 2.18
N LEU A 1031 26.81 -59.31 1.18
CA LEU A 1031 27.28 -60.12 0.04
C LEU A 1031 28.48 -60.99 0.40
N PHE A 1032 29.46 -60.44 1.10
CA PHE A 1032 30.71 -61.15 1.36
C PHE A 1032 30.82 -61.46 2.84
N PRO A 1033 30.49 -62.68 3.27
CA PRO A 1033 30.53 -63.01 4.71
C PRO A 1033 31.79 -63.72 5.18
N ASN A 1034 32.82 -63.86 4.35
CA ASN A 1034 34.04 -64.56 4.72
C ASN A 1034 35.26 -63.73 4.36
N GLU A 1035 35.24 -62.46 4.71
CA GLU A 1035 36.33 -61.54 4.38
C GLU A 1035 37.28 -61.43 5.56
N GLU A 1036 38.57 -61.64 5.28
CA GLU A 1036 39.59 -61.36 6.27
C GLU A 1036 39.73 -59.85 6.43
N PRO A 1037 40.05 -59.38 7.65
CA PRO A 1037 40.17 -57.93 7.86
C PRO A 1037 41.31 -57.33 7.06
N SER A 1038 40.97 -56.49 6.08
CA SER A 1038 41.95 -55.87 5.20
C SER A 1038 41.54 -54.45 4.90
N TRP A 1039 42.51 -53.63 4.51
CA TRP A 1039 42.23 -52.23 4.19
C TRP A 1039 41.34 -52.09 2.95
N LYS A 1040 41.21 -53.13 2.14
CA LYS A 1040 40.33 -53.08 0.99
C LYS A 1040 38.86 -53.02 1.38
N LEU A 1041 38.53 -53.34 2.63
CA LEU A 1041 37.15 -53.24 3.08
C LEU A 1041 36.67 -51.80 3.11
N ALA A 1042 37.56 -50.86 3.43
CA ALA A 1042 37.18 -49.45 3.44
C ALA A 1042 36.99 -48.88 2.04
N LYS A 1043 37.35 -49.62 0.99
CA LYS A 1043 37.20 -49.13 -0.36
C LYS A 1043 35.86 -49.51 -0.96
N ASN A 1044 35.39 -50.74 -0.70
CA ASN A 1044 34.12 -51.19 -1.26
C ASN A 1044 32.93 -50.48 -0.64
N ILE A 1045 33.09 -49.88 0.53
CA ILE A 1045 32.00 -49.15 1.17
C ILE A 1045 31.69 -47.87 0.40
N PHE A 1046 32.73 -47.17 -0.05
CA PHE A 1046 32.58 -45.84 -0.63
C PHE A 1046 32.59 -45.82 -2.16
N TYR A 1047 33.27 -46.78 -2.79
CA TYR A 1047 33.42 -46.80 -4.23
C TYR A 1047 32.10 -46.96 -4.97
N MET A 1048 31.50 -48.14 -4.83
CA MET A 1048 30.32 -48.47 -5.63
C MET A 1048 29.10 -47.61 -5.28
N PRO A 1049 28.74 -47.40 -4.01
CA PRO A 1049 27.59 -46.51 -3.75
C PRO A 1049 27.79 -45.10 -4.24
N TYR A 1050 29.02 -44.59 -4.28
CA TYR A 1050 29.21 -43.25 -4.81
C TYR A 1050 29.10 -43.23 -6.33
N TRP A 1051 29.68 -44.20 -7.01
CA TRP A 1051 29.53 -44.20 -8.47
C TRP A 1051 28.12 -44.59 -8.90
N MET A 1052 27.31 -45.13 -8.00
CA MET A 1052 25.98 -45.57 -8.39
C MET A 1052 25.01 -44.41 -8.63
N ILE A 1053 25.18 -43.29 -7.95
CA ILE A 1053 24.21 -42.20 -8.04
C ILE A 1053 24.58 -41.23 -9.15
N TYR A 1054 25.58 -41.59 -9.97
CA TYR A 1054 25.97 -40.75 -11.10
C TYR A 1054 25.76 -41.44 -12.43
N GLY A 1055 24.89 -42.45 -12.48
CA GLY A 1055 24.53 -43.10 -13.73
C GLY A 1055 25.14 -44.47 -13.97
N GLU A 1056 25.78 -45.07 -12.98
CA GLU A 1056 26.33 -46.42 -13.10
C GLU A 1056 25.59 -47.32 -12.11
N VAL A 1057 24.49 -47.91 -12.57
CA VAL A 1057 23.60 -48.70 -11.73
C VAL A 1057 23.62 -50.15 -12.20
N PHE A 1058 24.80 -50.60 -12.65
CA PHE A 1058 24.93 -51.89 -13.30
C PHE A 1058 24.33 -53.02 -12.45
N ALA A 1059 23.51 -53.84 -13.09
CA ALA A 1059 22.77 -54.89 -12.40
C ALA A 1059 23.56 -56.18 -12.26
N ASP A 1060 24.79 -56.22 -12.75
CA ASP A 1060 25.62 -57.40 -12.59
C ASP A 1060 26.69 -57.21 -11.52
N GLN A 1061 27.24 -56.00 -11.39
CA GLN A 1061 28.19 -55.74 -10.32
C GLN A 1061 27.54 -55.73 -8.94
N ILE A 1062 26.22 -55.60 -8.89
CA ILE A 1062 25.47 -55.70 -7.65
C ILE A 1062 24.32 -56.68 -7.86
N ASP A 1063 24.02 -57.46 -6.83
CA ASP A 1063 23.08 -58.57 -6.89
C ASP A 1063 23.46 -59.51 -8.03
N PRO A 1064 24.57 -60.24 -7.90
CA PRO A 1064 25.02 -61.07 -9.01
C PRO A 1064 24.06 -62.22 -9.24
N PRO A 1065 24.01 -62.76 -10.46
CA PRO A 1065 23.11 -63.89 -10.74
C PRO A 1065 23.59 -65.17 -10.07
N CYS A 1066 23.31 -65.29 -8.77
CA CYS A 1066 23.73 -66.46 -8.00
C CYS A 1066 23.00 -67.72 -8.45
N GLN A 1079 26.13 -75.62 -11.96
CA GLN A 1079 26.53 -74.67 -12.99
C GLN A 1079 26.49 -73.23 -12.47
N LEU A 1080 25.30 -72.81 -12.05
CA LEU A 1080 25.15 -71.47 -11.49
C LEU A 1080 25.88 -71.38 -10.15
N PRO A 1081 26.49 -70.23 -9.84
CA PRO A 1081 27.20 -70.11 -8.57
C PRO A 1081 26.27 -70.23 -7.38
N PRO A 1082 26.76 -70.70 -6.24
CA PRO A 1082 25.90 -70.83 -5.06
C PRO A 1082 25.44 -69.48 -4.54
N CYS A 1083 24.24 -69.47 -3.96
CA CYS A 1083 23.62 -68.26 -3.46
C CYS A 1083 24.08 -67.97 -2.04
N LYS A 1084 24.09 -66.69 -1.69
CA LYS A 1084 24.40 -66.28 -0.33
C LYS A 1084 23.18 -66.42 0.56
N THR A 1085 23.40 -66.25 1.87
CA THR A 1085 22.33 -66.44 2.83
C THR A 1085 21.25 -65.39 2.67
N GLY A 1086 21.59 -64.22 2.12
CA GLY A 1086 20.60 -63.24 1.77
C GLY A 1086 20.99 -62.49 0.52
N ALA A 1087 20.13 -62.54 -0.49
CA ALA A 1087 20.38 -61.78 -1.71
C ALA A 1087 19.16 -61.06 -2.25
N TRP A 1088 17.95 -61.39 -1.80
CA TRP A 1088 16.77 -60.66 -2.21
C TRP A 1088 16.71 -59.27 -1.61
N ILE A 1089 17.51 -58.99 -0.58
CA ILE A 1089 17.45 -57.71 0.10
C ILE A 1089 18.50 -56.72 -0.42
N VAL A 1090 19.52 -57.20 -1.11
CA VAL A 1090 20.54 -56.29 -1.64
C VAL A 1090 19.98 -55.32 -2.67
N PRO A 1091 19.14 -55.72 -3.63
CA PRO A 1091 18.47 -54.72 -4.46
C PRO A 1091 17.27 -54.07 -3.80
N ALA A 1092 16.66 -54.72 -2.80
CA ALA A 1092 15.56 -54.10 -2.09
C ALA A 1092 16.01 -52.86 -1.34
N ILE A 1093 17.19 -52.91 -0.72
CA ILE A 1093 17.74 -51.72 -0.07
C ILE A 1093 18.08 -50.66 -1.10
N MET A 1094 18.62 -51.06 -2.24
CA MET A 1094 19.00 -50.11 -3.27
C MET A 1094 17.79 -49.38 -3.85
N ALA A 1095 16.67 -50.08 -3.98
CA ALA A 1095 15.47 -49.45 -4.52
C ALA A 1095 14.96 -48.31 -3.65
N CYS A 1096 15.34 -48.29 -2.36
CA CYS A 1096 15.07 -47.15 -1.50
C CYS A 1096 16.23 -46.16 -1.44
N TYR A 1097 17.46 -46.64 -1.50
CA TYR A 1097 18.62 -45.76 -1.44
C TYR A 1097 18.66 -44.83 -2.64
N LEU A 1098 18.44 -45.37 -3.84
CA LEU A 1098 18.42 -44.52 -5.03
C LEU A 1098 17.27 -43.53 -4.97
N LEU A 1099 16.11 -43.97 -4.48
CA LEU A 1099 14.97 -43.07 -4.37
C LEU A 1099 15.25 -41.93 -3.42
N VAL A 1100 15.92 -42.20 -2.29
CA VAL A 1100 16.17 -41.15 -1.32
C VAL A 1100 17.42 -40.33 -1.64
N ALA A 1101 18.26 -40.77 -2.56
CA ALA A 1101 19.45 -40.01 -2.91
C ALA A 1101 19.38 -39.31 -4.25
N ASN A 1102 18.46 -39.68 -5.14
CA ASN A 1102 18.36 -39.06 -6.45
C ASN A 1102 17.04 -38.36 -6.70
N ILE A 1103 16.07 -38.46 -5.81
CA ILE A 1103 14.76 -37.85 -6.04
C ILE A 1103 14.44 -36.86 -4.93
N LEU A 1104 14.96 -37.13 -3.73
CA LEU A 1104 14.62 -36.31 -2.56
C LEU A 1104 15.70 -35.29 -2.24
N LEU A 1105 16.93 -35.76 -1.97
CA LEU A 1105 17.95 -34.85 -1.47
C LEU A 1105 18.42 -33.87 -2.53
N VAL A 1106 18.62 -34.33 -3.76
CA VAL A 1106 19.11 -33.43 -4.81
C VAL A 1106 18.03 -32.42 -5.18
N ASN A 1107 16.76 -32.83 -5.19
CA ASN A 1107 15.68 -31.88 -5.48
C ASN A 1107 15.53 -30.87 -4.35
N LEU A 1108 15.70 -31.31 -3.11
CA LEU A 1108 15.66 -30.35 -2.00
C LEU A 1108 16.82 -29.38 -2.08
N LEU A 1109 18.00 -29.85 -2.52
CA LEU A 1109 19.13 -28.96 -2.71
C LEU A 1109 18.85 -27.95 -3.81
N ILE A 1110 18.20 -28.38 -4.89
CA ILE A 1110 17.81 -27.46 -5.95
C ILE A 1110 16.86 -26.40 -5.41
N ALA A 1111 15.91 -26.81 -4.57
CA ALA A 1111 14.99 -25.85 -3.96
C ALA A 1111 15.73 -24.86 -3.07
N VAL A 1112 16.72 -25.34 -2.32
CA VAL A 1112 17.49 -24.46 -1.44
C VAL A 1112 18.28 -23.45 -2.25
N PHE A 1113 18.91 -23.89 -3.34
CA PHE A 1113 19.62 -22.96 -4.22
C PHE A 1113 18.66 -21.94 -4.80
N ASN A 1114 17.46 -22.37 -5.18
CA ASN A 1114 16.54 -21.51 -5.89
C ASN A 1114 15.93 -20.45 -4.99
N ASN A 1115 15.57 -20.82 -3.77
CA ASN A 1115 14.84 -19.90 -2.89
C ASN A 1115 15.75 -19.06 -2.02
N THR A 1116 17.07 -19.19 -2.16
CA THR A 1116 18.03 -18.34 -1.47
C THR A 1116 19.04 -17.79 -2.47
N PHE A 1117 18.54 -17.27 -3.58
CA PHE A 1117 19.38 -16.82 -4.67
C PHE A 1117 19.40 -15.31 -4.86
N PHE A 1118 18.28 -14.63 -4.63
CA PHE A 1118 18.23 -13.19 -4.88
C PHE A 1118 19.12 -12.42 -3.91
N GLU A 1119 19.08 -12.80 -2.63
CA GLU A 1119 19.92 -12.13 -1.63
C GLU A 1119 21.40 -12.37 -1.92
N VAL A 1120 21.74 -13.61 -2.29
CA VAL A 1120 23.13 -13.92 -2.62
C VAL A 1120 23.57 -13.12 -3.84
N LYS A 1121 22.69 -12.98 -4.83
CA LYS A 1121 23.03 -12.21 -6.03
C LYS A 1121 23.30 -10.75 -5.68
N SER A 1122 22.42 -10.14 -4.88
CA SER A 1122 22.61 -8.74 -4.52
C SER A 1122 23.88 -8.54 -3.71
N ILE A 1123 24.12 -9.41 -2.73
CA ILE A 1123 25.31 -9.28 -1.90
C ILE A 1123 26.57 -9.50 -2.74
N SER A 1124 26.53 -10.44 -3.67
CA SER A 1124 27.70 -10.67 -4.53
C SER A 1124 27.97 -9.46 -5.41
N ASN A 1125 26.93 -8.84 -5.96
CA ASN A 1125 27.14 -7.63 -6.76
C ASN A 1125 27.77 -6.53 -5.93
N GLN A 1126 27.26 -6.33 -4.71
CA GLN A 1126 27.83 -5.30 -3.85
C GLN A 1126 29.29 -5.58 -3.51
N VAL A 1127 29.60 -6.84 -3.20
CA VAL A 1127 30.96 -7.19 -2.80
C VAL A 1127 31.92 -7.04 -3.98
N TRP A 1128 31.51 -7.44 -5.18
CA TRP A 1128 32.39 -7.26 -6.33
C TRP A 1128 32.63 -5.80 -6.64
N LYS A 1129 31.56 -4.99 -6.61
CA LYS A 1129 31.75 -3.56 -6.86
C LYS A 1129 32.63 -2.92 -5.80
N PHE A 1130 32.61 -3.45 -4.57
CA PHE A 1130 33.48 -2.93 -3.54
C PHE A 1130 34.93 -3.36 -3.75
N GLN A 1131 35.14 -4.62 -4.17
CA GLN A 1131 36.49 -5.13 -4.32
C GLN A 1131 37.17 -4.67 -5.60
N ARG A 1132 36.43 -4.04 -6.51
CA ARG A 1132 37.09 -3.41 -7.66
C ARG A 1132 38.15 -2.42 -7.22
N TYR A 1133 37.91 -1.71 -6.11
CA TYR A 1133 38.91 -0.75 -5.62
C TYR A 1133 40.18 -1.45 -5.18
N GLN A 1134 40.05 -2.56 -4.46
CA GLN A 1134 41.24 -3.30 -4.06
C GLN A 1134 42.00 -3.82 -5.27
N LEU A 1135 41.27 -4.29 -6.28
CA LEU A 1135 41.92 -4.74 -7.52
C LEU A 1135 42.71 -3.60 -8.16
N ILE A 1136 42.10 -2.41 -8.27
CA ILE A 1136 42.75 -1.29 -8.92
C ILE A 1136 44.00 -0.88 -8.15
N MET A 1137 43.91 -0.81 -6.83
CA MET A 1137 45.07 -0.41 -6.03
C MET A 1137 46.19 -1.43 -6.13
N THR A 1138 45.87 -2.72 -6.01
CA THR A 1138 46.92 -3.73 -6.05
C THR A 1138 47.52 -3.88 -7.44
N PHE A 1139 46.83 -3.40 -8.48
CA PHE A 1139 47.48 -3.36 -9.78
C PHE A 1139 48.28 -2.09 -10.01
N HIS A 1140 47.88 -0.98 -9.40
CA HIS A 1140 48.68 0.23 -9.49
C HIS A 1140 49.98 0.10 -8.72
N GLU A 1141 49.99 -0.70 -7.65
CA GLU A 1141 51.20 -0.85 -6.86
C GLU A 1141 52.24 -1.72 -7.53
N ARG A 1142 51.83 -2.67 -8.38
CA ARG A 1142 52.73 -3.68 -8.91
C ARG A 1142 53.73 -3.07 -9.90
N PRO A 1143 54.87 -3.74 -10.10
CA PRO A 1143 55.84 -3.28 -11.12
C PRO A 1143 55.32 -3.43 -12.54
N VAL A 1144 56.13 -3.02 -13.52
CA VAL A 1144 55.66 -3.01 -14.90
C VAL A 1144 55.80 -4.39 -15.53
N LEU A 1145 56.92 -5.06 -15.31
CA LEU A 1145 57.17 -6.32 -15.99
C LEU A 1145 56.39 -7.47 -15.35
N PRO A 1146 55.98 -8.44 -16.15
CA PRO A 1146 55.28 -9.62 -15.62
C PRO A 1146 56.22 -10.48 -14.81
N PRO A 1147 55.69 -11.42 -14.02
CA PRO A 1147 56.53 -12.27 -13.16
C PRO A 1147 57.56 -13.11 -13.93
N PRO A 1148 57.31 -13.56 -15.17
CA PRO A 1148 58.39 -14.28 -15.86
C PRO A 1148 59.68 -13.49 -16.00
N LEU A 1149 59.59 -12.19 -16.23
CA LEU A 1149 60.76 -11.34 -16.39
C LEU A 1149 60.69 -10.17 -15.41
N ILE A 1150 60.24 -10.44 -14.19
CA ILE A 1150 60.21 -9.41 -13.15
C ILE A 1150 61.54 -9.24 -12.45
N ILE A 1151 62.50 -10.13 -12.72
CA ILE A 1151 63.78 -10.09 -12.03
C ILE A 1151 64.56 -8.81 -12.37
N PHE A 1152 64.27 -8.18 -13.51
CA PHE A 1152 64.92 -6.92 -13.82
C PHE A 1152 64.39 -5.79 -12.95
N SER A 1153 63.08 -5.79 -12.67
CA SER A 1153 62.52 -4.75 -11.81
C SER A 1153 62.89 -4.93 -10.35
N HIS A 1154 63.20 -6.16 -9.93
CA HIS A 1154 63.60 -6.38 -8.54
C HIS A 1154 65.03 -5.92 -8.30
N MET A 1155 65.93 -6.09 -9.28
CA MET A 1155 67.29 -5.61 -9.10
C MET A 1155 67.40 -4.10 -9.20
N THR A 1156 66.45 -3.44 -9.86
CA THR A 1156 66.41 -1.98 -9.82
C THR A 1156 65.88 -1.47 -8.49
N MET A 1157 65.20 -2.31 -7.72
CA MET A 1157 64.79 -1.92 -6.38
C MET A 1157 65.99 -1.80 -5.45
N ILE A 1158 67.02 -2.62 -5.66
CA ILE A 1158 68.23 -2.52 -4.85
C ILE A 1158 68.99 -1.25 -5.18
N PHE A 1159 69.08 -0.91 -6.46
CA PHE A 1159 69.78 0.31 -6.87
C PHE A 1159 69.11 1.56 -6.34
N GLN A 1160 67.78 1.62 -6.40
CA GLN A 1160 67.05 2.80 -5.93
C GLN A 1160 66.94 2.84 -4.42
N HIS A 1161 67.23 1.74 -3.71
CA HIS A 1161 67.16 1.77 -2.26
C HIS A 1161 68.43 2.33 -1.64
N VAL A 1162 69.60 1.97 -2.19
CA VAL A 1162 70.87 2.46 -1.67
C VAL A 1162 71.12 3.93 -2.01
N CYS A 1163 70.34 4.50 -2.93
CA CYS A 1163 70.49 5.90 -3.31
C CYS A 1163 70.03 6.81 -2.16
N ARG A 1176 52.58 9.45 -5.39
CA ARG A 1176 51.23 9.17 -5.86
C ARG A 1176 50.59 10.44 -6.43
N ASP A 1177 50.97 10.77 -7.68
CA ASP A 1177 50.45 11.97 -8.31
C ASP A 1177 48.94 11.89 -8.51
N TYR A 1178 48.45 10.73 -8.95
CA TYR A 1178 47.02 10.50 -9.07
C TYR A 1178 46.75 9.02 -8.87
N GLY A 1179 45.52 8.71 -8.46
CA GLY A 1179 45.13 7.33 -8.21
C GLY A 1179 44.89 7.09 -6.74
N LEU A 1180 45.76 7.62 -5.90
CA LEU A 1180 45.58 7.56 -4.45
C LEU A 1180 45.13 8.90 -3.88
N LYS A 1181 45.80 9.98 -4.25
CA LYS A 1181 45.46 11.33 -3.79
C LYS A 1181 45.49 12.28 -4.97
N LEU A 1182 45.05 13.51 -4.72
CA LEU A 1182 45.05 14.56 -5.74
C LEU A 1182 45.30 15.88 -5.02
N PHE A 1183 46.56 16.29 -4.97
CA PHE A 1183 46.91 17.55 -4.33
C PHE A 1183 46.34 18.73 -5.11
N ILE A 1184 45.79 19.71 -4.39
CA ILE A 1184 45.18 20.87 -5.01
C ILE A 1184 45.65 22.14 -4.30
N THR A 1185 45.47 23.26 -4.98
CA THR A 1185 45.89 24.56 -4.48
C THR A 1185 44.89 25.07 -3.44
N ASP A 1186 44.96 26.36 -3.12
CA ASP A 1186 44.05 26.93 -2.14
C ASP A 1186 42.76 27.42 -2.80
N ASP A 1187 42.83 27.93 -4.02
CA ASP A 1187 41.63 28.35 -4.73
C ASP A 1187 40.72 27.16 -5.01
N GLU A 1188 41.30 26.05 -5.46
CA GLU A 1188 40.50 24.85 -5.70
C GLU A 1188 39.91 24.31 -4.40
N LEU A 1189 40.70 24.38 -3.31
CA LEU A 1189 40.18 23.96 -2.01
C LEU A 1189 38.99 24.80 -1.59
N LYS A 1190 39.07 26.12 -1.79
CA LYS A 1190 37.95 26.99 -1.45
C LYS A 1190 36.73 26.71 -2.31
N LYS A 1191 36.93 26.49 -3.61
CA LYS A 1191 35.81 26.17 -4.48
C LYS A 1191 35.15 24.86 -4.07
N VAL A 1192 35.95 23.86 -3.72
CA VAL A 1192 35.41 22.58 -3.29
C VAL A 1192 34.63 22.73 -1.99
N HIS A 1193 35.16 23.51 -1.04
CA HIS A 1193 34.45 23.75 0.21
C HIS A 1193 33.12 24.44 -0.03
N ASP A 1194 33.09 25.46 -0.88
CA ASP A 1194 31.84 26.16 -1.17
C ASP A 1194 30.84 25.24 -1.84
N PHE A 1195 31.31 24.42 -2.80
CA PHE A 1195 30.41 23.49 -3.45
C PHE A 1195 29.83 22.47 -2.46
N GLU A 1196 30.66 21.98 -1.54
CA GLU A 1196 30.17 21.02 -0.56
C GLU A 1196 29.15 21.66 0.38
N GLU A 1197 29.38 22.90 0.80
CA GLU A 1197 28.41 23.57 1.67
C GLU A 1197 27.09 23.78 0.94
N GLN A 1198 27.16 24.19 -0.33
CA GLN A 1198 25.93 24.34 -1.11
C GLN A 1198 25.20 23.00 -1.24
N CYS A 1199 25.94 21.93 -1.48
CA CYS A 1199 25.33 20.62 -1.64
C CYS A 1199 24.64 20.15 -0.36
N ILE A 1200 25.30 20.32 0.79
CA ILE A 1200 24.70 19.84 2.03
C ILE A 1200 23.49 20.69 2.41
N GLU A 1201 23.55 22.00 2.17
CA GLU A 1201 22.39 22.84 2.44
C GLU A 1201 21.21 22.46 1.55
N GLU A 1202 21.47 22.20 0.27
CA GLU A 1202 20.40 21.78 -0.63
C GLU A 1202 19.83 20.45 -0.21
N TYR A 1203 20.68 19.52 0.24
CA TYR A 1203 20.20 18.22 0.70
C TYR A 1203 19.27 18.37 1.89
N PHE A 1204 19.65 19.18 2.88
CA PHE A 1204 18.80 19.36 4.05
C PHE A 1204 17.49 20.02 3.67
N ARG A 1205 17.52 21.02 2.79
CA ARG A 1205 16.30 21.69 2.37
C ARG A 1205 15.37 20.71 1.65
N GLU A 1206 15.92 19.88 0.76
CA GLU A 1206 15.09 18.93 0.03
C GLU A 1206 14.48 17.89 0.95
N LYS A 1207 15.27 17.39 1.91
CA LYS A 1207 14.73 16.41 2.86
C LYS A 1207 13.62 17.00 3.69
N ASP A 1208 13.80 18.24 4.17
CA ASP A 1208 12.74 18.89 4.95
C ASP A 1208 11.50 19.12 4.11
N ASP A 1209 11.67 19.50 2.84
CA ASP A 1209 10.53 19.70 1.96
C ASP A 1209 9.78 18.40 1.72
N ARG A 1210 10.51 17.29 1.53
CA ARG A 1210 9.86 16.01 1.33
C ARG A 1210 9.12 15.55 2.59
N PHE A 1211 9.69 15.85 3.76
CA PHE A 1211 9.00 15.47 5.00
C PHE A 1211 7.73 16.29 5.21
N ASN A 1212 7.78 17.59 4.94
CA ASN A 1212 6.63 18.44 5.22
C ASN A 1212 5.52 18.30 4.19
N SER A 1213 5.73 17.56 3.09
CA SER A 1213 4.72 17.39 2.07
C SER A 1213 4.18 15.98 1.99
N SER A 1214 4.62 15.08 2.85
CA SER A 1214 4.11 13.71 2.84
C SER A 1214 2.69 13.68 3.40
N ASN A 1215 2.01 12.56 3.16
CA ASN A 1215 0.60 12.46 3.54
C ASN A 1215 0.43 12.45 5.06
N ASP A 1216 1.35 11.82 5.78
CA ASP A 1216 1.20 11.69 7.23
C ASP A 1216 1.23 13.04 7.92
N GLU A 1217 2.23 13.86 7.59
CA GLU A 1217 2.32 15.19 8.20
C GLU A 1217 1.18 16.07 7.75
N ARG A 1218 0.79 15.98 6.48
CA ARG A 1218 -0.32 16.78 5.97
C ARG A 1218 -1.65 16.38 6.61
N ILE A 1219 -1.76 15.15 7.11
CA ILE A 1219 -2.97 14.77 7.84
C ILE A 1219 -2.88 15.23 9.28
N ARG A 1220 -1.71 15.09 9.91
CA ARG A 1220 -1.57 15.46 11.31
C ARG A 1220 -1.77 16.96 11.52
N VAL A 1221 -1.19 17.78 10.64
CA VAL A 1221 -1.35 19.22 10.74
C VAL A 1221 -2.82 19.60 10.56
N THR A 1222 -3.49 18.97 9.59
CA THR A 1222 -4.90 19.24 9.37
C THR A 1222 -5.73 18.89 10.59
N SER A 1223 -5.44 17.74 11.22
CA SER A 1223 -6.19 17.33 12.40
C SER A 1223 -6.00 18.31 13.55
N GLU A 1224 -4.75 18.73 13.79
CA GLU A 1224 -4.50 19.68 14.89
C GLU A 1224 -5.19 21.00 14.64
N ARG A 1225 -5.10 21.52 13.41
CA ARG A 1225 -5.72 22.80 13.12
C ARG A 1225 -7.24 22.70 13.19
N VAL A 1226 -7.81 21.57 12.78
CA VAL A 1226 -9.25 21.38 12.88
C VAL A 1226 -9.67 21.37 14.34
N GLU A 1227 -8.89 20.71 15.21
CA GLU A 1227 -9.22 20.70 16.64
C GLU A 1227 -9.21 22.11 17.22
N ASN A 1228 -8.15 22.88 16.93
CA ASN A 1228 -8.07 24.24 17.44
C ASN A 1228 -9.20 25.11 16.90
N MET A 1229 -9.51 24.96 15.61
CA MET A 1229 -10.56 25.76 15.00
C MET A 1229 -11.93 25.41 15.60
N SER A 1230 -12.17 24.12 15.86
CA SER A 1230 -13.43 23.73 16.49
C SER A 1230 -13.53 24.31 17.89
N MET A 1231 -12.45 24.29 18.65
CA MET A 1231 -12.48 24.87 20.00
C MET A 1231 -12.80 26.36 19.94
N ARG A 1232 -12.14 27.09 19.03
CA ARG A 1232 -12.37 28.53 18.92
C ARG A 1232 -13.79 28.82 18.45
N LEU A 1233 -14.31 28.03 17.52
CA LEU A 1233 -15.66 28.26 17.02
C LEU A 1233 -16.71 27.98 18.10
N GLU A 1234 -16.50 26.92 18.90
CA GLU A 1234 -17.40 26.66 20.01
C GLU A 1234 -17.36 27.80 21.03
N GLU A 1235 -16.15 28.33 21.29
CA GLU A 1235 -16.04 29.48 22.18
C GLU A 1235 -16.79 30.69 21.63
N VAL A 1236 -16.68 30.93 20.33
CA VAL A 1236 -17.38 32.07 19.72
C VAL A 1236 -18.88 31.89 19.82
N ASN A 1237 -19.38 30.70 19.51
CA ASN A 1237 -20.83 30.48 19.50
C ASN A 1237 -21.42 30.49 20.91
N GLU A 1238 -20.67 29.99 21.90
CA GLU A 1238 -21.18 30.01 23.26
C GLU A 1238 -21.18 31.40 23.86
N ARG A 1239 -20.27 32.27 23.41
CA ARG A 1239 -20.09 33.61 23.96
C ARG A 1239 -20.77 34.68 23.11
N GLU A 1240 -21.94 34.39 22.56
CA GLU A 1240 -22.67 35.39 21.78
C GLU A 1240 -23.22 36.48 22.72
N HIS A 1241 -23.37 37.68 22.16
CA HIS A 1241 -23.89 38.81 22.92
C HIS A 1241 -25.27 39.25 22.44
N SER A 1242 -25.88 38.54 21.49
CA SER A 1242 -27.20 38.89 20.99
C SER A 1242 -27.96 37.64 20.57
N UNK B 1 18.34 1.49 62.44
CA UNK B 1 18.45 2.35 61.26
C UNK B 1 18.27 3.81 61.64
N UNK B 2 17.89 4.63 60.66
CA UNK B 2 17.63 6.04 60.90
C UNK B 2 16.13 6.27 60.97
N UNK B 3 15.38 5.18 61.10
CA UNK B 3 13.92 5.24 61.18
C UNK B 3 13.46 6.00 62.41
N UNK B 4 13.73 5.44 63.58
CA UNK B 4 13.37 6.08 64.84
C UNK B 4 14.25 7.31 65.09
N UNK B 5 13.93 8.40 64.41
CA UNK B 5 14.68 9.64 64.54
C UNK B 5 13.76 10.80 64.91
N UNK B 6 12.47 10.62 64.66
CA UNK B 6 11.48 11.63 64.99
C UNK B 6 10.62 11.18 66.16
N UNK B 7 9.73 12.04 66.62
CA UNK B 7 8.87 11.72 67.75
C UNK B 7 7.42 12.12 67.48
N UNK B 8 6.48 11.34 68.00
CA UNK B 8 5.06 11.63 67.83
C UNK B 8 4.51 12.35 69.06
N UNK B 9 3.22 12.63 69.05
CA UNK B 9 2.59 13.33 70.17
C UNK B 9 1.12 12.93 70.34
N UNK B 10 0.85 12.05 71.29
CA UNK B 10 -0.51 11.61 71.59
C UNK B 10 -1.02 12.27 72.86
N UNK B 11 -2.34 12.46 72.93
CA UNK B 11 -2.97 13.16 74.05
C UNK B 11 -2.81 12.37 75.36
N UNK B 12 -2.39 13.07 76.40
CA UNK B 12 -2.21 12.45 77.71
C UNK B 12 -3.51 12.49 78.51
N UNK B 13 -3.38 12.63 79.83
CA UNK B 13 -4.55 12.68 80.69
C UNK B 13 -5.18 14.07 80.68
N UNK B 14 -5.83 14.40 79.57
CA UNK B 14 -6.47 15.70 79.42
C UNK B 14 -7.85 15.70 80.07
N UNK B 15 -8.29 16.87 80.50
CA UNK B 15 -9.59 16.99 81.14
C UNK B 15 -10.39 18.16 80.55
N UNK B 16 -11.50 17.84 79.92
CA UNK B 16 -12.37 18.85 79.32
C UNK B 16 -13.75 18.26 79.04
N UNK B 17 -14.55 19.02 78.28
CA UNK B 17 -15.90 18.60 77.86
C UNK B 17 -16.78 18.25 79.05
N ILE C 128 -76.50 4.57 19.23
CA ILE C 128 -77.51 4.50 20.28
C ILE C 128 -76.85 4.37 21.64
N SER C 129 -77.53 3.71 22.57
CA SER C 129 -77.04 3.56 23.93
C SER C 129 -76.20 2.29 24.10
N LYS C 130 -75.21 2.13 23.21
CA LYS C 130 -74.26 1.01 23.23
C LYS C 130 -74.99 -0.34 23.19
N HIS C 131 -76.02 -0.44 22.35
CA HIS C 131 -76.75 -1.68 22.16
C HIS C 131 -76.14 -2.39 20.95
N THR C 132 -75.10 -3.18 21.21
CA THR C 132 -74.36 -3.87 20.16
C THR C 132 -74.14 -5.32 20.56
N GLN C 133 -74.01 -6.17 19.55
CA GLN C 133 -73.79 -7.60 19.80
C GLN C 133 -72.36 -7.85 20.27
N LEU C 134 -72.21 -8.55 21.38
CA LEU C 134 -70.89 -8.92 21.91
C LEU C 134 -70.44 -10.23 21.25
N SER C 135 -70.19 -10.12 19.94
CA SER C 135 -69.80 -11.28 19.16
C SER C 135 -68.32 -11.62 19.43
N PRO C 136 -67.94 -12.88 19.23
CA PRO C 136 -66.53 -13.24 19.36
C PRO C 136 -65.70 -12.62 18.24
N THR C 137 -64.41 -12.45 18.52
CA THR C 137 -63.50 -11.86 17.56
C THR C 137 -63.35 -12.75 16.33
N ASP C 138 -63.27 -12.12 15.16
CA ASP C 138 -63.19 -12.86 13.91
C ASP C 138 -62.18 -12.26 12.93
N ALA C 139 -61.24 -11.44 13.41
CA ALA C 139 -60.31 -10.76 12.52
C ALA C 139 -59.01 -10.53 13.26
N PHE C 140 -58.00 -11.35 12.96
CA PHE C 140 -56.65 -11.18 13.49
C PHE C 140 -55.69 -11.88 12.55
N GLY C 141 -54.46 -12.09 13.00
CA GLY C 141 -53.49 -12.79 12.19
C GLY C 141 -52.24 -12.00 11.90
N THR C 142 -52.00 -11.69 10.63
CA THR C 142 -50.78 -10.99 10.22
C THR C 142 -51.08 -10.20 8.96
N ILE C 143 -50.63 -8.95 8.93
CA ILE C 143 -50.77 -8.11 7.75
C ILE C 143 -49.39 -7.89 7.15
N GLU C 144 -49.37 -7.55 5.87
CA GLU C 144 -48.13 -7.25 5.15
C GLU C 144 -48.38 -6.02 4.28
N PHE C 145 -47.61 -4.97 4.52
CA PHE C 145 -47.83 -3.70 3.84
C PHE C 145 -47.23 -3.74 2.45
N GLN C 146 -48.08 -3.69 1.43
CA GLN C 146 -47.63 -3.63 0.04
C GLN C 146 -47.67 -2.20 -0.45
N GLY C 147 -46.61 -1.81 -1.17
CA GLY C 147 -46.50 -0.46 -1.68
C GLY C 147 -45.81 0.52 -0.76
N GLY C 148 -45.43 0.09 0.44
CA GLY C 148 -44.70 0.94 1.35
C GLY C 148 -43.22 1.01 0.99
N GLY C 149 -42.49 1.77 1.81
CA GLY C 149 -41.06 1.89 1.59
C GLY C 149 -40.32 0.57 1.77
N HIS C 150 -40.70 -0.20 2.78
CA HIS C 150 -40.06 -1.48 3.07
C HIS C 150 -41.13 -2.53 3.34
N SER C 151 -40.79 -3.78 3.09
CA SER C 151 -41.71 -4.90 3.35
C SER C 151 -41.64 -5.22 4.84
N ASN C 152 -42.73 -4.99 5.55
CA ASN C 152 -42.81 -5.23 6.97
C ASN C 152 -44.08 -5.98 7.32
N LYS C 153 -44.01 -6.77 8.37
CA LYS C 153 -45.15 -7.51 8.88
C LYS C 153 -45.51 -7.00 10.27
N ALA C 154 -46.76 -7.23 10.67
CA ALA C 154 -47.24 -6.75 11.95
C ALA C 154 -48.43 -7.60 12.38
N MET C 155 -48.27 -8.36 13.45
CA MET C 155 -49.40 -9.09 14.01
C MET C 155 -50.44 -8.11 14.53
N TYR C 156 -51.70 -8.53 14.52
CA TYR C 156 -52.79 -7.65 14.92
C TYR C 156 -53.94 -8.50 15.46
N VAL C 157 -54.79 -7.86 16.25
CA VAL C 157 -55.99 -8.49 16.79
C VAL C 157 -56.96 -7.41 17.23
N ARG C 158 -58.22 -7.54 16.85
CA ARG C 158 -59.24 -6.59 17.27
C ARG C 158 -59.89 -7.08 18.56
N VAL C 159 -60.03 -6.17 19.53
CA VAL C 159 -60.60 -6.49 20.83
C VAL C 159 -61.54 -5.37 21.25
N SER C 160 -62.49 -5.72 22.12
CA SER C 160 -63.43 -4.75 22.63
C SER C 160 -62.75 -3.82 23.64
N PHE C 161 -63.38 -2.66 23.87
CA PHE C 161 -62.81 -1.67 24.77
C PHE C 161 -62.79 -2.13 26.22
N ASP C 162 -63.65 -3.08 26.60
CA ASP C 162 -63.75 -3.55 27.97
C ASP C 162 -62.87 -4.76 28.25
N THR C 163 -61.87 -5.01 27.41
CA THR C 163 -60.98 -6.15 27.63
C THR C 163 -60.11 -5.92 28.85
N LYS C 164 -59.95 -6.97 29.65
CA LYS C 164 -59.11 -6.87 30.84
C LYS C 164 -57.65 -6.72 30.44
N PRO C 165 -56.93 -5.75 31.01
CA PRO C 165 -55.53 -5.54 30.59
C PRO C 165 -54.62 -6.72 30.86
N ASP C 166 -54.94 -7.56 31.85
CA ASP C 166 -54.12 -8.74 32.11
C ASP C 166 -54.15 -9.69 30.92
N LEU C 167 -55.32 -9.85 30.30
CA LEU C 167 -55.42 -10.70 29.12
C LEU C 167 -54.59 -10.18 27.97
N LEU C 168 -54.61 -8.85 27.76
CA LEU C 168 -53.81 -8.26 26.69
C LEU C 168 -52.32 -8.43 26.96
N LEU C 169 -51.91 -8.27 28.21
CA LEU C 169 -50.50 -8.48 28.56
C LEU C 169 -50.11 -9.93 28.32
N HIS C 170 -50.99 -10.87 28.67
CA HIS C 170 -50.72 -12.28 28.40
C HIS C 170 -50.59 -12.54 26.91
N LEU C 171 -51.47 -11.92 26.11
CA LEU C 171 -51.40 -12.07 24.65
C LEU C 171 -50.08 -11.54 24.11
N MET C 172 -49.63 -10.39 24.61
CA MET C 172 -48.37 -9.84 24.14
C MET C 172 -47.18 -10.66 24.62
N THR C 173 -47.29 -11.32 25.77
CA THR C 173 -46.16 -12.06 26.31
C THR C 173 -46.03 -13.44 25.68
N LYS C 174 -47.05 -14.29 25.83
CA LYS C 174 -46.92 -15.68 25.42
C LYS C 174 -47.38 -15.93 23.98
N GLU C 175 -48.33 -15.14 23.46
CA GLU C 175 -48.84 -15.37 22.13
C GLU C 175 -48.09 -14.61 21.05
N TRP C 176 -47.29 -13.61 21.42
CA TRP C 176 -46.47 -12.88 20.47
C TRP C 176 -44.98 -12.99 20.76
N GLN C 177 -44.59 -13.68 21.82
CA GLN C 177 -43.19 -13.89 22.21
C GLN C 177 -42.46 -12.55 22.41
N LEU C 178 -42.95 -11.79 23.38
CA LEU C 178 -42.34 -10.52 23.77
C LEU C 178 -42.18 -10.49 25.28
N GLU C 179 -40.96 -10.17 25.73
CA GLU C 179 -40.69 -10.05 27.15
C GLU C 179 -41.19 -8.71 27.68
N LEU C 180 -41.21 -8.58 29.00
CA LEU C 180 -41.59 -7.33 29.62
C LEU C 180 -40.58 -6.24 29.27
N PRO C 181 -41.03 -5.03 28.97
CA PRO C 181 -40.10 -3.97 28.59
C PRO C 181 -39.50 -3.27 29.80
N LYS C 182 -38.36 -2.64 29.57
CA LYS C 182 -37.69 -1.83 30.58
C LYS C 182 -37.98 -0.34 30.40
N LEU C 183 -38.91 0.00 29.52
CA LEU C 183 -39.24 1.39 29.20
C LEU C 183 -40.58 1.39 28.48
N LEU C 184 -41.39 2.40 28.77
CA LEU C 184 -42.76 2.45 28.27
C LEU C 184 -43.10 3.83 27.71
N ILE C 185 -42.26 4.31 26.78
CA ILE C 185 -42.55 5.55 26.08
C ILE C 185 -43.95 5.51 25.50
N SER C 186 -44.71 6.57 25.73
CA SER C 186 -46.15 6.59 25.54
C SER C 186 -46.58 7.82 24.76
N VAL C 187 -45.95 8.04 23.60
CA VAL C 187 -46.09 9.25 22.82
C VAL C 187 -47.55 9.60 22.59
N HIS C 188 -47.92 10.83 22.93
CA HIS C 188 -49.23 11.40 22.66
C HIS C 188 -49.08 12.67 21.84
N GLY C 189 -50.09 12.99 21.06
CA GLY C 189 -50.10 14.19 20.22
C GLY C 189 -51.50 14.62 19.90
N GLY C 190 -51.68 15.16 18.70
CA GLY C 190 -52.99 15.62 18.26
C GLY C 190 -53.39 14.95 16.97
N LEU C 191 -54.68 14.68 16.84
CA LEU C 191 -55.23 14.01 15.66
C LEU C 191 -55.47 15.03 14.54
N GLN C 192 -54.39 15.69 14.14
CA GLN C 192 -54.43 16.70 13.09
C GLN C 192 -53.05 16.80 12.48
N ASN C 193 -52.98 16.71 11.16
CA ASN C 193 -51.68 16.70 10.48
C ASN C 193 -51.01 18.06 10.60
N PHE C 194 -49.73 18.05 10.95
CA PHE C 194 -48.93 19.25 11.07
C PHE C 194 -47.52 18.92 10.61
N GLU C 195 -46.76 19.97 10.26
CA GLU C 195 -45.43 19.80 9.72
C GLU C 195 -44.43 20.53 10.60
N LEU C 196 -43.54 19.77 11.24
CA LEU C 196 -42.46 20.37 12.02
C LEU C 196 -41.48 21.07 11.09
N GLN C 197 -40.88 22.14 11.61
CA GLN C 197 -39.82 22.81 10.88
C GLN C 197 -38.60 21.89 10.76
N PRO C 198 -37.87 21.96 9.66
CA PRO C 198 -36.72 21.07 9.47
C PRO C 198 -35.64 21.33 10.52
N LYS C 199 -34.79 20.33 10.70
CA LYS C 199 -33.75 20.25 11.74
C LYS C 199 -34.34 20.22 13.15
N LEU C 200 -35.65 20.05 13.29
CA LEU C 200 -36.29 19.78 14.57
C LEU C 200 -36.86 18.37 14.64
N LYS C 201 -37.57 17.94 13.60
CA LYS C 201 -38.05 16.56 13.57
C LYS C 201 -36.90 15.58 13.43
N GLN C 202 -35.79 15.99 12.82
CA GLN C 202 -34.65 15.10 12.65
C GLN C 202 -34.02 14.74 13.98
N VAL C 203 -33.72 15.74 14.80
CA VAL C 203 -33.08 15.48 16.10
C VAL C 203 -34.05 14.77 17.03
N PHE C 204 -35.34 15.14 16.97
CA PHE C 204 -36.36 14.45 17.76
C PHE C 204 -36.43 12.97 17.41
N GLY C 205 -36.46 12.67 16.10
CA GLY C 205 -36.53 11.29 15.67
C GLY C 205 -35.30 10.50 16.05
N LYS C 206 -34.11 11.09 15.86
CA LYS C 206 -32.88 10.38 16.21
C LYS C 206 -32.79 10.14 17.71
N GLY C 207 -33.18 11.12 18.52
CA GLY C 207 -33.17 10.92 19.96
C GLY C 207 -34.15 9.85 20.41
N LEU C 208 -35.37 9.87 19.86
CA LEU C 208 -36.34 8.85 20.23
C LEU C 208 -35.87 7.47 19.81
N ILE C 209 -35.28 7.36 18.62
CA ILE C 209 -34.80 6.06 18.14
C ILE C 209 -33.67 5.55 19.02
N LYS C 210 -32.73 6.43 19.39
CA LYS C 210 -31.64 6.01 20.24
C LYS C 210 -32.15 5.56 21.61
N ALA C 211 -33.10 6.33 22.18
CA ALA C 211 -33.62 5.99 23.50
C ALA C 211 -34.40 4.68 23.47
N ALA C 212 -35.11 4.39 22.39
CA ALA C 212 -35.90 3.17 22.32
C ALA C 212 -35.11 1.98 21.77
N MET C 213 -33.91 2.20 21.25
CA MET C 213 -33.10 1.11 20.73
C MET C 213 -32.00 0.67 21.68
N THR C 214 -31.28 1.62 22.28
CA THR C 214 -30.25 1.22 23.25
C THR C 214 -30.84 0.58 24.49
N THR C 215 -32.11 0.83 24.77
CA THR C 215 -32.82 0.21 25.88
C THR C 215 -34.03 -0.54 25.34
N GLY C 216 -34.30 -1.71 25.91
CA GLY C 216 -35.49 -2.45 25.53
C GLY C 216 -36.73 -1.66 25.89
N ALA C 217 -37.41 -1.14 24.87
CA ALA C 217 -38.49 -0.19 25.09
C ALA C 217 -39.72 -0.56 24.27
N TRP C 218 -40.88 -0.24 24.81
CA TRP C 218 -42.15 -0.36 24.12
C TRP C 218 -42.70 1.03 23.85
N ILE C 219 -42.99 1.33 22.60
CA ILE C 219 -43.50 2.63 22.20
C ILE C 219 -44.98 2.49 21.91
N PHE C 220 -45.82 3.11 22.73
CA PHE C 220 -47.24 3.16 22.48
C PHE C 220 -47.56 4.39 21.64
N THR C 221 -48.31 4.20 20.57
CA THR C 221 -48.62 5.28 19.64
C THR C 221 -50.05 5.12 19.13
N GLY C 222 -50.55 6.18 18.50
CA GLY C 222 -51.90 6.13 17.96
C GLY C 222 -52.07 5.08 16.88
N GLY C 223 -51.10 4.98 15.98
CA GLY C 223 -51.11 3.94 14.98
C GLY C 223 -51.62 4.38 13.62
N VAL C 224 -52.69 5.15 13.60
CA VAL C 224 -53.24 5.62 12.34
C VAL C 224 -52.37 6.75 11.81
N ASN C 225 -52.22 6.80 10.49
CA ASN C 225 -51.27 7.71 9.87
C ASN C 225 -51.77 9.15 9.91
N THR C 226 -51.74 9.77 11.09
CA THR C 226 -52.18 11.15 11.24
C THR C 226 -51.36 11.84 12.32
N GLY C 227 -50.89 13.04 12.04
CA GLY C 227 -50.26 13.84 13.07
C GLY C 227 -48.92 13.30 13.50
N VAL C 228 -48.73 13.18 14.81
CA VAL C 228 -47.44 12.77 15.37
C VAL C 228 -47.09 11.34 14.99
N ILE C 229 -48.09 10.48 14.80
CA ILE C 229 -47.83 9.08 14.46
C ILE C 229 -47.13 8.99 13.12
N ARG C 230 -47.47 9.86 12.18
CA ARG C 230 -46.74 9.92 10.92
C ARG C 230 -45.28 10.29 11.15
N HIS C 231 -45.03 11.22 12.07
CA HIS C 231 -43.65 11.63 12.34
C HIS C 231 -42.84 10.50 12.96
N VAL C 232 -43.43 9.75 13.90
CA VAL C 232 -42.68 8.65 14.49
C VAL C 232 -42.51 7.52 13.48
N GLY C 233 -43.46 7.34 12.57
CA GLY C 233 -43.27 6.38 11.48
C GLY C 233 -42.12 6.77 10.57
N ASP C 234 -42.03 8.06 10.24
CA ASP C 234 -40.90 8.54 9.45
C ASP C 234 -39.59 8.36 10.19
N ALA C 235 -39.59 8.61 11.51
CA ALA C 235 -38.39 8.43 12.30
C ALA C 235 -37.95 6.95 12.32
N LEU C 236 -38.91 6.04 12.45
CA LEU C 236 -38.60 4.62 12.37
C LEU C 236 -38.05 4.25 11.01
N LYS C 237 -38.64 4.80 9.94
CA LYS C 237 -38.15 4.52 8.60
C LYS C 237 -36.80 5.16 8.32
N ASP C 238 -36.40 6.16 9.10
CA ASP C 238 -35.09 6.79 8.96
C ASP C 238 -34.06 6.17 9.89
N HIS C 239 -34.36 5.02 10.49
CA HIS C 239 -33.41 4.26 11.29
C HIS C 239 -33.20 2.84 10.78
N ALA C 240 -34.26 2.19 10.29
CA ALA C 240 -34.12 0.85 9.75
C ALA C 240 -33.28 0.81 8.48
N SER C 241 -33.11 1.95 7.82
CA SER C 241 -32.23 2.06 6.66
C SER C 241 -30.79 2.34 7.03
N LYS C 242 -30.48 2.49 8.33
CA LYS C 242 -29.12 2.75 8.77
C LYS C 242 -28.66 1.86 9.92
N SER C 243 -29.56 1.23 10.66
CA SER C 243 -29.19 0.43 11.82
C SER C 243 -29.96 -0.89 11.80
N ARG C 244 -29.49 -1.82 12.63
CA ARG C 244 -30.06 -3.15 12.73
C ARG C 244 -31.06 -3.20 13.87
N GLY C 245 -31.52 -4.41 14.21
CA GLY C 245 -32.42 -4.60 15.32
C GLY C 245 -33.86 -4.24 14.99
N LYS C 246 -34.70 -4.31 16.01
CA LYS C 246 -36.12 -4.01 15.87
C LYS C 246 -36.58 -3.17 17.05
N ILE C 247 -37.66 -2.43 16.83
CA ILE C 247 -38.31 -1.63 17.87
C ILE C 247 -39.74 -2.12 17.99
N CYS C 248 -40.12 -2.54 19.20
CA CYS C 248 -41.47 -3.06 19.44
C CYS C 248 -42.43 -1.87 19.57
N THR C 249 -42.90 -1.39 18.42
CA THR C 249 -43.73 -0.19 18.37
C THR C 249 -45.20 -0.61 18.32
N ILE C 250 -45.72 -0.99 19.48
CA ILE C 250 -47.11 -1.40 19.58
C ILE C 250 -48.01 -0.21 19.32
N GLY C 251 -48.99 -0.38 18.44
CA GLY C 251 -49.91 0.69 18.14
C GLY C 251 -51.34 0.36 18.52
N ILE C 252 -51.99 1.27 19.24
CA ILE C 252 -53.37 1.09 19.66
C ILE C 252 -54.23 2.06 18.88
N ALA C 253 -54.94 1.57 17.88
CA ALA C 253 -55.74 2.40 16.99
C ALA C 253 -57.19 1.96 17.01
N PRO C 254 -58.14 2.90 16.93
CA PRO C 254 -59.55 2.52 16.90
C PRO C 254 -59.89 1.80 15.61
N TRP C 255 -60.71 0.76 15.74
CA TRP C 255 -61.05 -0.08 14.59
C TRP C 255 -61.96 0.65 13.61
N GLY C 256 -62.81 1.54 14.09
CA GLY C 256 -63.76 2.20 13.22
C GLY C 256 -63.20 3.27 12.33
N ILE C 257 -61.93 3.63 12.48
CA ILE C 257 -61.32 4.68 11.66
C ILE C 257 -60.41 4.11 10.58
N VAL C 258 -60.14 2.80 10.60
CA VAL C 258 -59.33 2.18 9.56
C VAL C 258 -60.04 2.30 8.23
N GLU C 259 -59.29 2.73 7.20
CA GLU C 259 -59.90 2.93 5.89
C GLU C 259 -60.38 1.61 5.29
N ASN C 260 -59.68 0.51 5.56
CA ASN C 260 -60.11 -0.81 5.13
C ASN C 260 -60.43 -1.62 6.37
N GLN C 261 -61.65 -1.46 6.88
CA GLN C 261 -62.13 -2.34 7.95
C GLN C 261 -62.26 -3.77 7.45
N GLU C 262 -62.63 -3.94 6.18
CA GLU C 262 -62.59 -5.23 5.54
C GLU C 262 -61.17 -5.55 5.09
N ASP C 263 -61.01 -6.67 4.40
CA ASP C 263 -59.71 -7.19 3.96
C ASP C 263 -58.77 -7.47 5.13
N LEU C 264 -59.34 -7.68 6.32
CA LEU C 264 -58.56 -8.03 7.50
C LEU C 264 -59.24 -9.14 8.30
N ILE C 265 -60.19 -9.86 7.71
CA ILE C 265 -61.03 -10.78 8.46
C ILE C 265 -60.50 -12.20 8.48
N GLY C 266 -59.55 -12.55 7.62
CA GLY C 266 -58.99 -13.88 7.62
C GLY C 266 -58.18 -14.19 8.87
N ARG C 267 -58.73 -15.05 9.74
CA ARG C 267 -58.08 -15.33 11.01
C ARG C 267 -56.86 -16.20 10.81
N ASP C 268 -55.75 -15.80 11.45
CA ASP C 268 -54.48 -16.54 11.42
C ASP C 268 -53.98 -16.74 9.99
N VAL C 269 -54.16 -15.73 9.14
CA VAL C 269 -53.70 -15.79 7.76
C VAL C 269 -53.03 -14.46 7.42
N VAL C 270 -52.14 -14.51 6.43
CA VAL C 270 -51.43 -13.32 5.97
C VAL C 270 -52.32 -12.57 4.98
N ARG C 271 -52.69 -11.35 5.34
CA ARG C 271 -53.57 -10.54 4.51
C ARG C 271 -52.79 -9.32 3.99
N PRO C 272 -52.67 -9.15 2.67
CA PRO C 272 -51.98 -7.97 2.15
C PRO C 272 -52.75 -6.69 2.47
N TYR C 273 -52.02 -5.60 2.62
CA TYR C 273 -52.62 -4.30 2.87
C TYR C 273 -51.90 -3.25 2.04
N GLN C 274 -52.67 -2.34 1.47
CA GLN C 274 -52.13 -1.27 0.62
C GLN C 274 -52.02 0.01 1.44
N THR C 275 -50.84 0.61 1.44
CA THR C 275 -50.58 1.80 2.24
C THR C 275 -51.08 3.09 1.58
N MET C 276 -51.57 3.01 0.35
CA MET C 276 -52.08 4.20 -0.32
C MET C 276 -53.51 4.49 0.12
N SER C 277 -53.78 5.76 0.40
CA SER C 277 -55.10 6.21 0.82
C SER C 277 -55.48 7.48 0.06
N ASN C 278 -56.79 7.68 -0.10
CA ASN C 278 -57.33 8.83 -0.80
C ASN C 278 -57.84 9.88 0.19
N PRO C 279 -57.58 11.15 -0.07
CA PRO C 279 -58.02 12.20 0.86
C PRO C 279 -59.53 12.26 1.06
N MET C 280 -60.31 11.90 0.04
CA MET C 280 -61.76 11.98 0.12
C MET C 280 -62.39 10.75 0.78
N SER C 281 -61.59 9.78 1.19
CA SER C 281 -62.12 8.56 1.80
C SER C 281 -62.71 8.78 3.18
N LYS C 282 -62.47 9.95 3.79
CA LYS C 282 -62.99 10.33 5.10
C LYS C 282 -62.46 9.43 6.23
N LEU C 283 -61.53 8.55 5.91
CA LEU C 283 -60.93 7.67 6.90
C LEU C 283 -59.40 7.78 6.83
N THR C 284 -58.70 6.90 7.54
CA THR C 284 -57.25 6.92 7.56
C THR C 284 -56.70 5.51 7.41
N VAL C 285 -55.49 5.42 6.87
CA VAL C 285 -54.81 4.14 6.65
C VAL C 285 -53.87 3.89 7.82
N LEU C 286 -53.83 2.64 8.28
CA LEU C 286 -52.92 2.28 9.35
C LEU C 286 -51.48 2.46 8.91
N ASN C 287 -50.70 3.14 9.74
CA ASN C 287 -49.31 3.44 9.39
C ASN C 287 -48.49 2.17 9.32
N SER C 288 -47.55 2.14 8.38
CA SER C 288 -46.59 1.05 8.31
C SER C 288 -45.52 1.28 9.36
N MET C 289 -44.47 0.46 9.34
CA MET C 289 -43.34 0.52 10.26
C MET C 289 -43.75 0.29 11.72
N HIS C 290 -44.97 -0.19 11.96
CA HIS C 290 -45.41 -0.56 13.29
C HIS C 290 -45.25 -2.06 13.47
N SER C 291 -44.64 -2.47 14.58
CA SER C 291 -44.34 -3.89 14.76
C SER C 291 -45.59 -4.70 15.10
N HIS C 292 -46.53 -4.12 15.85
CA HIS C 292 -47.74 -4.84 16.24
C HIS C 292 -48.91 -3.87 16.16
N PHE C 293 -50.10 -4.38 16.45
CA PHE C 293 -51.30 -3.55 16.44
C PHE C 293 -52.28 -4.09 17.47
N ILE C 294 -53.13 -3.20 17.98
CA ILE C 294 -54.27 -3.55 18.81
C ILE C 294 -55.44 -2.68 18.37
N LEU C 295 -56.51 -3.30 17.88
CA LEU C 295 -57.65 -2.58 17.37
C LEU C 295 -58.77 -2.59 18.41
N ALA C 296 -59.26 -1.40 18.75
CA ALA C 296 -60.33 -1.24 19.73
C ALA C 296 -61.59 -0.77 19.03
N ASP C 297 -62.69 -1.49 19.25
CA ASP C 297 -63.96 -1.19 18.62
C ASP C 297 -65.08 -1.20 19.64
N ASN C 298 -66.01 -0.26 19.50
CA ASN C 298 -67.21 -0.20 20.33
C ASN C 298 -68.46 -0.05 19.45
N GLY C 299 -68.41 -0.59 18.24
CA GLY C 299 -69.55 -0.58 17.35
C GLY C 299 -69.68 0.65 16.48
N THR C 300 -68.86 1.69 16.71
CA THR C 300 -68.95 2.89 15.92
C THR C 300 -68.15 2.74 14.63
N THR C 301 -68.17 3.79 13.82
CA THR C 301 -67.39 3.84 12.59
C THR C 301 -67.11 5.29 12.27
N GLY C 302 -65.83 5.63 12.12
CA GLY C 302 -65.44 6.99 11.82
C GLY C 302 -65.32 7.91 13.02
N LYS C 303 -65.26 7.38 14.23
CA LYS C 303 -65.12 8.18 15.43
C LYS C 303 -64.01 7.62 16.30
N TYR C 304 -63.31 8.52 16.99
CA TYR C 304 -62.21 8.17 17.89
C TYR C 304 -62.75 7.96 19.30
N GLY C 305 -61.85 7.92 20.28
CA GLY C 305 -62.22 7.88 21.68
C GLY C 305 -62.56 6.51 22.22
N ALA C 306 -62.46 5.46 21.42
CA ALA C 306 -62.78 4.12 21.86
C ALA C 306 -61.57 3.35 22.39
N GLU C 307 -60.38 3.95 22.36
CA GLU C 307 -59.17 3.27 22.78
C GLU C 307 -58.43 3.98 23.90
N VAL C 308 -58.82 5.20 24.27
CA VAL C 308 -58.10 5.92 25.32
C VAL C 308 -58.21 5.18 26.64
N LYS C 309 -59.40 4.68 26.97
CA LYS C 309 -59.56 3.89 28.19
C LYS C 309 -58.72 2.63 28.14
N LEU C 310 -58.72 1.95 26.99
CA LEU C 310 -57.93 0.73 26.86
C LEU C 310 -56.44 1.01 27.03
N ARG C 311 -55.95 2.06 26.38
CA ARG C 311 -54.53 2.38 26.49
C ARG C 311 -54.14 2.77 27.91
N ARG C 312 -54.97 3.59 28.56
CA ARG C 312 -54.65 4.00 29.92
C ARG C 312 -54.67 2.82 30.89
N GLN C 313 -55.64 1.92 30.74
CA GLN C 313 -55.68 0.74 31.59
C GLN C 313 -54.49 -0.17 31.34
N LEU C 314 -54.09 -0.32 30.07
CA LEU C 314 -52.92 -1.14 29.76
C LEU C 314 -51.66 -0.55 30.37
N GLU C 315 -51.49 0.77 30.29
CA GLU C 315 -50.32 1.40 30.90
C GLU C 315 -50.34 1.22 32.42
N LYS C 316 -51.50 1.40 33.04
CA LYS C 316 -51.58 1.24 34.49
C LYS C 316 -51.25 -0.18 34.91
N HIS C 317 -51.71 -1.17 34.15
CA HIS C 317 -51.40 -2.56 34.50
C HIS C 317 -49.94 -2.88 34.25
N ILE C 318 -49.34 -2.30 33.21
CA ILE C 318 -47.93 -2.59 32.93
C ILE C 318 -47.03 -1.96 33.99
N SER C 319 -47.34 -0.74 34.43
CA SER C 319 -46.50 -0.08 35.43
C SER C 319 -46.51 -0.80 36.77
N LEU C 320 -47.51 -1.63 37.04
CA LEU C 320 -47.54 -2.42 38.27
C LEU C 320 -46.78 -3.73 38.16
N GLN C 321 -46.34 -4.11 36.96
CA GLN C 321 -45.58 -5.34 36.81
C GLN C 321 -44.20 -5.18 37.42
N LYS C 322 -43.58 -6.32 37.75
CA LYS C 322 -42.30 -6.34 38.42
C LYS C 322 -41.20 -6.64 37.42
N ILE C 323 -40.23 -5.74 37.32
CA ILE C 323 -39.05 -5.94 36.48
C ILE C 323 -38.15 -6.95 37.19
N ASN C 324 -37.14 -7.46 36.48
CA ASN C 324 -36.33 -8.56 37.01
C ASN C 324 -35.54 -8.19 38.25
N THR C 325 -35.34 -6.89 38.53
CA THR C 325 -34.62 -6.49 39.72
C THR C 325 -35.44 -6.80 40.96
N ARG C 326 -34.76 -7.29 42.00
CA ARG C 326 -35.40 -7.72 43.23
C ARG C 326 -35.50 -6.63 44.29
N ILE C 327 -35.09 -5.40 43.97
CA ILE C 327 -35.21 -4.31 44.94
C ILE C 327 -36.68 -3.98 45.17
N GLY C 328 -37.49 -3.96 44.12
CA GLY C 328 -38.91 -3.75 44.28
C GLY C 328 -39.51 -2.70 43.38
N GLN C 329 -38.76 -2.25 42.36
CA GLN C 329 -39.26 -1.24 41.46
C GLN C 329 -39.99 -1.87 40.28
N GLY C 330 -41.03 -1.16 39.81
CA GLY C 330 -41.76 -1.59 38.64
C GLY C 330 -41.20 -0.98 37.37
N VAL C 331 -41.87 -1.28 36.26
CA VAL C 331 -41.44 -0.78 34.95
C VAL C 331 -41.69 0.72 34.90
N PRO C 332 -40.67 1.53 34.67
CA PRO C 332 -40.87 2.98 34.61
C PRO C 332 -41.66 3.38 33.36
N VAL C 333 -42.46 4.43 33.51
CA VAL C 333 -43.33 4.92 32.45
C VAL C 333 -43.03 6.40 32.23
N VAL C 334 -42.88 6.79 30.98
CA VAL C 334 -42.69 8.18 30.60
C VAL C 334 -43.68 8.49 29.49
N ALA C 335 -44.05 9.77 29.38
CA ALA C 335 -45.00 10.22 28.37
C ALA C 335 -44.38 11.37 27.59
N LEU C 336 -44.43 11.27 26.27
CA LEU C 336 -43.89 12.28 25.38
C LEU C 336 -45.04 13.05 24.74
N ILE C 337 -44.96 14.38 24.80
CA ILE C 337 -46.02 15.25 24.30
C ILE C 337 -45.45 16.15 23.22
N VAL C 338 -46.10 16.15 22.06
CA VAL C 338 -45.75 17.07 20.97
C VAL C 338 -47.01 17.28 20.14
N GLU C 339 -47.34 18.56 19.89
CA GLU C 339 -48.55 18.94 19.16
C GLU C 339 -49.80 18.35 19.83
N GLY C 340 -50.04 18.80 21.05
CA GLY C 340 -51.03 18.16 21.90
C GLY C 340 -52.48 18.32 21.51
N GLY C 341 -53.02 19.53 21.62
CA GLY C 341 -54.42 19.78 21.37
C GLY C 341 -55.16 20.22 22.61
N PRO C 342 -56.49 20.30 22.53
CA PRO C 342 -57.26 20.71 23.71
C PRO C 342 -57.34 19.63 24.78
N ASN C 343 -57.50 18.37 24.38
CA ASN C 343 -57.63 17.28 25.34
C ASN C 343 -56.29 16.90 25.96
N VAL C 344 -55.17 17.34 25.37
CA VAL C 344 -53.86 16.94 25.88
C VAL C 344 -53.63 17.51 27.26
N ILE C 345 -54.22 18.67 27.58
CA ILE C 345 -54.06 19.22 28.92
C ILE C 345 -54.77 18.34 29.94
N SER C 346 -55.94 17.82 29.57
CA SER C 346 -56.65 16.90 30.44
C SER C 346 -55.87 15.60 30.65
N ILE C 347 -55.30 15.05 29.57
CA ILE C 347 -54.57 13.80 29.75
C ILE C 347 -53.26 14.02 30.51
N VAL C 348 -52.63 15.19 30.33
CA VAL C 348 -51.44 15.50 31.11
C VAL C 348 -51.80 15.63 32.59
N LEU C 349 -52.91 16.30 32.90
CA LEU C 349 -53.33 16.42 34.29
C LEU C 349 -53.64 15.06 34.89
N GLU C 350 -54.33 14.19 34.15
CA GLU C 350 -54.64 12.88 34.70
C GLU C 350 -53.41 11.99 34.79
N TYR C 351 -52.39 12.24 33.98
CA TYR C 351 -51.10 11.58 34.19
C TYR C 351 -50.44 12.07 35.48
N LEU C 352 -50.44 13.39 35.70
CA LEU C 352 -49.72 13.97 36.83
C LEU C 352 -50.39 13.69 38.16
N ARG C 353 -51.67 13.33 38.17
CA ARG C 353 -52.40 13.11 39.42
C ARG C 353 -52.42 11.65 39.85
N ASP C 354 -51.76 10.76 39.11
CA ASP C 354 -51.72 9.36 39.50
C ASP C 354 -50.82 9.18 40.72
N THR C 355 -51.14 8.18 41.54
CA THR C 355 -50.37 7.93 42.75
C THR C 355 -48.92 7.57 42.47
N PRO C 356 -48.57 6.70 41.51
CA PRO C 356 -47.22 6.71 40.95
C PRO C 356 -47.13 7.65 39.77
N PRO C 357 -46.91 8.95 40.00
CA PRO C 357 -47.07 9.92 38.91
C PRO C 357 -46.08 9.68 37.79
N VAL C 358 -46.53 9.93 36.56
CA VAL C 358 -45.76 9.64 35.36
C VAL C 358 -45.10 10.93 34.88
N PRO C 359 -43.78 10.99 34.77
CA PRO C 359 -43.14 12.21 34.25
C PRO C 359 -43.52 12.43 32.80
N VAL C 360 -43.57 13.71 32.41
CA VAL C 360 -44.04 14.11 31.10
C VAL C 360 -42.98 14.99 30.44
N VAL C 361 -42.61 14.66 29.21
CA VAL C 361 -41.66 15.44 28.43
C VAL C 361 -42.40 16.08 27.28
N VAL C 362 -42.26 17.40 27.14
CA VAL C 362 -42.91 18.12 26.05
C VAL C 362 -41.86 18.74 25.15
N CYS C 363 -42.28 19.41 24.09
CA CYS C 363 -41.39 20.10 23.18
C CYS C 363 -41.92 21.50 22.91
N ASP C 364 -41.00 22.41 22.63
CA ASP C 364 -41.34 23.81 22.38
C ASP C 364 -41.49 24.13 20.89
N GLY C 365 -41.27 23.16 20.01
CA GLY C 365 -41.35 23.41 18.59
C GLY C 365 -42.59 22.86 17.93
N SER C 366 -43.68 22.73 18.71
CA SER C 366 -44.92 22.16 18.18
C SER C 366 -45.83 23.23 17.59
N GLY C 367 -46.25 24.20 18.39
CA GLY C 367 -47.21 25.19 17.99
C GLY C 367 -48.61 24.95 18.52
N ARG C 368 -48.89 23.75 18.98
CA ARG C 368 -50.16 23.42 19.61
C ARG C 368 -50.01 23.64 21.12
N ALA C 369 -50.90 23.05 21.92
CA ALA C 369 -50.86 23.22 23.38
C ALA C 369 -49.53 22.79 24.00
N SER C 370 -48.73 22.01 23.28
CA SER C 370 -47.36 21.76 23.71
C SER C 370 -46.57 23.06 23.78
N ASP C 371 -46.73 23.92 22.76
CA ASP C 371 -46.11 25.24 22.80
C ASP C 371 -46.68 26.09 23.92
N ILE C 372 -47.98 25.93 24.22
CA ILE C 372 -48.57 26.65 25.34
C ILE C 372 -47.94 26.19 26.66
N LEU C 373 -47.73 24.87 26.81
CA LEU C 373 -47.08 24.37 28.00
C LEU C 373 -45.64 24.88 28.12
N ALA C 374 -44.92 24.94 26.99
CA ALA C 374 -43.58 25.48 27.01
C ALA C 374 -43.58 26.96 27.40
N PHE C 375 -44.54 27.71 26.87
CA PHE C 375 -44.67 29.13 27.21
C PHE C 375 -44.98 29.32 28.69
N GLY C 376 -45.85 28.48 29.23
CA GLY C 376 -46.21 28.56 30.63
C GLY C 376 -45.19 27.98 31.59
N HIS C 377 -44.21 27.22 31.09
CA HIS C 377 -43.17 26.70 31.96
C HIS C 377 -42.37 27.82 32.59
N LYS C 378 -41.99 28.81 31.80
CA LYS C 378 -41.41 30.03 32.34
C LYS C 378 -42.48 30.84 33.06
N TYR C 379 -42.06 31.54 34.12
CA TYR C 379 -42.95 32.35 34.94
C TYR C 379 -44.08 31.50 35.53
N SER C 380 -43.68 30.56 36.38
CA SER C 380 -44.61 29.65 37.02
C SER C 380 -44.83 30.08 38.48
N GLU C 381 -45.56 29.26 39.22
CA GLU C 381 -45.85 29.52 40.63
C GLU C 381 -45.34 28.39 41.52
N VAL C 396 -50.41 38.08 34.24
CA VAL C 396 -50.25 37.53 32.91
C VAL C 396 -51.30 36.43 32.68
N THR C 397 -52.51 36.84 32.34
CA THR C 397 -53.60 35.89 32.07
C THR C 397 -54.28 36.13 30.74
N ILE C 398 -54.46 37.39 30.33
CA ILE C 398 -55.16 37.68 29.09
C ILE C 398 -54.31 37.34 27.86
N GLN C 399 -53.00 37.18 28.03
CA GLN C 399 -52.14 36.79 26.92
C GLN C 399 -52.41 35.36 26.48
N LYS C 400 -53.00 34.53 27.36
CA LYS C 400 -53.25 33.13 27.07
C LYS C 400 -54.31 32.92 26.00
N THR C 401 -55.10 33.95 25.67
CA THR C 401 -56.14 33.84 24.67
C THR C 401 -55.54 34.05 23.27
N PHE C 402 -55.64 33.03 22.42
CA PHE C 402 -55.21 33.12 21.03
C PHE C 402 -56.33 32.73 20.07
N THR C 403 -57.58 32.87 20.50
CA THR C 403 -58.77 32.37 19.78
C THR C 403 -58.70 30.87 19.54
N TYR C 404 -57.92 30.15 20.34
CA TYR C 404 -57.79 28.71 20.23
C TYR C 404 -58.95 27.97 20.90
N THR C 405 -59.70 28.66 21.77
CA THR C 405 -60.86 28.08 22.43
C THR C 405 -62.08 28.94 22.17
N ARG C 406 -63.17 28.69 22.88
CA ARG C 406 -64.41 29.44 22.72
C ARG C 406 -64.23 30.82 23.34
N THR C 407 -63.55 31.69 22.59
CA THR C 407 -63.27 33.09 22.91
C THR C 407 -62.57 33.15 24.27
N GLN C 408 -62.69 34.28 24.96
CA GLN C 408 -62.24 34.39 26.35
C GLN C 408 -63.27 33.85 27.33
N ALA C 409 -64.50 33.57 26.86
CA ALA C 409 -65.52 33.02 27.74
C ALA C 409 -65.14 31.64 28.24
N GLN C 410 -64.61 30.79 27.37
CA GLN C 410 -64.15 29.46 27.74
C GLN C 410 -62.64 29.44 27.75
N HIS C 411 -62.06 28.92 28.83
CA HIS C 411 -60.62 28.85 28.98
C HIS C 411 -60.26 27.62 29.80
N LEU C 412 -59.09 27.06 29.50
CA LEU C 412 -58.50 26.00 30.31
C LEU C 412 -57.35 26.51 31.16
N PHE C 413 -57.33 27.81 31.44
CA PHE C 413 -56.20 28.42 32.12
C PHE C 413 -56.08 27.96 33.57
N ILE C 414 -57.20 27.68 34.24
CA ILE C 414 -57.14 27.20 35.62
C ILE C 414 -56.49 25.83 35.69
N ILE C 415 -56.88 24.92 34.78
CA ILE C 415 -56.29 23.59 34.78
C ILE C 415 -54.84 23.65 34.29
N LEU C 416 -54.54 24.59 33.40
CA LEU C 416 -53.15 24.78 32.98
C LEU C 416 -52.29 25.26 34.14
N MET C 417 -52.82 26.16 34.97
CA MET C 417 -52.10 26.60 36.14
C MET C 417 -51.95 25.50 37.17
N GLU C 418 -52.93 24.60 37.28
CA GLU C 418 -52.75 23.44 38.15
C GLU C 418 -51.62 22.55 37.66
N CYS C 419 -51.58 22.29 36.36
CA CYS C 419 -50.48 21.50 35.79
C CYS C 419 -49.14 22.18 35.99
N MET C 420 -49.09 23.51 35.82
CA MET C 420 -47.86 24.25 36.07
C MET C 420 -47.51 24.29 37.55
N LYS C 421 -48.49 24.15 38.44
CA LYS C 421 -48.21 23.96 39.85
C LYS C 421 -47.52 22.63 40.09
N LYS C 422 -47.92 21.60 39.34
CA LYS C 422 -47.29 20.28 39.44
C LYS C 422 -46.06 20.14 38.56
N LYS C 423 -45.37 21.24 38.24
CA LYS C 423 -44.28 21.26 37.27
C LYS C 423 -43.02 20.57 37.75
N GLU C 424 -43.02 19.91 38.91
CA GLU C 424 -41.80 19.24 39.37
C GLU C 424 -41.43 18.08 38.46
N LEU C 425 -42.41 17.45 37.82
CA LEU C 425 -42.16 16.29 36.98
C LEU C 425 -42.06 16.61 35.50
N ILE C 426 -42.67 17.70 35.05
CA ILE C 426 -42.61 18.08 33.64
C ILE C 426 -41.18 18.50 33.30
N THR C 427 -40.64 17.93 32.23
CA THR C 427 -39.29 18.25 31.77
C THR C 427 -39.38 18.72 30.33
N VAL C 428 -39.40 20.03 30.14
CA VAL C 428 -39.54 20.58 28.80
C VAL C 428 -38.23 20.46 28.04
N PHE C 429 -38.31 20.62 26.73
CA PHE C 429 -37.15 20.47 25.85
C PHE C 429 -37.15 21.61 24.84
N ARG C 430 -35.99 22.27 24.71
CA ARG C 430 -35.82 23.36 23.75
C ARG C 430 -34.55 23.09 22.95
N MET C 431 -34.61 23.36 21.65
CA MET C 431 -33.50 23.05 20.76
C MET C 431 -32.33 23.98 20.97
N GLY C 432 -31.39 23.59 21.83
CA GLY C 432 -30.16 24.32 22.02
C GLY C 432 -30.23 25.51 22.96
N SER C 433 -31.42 25.96 23.33
CA SER C 433 -31.54 27.10 24.23
C SER C 433 -31.21 26.74 25.67
N GLU C 434 -31.32 25.46 26.02
CA GLU C 434 -31.09 25.02 27.40
C GLU C 434 -30.11 23.86 27.44
N GLY C 435 -29.92 23.27 28.62
CA GLY C 435 -29.17 22.05 28.73
C GLY C 435 -29.97 20.84 28.28
N HIS C 436 -29.29 19.70 28.21
CA HIS C 436 -29.87 18.44 27.74
C HIS C 436 -30.47 18.61 26.34
N GLN C 437 -29.59 18.92 25.38
CA GLN C 437 -30.02 19.14 24.01
C GLN C 437 -30.44 17.86 23.30
N ASP C 438 -30.21 16.70 23.90
CA ASP C 438 -30.51 15.41 23.28
C ASP C 438 -31.80 14.85 23.87
N ILE C 439 -32.69 14.38 22.99
CA ILE C 439 -33.97 13.84 23.44
C ILE C 439 -33.76 12.58 24.28
N ASP C 440 -32.88 11.68 23.83
CA ASP C 440 -32.66 10.43 24.55
C ASP C 440 -32.12 10.69 25.95
N LEU C 441 -31.23 11.67 26.09
CA LEU C 441 -30.80 12.09 27.42
C LEU C 441 -31.96 12.71 28.19
N ALA C 442 -32.77 13.51 27.52
CA ALA C 442 -33.89 14.18 28.20
C ALA C 442 -34.92 13.16 28.70
N ILE C 443 -35.25 12.17 27.87
CA ILE C 443 -36.24 11.17 28.29
C ILE C 443 -35.69 10.32 29.42
N LEU C 444 -34.45 9.87 29.31
CA LEU C 444 -33.88 8.99 30.32
C LEU C 444 -33.72 9.71 31.66
N THR C 445 -33.24 10.95 31.64
CA THR C 445 -33.07 11.70 32.88
C THR C 445 -34.41 12.02 33.54
N ALA C 446 -35.49 12.07 32.78
CA ALA C 446 -36.80 12.32 33.37
C ALA C 446 -37.21 11.20 34.31
N LEU C 447 -36.92 9.95 33.94
CA LEU C 447 -37.30 8.81 34.75
C LEU C 447 -36.48 8.73 36.04
N LEU C 448 -35.28 9.30 36.07
CA LEU C 448 -34.45 9.24 37.27
C LEU C 448 -34.90 10.27 38.30
N LYS C 449 -34.92 11.54 37.92
CA LYS C 449 -35.36 12.57 38.86
C LYS C 449 -36.85 12.47 39.14
N GLY C 450 -37.64 12.00 38.17
CA GLY C 450 -39.07 11.87 38.37
C GLY C 450 -39.46 10.73 39.28
N ALA C 451 -38.58 9.74 39.44
CA ALA C 451 -38.87 8.63 40.34
C ALA C 451 -38.82 9.06 41.79
N ASN C 452 -37.98 10.05 42.12
CA ASN C 452 -37.75 10.49 43.50
C ASN C 452 -37.36 9.32 44.40
N ALA C 453 -36.58 8.40 43.84
CA ALA C 453 -36.16 7.21 44.54
C ALA C 453 -34.73 7.36 45.04
N SER C 454 -34.29 6.37 45.81
CA SER C 454 -32.96 6.39 46.38
C SER C 454 -31.90 6.09 45.33
N ALA C 455 -30.65 6.35 45.68
CA ALA C 455 -29.54 6.08 44.76
C ALA C 455 -29.43 4.63 44.32
N PRO C 456 -29.60 3.61 45.19
CA PRO C 456 -29.55 2.22 44.68
C PRO C 456 -30.59 1.93 43.60
N ASP C 457 -31.79 2.50 43.72
CA ASP C 457 -32.81 2.28 42.69
C ASP C 457 -32.36 2.85 41.35
N GLN C 458 -31.83 4.07 41.36
CA GLN C 458 -31.37 4.68 40.12
C GLN C 458 -30.20 3.91 39.52
N LEU C 459 -29.29 3.44 40.37
CA LEU C 459 -28.16 2.65 39.87
C LEU C 459 -28.63 1.33 39.27
N SER C 460 -29.56 0.65 39.92
CA SER C 460 -30.08 -0.61 39.39
C SER C 460 -30.82 -0.39 38.07
N LEU C 461 -31.57 0.71 37.98
CA LEU C 461 -32.29 1.01 36.74
C LEU C 461 -31.31 1.28 35.61
N ALA C 462 -30.29 2.10 35.86
CA ALA C 462 -29.29 2.38 34.83
C ALA C 462 -28.50 1.14 34.46
N LEU C 463 -28.33 0.22 35.41
CA LEU C 463 -27.70 -1.06 35.10
C LEU C 463 -28.58 -1.92 34.21
N ALA C 464 -29.88 -1.92 34.46
CA ALA C 464 -30.80 -2.70 33.63
C ALA C 464 -30.86 -2.15 32.22
N TRP C 465 -30.85 -0.82 32.07
CA TRP C 465 -30.92 -0.23 30.74
C TRP C 465 -29.65 -0.40 29.93
N ASN C 466 -28.55 -0.84 30.55
CA ASN C 466 -27.24 -0.94 29.91
C ASN C 466 -26.79 0.41 29.35
N ARG C 467 -27.04 1.47 30.12
CA ARG C 467 -26.53 2.80 29.82
C ARG C 467 -25.52 3.17 30.89
N VAL C 468 -24.31 3.51 30.48
CA VAL C 468 -23.22 3.79 31.40
C VAL C 468 -23.07 5.30 31.66
N ASP C 469 -23.16 6.12 30.61
CA ASP C 469 -22.99 7.55 30.77
C ASP C 469 -24.09 8.17 31.61
N ILE C 470 -25.29 7.58 31.59
CA ILE C 470 -26.38 8.08 32.42
C ILE C 470 -26.03 7.92 33.91
N ALA C 471 -25.49 6.76 34.28
CA ALA C 471 -25.08 6.57 35.67
C ALA C 471 -23.85 7.40 36.00
N ARG C 472 -22.93 7.55 35.05
CA ARG C 472 -21.72 8.32 35.29
C ARG C 472 -22.03 9.79 35.54
N SER C 473 -22.96 10.36 34.78
CA SER C 473 -23.23 11.78 34.84
C SER C 473 -24.28 12.14 35.90
N GLN C 474 -25.43 11.47 35.88
CA GLN C 474 -26.53 11.83 36.75
C GLN C 474 -26.43 11.23 38.15
N ILE C 475 -25.98 9.98 38.24
CA ILE C 475 -26.03 9.28 39.53
C ILE C 475 -24.81 9.60 40.37
N PHE C 476 -23.62 9.24 39.88
CA PHE C 476 -22.39 9.41 40.67
C PHE C 476 -22.02 10.88 40.67
N ILE C 477 -22.56 11.61 41.65
CA ILE C 477 -22.31 13.04 41.79
C ILE C 477 -21.86 13.33 43.22
N TYR C 478 -21.69 14.62 43.53
CA TYR C 478 -21.18 15.06 44.82
C TYR C 478 -22.08 14.64 45.97
N GLY C 479 -21.60 13.74 46.81
CA GLY C 479 -22.29 13.37 48.03
C GLY C 479 -23.65 12.73 47.82
N GLN C 480 -23.68 11.56 47.20
CA GLN C 480 -24.94 10.85 47.02
C GLN C 480 -25.33 10.03 48.23
N GLN C 481 -24.43 9.83 49.19
CA GLN C 481 -24.71 9.12 50.43
C GLN C 481 -25.19 7.69 50.17
N TRP C 482 -24.30 6.90 49.59
CA TRP C 482 -24.63 5.51 49.30
C TRP C 482 -24.75 4.72 50.60
N PRO C 483 -25.85 4.00 50.82
CA PRO C 483 -25.97 3.18 52.02
C PRO C 483 -24.95 2.06 52.04
N VAL C 484 -24.63 1.62 53.25
CA VAL C 484 -23.61 0.58 53.44
C VAL C 484 -24.12 -0.74 52.86
N GLY C 485 -23.30 -1.37 52.02
CA GLY C 485 -23.65 -2.61 51.39
C GLY C 485 -24.35 -2.48 50.05
N SER C 486 -24.70 -1.27 49.64
CA SER C 486 -25.36 -1.09 48.35
C SER C 486 -24.39 -1.28 47.19
N LEU C 487 -23.18 -0.74 47.32
CA LEU C 487 -22.21 -0.83 46.23
C LEU C 487 -21.80 -2.27 45.96
N GLU C 488 -21.69 -3.09 47.02
CA GLU C 488 -21.36 -4.50 46.82
C GLU C 488 -22.45 -5.22 46.03
N GLN C 489 -23.72 -4.97 46.36
CA GLN C 489 -24.81 -5.61 45.64
C GLN C 489 -24.87 -5.13 44.20
N ALA C 490 -24.60 -3.83 43.98
CA ALA C 490 -24.54 -3.33 42.60
C ALA C 490 -23.42 -3.99 41.83
N MET C 491 -22.26 -4.18 42.47
CA MET C 491 -21.16 -4.88 41.82
C MET C 491 -21.55 -6.29 41.44
N LEU C 492 -22.20 -7.01 42.35
CA LEU C 492 -22.61 -8.38 42.05
C LEU C 492 -23.61 -8.43 40.90
N ASP C 493 -24.59 -7.52 40.91
CA ASP C 493 -25.59 -7.50 39.84
C ASP C 493 -24.97 -7.15 38.50
N ALA C 494 -24.02 -6.21 38.48
CA ALA C 494 -23.35 -5.91 37.22
C ALA C 494 -22.42 -7.03 36.80
N LEU C 495 -21.95 -7.83 37.75
CA LEU C 495 -21.03 -8.92 37.43
C LEU C 495 -21.77 -10.09 36.78
N VAL C 496 -22.94 -10.46 37.32
CA VAL C 496 -23.66 -11.60 36.76
C VAL C 496 -24.17 -11.27 35.36
N LEU C 497 -24.61 -10.03 35.14
CA LEU C 497 -25.24 -9.64 33.89
C LEU C 497 -24.26 -9.32 32.78
N ASP C 498 -22.95 -9.47 33.01
CA ASP C 498 -21.91 -9.18 32.03
C ASP C 498 -21.98 -7.73 31.57
N ARG C 499 -21.76 -6.83 32.52
CA ARG C 499 -21.70 -5.39 32.26
C ARG C 499 -20.28 -4.93 32.63
N VAL C 500 -19.39 -4.91 31.64
CA VAL C 500 -18.00 -4.54 31.90
C VAL C 500 -17.89 -3.08 32.30
N ASP C 501 -18.65 -2.21 31.63
CA ASP C 501 -18.55 -0.78 31.90
C ASP C 501 -18.97 -0.46 33.33
N PHE C 502 -20.01 -1.11 33.84
CA PHE C 502 -20.45 -0.85 35.20
C PHE C 502 -19.45 -1.40 36.22
N VAL C 503 -18.82 -2.55 35.93
CA VAL C 503 -17.79 -3.05 36.81
C VAL C 503 -16.62 -2.08 36.88
N LYS C 504 -16.20 -1.56 35.72
CA LYS C 504 -15.11 -0.59 35.69
C LYS C 504 -15.48 0.67 36.46
N LEU C 505 -16.69 1.17 36.26
CA LEU C 505 -17.12 2.40 36.93
C LEU C 505 -17.20 2.20 38.44
N LEU C 506 -17.72 1.05 38.89
CA LEU C 506 -17.81 0.79 40.32
C LEU C 506 -16.43 0.64 40.95
N ILE C 507 -15.49 0.02 40.23
CA ILE C 507 -14.13 -0.05 40.74
C ILE C 507 -13.52 1.35 40.85
N GLU C 508 -13.77 2.19 39.85
CA GLU C 508 -13.23 3.54 39.87
C GLU C 508 -13.89 4.45 40.90
N ASN C 509 -14.98 4.01 41.54
CA ASN C 509 -15.72 4.85 42.45
C ASN C 509 -15.88 4.21 43.83
N GLY C 510 -14.80 3.62 44.35
CA GLY C 510 -14.70 3.25 45.74
C GLY C 510 -14.80 1.77 46.04
N VAL C 511 -15.39 0.97 45.15
CA VAL C 511 -15.55 -0.45 45.41
C VAL C 511 -14.19 -1.15 45.26
N SER C 512 -13.80 -1.90 46.28
CA SER C 512 -12.55 -2.62 46.27
C SER C 512 -12.82 -4.10 46.03
N MET C 513 -12.10 -4.69 45.08
CA MET C 513 -12.37 -6.08 44.71
C MET C 513 -11.90 -7.05 45.78
N HIS C 514 -10.85 -6.71 46.52
CA HIS C 514 -10.36 -7.60 47.56
C HIS C 514 -11.40 -7.78 48.67
N ARG C 515 -12.05 -6.69 49.08
CA ARG C 515 -13.04 -6.77 50.14
C ARG C 515 -14.35 -7.36 49.64
N PHE C 516 -14.73 -7.07 48.38
CA PHE C 516 -16.02 -7.51 47.87
C PHE C 516 -16.06 -9.02 47.69
N LEU C 517 -15.02 -9.60 47.11
CA LEU C 517 -15.05 -11.01 46.77
C LEU C 517 -14.93 -11.87 48.03
N THR C 518 -15.66 -12.97 48.04
CA THR C 518 -15.60 -13.94 49.13
C THR C 518 -15.98 -15.30 48.57
N ILE C 519 -15.94 -16.32 49.42
CA ILE C 519 -16.26 -17.67 48.98
C ILE C 519 -17.71 -17.78 48.56
N SER C 520 -18.62 -17.22 49.37
CA SER C 520 -20.04 -17.33 49.09
C SER C 520 -20.43 -16.56 47.83
N ARG C 521 -19.89 -15.35 47.66
CA ARG C 521 -20.24 -14.56 46.49
C ARG C 521 -19.73 -15.20 45.21
N LEU C 522 -18.50 -15.72 45.23
CA LEU C 522 -18.00 -16.44 44.06
C LEU C 522 -18.81 -17.70 43.80
N GLU C 523 -19.21 -18.41 44.86
CA GLU C 523 -20.01 -19.61 44.69
C GLU C 523 -21.34 -19.30 44.03
N GLU C 524 -21.99 -18.21 44.45
CA GLU C 524 -23.23 -17.81 43.81
C GLU C 524 -22.99 -17.25 42.41
N LEU C 525 -21.81 -16.69 42.17
CA LEU C 525 -21.49 -16.18 40.84
C LEU C 525 -21.29 -17.30 39.84
N TYR C 526 -20.84 -18.47 40.30
CA TYR C 526 -20.65 -19.60 39.40
C TYR C 526 -21.94 -20.29 39.01
N ASN C 527 -23.05 -20.05 39.72
CA ASN C 527 -24.32 -20.68 39.43
C ASN C 527 -25.34 -19.71 38.86
N THR C 528 -24.91 -18.58 38.35
CA THR C 528 -25.83 -17.61 37.79
C THR C 528 -26.37 -18.09 36.45
N ARG C 529 -27.43 -17.41 35.99
CA ARG C 529 -28.06 -17.74 34.72
C ARG C 529 -28.24 -16.55 33.79
N HIS C 530 -28.12 -15.32 34.29
CA HIS C 530 -28.42 -14.12 33.49
C HIS C 530 -27.19 -13.74 32.66
N GLY C 531 -26.88 -14.58 31.68
CA GLY C 531 -25.75 -14.33 30.82
C GLY C 531 -25.76 -15.18 29.57
N PRO C 532 -24.72 -15.06 28.75
CA PRO C 532 -24.63 -15.88 27.54
C PRO C 532 -24.46 -17.35 27.88
N SER C 533 -24.87 -18.19 26.93
CA SER C 533 -24.80 -19.63 27.12
C SER C 533 -23.36 -20.07 27.31
N ASN C 534 -23.16 -21.00 28.24
CA ASN C 534 -21.84 -21.43 28.65
C ASN C 534 -21.76 -22.95 28.68
N THR C 535 -20.53 -23.46 28.61
CA THR C 535 -20.29 -24.89 28.56
C THR C 535 -19.76 -25.43 29.89
N LEU C 536 -20.10 -24.78 30.99
CA LEU C 536 -19.59 -25.22 32.29
C LEU C 536 -20.33 -26.45 32.80
N TYR C 537 -21.63 -26.54 32.52
CA TYR C 537 -22.42 -27.63 33.10
C TYR C 537 -22.05 -28.97 32.51
N HIS C 538 -21.76 -29.02 31.21
CA HIS C 538 -21.35 -30.28 30.59
C HIS C 538 -20.02 -30.76 31.18
N LEU C 539 -19.08 -29.85 31.37
CA LEU C 539 -17.81 -30.22 31.99
C LEU C 539 -18.02 -30.70 33.43
N VAL C 540 -18.88 -30.01 34.19
CA VAL C 540 -19.07 -30.38 35.59
C VAL C 540 -19.88 -31.66 35.72
N ARG C 541 -20.63 -32.05 34.69
CA ARG C 541 -21.31 -33.33 34.71
C ARG C 541 -20.46 -34.47 34.17
N ASP C 542 -19.45 -34.16 33.36
CA ASP C 542 -18.53 -35.19 32.88
C ASP C 542 -17.39 -35.45 33.85
N VAL C 543 -17.04 -34.49 34.71
CA VAL C 543 -15.91 -34.65 35.61
C VAL C 543 -16.31 -35.39 36.88
N LYS C 544 -17.43 -35.01 37.50
CA LYS C 544 -17.81 -35.57 38.79
C LYS C 544 -18.08 -37.07 38.71
N LYS C 545 -19.10 -37.47 37.97
CA LYS C 545 -19.48 -38.87 37.84
C LYS C 545 -20.02 -39.09 36.44
N GLY C 546 -20.46 -40.32 36.18
CA GLY C 546 -21.15 -40.60 34.93
C GLY C 546 -22.49 -39.91 34.83
N ASN C 547 -23.20 -39.77 35.96
CA ASN C 547 -24.51 -39.16 35.99
C ASN C 547 -24.53 -38.03 37.01
N LEU C 548 -25.27 -36.98 36.70
CA LEU C 548 -25.42 -35.82 37.59
C LEU C 548 -26.89 -35.61 37.89
N PRO C 549 -27.30 -35.58 39.16
CA PRO C 549 -28.70 -35.30 39.49
C PRO C 549 -29.08 -33.89 39.07
N PRO C 550 -30.30 -33.69 38.60
CA PRO C 550 -30.72 -32.35 38.19
C PRO C 550 -30.82 -31.40 39.37
N ASP C 551 -30.68 -30.11 39.07
CA ASP C 551 -30.71 -29.03 40.07
C ASP C 551 -29.65 -29.23 41.14
N TYR C 552 -28.40 -29.22 40.70
CA TYR C 552 -27.25 -29.41 41.57
C TYR C 552 -26.45 -28.13 41.64
N ARG C 553 -26.19 -27.65 42.86
CA ARG C 553 -25.36 -26.47 43.03
C ARG C 553 -23.89 -26.84 42.78
N ILE C 554 -23.23 -26.06 41.92
CA ILE C 554 -21.85 -26.35 41.51
C ILE C 554 -20.93 -25.78 42.58
N SER C 555 -20.52 -26.62 43.52
CA SER C 555 -19.61 -26.20 44.57
C SER C 555 -18.22 -25.96 44.00
N LEU C 556 -17.42 -25.17 44.73
CA LEU C 556 -16.08 -24.82 44.26
C LEU C 556 -15.18 -26.02 44.11
N ILE C 557 -15.44 -27.11 44.85
CA ILE C 557 -14.65 -28.32 44.68
C ILE C 557 -14.87 -28.89 43.28
N ASP C 558 -16.09 -28.82 42.78
CA ASP C 558 -16.37 -29.30 41.43
C ASP C 558 -15.62 -28.47 40.38
N ILE C 559 -15.58 -27.15 40.57
CA ILE C 559 -14.86 -26.29 39.63
C ILE C 559 -13.36 -26.54 39.72
N GLY C 560 -12.86 -26.80 40.93
CA GLY C 560 -11.45 -27.18 41.05
C GLY C 560 -11.14 -28.47 40.32
N LEU C 561 -12.03 -29.45 40.41
CA LEU C 561 -11.84 -30.68 39.67
C LEU C 561 -11.90 -30.44 38.16
N VAL C 562 -12.79 -29.54 37.72
CA VAL C 562 -12.87 -29.20 36.30
C VAL C 562 -11.58 -28.56 35.83
N ILE C 563 -11.02 -27.65 36.62
CA ILE C 563 -9.74 -27.02 36.28
C ILE C 563 -8.64 -28.06 36.21
N GLU C 564 -8.61 -28.98 37.17
CA GLU C 564 -7.58 -30.03 37.17
C GLU C 564 -7.73 -30.94 35.96
N TYR C 565 -8.96 -31.20 35.53
CA TYR C 565 -9.17 -32.04 34.35
C TYR C 565 -8.75 -31.32 33.07
N LEU C 566 -9.10 -30.05 32.94
CA LEU C 566 -8.80 -29.33 31.70
C LEU C 566 -7.33 -29.02 31.57
N MET C 567 -6.67 -28.65 32.67
CA MET C 567 -5.33 -28.08 32.59
C MET C 567 -4.30 -29.13 32.17
N GLY C 568 -4.32 -30.28 32.82
CA GLY C 568 -3.35 -31.31 32.48
C GLY C 568 -3.27 -32.35 33.58
N GLY C 569 -2.23 -33.17 33.48
CA GLY C 569 -2.04 -34.26 34.42
C GLY C 569 -1.39 -33.85 35.72
N ALA C 570 -0.18 -33.28 35.65
CA ALA C 570 0.56 -32.92 36.84
C ALA C 570 -0.04 -31.74 37.59
N TYR C 571 -1.01 -31.04 37.00
CA TYR C 571 -1.59 -29.86 37.63
C TYR C 571 -2.41 -30.24 38.85
N ARG C 572 -2.42 -29.35 39.84
CA ARG C 572 -3.18 -29.53 41.07
C ARG C 572 -3.69 -28.16 41.50
N CYS C 573 -4.95 -27.87 41.19
CA CYS C 573 -5.48 -26.54 41.43
C CYS C 573 -5.57 -26.25 42.92
N ASN C 574 -5.72 -24.96 43.25
CA ASN C 574 -5.73 -24.54 44.64
C ASN C 574 -7.00 -24.97 45.36
N TYR C 575 -8.11 -25.13 44.63
CA TYR C 575 -9.37 -25.44 45.27
C TYR C 575 -9.36 -26.83 45.90
N THR C 576 -8.74 -27.80 45.24
CA THR C 576 -8.80 -29.18 45.70
C THR C 576 -7.77 -29.50 46.77
N ARG C 577 -6.93 -28.55 47.16
CA ARG C 577 -5.95 -28.80 48.22
C ARG C 577 -6.65 -28.97 49.57
N LYS C 578 -6.02 -29.73 50.46
CA LYS C 578 -6.63 -30.04 51.75
C LYS C 578 -6.78 -28.81 52.63
N ARG C 579 -5.92 -27.80 52.45
CA ARG C 579 -6.11 -26.54 53.14
C ARG C 579 -7.45 -25.92 52.79
N PHE C 580 -7.73 -25.79 51.49
CA PHE C 580 -9.01 -25.21 51.06
C PHE C 580 -10.18 -26.13 51.37
N ARG C 581 -9.96 -27.45 51.32
CA ARG C 581 -11.05 -28.37 51.66
C ARG C 581 -11.44 -28.22 53.14
N THR C 582 -10.45 -28.13 54.03
CA THR C 582 -10.75 -27.92 55.44
C THR C 582 -11.37 -26.54 55.67
N LEU C 583 -10.95 -25.53 54.91
CA LEU C 583 -11.59 -24.22 55.02
C LEU C 583 -13.05 -24.30 54.60
N TYR C 584 -13.36 -25.05 53.54
CA TYR C 584 -14.70 -25.13 53.01
C TYR C 584 -15.60 -26.08 53.79
N HIS C 585 -15.02 -26.99 54.60
CA HIS C 585 -15.84 -27.94 55.35
C HIS C 585 -16.72 -27.24 56.37
N ASN C 586 -16.17 -26.27 57.09
CA ASN C 586 -16.88 -25.60 58.18
C ASN C 586 -17.39 -24.23 57.77
N LEU C 587 -17.72 -24.04 56.50
CA LEU C 587 -18.21 -22.75 56.03
C LEU C 587 -19.00 -22.89 54.74
N ASN C 631 -14.21 -16.95 53.98
CA ASN C 631 -13.26 -15.90 54.34
C ASN C 631 -13.11 -14.93 53.18
N HIS C 632 -11.86 -14.70 52.77
CA HIS C 632 -11.55 -13.80 51.66
C HIS C 632 -10.57 -14.53 50.74
N PHE C 633 -10.03 -13.79 49.77
CA PHE C 633 -9.03 -14.30 48.86
C PHE C 633 -7.82 -13.38 48.87
N PRO C 634 -6.60 -13.93 48.90
CA PRO C 634 -5.42 -13.06 48.80
C PRO C 634 -5.34 -12.31 47.49
N PHE C 635 -5.38 -13.03 46.37
CA PHE C 635 -5.47 -12.42 45.05
C PHE C 635 -6.85 -12.72 44.48
N PRO C 636 -7.74 -11.74 44.37
CA PRO C 636 -9.10 -12.05 43.89
C PRO C 636 -9.19 -12.14 42.38
N PHE C 637 -8.32 -11.40 41.70
CA PHE C 637 -8.42 -11.32 40.24
C PHE C 637 -8.05 -12.63 39.57
N HIS C 638 -7.24 -13.48 40.23
CA HIS C 638 -7.00 -14.81 39.69
C HIS C 638 -8.28 -15.60 39.58
N GLU C 639 -9.04 -15.67 40.69
CA GLU C 639 -10.30 -16.39 40.69
C GLU C 639 -11.29 -15.77 39.73
N LEU C 640 -11.34 -14.44 39.69
CA LEU C 640 -12.29 -13.77 38.80
C LEU C 640 -11.96 -14.02 37.34
N MET C 641 -10.67 -14.05 36.97
CA MET C 641 -10.33 -14.31 35.58
C MET C 641 -10.57 -15.77 35.22
N VAL C 642 -10.33 -16.69 36.14
CA VAL C 642 -10.66 -18.09 35.87
C VAL C 642 -12.15 -18.24 35.65
N TRP C 643 -12.96 -17.58 36.48
CA TRP C 643 -14.41 -17.61 36.28
C TRP C 643 -14.81 -16.99 34.95
N ALA C 644 -14.19 -15.85 34.59
CA ALA C 644 -14.57 -15.18 33.36
C ALA C 644 -14.17 -15.99 32.13
N VAL C 645 -13.11 -16.78 32.23
CA VAL C 645 -12.68 -17.58 31.09
C VAL C 645 -13.36 -18.95 31.06
N LEU C 646 -13.94 -19.40 32.16
CA LEU C 646 -14.70 -20.65 32.13
C LEU C 646 -16.13 -20.46 31.63
N MET C 647 -16.69 -19.26 31.77
CA MET C 647 -18.06 -18.98 31.37
C MET C 647 -18.13 -18.35 29.98
N LYS C 648 -17.03 -18.39 29.22
CA LYS C 648 -16.99 -17.90 27.84
C LYS C 648 -17.39 -16.44 27.74
N ARG C 649 -16.95 -15.62 28.70
CA ARG C 649 -17.12 -14.18 28.65
C ARG C 649 -15.75 -13.58 28.38
N GLN C 650 -15.57 -13.05 27.17
CA GLN C 650 -14.23 -12.67 26.73
C GLN C 650 -13.82 -11.27 27.17
N LYS C 651 -14.69 -10.27 26.96
CA LYS C 651 -14.31 -8.90 27.29
C LYS C 651 -14.09 -8.73 28.78
N MET C 652 -14.89 -9.41 29.61
CA MET C 652 -14.68 -9.34 31.06
C MET C 652 -13.36 -10.00 31.44
N ALA C 653 -13.01 -11.10 30.77
CA ALA C 653 -11.72 -11.74 31.03
C ALA C 653 -10.57 -10.82 30.67
N LEU C 654 -10.68 -10.13 29.52
CA LEU C 654 -9.62 -9.20 29.13
C LEU C 654 -9.53 -8.03 30.10
N PHE C 655 -10.65 -7.58 30.65
CA PHE C 655 -10.60 -6.53 31.66
C PHE C 655 -9.93 -7.03 32.93
N PHE C 656 -10.27 -8.23 33.38
CA PHE C 656 -9.67 -8.75 34.61
C PHE C 656 -8.22 -9.15 34.43
N TRP C 657 -7.76 -9.33 33.20
CA TRP C 657 -6.38 -9.74 32.99
C TRP C 657 -5.40 -8.64 33.37
N GLN C 658 -5.73 -7.39 33.08
CA GLN C 658 -4.78 -6.30 33.28
C GLN C 658 -4.67 -5.85 34.73
N HIS C 659 -5.52 -6.35 35.62
CA HIS C 659 -5.42 -6.06 37.04
C HIS C 659 -4.71 -7.19 37.76
N GLY C 660 -4.32 -6.92 39.01
CA GLY C 660 -3.63 -7.91 39.79
C GLY C 660 -2.18 -8.08 39.36
N GLU C 661 -1.58 -9.16 39.84
CA GLU C 661 -0.20 -9.50 39.53
C GLU C 661 -0.13 -10.85 38.83
N GLU C 662 1.08 -11.24 38.44
CA GLU C 662 1.33 -12.46 37.68
C GLU C 662 0.53 -12.47 36.38
N ALA C 663 0.64 -11.38 35.62
CA ALA C 663 -0.18 -11.24 34.42
C ALA C 663 0.17 -12.28 33.37
N MET C 664 1.46 -12.58 33.20
CA MET C 664 1.86 -13.54 32.17
C MET C 664 1.36 -14.94 32.48
N ALA C 665 1.39 -15.34 33.75
CA ALA C 665 0.86 -16.63 34.13
C ALA C 665 -0.64 -16.70 33.86
N LYS C 666 -1.37 -15.63 34.15
CA LYS C 666 -2.80 -15.60 33.88
C LYS C 666 -3.07 -15.73 32.38
N ALA C 667 -2.27 -15.05 31.56
CA ALA C 667 -2.46 -15.15 30.11
C ALA C 667 -2.22 -16.57 29.63
N LEU C 668 -1.15 -17.21 30.09
CA LEU C 668 -0.86 -18.57 29.64
C LEU C 668 -1.93 -19.56 30.10
N VAL C 669 -2.39 -19.43 31.35
CA VAL C 669 -3.43 -20.33 31.84
C VAL C 669 -4.73 -20.12 31.08
N ALA C 670 -5.07 -18.87 30.76
CA ALA C 670 -6.25 -18.61 29.96
C ALA C 670 -6.14 -19.25 28.58
N CYS C 671 -4.95 -19.17 27.96
CA CYS C 671 -4.76 -19.78 26.65
C CYS C 671 -4.97 -21.29 26.71
N LYS C 672 -4.36 -21.94 27.71
CA LYS C 672 -4.50 -23.39 27.82
C LYS C 672 -5.95 -23.79 28.09
N LEU C 673 -6.64 -23.06 28.96
CA LEU C 673 -8.03 -23.39 29.26
C LEU C 673 -8.92 -23.21 28.04
N CYS C 674 -8.71 -22.14 27.28
CA CYS C 674 -9.51 -21.95 26.07
C CYS C 674 -9.27 -23.06 25.07
N LYS C 675 -8.02 -23.47 24.89
CA LYS C 675 -7.73 -24.56 23.95
C LYS C 675 -8.39 -25.86 24.39
N ALA C 676 -8.29 -26.18 25.69
CA ALA C 676 -8.89 -27.43 26.18
C ALA C 676 -10.40 -27.40 26.07
N MET C 677 -11.02 -26.27 26.38
CA MET C 677 -12.48 -26.17 26.26
C MET C 677 -12.91 -26.28 24.80
N ALA C 678 -12.14 -25.71 23.88
CA ALA C 678 -12.46 -25.86 22.46
C ALA C 678 -12.39 -27.32 22.04
N HIS C 679 -11.35 -28.03 22.48
CA HIS C 679 -11.25 -29.45 22.15
C HIS C 679 -12.42 -30.25 22.72
N GLU C 680 -12.80 -29.96 23.96
CA GLU C 680 -13.92 -30.66 24.58
C GLU C 680 -15.22 -30.38 23.86
N ALA C 681 -15.46 -29.12 23.47
CA ALA C 681 -16.68 -28.78 22.76
C ALA C 681 -16.72 -29.45 21.39
N SER C 682 -15.58 -29.50 20.69
CA SER C 682 -15.55 -30.19 19.40
C SER C 682 -15.76 -31.68 19.55
N GLU C 683 -15.29 -32.27 20.66
CA GLU C 683 -15.48 -33.70 20.87
C GLU C 683 -16.94 -34.04 21.18
N ASN C 684 -17.65 -33.15 21.89
CA ASN C 684 -19.03 -33.41 22.31
C ASN C 684 -20.06 -32.89 21.32
N ASP C 685 -19.69 -32.81 20.03
CA ASP C 685 -20.56 -32.43 18.92
C ASP C 685 -21.48 -31.26 19.26
N MET C 686 -20.86 -30.13 19.60
CA MET C 686 -21.59 -28.90 19.87
C MET C 686 -21.96 -28.20 18.56
N VAL C 687 -22.40 -26.95 18.64
CA VAL C 687 -22.88 -26.22 17.48
C VAL C 687 -21.76 -25.86 16.49
N ASP C 688 -20.51 -26.15 16.83
CA ASP C 688 -19.32 -25.92 16.00
C ASP C 688 -19.08 -24.44 15.71
N ASP C 689 -19.78 -23.54 16.39
CA ASP C 689 -19.36 -22.15 16.51
C ASP C 689 -18.69 -21.88 17.83
N ILE C 690 -19.05 -22.64 18.86
CA ILE C 690 -18.39 -22.54 20.16
C ILE C 690 -16.90 -22.86 20.03
N SER C 691 -16.57 -23.87 19.22
CA SER C 691 -15.17 -24.21 19.01
C SER C 691 -14.40 -23.06 18.37
N GLN C 692 -15.00 -22.40 17.38
CA GLN C 692 -14.33 -21.28 16.74
C GLN C 692 -14.16 -20.11 17.71
N GLU C 693 -15.19 -19.83 18.52
CA GLU C 693 -15.07 -18.76 19.51
C GLU C 693 -13.96 -19.06 20.51
N LEU C 694 -13.90 -20.28 21.01
CA LEU C 694 -12.89 -20.63 22.01
C LEU C 694 -11.48 -20.59 21.41
N ASN C 695 -11.33 -21.03 20.17
CA ASN C 695 -10.01 -20.94 19.54
C ASN C 695 -9.61 -19.49 19.31
N HIS C 696 -10.55 -18.63 18.94
CA HIS C 696 -10.25 -17.21 18.82
C HIS C 696 -9.78 -16.63 20.15
N ASN C 697 -10.47 -16.99 21.24
CA ASN C 697 -10.05 -16.52 22.56
C ASN C 697 -8.65 -17.00 22.91
N SER C 698 -8.36 -18.27 22.61
CA SER C 698 -7.04 -18.82 22.90
C SER C 698 -5.96 -18.08 22.13
N ARG C 699 -6.20 -17.81 20.84
CA ARG C 699 -5.21 -17.09 20.05
C ARG C 699 -5.02 -15.66 20.57
N ASP C 700 -6.10 -14.99 20.98
CA ASP C 700 -5.98 -13.65 21.52
C ASP C 700 -5.12 -13.65 22.78
N PHE C 701 -5.37 -14.59 23.70
CA PHE C 701 -4.58 -14.63 24.93
C PHE C 701 -3.12 -14.98 24.64
N GLY C 702 -2.87 -15.87 23.68
CA GLY C 702 -1.49 -16.17 23.33
C GLY C 702 -0.76 -14.97 22.75
N GLN C 703 -1.44 -14.22 21.88
CA GLN C 703 -0.84 -13.00 21.33
C GLN C 703 -0.54 -11.98 22.43
N LEU C 704 -1.46 -11.85 23.39
CA LEU C 704 -1.21 -10.94 24.52
C LEU C 704 0.03 -11.36 25.31
N ALA C 705 0.16 -12.67 25.56
CA ALA C 705 1.33 -13.16 26.30
C ALA C 705 2.62 -12.88 25.54
N VAL C 706 2.62 -13.10 24.23
CA VAL C 706 3.82 -12.86 23.44
C VAL C 706 4.19 -11.38 23.44
N GLU C 707 3.20 -10.50 23.29
CA GLU C 707 3.47 -9.07 23.30
C GLU C 707 4.03 -8.63 24.65
N LEU C 708 3.46 -9.14 25.74
CA LEU C 708 3.96 -8.78 27.06
C LEU C 708 5.39 -9.24 27.27
N LEU C 709 5.71 -10.47 26.81
CA LEU C 709 7.09 -10.95 26.92
C LEU C 709 8.04 -10.08 26.11
N ASP C 710 7.63 -9.69 24.91
CA ASP C 710 8.48 -8.85 24.07
C ASP C 710 8.76 -7.52 24.75
N GLN C 711 7.72 -6.90 25.32
CA GLN C 711 7.91 -5.64 26.03
C GLN C 711 8.85 -5.82 27.23
N SER C 712 8.66 -6.91 27.98
CA SER C 712 9.51 -7.14 29.14
C SER C 712 10.97 -7.32 28.75
N TYR C 713 11.23 -8.07 27.68
CA TYR C 713 12.61 -8.23 27.23
C TYR C 713 13.18 -6.92 26.72
N LYS C 714 12.38 -6.13 26.00
CA LYS C 714 12.89 -4.88 25.47
C LYS C 714 13.12 -3.84 26.55
N GLN C 715 12.52 -4.01 27.73
CA GLN C 715 12.77 -3.05 28.82
C GLN C 715 14.03 -3.40 29.60
N ASP C 716 14.09 -4.61 30.16
CA ASP C 716 15.25 -5.04 30.94
C ASP C 716 15.43 -6.54 30.76
N GLU C 717 16.62 -6.94 30.31
CA GLU C 717 16.82 -8.34 29.93
C GLU C 717 16.92 -9.25 31.14
N GLN C 718 17.66 -8.83 32.17
CA GLN C 718 17.91 -9.72 33.31
C GLN C 718 16.62 -9.99 34.08
N LEU C 719 15.82 -8.95 34.34
CA LEU C 719 14.54 -9.17 35.01
C LEU C 719 13.58 -9.94 34.13
N ALA C 720 13.67 -9.79 32.80
CA ALA C 720 12.83 -10.58 31.91
C ALA C 720 13.19 -12.06 32.01
N MET C 721 14.48 -12.38 32.07
CA MET C 721 14.88 -13.77 32.25
C MET C 721 14.44 -14.30 33.61
N LYS C 722 14.57 -13.47 34.65
CA LYS C 722 14.14 -13.89 35.98
C LYS C 722 12.64 -14.07 36.07
N LEU C 723 11.87 -13.38 35.22
CA LEU C 723 10.42 -13.46 35.29
C LEU C 723 9.91 -14.78 34.72
N LEU C 724 10.63 -15.39 33.78
CA LEU C 724 10.16 -16.58 33.09
C LEU C 724 10.48 -17.86 33.85
N THR C 725 11.17 -17.80 34.99
CA THR C 725 11.63 -19.04 35.60
C THR C 725 11.44 -19.08 37.11
N TYR C 726 10.70 -18.15 37.70
CA TYR C 726 10.46 -18.20 39.14
C TYR C 726 9.22 -19.03 39.42
N GLU C 727 9.27 -19.78 40.51
CA GLU C 727 8.19 -20.71 40.83
C GLU C 727 6.91 -19.94 41.13
N LEU C 728 5.80 -20.38 40.54
CA LEU C 728 4.51 -19.75 40.71
C LEU C 728 3.74 -20.51 41.78
N LYS C 729 3.65 -19.92 42.98
CA LYS C 729 3.06 -20.62 44.10
C LYS C 729 1.55 -20.78 43.97
N ASN C 730 0.90 -19.98 43.14
CA ASN C 730 -0.55 -20.04 43.00
C ASN C 730 -1.02 -20.96 41.88
N TRP C 731 -0.11 -21.45 41.04
CA TRP C 731 -0.51 -22.27 39.91
C TRP C 731 0.13 -23.65 39.98
N SER C 732 0.10 -24.26 41.16
CA SER C 732 0.61 -25.62 41.40
C SER C 732 2.10 -25.73 41.07
N ASN C 733 2.85 -24.66 41.35
CA ASN C 733 4.31 -24.67 41.29
C ASN C 733 4.82 -25.04 39.90
N ALA C 734 4.53 -24.19 38.92
CA ALA C 734 5.01 -24.35 37.57
C ALA C 734 5.54 -23.03 37.06
N THR C 735 6.70 -23.05 36.42
CA THR C 735 7.25 -21.83 35.86
C THR C 735 6.48 -21.43 34.61
N CYS C 736 6.76 -20.22 34.12
CA CYS C 736 6.09 -19.74 32.92
C CYS C 736 6.47 -20.58 31.71
N LEU C 737 7.70 -21.06 31.64
CA LEU C 737 8.12 -21.90 30.52
C LEU C 737 7.32 -23.20 30.47
N GLN C 738 7.10 -23.84 31.63
CA GLN C 738 6.34 -25.08 31.63
C GLN C 738 4.90 -24.85 31.22
N LEU C 739 4.32 -23.74 31.65
CA LEU C 739 2.95 -23.41 31.23
C LEU C 739 2.89 -23.15 29.73
N ALA C 740 3.89 -22.46 29.18
CA ALA C 740 3.91 -22.20 27.74
C ALA C 740 4.08 -23.50 26.96
N VAL C 741 4.91 -24.42 27.46
CA VAL C 741 5.11 -25.70 26.78
C VAL C 741 3.83 -26.54 26.83
N ALA C 742 3.15 -26.56 27.98
CA ALA C 742 1.92 -27.33 28.11
C ALA C 742 0.83 -26.82 27.19
N ALA C 743 0.87 -25.55 26.81
CA ALA C 743 -0.12 -24.98 25.90
C ALA C 743 0.32 -25.05 24.45
N LYS C 744 1.51 -25.57 24.17
CA LYS C 744 2.07 -25.66 22.82
C LYS C 744 2.07 -24.29 22.14
N HIS C 745 2.46 -23.26 22.90
CA HIS C 745 2.55 -21.90 22.36
C HIS C 745 3.92 -21.76 21.72
N ARG C 746 3.98 -22.01 20.41
CA ARG C 746 5.26 -22.02 19.72
C ARG C 746 5.89 -20.64 19.64
N ASP C 747 5.08 -19.59 19.49
CA ASP C 747 5.64 -18.25 19.36
C ASP C 747 6.28 -17.78 20.65
N PHE C 748 5.79 -18.24 21.80
CA PHE C 748 6.37 -17.82 23.07
C PHE C 748 7.75 -18.42 23.28
N ILE C 749 7.89 -19.73 23.05
CA ILE C 749 9.17 -20.38 23.26
C ILE C 749 10.19 -19.90 22.23
N ALA C 750 9.75 -19.67 21.01
CA ALA C 750 10.66 -19.27 19.93
C ALA C 750 11.03 -17.81 19.98
N HIS C 751 10.72 -17.09 21.05
CA HIS C 751 11.11 -15.70 21.17
C HIS C 751 12.60 -15.59 21.47
N THR C 752 13.14 -14.40 21.25
CA THR C 752 14.58 -14.19 21.46
C THR C 752 14.96 -14.35 22.92
N CYS C 753 14.17 -13.79 23.84
CA CYS C 753 14.50 -13.88 25.25
C CYS C 753 14.44 -15.31 25.75
N SER C 754 13.42 -16.07 25.33
CA SER C 754 13.33 -17.46 25.74
C SER C 754 14.48 -18.28 25.18
N GLN C 755 14.88 -18.01 23.93
CA GLN C 755 16.00 -18.74 23.36
C GLN C 755 17.30 -18.40 24.07
N MET C 756 17.49 -17.13 24.46
CA MET C 756 18.68 -16.78 25.21
C MET C 756 18.69 -17.46 26.57
N LEU C 757 17.53 -17.53 27.23
CA LEU C 757 17.44 -18.25 28.50
C LEU C 757 17.76 -19.72 28.33
N LEU C 758 17.24 -20.33 27.26
CA LEU C 758 17.52 -21.75 27.02
C LEU C 758 19.00 -21.97 26.74
N THR C 759 19.64 -21.06 26.01
CA THR C 759 21.08 -21.18 25.78
C THR C 759 21.86 -21.08 27.07
N ASP C 760 21.50 -20.11 27.93
CA ASP C 760 22.21 -19.97 29.20
C ASP C 760 21.97 -21.15 30.12
N MET C 761 20.80 -21.79 30.01
CA MET C 761 20.55 -23.00 30.81
C MET C 761 21.30 -24.19 30.26
N TRP C 762 21.41 -24.29 28.93
CA TRP C 762 22.07 -25.44 28.30
C TRP C 762 23.57 -25.39 28.51
N MET C 763 24.15 -24.20 28.49
CA MET C 763 25.59 -24.07 28.70
C MET C 763 25.99 -24.48 30.12
N GLY C 764 25.06 -24.49 31.06
CA GLY C 764 25.38 -24.91 32.41
C GLY C 764 26.10 -23.82 33.19
N ARG C 765 26.93 -24.25 34.14
CA ARG C 765 27.69 -23.33 34.98
C ARG C 765 29.06 -23.00 34.39
N LEU C 766 29.20 -23.07 33.07
CA LEU C 766 30.44 -22.72 32.41
C LEU C 766 30.34 -21.30 31.85
N ARG C 767 31.39 -20.88 31.16
CA ARG C 767 31.43 -19.53 30.60
C ARG C 767 32.02 -19.49 29.20
N MET C 768 32.11 -20.62 28.52
CA MET C 768 32.64 -20.66 27.15
C MET C 768 31.51 -20.26 26.20
N ARG C 769 31.61 -19.05 25.64
CA ARG C 769 30.56 -18.54 24.77
C ARG C 769 31.04 -18.21 23.36
N LYS C 770 32.31 -17.84 23.20
CA LYS C 770 32.82 -17.48 21.88
C LYS C 770 32.88 -18.69 20.96
N ASN C 771 33.43 -19.81 21.45
CA ASN C 771 33.59 -21.00 20.63
C ASN C 771 33.60 -22.21 21.56
N SER C 772 32.47 -22.90 21.63
CA SER C 772 32.33 -24.10 22.44
C SER C 772 32.58 -25.34 21.57
N GLY C 773 32.28 -26.51 22.12
CA GLY C 773 32.42 -27.75 21.37
C GLY C 773 33.84 -28.27 21.37
N LEU C 774 34.76 -27.54 20.74
CA LEU C 774 36.16 -27.96 20.74
C LEU C 774 36.73 -27.96 22.15
N LYS C 775 36.39 -26.95 22.95
CA LYS C 775 36.84 -26.92 24.34
C LYS C 775 36.28 -28.09 25.14
N VAL C 776 35.00 -28.40 24.92
CA VAL C 776 34.40 -29.52 25.65
C VAL C 776 35.03 -30.84 25.24
N ILE C 777 35.43 -30.98 23.97
CA ILE C 777 36.13 -32.19 23.54
C ILE C 777 37.51 -32.27 24.17
N LEU C 778 38.28 -31.18 24.09
CA LEU C 778 39.59 -31.10 24.73
C LEU C 778 39.51 -31.07 26.25
N GLY C 779 38.29 -31.15 26.77
CA GLY C 779 37.99 -31.36 28.17
C GLY C 779 37.77 -32.84 28.35
N ILE C 780 36.53 -33.30 28.14
CA ILE C 780 36.10 -34.68 28.36
C ILE C 780 37.08 -35.72 27.83
N LEU C 781 37.90 -35.36 26.83
CA LEU C 781 38.91 -36.30 26.38
C LEU C 781 40.10 -36.36 27.33
N LEU C 782 40.69 -35.20 27.65
CA LEU C 782 41.82 -35.16 28.58
C LEU C 782 41.43 -34.40 29.84
N PRO C 783 41.20 -35.09 30.96
CA PRO C 783 40.72 -34.43 32.19
C PRO C 783 41.62 -33.32 32.71
N PRO C 784 42.98 -33.42 32.62
CA PRO C 784 43.81 -32.33 33.16
C PRO C 784 43.62 -30.97 32.50
N SER C 785 42.86 -30.89 31.41
CA SER C 785 42.57 -29.61 30.77
C SER C 785 41.29 -28.96 31.26
N ILE C 786 40.55 -29.63 32.15
CA ILE C 786 39.27 -29.09 32.62
C ILE C 786 39.50 -27.88 33.52
N LEU C 787 40.53 -27.95 34.38
CA LEU C 787 40.73 -26.92 35.40
C LEU C 787 41.05 -25.56 34.80
N SER C 788 41.56 -25.51 33.58
CA SER C 788 41.87 -24.24 32.92
C SER C 788 40.67 -23.71 32.13
N LEU C 789 39.52 -23.63 32.80
CA LEU C 789 38.30 -23.13 32.19
C LEU C 789 37.61 -22.20 33.17
N GLU C 790 37.22 -21.02 32.71
CA GLU C 790 36.53 -20.08 33.57
C GLU C 790 35.11 -20.55 33.83
N PHE C 791 34.62 -20.28 35.04
CA PHE C 791 33.28 -20.67 35.45
C PHE C 791 32.44 -19.42 35.74
N LYS C 792 31.22 -19.66 36.19
CA LYS C 792 30.27 -18.60 36.49
C LYS C 792 30.12 -18.47 38.00
N ASN C 793 30.14 -17.24 38.49
CA ASN C 793 30.08 -16.97 39.92
C ASN C 793 28.73 -17.37 40.52
N GLY C 860 38.11 -30.13 42.83
CA GLY C 860 37.17 -30.99 43.52
C GLY C 860 35.72 -30.65 43.24
N ARG C 861 35.36 -29.38 43.47
CA ARG C 861 34.04 -28.88 43.18
C ARG C 861 33.92 -28.26 41.79
N LYS C 862 35.03 -28.15 41.07
CA LYS C 862 35.01 -27.69 39.68
C LYS C 862 34.90 -28.82 38.68
N ILE C 863 34.89 -30.06 39.15
CA ILE C 863 34.67 -31.23 38.30
C ILE C 863 33.22 -31.66 38.32
N TYR C 864 32.60 -31.65 39.50
CA TYR C 864 31.19 -32.01 39.60
C TYR C 864 30.32 -31.03 38.84
N GLU C 865 30.72 -29.76 38.77
CA GLU C 865 29.94 -28.79 38.01
C GLU C 865 30.17 -28.95 36.50
N PHE C 866 31.40 -29.28 36.10
CA PHE C 866 31.67 -29.45 34.67
C PHE C 866 31.00 -30.70 34.13
N TYR C 867 31.03 -31.80 34.88
CA TYR C 867 30.47 -33.05 34.40
C TYR C 867 28.95 -33.11 34.53
N ASN C 868 28.31 -32.07 35.06
CA ASN C 868 26.87 -32.02 35.14
C ASN C 868 26.24 -30.98 34.23
N ALA C 869 27.05 -30.23 33.49
CA ALA C 869 26.51 -29.33 32.48
C ALA C 869 25.87 -30.15 31.37
N PRO C 870 24.67 -29.80 30.91
CA PRO C 870 24.00 -30.63 29.88
C PRO C 870 24.79 -30.76 28.59
N ILE C 871 25.55 -29.74 28.19
CA ILE C 871 26.31 -29.83 26.95
C ILE C 871 27.40 -30.89 27.08
N VAL C 872 27.99 -31.03 28.28
CA VAL C 872 29.01 -32.04 28.48
C VAL C 872 28.40 -33.44 28.44
N LYS C 873 27.20 -33.60 29.02
CA LYS C 873 26.51 -34.88 28.90
C LYS C 873 26.21 -35.20 27.44
N PHE C 874 25.79 -34.19 26.67
CA PHE C 874 25.49 -34.43 25.26
C PHE C 874 26.74 -34.85 24.49
N TRP C 875 27.87 -34.19 24.74
CA TRP C 875 29.07 -34.56 24.00
C TRP C 875 29.61 -35.92 24.43
N PHE C 876 29.48 -36.25 25.72
CA PHE C 876 29.85 -37.59 26.17
C PHE C 876 29.00 -38.64 25.49
N TYR C 877 27.69 -38.41 25.40
CA TYR C 877 26.81 -39.37 24.74
C TYR C 877 27.12 -39.49 23.26
N THR C 878 27.42 -38.37 22.61
CA THR C 878 27.76 -38.41 21.19
C THR C 878 29.05 -39.19 20.94
N LEU C 879 30.07 -38.97 21.76
CA LEU C 879 31.31 -39.72 21.60
C LEU C 879 31.09 -41.21 21.85
N ALA C 880 30.27 -41.54 22.85
CA ALA C 880 29.95 -42.94 23.09
C ALA C 880 29.23 -43.57 21.90
N TYR C 881 28.29 -42.83 21.29
CA TYR C 881 27.57 -43.35 20.15
C TYR C 881 28.50 -43.55 18.95
N ILE C 882 29.40 -42.61 18.73
CA ILE C 882 30.35 -42.76 17.62
C ILE C 882 31.25 -43.97 17.83
N GLY C 883 31.73 -44.16 19.07
CA GLY C 883 32.51 -45.35 19.35
C GLY C 883 31.73 -46.63 19.15
N TYR C 884 30.47 -46.64 19.57
CA TYR C 884 29.63 -47.82 19.38
C TYR C 884 29.42 -48.12 17.91
N LEU C 885 29.21 -47.09 17.10
CA LEU C 885 29.05 -47.32 15.67
C LEU C 885 30.34 -47.80 15.03
N MET C 886 31.48 -47.29 15.49
CA MET C 886 32.77 -47.77 14.98
C MET C 886 32.97 -49.24 15.31
N LEU C 887 32.54 -49.66 16.50
CA LEU C 887 32.63 -51.07 16.84
C LEU C 887 31.63 -51.91 16.05
N PHE C 888 30.44 -51.37 15.78
CA PHE C 888 29.44 -52.13 15.03
C PHE C 888 29.88 -52.34 13.58
N ASN C 889 30.53 -51.34 12.99
CA ASN C 889 30.98 -51.48 11.60
C ASN C 889 32.19 -52.37 11.45
N TYR C 890 32.72 -52.95 12.53
CA TYR C 890 33.86 -53.84 12.43
C TYR C 890 33.47 -55.30 12.51
N ILE C 891 32.40 -55.65 13.22
CA ILE C 891 32.04 -57.05 13.42
C ILE C 891 31.21 -57.62 12.29
N VAL C 892 30.76 -56.80 11.34
CA VAL C 892 29.95 -57.32 10.24
C VAL C 892 30.79 -57.43 8.99
N LEU C 893 31.78 -56.55 8.83
CA LEU C 893 32.63 -56.62 7.64
C LEU C 893 33.57 -57.82 7.71
N VAL C 894 34.23 -58.03 8.85
CA VAL C 894 35.17 -59.12 9.01
C VAL C 894 34.42 -60.41 9.26
N LYS C 895 35.12 -61.54 9.20
CA LYS C 895 34.49 -62.82 9.40
C LYS C 895 34.00 -62.97 10.83
N MET C 896 32.97 -63.79 11.00
CA MET C 896 32.36 -64.03 12.30
C MET C 896 32.62 -65.48 12.71
N GLU C 897 32.87 -65.69 14.00
CA GLU C 897 33.27 -66.98 14.51
C GLU C 897 32.15 -67.60 15.34
N ARG C 898 32.40 -68.82 15.83
CA ARG C 898 31.39 -69.55 16.59
C ARG C 898 31.03 -68.81 17.88
N TRP C 899 32.02 -68.30 18.58
CA TRP C 899 31.72 -67.51 19.76
C TRP C 899 32.03 -66.04 19.50
N PRO C 900 31.23 -65.12 20.06
CA PRO C 900 31.43 -63.70 19.79
C PRO C 900 32.79 -63.20 20.27
N SER C 901 33.35 -62.26 19.53
CA SER C 901 34.60 -61.64 19.92
C SER C 901 34.35 -60.55 20.97
N THR C 902 35.41 -59.83 21.33
CA THR C 902 35.29 -58.79 22.35
C THR C 902 34.40 -57.65 21.87
N GLN C 903 34.54 -57.24 20.61
CA GLN C 903 33.75 -56.13 20.09
C GLN C 903 32.27 -56.47 20.07
N GLU C 904 31.94 -57.71 19.72
CA GLU C 904 30.54 -58.12 19.75
C GLU C 904 29.98 -58.06 21.16
N TRP C 905 30.77 -58.45 22.15
CA TRP C 905 30.32 -58.34 23.54
C TRP C 905 30.12 -56.90 23.95
N ILE C 906 31.00 -56.00 23.51
CA ILE C 906 30.84 -54.59 23.83
C ILE C 906 29.56 -54.04 23.21
N VAL C 907 29.28 -54.40 21.96
CA VAL C 907 28.06 -53.94 21.30
C VAL C 907 26.82 -54.47 22.01
N ILE C 908 26.83 -55.76 22.37
CA ILE C 908 25.69 -56.36 23.06
C ILE C 908 25.47 -55.70 24.40
N SER C 909 26.56 -55.43 25.14
CA SER C 909 26.44 -54.75 26.42
C SER C 909 25.87 -53.35 26.24
N TYR C 910 26.31 -52.64 25.19
CA TYR C 910 25.78 -51.30 24.93
C TYR C 910 24.28 -51.34 24.69
N ILE C 911 23.82 -52.29 23.87
CA ILE C 911 22.40 -52.35 23.56
C ILE C 911 21.60 -52.77 24.79
N PHE C 912 22.13 -53.68 25.60
CA PHE C 912 21.44 -54.09 26.82
C PHE C 912 21.30 -52.92 27.78
N THR C 913 22.36 -52.14 27.98
CA THR C 913 22.28 -51.00 28.88
C THR C 913 21.35 -49.93 28.33
N LEU C 914 21.34 -49.75 27.01
CA LEU C 914 20.39 -48.82 26.41
C LEU C 914 18.96 -49.27 26.65
N GLY C 915 18.70 -50.57 26.56
CA GLY C 915 17.37 -51.08 26.83
C GLY C 915 16.92 -50.86 28.26
N ILE C 916 17.81 -51.14 29.21
CA ILE C 916 17.41 -50.91 30.61
C ILE C 916 17.28 -49.41 30.89
N GLU C 917 18.03 -48.57 30.17
CA GLU C 917 17.84 -47.14 30.31
C GLU C 917 16.48 -46.70 29.77
N LYS C 918 16.04 -47.29 28.66
CA LYS C 918 14.71 -47.00 28.15
C LYS C 918 13.64 -47.44 29.13
N MET C 919 13.83 -48.61 29.76
CA MET C 919 12.88 -49.07 30.77
C MET C 919 12.83 -48.11 31.96
N ARG C 920 13.99 -47.64 32.40
CA ARG C 920 14.03 -46.66 33.50
C ARG C 920 13.31 -45.38 33.10
N GLU C 921 13.51 -44.93 31.85
CA GLU C 921 12.83 -43.73 31.38
C GLU C 921 11.32 -43.92 31.38
N ILE C 922 10.85 -45.10 30.96
CA ILE C 922 9.41 -45.38 30.98
C ILE C 922 8.88 -45.33 32.41
N LEU C 923 9.58 -45.96 33.34
CA LEU C 923 9.08 -46.06 34.70
C LEU C 923 9.27 -44.79 35.51
N MET C 924 9.98 -43.79 34.98
CA MET C 924 10.13 -42.50 35.65
C MET C 924 9.31 -41.41 34.95
N SER C 925 8.17 -41.78 34.37
CA SER C 925 7.37 -40.86 33.60
C SER C 925 6.52 -39.99 34.53
N GLU C 926 5.67 -39.15 33.92
CA GLU C 926 4.81 -38.24 34.67
C GLU C 926 3.55 -38.91 35.22
N PRO C 927 2.77 -39.69 34.42
CA PRO C 927 1.56 -40.30 34.99
C PRO C 927 1.85 -41.40 36.01
N GLY C 928 0.80 -41.99 36.57
CA GLY C 928 0.96 -43.02 37.57
C GLY C 928 0.40 -44.38 37.17
N LYS C 929 -0.12 -44.47 35.96
CA LYS C 929 -0.69 -45.72 35.45
C LYS C 929 0.32 -46.37 34.51
N LEU C 930 0.56 -47.68 34.71
CA LEU C 930 1.54 -48.40 33.92
C LEU C 930 1.14 -48.55 32.47
N LEU C 931 -0.12 -48.33 32.12
CA LEU C 931 -0.56 -48.33 30.74
C LEU C 931 -0.91 -46.94 30.23
N GLN C 932 -0.67 -45.90 31.04
CA GLN C 932 -0.80 -44.52 30.61
C GLN C 932 0.54 -43.84 30.38
N LYS C 933 1.56 -44.19 31.16
CA LYS C 933 2.90 -43.71 30.88
C LYS C 933 3.43 -44.26 29.56
N VAL C 934 3.02 -45.48 29.20
CA VAL C 934 3.51 -46.11 27.99
C VAL C 934 3.10 -45.34 26.76
N LYS C 935 1.83 -44.92 26.70
CA LYS C 935 1.37 -44.23 25.50
C LYS C 935 1.97 -42.82 25.40
N VAL C 936 2.10 -42.11 26.52
CA VAL C 936 2.71 -40.79 26.46
C VAL C 936 4.19 -40.89 26.15
N TRP C 937 4.84 -42.01 26.47
CA TRP C 937 6.22 -42.23 26.02
C TRP C 937 6.29 -42.60 24.55
N LEU C 938 5.30 -43.35 24.05
CA LEU C 938 5.25 -43.74 22.65
C LEU C 938 4.74 -42.63 21.75
N GLN C 939 4.29 -41.50 22.30
CA GLN C 939 3.82 -40.42 21.45
C GLN C 939 4.92 -39.89 20.55
N GLU C 940 6.13 -39.72 21.08
CA GLU C 940 7.25 -39.31 20.25
C GLU C 940 7.77 -40.49 19.44
N TYR C 941 8.11 -40.22 18.18
CA TYR C 941 8.45 -41.31 17.26
C TYR C 941 9.84 -41.90 17.53
N TRP C 942 10.80 -41.08 17.97
CA TRP C 942 12.16 -41.56 18.11
C TRP C 942 12.33 -42.58 19.22
N ASN C 943 11.34 -42.77 20.09
CA ASN C 943 11.42 -43.80 21.12
C ASN C 943 10.57 -45.02 20.78
N VAL C 944 10.13 -45.14 19.54
CA VAL C 944 9.40 -46.31 19.07
C VAL C 944 10.25 -47.16 18.14
N THR C 945 10.89 -46.52 17.15
CA THR C 945 11.82 -47.24 16.30
C THR C 945 13.02 -47.74 17.08
N ASP C 946 13.40 -47.05 18.16
CA ASP C 946 14.45 -47.56 19.02
C ASP C 946 14.04 -48.89 19.66
N LEU C 947 12.81 -48.96 20.15
CA LEU C 947 12.32 -50.21 20.73
C LEU C 947 12.25 -51.31 19.67
N ILE C 948 11.79 -50.97 18.47
CA ILE C 948 11.71 -51.96 17.40
C ILE C 948 13.10 -52.49 17.06
N ALA C 949 14.08 -51.60 16.96
CA ALA C 949 15.44 -52.01 16.63
C ALA C 949 16.06 -52.85 17.74
N ILE C 950 15.81 -52.50 19.00
CA ILE C 950 16.34 -53.29 20.10
C ILE C 950 15.75 -54.70 20.07
N LEU C 951 14.43 -54.80 19.85
CA LEU C 951 13.81 -56.12 19.78
C LEU C 951 14.36 -56.94 18.62
N LEU C 952 14.52 -56.30 17.45
CA LEU C 952 15.01 -57.02 16.28
C LEU C 952 16.45 -57.48 16.49
N PHE C 953 17.28 -56.63 17.11
CA PHE C 953 18.64 -57.05 17.40
C PHE C 953 18.68 -58.18 18.43
N SER C 954 17.76 -58.17 19.40
CA SER C 954 17.69 -59.27 20.35
C SER C 954 17.32 -60.57 19.65
N VAL C 955 16.37 -60.51 18.72
CA VAL C 955 16.01 -61.69 17.94
C VAL C 955 17.21 -62.19 17.13
N GLY C 956 17.92 -61.26 16.49
CA GLY C 956 19.09 -61.64 15.72
C GLY C 956 20.19 -62.27 16.56
N MET C 957 20.43 -61.70 17.75
CA MET C 957 21.46 -62.24 18.63
C MET C 957 21.08 -63.62 19.15
N ILE C 958 19.80 -63.82 19.47
CA ILE C 958 19.34 -65.14 19.89
C ILE C 958 19.52 -66.15 18.76
N LEU C 959 19.17 -65.76 17.54
CA LEU C 959 19.36 -66.65 16.40
C LEU C 959 20.83 -66.80 16.02
N ARG C 960 21.71 -65.91 16.52
CA ARG C 960 23.11 -65.95 16.12
C ARG C 960 23.86 -67.08 16.82
N LEU C 961 23.52 -67.37 18.07
CA LEU C 961 24.24 -68.37 18.86
C LEU C 961 23.70 -69.77 18.63
N GLN C 962 23.69 -70.20 17.37
CA GLN C 962 23.13 -71.48 16.97
C GLN C 962 24.05 -72.09 15.93
N ASP C 963 23.55 -73.09 15.21
CA ASP C 963 24.33 -73.77 14.18
C ASP C 963 24.45 -72.87 12.94
N GLN C 964 25.00 -73.44 11.87
CA GLN C 964 25.40 -72.64 10.70
C GLN C 964 24.25 -71.89 10.03
N PRO C 965 23.11 -72.50 9.69
CA PRO C 965 22.07 -71.72 8.99
C PRO C 965 21.47 -70.62 9.86
N PHE C 966 21.18 -70.92 11.13
CA PHE C 966 20.67 -69.89 12.01
C PHE C 966 21.72 -68.81 12.28
N ARG C 967 23.00 -69.19 12.31
CA ARG C 967 24.06 -68.20 12.44
C ARG C 967 24.10 -67.26 11.25
N SER C 968 23.94 -67.82 10.04
CA SER C 968 23.88 -66.96 8.85
C SER C 968 22.68 -66.03 8.91
N ASP C 969 21.52 -66.53 9.34
CA ASP C 969 20.34 -65.68 9.45
C ASP C 969 20.54 -64.58 10.49
N GLY C 970 21.18 -64.90 11.61
CA GLY C 970 21.47 -63.88 12.60
C GLY C 970 22.44 -62.83 12.08
N ARG C 971 23.41 -63.26 11.29
CA ARG C 971 24.31 -62.28 10.65
C ARG C 971 23.53 -61.37 9.71
N VAL C 972 22.59 -61.93 8.96
CA VAL C 972 21.76 -61.10 8.07
C VAL C 972 20.93 -60.10 8.89
N ILE C 973 20.40 -60.54 10.02
CA ILE C 973 19.63 -59.61 10.87
C ILE C 973 20.51 -58.50 11.38
N TYR C 974 21.76 -58.81 11.75
CA TYR C 974 22.70 -57.76 12.13
C TYR C 974 22.94 -56.78 10.99
N CYS C 975 23.17 -57.30 9.79
CA CYS C 975 23.48 -56.45 8.63
C CYS C 975 22.30 -55.61 8.20
N VAL C 976 21.08 -56.02 8.53
CA VAL C 976 19.93 -55.16 8.24
C VAL C 976 19.70 -54.18 9.39
N ASN C 977 20.03 -54.57 10.62
CA ASN C 977 19.80 -53.70 11.76
C ASN C 977 20.80 -52.54 11.81
N ILE C 978 21.97 -52.72 11.19
CA ILE C 978 22.98 -51.65 11.24
C ILE C 978 22.48 -50.39 10.54
N ILE C 979 21.56 -50.53 9.58
CA ILE C 979 21.09 -49.39 8.82
C ILE C 979 20.36 -48.40 9.71
N TYR C 980 19.55 -48.90 10.65
CA TYR C 980 18.82 -48.00 11.53
C TYR C 980 19.75 -47.22 12.44
N TRP C 981 20.77 -47.88 12.98
CA TRP C 981 21.70 -47.16 13.85
C TRP C 981 22.54 -46.18 13.06
N TYR C 982 22.75 -46.43 11.77
CA TYR C 982 23.38 -45.42 10.93
C TYR C 982 22.46 -44.22 10.70
N ILE C 983 21.18 -44.48 10.44
CA ILE C 983 20.23 -43.40 10.16
C ILE C 983 19.98 -42.56 11.41
N ARG C 984 20.08 -43.16 12.60
CA ARG C 984 19.76 -42.45 13.82
C ARG C 984 20.74 -41.31 14.11
N LEU C 985 21.85 -41.22 13.38
CA LEU C 985 22.77 -40.11 13.56
C LEU C 985 22.14 -38.76 13.22
N LEU C 986 21.03 -38.74 12.48
CA LEU C 986 20.36 -37.47 12.22
C LEU C 986 19.77 -36.89 13.49
N ASP C 987 19.37 -37.73 14.43
CA ASP C 987 18.92 -37.24 15.73
C ASP C 987 20.06 -36.55 16.49
N ILE C 988 21.29 -37.04 16.32
CA ILE C 988 22.44 -36.36 16.89
C ILE C 988 22.71 -35.06 16.16
N PHE C 989 22.62 -35.09 14.82
CA PHE C 989 22.83 -33.88 14.02
C PHE C 989 21.82 -32.79 14.34
N GLY C 990 20.65 -33.15 14.86
CA GLY C 990 19.61 -32.17 15.13
C GLY C 990 19.98 -31.10 16.13
N VAL C 991 21.07 -31.27 16.88
CA VAL C 991 21.45 -30.25 17.85
C VAL C 991 22.00 -29.00 17.16
N ASN C 992 22.41 -29.10 15.91
CA ASN C 992 23.01 -27.97 15.22
C ASN C 992 21.95 -26.93 14.88
N LYS C 993 22.40 -25.70 14.69
CA LYS C 993 21.50 -24.60 14.37
C LYS C 993 21.13 -24.55 12.89
N TYR C 994 21.78 -25.35 12.04
CA TYR C 994 21.52 -25.33 10.62
C TYR C 994 21.16 -26.68 10.03
N LEU C 995 21.22 -27.76 10.81
CA LEU C 995 20.92 -29.09 10.29
C LEU C 995 19.55 -29.60 10.68
N GLY C 996 19.03 -29.23 11.84
CA GLY C 996 17.72 -29.65 12.28
C GLY C 996 16.59 -29.24 11.36
N PRO C 997 16.55 -27.95 10.98
CA PRO C 997 15.54 -27.53 10.01
C PRO C 997 15.59 -28.28 8.70
N TYR C 998 16.78 -28.61 8.20
CA TYR C 998 16.87 -29.38 6.96
C TYR C 998 16.35 -30.79 7.16
N VAL C 999 16.58 -31.37 8.33
CA VAL C 999 16.02 -32.70 8.62
C VAL C 999 14.49 -32.66 8.61
N MET C 1000 13.91 -31.62 9.21
CA MET C 1000 12.45 -31.54 9.20
C MET C 1000 11.90 -31.26 7.80
N MET C 1001 12.63 -30.47 7.00
CA MET C 1001 12.23 -30.27 5.62
C MET C 1001 12.22 -31.59 4.86
N ILE C 1002 13.25 -32.42 5.09
CA ILE C 1002 13.27 -33.77 4.52
C ILE C 1002 12.05 -34.55 4.99
N GLY C 1003 11.69 -34.39 6.26
CA GLY C 1003 10.55 -35.12 6.80
C GLY C 1003 9.24 -34.81 6.08
N LYS C 1004 9.03 -33.53 5.73
CA LYS C 1004 7.79 -33.19 5.02
C LYS C 1004 7.87 -33.51 3.53
N MET C 1005 9.03 -33.26 2.91
CA MET C 1005 9.17 -33.61 1.50
C MET C 1005 9.08 -35.11 1.28
N MET C 1006 9.28 -35.93 2.31
CA MET C 1006 9.04 -37.36 2.16
C MET C 1006 7.57 -37.64 1.88
N ILE C 1007 6.65 -36.96 2.58
CA ILE C 1007 5.24 -37.13 2.31
C ILE C 1007 4.91 -36.67 0.90
N ASP C 1008 5.45 -35.51 0.49
CA ASP C 1008 5.20 -35.05 -0.87
C ASP C 1008 5.74 -36.04 -1.91
N MET C 1009 6.92 -36.61 -1.65
CA MET C 1009 7.54 -37.54 -2.58
C MET C 1009 6.75 -38.84 -2.66
N MET C 1010 6.17 -39.29 -1.55
CA MET C 1010 5.32 -40.48 -1.61
C MET C 1010 4.09 -40.23 -2.47
N TYR C 1011 3.44 -39.07 -2.27
CA TYR C 1011 2.26 -38.75 -3.07
C TYR C 1011 2.59 -38.67 -4.55
N PHE C 1012 3.79 -38.21 -4.90
CA PHE C 1012 4.16 -38.15 -6.30
C PHE C 1012 4.88 -39.41 -6.79
N VAL C 1013 5.13 -40.38 -5.93
CA VAL C 1013 5.73 -41.64 -6.36
C VAL C 1013 4.69 -42.72 -6.59
N ILE C 1014 3.48 -42.58 -6.03
CA ILE C 1014 2.42 -43.55 -6.35
C ILE C 1014 2.14 -43.59 -7.85
N ILE C 1015 2.05 -42.41 -8.48
CA ILE C 1015 1.74 -42.34 -9.91
C ILE C 1015 2.85 -42.97 -10.73
N MET C 1016 4.12 -42.68 -10.38
CA MET C 1016 5.23 -43.28 -11.10
C MET C 1016 5.23 -44.79 -10.95
N LEU C 1017 4.84 -45.29 -9.77
CA LEU C 1017 4.73 -46.73 -9.58
C LEU C 1017 3.67 -47.33 -10.50
N VAL C 1018 2.54 -46.62 -10.67
CA VAL C 1018 1.49 -47.10 -11.57
C VAL C 1018 2.01 -47.21 -13.00
N VAL C 1019 2.67 -46.15 -13.48
CA VAL C 1019 3.18 -46.15 -14.85
C VAL C 1019 4.24 -47.23 -15.04
N LEU C 1020 5.11 -47.39 -14.04
CA LEU C 1020 6.16 -48.40 -14.09
C LEU C 1020 5.57 -49.80 -14.19
N MET C 1021 4.55 -50.09 -13.38
CA MET C 1021 3.90 -51.39 -13.45
C MET C 1021 3.29 -51.63 -14.82
N SER C 1022 2.65 -50.60 -15.39
CA SER C 1022 2.04 -50.75 -16.70
C SER C 1022 3.08 -51.13 -17.75
N PHE C 1023 4.17 -50.37 -17.82
CA PHE C 1023 5.18 -50.64 -18.83
C PHE C 1023 5.84 -52.00 -18.61
N GLY C 1024 6.13 -52.34 -17.35
CA GLY C 1024 6.75 -53.63 -17.08
C GLY C 1024 5.89 -54.79 -17.50
N VAL C 1025 4.59 -54.73 -17.20
CA VAL C 1025 3.69 -55.80 -17.59
C VAL C 1025 3.61 -55.89 -19.10
N ALA C 1026 3.55 -54.75 -19.80
CA ALA C 1026 3.48 -54.77 -21.25
C ALA C 1026 4.70 -55.43 -21.86
N ARG C 1027 5.90 -55.03 -21.42
CA ARG C 1027 7.12 -55.60 -21.97
C ARG C 1027 7.22 -57.09 -21.67
N GLN C 1028 6.93 -57.48 -20.43
CA GLN C 1028 7.06 -58.88 -20.04
C GLN C 1028 6.06 -59.76 -20.79
N ALA C 1029 4.87 -59.23 -21.07
CA ALA C 1029 3.90 -60.02 -21.81
C ALA C 1029 4.25 -60.11 -23.29
N ILE C 1030 4.74 -59.02 -23.87
CA ILE C 1030 5.05 -59.03 -25.31
C ILE C 1030 6.25 -59.93 -25.60
N LEU C 1031 7.33 -59.78 -24.83
CA LEU C 1031 8.57 -60.44 -25.18
C LEU C 1031 8.52 -61.94 -24.94
N PHE C 1032 7.98 -62.38 -23.81
CA PHE C 1032 8.00 -63.78 -23.42
C PHE C 1032 6.59 -64.35 -23.41
N PRO C 1033 6.14 -65.01 -24.47
CA PRO C 1033 4.76 -65.52 -24.53
C PRO C 1033 4.58 -66.98 -24.16
N ASN C 1034 5.62 -67.66 -23.66
CA ASN C 1034 5.53 -69.08 -23.31
C ASN C 1034 6.10 -69.33 -21.93
N GLU C 1035 5.69 -68.50 -20.96
CA GLU C 1035 6.20 -68.59 -19.61
C GLU C 1035 5.24 -69.41 -18.74
N GLU C 1036 5.78 -70.40 -18.05
CA GLU C 1036 5.02 -71.11 -17.05
C GLU C 1036 4.80 -70.20 -15.84
N PRO C 1037 3.67 -70.32 -15.15
CA PRO C 1037 3.41 -69.45 -14.00
C PRO C 1037 4.39 -69.69 -12.87
N SER C 1038 5.24 -68.70 -12.59
CA SER C 1038 6.27 -68.81 -11.58
C SER C 1038 6.42 -67.48 -10.86
N TRP C 1039 6.96 -67.53 -9.65
CA TRP C 1039 7.15 -66.32 -8.86
C TRP C 1039 8.16 -65.37 -9.49
N LYS C 1040 8.98 -65.85 -10.42
CA LYS C 1040 9.92 -64.97 -11.10
C LYS C 1040 9.23 -63.98 -12.02
N LEU C 1041 7.96 -64.19 -12.34
CA LEU C 1041 7.23 -63.24 -13.16
C LEU C 1041 7.04 -61.91 -12.44
N ALA C 1042 6.85 -61.96 -11.12
CA ALA C 1042 6.69 -60.74 -10.34
C ALA C 1042 7.99 -59.95 -10.19
N LYS C 1043 9.13 -60.53 -10.60
CA LYS C 1043 10.39 -59.83 -10.49
C LYS C 1043 10.72 -59.04 -11.75
N ASN C 1044 10.43 -59.60 -12.92
CA ASN C 1044 10.74 -58.90 -14.17
C ASN C 1044 9.85 -57.70 -14.41
N ILE C 1045 8.71 -57.60 -13.73
CA ILE C 1045 7.83 -56.45 -13.89
C ILE C 1045 8.44 -55.21 -13.24
N PHE C 1046 9.07 -55.38 -12.07
CA PHE C 1046 9.55 -54.26 -11.28
C PHE C 1046 11.04 -54.00 -11.41
N TYR C 1047 11.84 -55.02 -11.72
CA TYR C 1047 13.29 -54.88 -11.77
C TYR C 1047 13.75 -53.92 -12.86
N MET C 1048 13.55 -54.33 -14.12
CA MET C 1048 14.10 -53.57 -15.24
C MET C 1048 13.47 -52.19 -15.40
N PRO C 1049 12.14 -52.03 -15.36
CA PRO C 1049 11.59 -50.66 -15.49
C PRO C 1049 11.98 -49.74 -14.35
N TYR C 1050 12.37 -50.27 -13.19
CA TYR C 1050 12.84 -49.37 -12.14
C TYR C 1050 14.29 -49.00 -12.34
N TRP C 1051 15.15 -49.97 -12.70
CA TRP C 1051 16.54 -49.59 -12.95
C TRP C 1051 16.69 -48.77 -14.22
N MET C 1052 15.69 -48.76 -15.09
CA MET C 1052 15.84 -48.06 -16.37
C MET C 1052 15.83 -46.55 -16.20
N ILE C 1053 14.99 -46.03 -15.30
CA ILE C 1053 14.86 -44.58 -15.18
C ILE C 1053 15.98 -43.93 -14.41
N TYR C 1054 16.92 -44.69 -13.86
CA TYR C 1054 18.06 -44.15 -13.13
C TYR C 1054 19.34 -44.18 -13.97
N GLY C 1055 19.21 -43.99 -15.29
CA GLY C 1055 20.36 -43.91 -16.16
C GLY C 1055 20.88 -45.22 -16.69
N GLU C 1056 20.31 -46.34 -16.27
CA GLU C 1056 20.73 -47.65 -16.77
C GLU C 1056 19.81 -48.12 -17.88
N VAL C 1057 19.79 -47.36 -18.98
CA VAL C 1057 19.02 -47.72 -20.16
C VAL C 1057 19.91 -48.53 -21.09
N PHE C 1058 19.44 -49.70 -21.49
CA PHE C 1058 20.21 -50.56 -22.37
C PHE C 1058 19.48 -50.77 -23.69
N ALA C 1059 20.25 -51.13 -24.71
CA ALA C 1059 19.70 -51.35 -26.04
C ALA C 1059 19.59 -52.83 -26.41
N ASP C 1060 20.20 -53.72 -25.64
CA ASP C 1060 20.12 -55.15 -25.90
C ASP C 1060 19.36 -55.93 -24.84
N GLN C 1061 19.41 -55.48 -23.58
CA GLN C 1061 18.62 -56.14 -22.55
C GLN C 1061 17.13 -55.92 -22.74
N ILE C 1062 16.74 -54.88 -23.45
CA ILE C 1062 15.35 -54.64 -23.84
C ILE C 1062 15.32 -54.44 -25.34
N ASP C 1063 14.34 -55.06 -26.01
CA ASP C 1063 14.23 -55.14 -27.46
C ASP C 1063 15.49 -55.79 -28.02
N PRO C 1064 15.69 -57.08 -27.81
CA PRO C 1064 16.91 -57.74 -28.25
C PRO C 1064 16.98 -57.80 -29.76
N PRO C 1065 18.19 -57.87 -30.34
CA PRO C 1065 18.30 -57.94 -31.80
C PRO C 1065 17.86 -59.29 -32.34
N CYS C 1066 16.55 -59.47 -32.46
CA CYS C 1066 15.98 -60.72 -32.96
C CYS C 1066 16.33 -60.96 -34.42
N GLN C 1079 20.68 -67.98 -38.54
CA GLN C 1079 21.72 -67.45 -37.67
C GLN C 1079 21.13 -66.54 -36.60
N LEU C 1080 20.43 -65.49 -37.04
CA LEU C 1080 19.78 -64.58 -36.12
C LEU C 1080 18.64 -65.29 -35.39
N PRO C 1081 18.40 -64.95 -34.12
CA PRO C 1081 17.33 -65.62 -33.39
C PRO C 1081 15.97 -65.24 -33.95
N PRO C 1082 14.96 -66.09 -33.77
CA PRO C 1082 13.63 -65.79 -34.30
C PRO C 1082 13.01 -64.58 -33.60
N CYS C 1083 12.13 -63.91 -34.33
CA CYS C 1083 11.52 -62.65 -33.88
C CYS C 1083 10.15 -62.92 -33.27
N LYS C 1084 9.96 -62.49 -32.04
CA LYS C 1084 8.64 -62.60 -31.40
C LYS C 1084 7.66 -61.65 -32.07
N THR C 1085 6.41 -62.07 -32.12
CA THR C 1085 5.38 -61.27 -32.76
C THR C 1085 5.14 -59.98 -31.98
N GLY C 1086 5.13 -58.86 -32.69
CA GLY C 1086 4.91 -57.58 -32.04
C GLY C 1086 6.08 -57.07 -31.22
N ALA C 1087 7.30 -57.50 -31.55
CA ALA C 1087 8.47 -57.04 -30.82
C ALA C 1087 8.86 -55.61 -31.15
N TRP C 1088 8.26 -55.00 -32.17
CA TRP C 1088 8.57 -53.64 -32.55
C TRP C 1088 7.83 -52.60 -31.72
N ILE C 1089 6.93 -53.01 -30.83
CA ILE C 1089 6.20 -52.06 -30.02
C ILE C 1089 6.97 -51.71 -28.74
N VAL C 1090 7.84 -52.61 -28.27
CA VAL C 1090 8.51 -52.40 -27.00
C VAL C 1090 9.39 -51.15 -26.98
N PRO C 1091 10.22 -50.87 -27.99
CA PRO C 1091 10.96 -49.60 -27.96
C PRO C 1091 10.06 -48.37 -28.00
N ALA C 1092 8.92 -48.42 -28.69
CA ALA C 1092 8.03 -47.27 -28.72
C ALA C 1092 7.40 -47.02 -27.35
N ILE C 1093 6.92 -48.08 -26.71
CA ILE C 1093 6.38 -47.95 -25.36
C ILE C 1093 7.46 -47.47 -24.41
N MET C 1094 8.70 -47.95 -24.60
CA MET C 1094 9.80 -47.50 -23.75
C MET C 1094 10.07 -46.01 -23.94
N ALA C 1095 10.01 -45.53 -25.17
CA ALA C 1095 10.22 -44.12 -25.44
C ALA C 1095 9.16 -43.27 -24.75
N CYS C 1096 7.89 -43.67 -24.89
CA CYS C 1096 6.82 -42.93 -24.23
C CYS C 1096 6.96 -42.97 -22.72
N TYR C 1097 7.32 -44.12 -22.16
CA TYR C 1097 7.46 -44.26 -20.72
C TYR C 1097 8.61 -43.42 -20.18
N LEU C 1098 9.76 -43.43 -20.88
CA LEU C 1098 10.87 -42.60 -20.45
C LEU C 1098 10.53 -41.13 -20.53
N LEU C 1099 9.84 -40.72 -21.59
CA LEU C 1099 9.44 -39.33 -21.72
C LEU C 1099 8.51 -38.90 -20.59
N VAL C 1100 7.56 -39.77 -20.23
CA VAL C 1100 6.60 -39.39 -19.19
C VAL C 1100 7.11 -39.60 -17.77
N ALA C 1101 8.23 -40.31 -17.59
CA ALA C 1101 8.74 -40.54 -16.26
C ALA C 1101 10.03 -39.78 -15.93
N ASN C 1102 10.75 -39.28 -16.93
CA ASN C 1102 11.98 -38.54 -16.67
C ASN C 1102 11.91 -37.08 -17.06
N ILE C 1103 10.85 -36.63 -17.73
CA ILE C 1103 10.77 -35.25 -18.18
C ILE C 1103 9.59 -34.55 -17.53
N LEU C 1104 8.53 -35.31 -17.24
CA LEU C 1104 7.29 -34.72 -16.76
C LEU C 1104 7.15 -34.85 -15.24
N LEU C 1105 7.15 -36.07 -14.72
CA LEU C 1105 6.82 -36.26 -13.31
C LEU C 1105 7.91 -35.73 -12.40
N VAL C 1106 9.18 -35.97 -12.72
CA VAL C 1106 10.25 -35.50 -11.85
C VAL C 1106 10.34 -33.98 -11.89
N ASN C 1107 10.12 -33.37 -13.05
CA ASN C 1107 10.13 -31.91 -13.12
C ASN C 1107 8.95 -31.31 -12.37
N LEU C 1108 7.79 -31.95 -12.43
CA LEU C 1108 6.66 -31.48 -11.65
C LEU C 1108 6.94 -31.62 -10.16
N LEU C 1109 7.62 -32.69 -9.76
CA LEU C 1109 8.00 -32.84 -8.36
C LEU C 1109 8.97 -31.76 -7.93
N ILE C 1110 9.91 -31.39 -8.81
CA ILE C 1110 10.82 -30.29 -8.51
C ILE C 1110 10.04 -29.00 -8.32
N ALA C 1111 9.05 -28.75 -9.19
CA ALA C 1111 8.22 -27.56 -9.04
C ALA C 1111 7.45 -27.57 -7.72
N VAL C 1112 6.94 -28.73 -7.32
CA VAL C 1112 6.20 -28.84 -6.06
C VAL C 1112 7.10 -28.55 -4.88
N PHE C 1113 8.32 -29.11 -4.89
CA PHE C 1113 9.29 -28.80 -3.83
C PHE C 1113 9.61 -27.32 -3.81
N ASN C 1114 9.74 -26.71 -4.98
CA ASN C 1114 10.22 -25.33 -5.05
C ASN C 1114 9.16 -24.34 -4.59
N ASN C 1115 7.90 -24.55 -4.98
CA ASN C 1115 6.86 -23.57 -4.70
C ASN C 1115 6.16 -23.79 -3.38
N THR C 1116 6.56 -24.79 -2.60
CA THR C 1116 6.04 -25.01 -1.25
C THR C 1116 7.20 -25.16 -0.27
N PHE C 1117 8.15 -24.24 -0.36
CA PHE C 1117 9.38 -24.33 0.43
C PHE C 1117 9.49 -23.27 1.51
N PHE C 1118 9.00 -22.06 1.27
CA PHE C 1118 9.17 -21.00 2.25
C PHE C 1118 8.36 -21.28 3.52
N GLU C 1119 7.13 -21.74 3.37
CA GLU C 1119 6.30 -22.05 4.53
C GLU C 1119 6.89 -23.21 5.32
N VAL C 1120 7.38 -24.24 4.62
CA VAL C 1120 8.02 -25.37 5.29
C VAL C 1120 9.25 -24.91 6.04
N LYS C 1121 10.04 -24.01 5.44
CA LYS C 1121 11.24 -23.50 6.10
C LYS C 1121 10.89 -22.76 7.38
N SER C 1122 9.89 -21.86 7.31
CA SER C 1122 9.52 -21.10 8.50
C SER C 1122 8.97 -22.01 9.60
N ILE C 1123 8.11 -22.95 9.23
CA ILE C 1123 7.54 -23.86 10.23
C ILE C 1123 8.63 -24.74 10.83
N SER C 1124 9.57 -25.19 10.02
CA SER C 1124 10.67 -26.01 10.55
C SER C 1124 11.53 -25.22 11.52
N ASN C 1125 11.82 -23.95 11.20
CA ASN C 1125 12.58 -23.13 12.14
C ASN C 1125 11.85 -22.97 13.46
N GLN C 1126 10.54 -22.69 13.40
CA GLN C 1126 9.77 -22.55 14.63
C GLN C 1126 9.76 -23.83 15.43
N VAL C 1127 9.58 -24.97 14.77
CA VAL C 1127 9.49 -26.24 15.48
C VAL C 1127 10.83 -26.61 16.12
N TRP C 1128 11.94 -26.37 15.42
CA TRP C 1128 13.24 -26.65 16.01
C TRP C 1128 13.52 -25.76 17.20
N LYS C 1129 13.22 -24.47 17.09
CA LYS C 1129 13.44 -23.57 18.22
C LYS C 1129 12.55 -23.95 19.39
N PHE C 1130 11.37 -24.52 19.12
CA PHE C 1130 10.51 -24.97 20.21
C PHE C 1130 11.05 -26.25 20.85
N GLN C 1131 11.56 -27.18 20.04
CA GLN C 1131 12.02 -28.46 20.57
C GLN C 1131 13.38 -28.39 21.23
N ARG C 1132 14.09 -27.26 21.08
CA ARG C 1132 15.31 -27.08 21.85
C ARG C 1132 15.06 -27.24 23.35
N TYR C 1133 13.89 -26.78 23.82
CA TYR C 1133 13.57 -26.92 25.24
C TYR C 1133 13.45 -28.37 25.65
N GLN C 1134 12.77 -29.18 24.84
CA GLN C 1134 12.65 -30.60 25.15
C GLN C 1134 14.01 -31.27 25.15
N LEU C 1135 14.88 -30.89 24.20
CA LEU C 1135 16.24 -31.42 24.18
C LEU C 1135 16.98 -31.09 25.48
N ILE C 1136 16.90 -29.83 25.91
CA ILE C 1136 17.62 -29.40 27.11
C ILE C 1136 17.11 -30.13 28.34
N MET C 1137 15.78 -30.27 28.47
CA MET C 1137 15.24 -30.96 29.63
C MET C 1137 15.61 -32.44 29.64
N THR C 1138 15.50 -33.11 28.49
CA THR C 1138 15.80 -34.53 28.47
C THR C 1138 17.28 -34.80 28.62
N PHE C 1139 18.14 -33.80 28.38
CA PHE C 1139 19.54 -33.99 28.72
C PHE C 1139 19.87 -33.64 30.16
N HIS C 1140 19.13 -32.71 30.75
CA HIS C 1140 19.34 -32.43 32.17
C HIS C 1140 18.86 -33.58 33.03
N GLU C 1141 17.85 -34.33 32.58
CA GLU C 1141 17.33 -35.43 33.37
C GLU C 1141 18.27 -36.64 33.38
N ARG C 1142 19.05 -36.84 32.32
CA ARG C 1142 19.81 -38.07 32.14
C ARG C 1142 20.95 -38.18 33.15
N PRO C 1143 21.41 -39.41 33.42
CA PRO C 1143 22.58 -39.59 34.30
C PRO C 1143 23.87 -39.05 33.69
N VAL C 1144 24.96 -39.12 34.44
CA VAL C 1144 26.22 -38.54 33.99
C VAL C 1144 26.93 -39.45 33.00
N LEU C 1145 26.95 -40.76 33.28
CA LEU C 1145 27.73 -41.67 32.45
C LEU C 1145 27.02 -42.00 31.14
N PRO C 1146 27.77 -42.26 30.08
CA PRO C 1146 27.18 -42.68 28.81
C PRO C 1146 26.58 -44.06 28.92
N PRO C 1147 25.74 -44.46 27.96
CA PRO C 1147 25.08 -45.78 28.03
C PRO C 1147 26.03 -46.97 28.12
N PRO C 1148 27.18 -46.99 27.43
CA PRO C 1148 28.02 -48.21 27.55
C PRO C 1148 28.50 -48.49 28.96
N LEU C 1149 28.75 -47.47 29.76
CA LEU C 1149 29.15 -47.64 31.16
C LEU C 1149 28.13 -46.97 32.09
N ILE C 1150 26.85 -47.06 31.74
CA ILE C 1150 25.79 -46.50 32.58
C ILE C 1150 25.38 -47.46 33.69
N ILE C 1151 25.88 -48.70 33.68
CA ILE C 1151 25.46 -49.70 34.65
C ILE C 1151 25.88 -49.31 36.06
N PHE C 1152 26.90 -48.46 36.21
CA PHE C 1152 27.29 -47.99 37.53
C PHE C 1152 26.27 -47.00 38.08
N SER C 1153 25.73 -46.14 37.22
CA SER C 1153 24.72 -45.18 37.69
C SER C 1153 23.39 -45.83 37.96
N HIS C 1154 23.09 -46.97 37.33
CA HIS C 1154 21.82 -47.65 37.60
C HIS C 1154 21.86 -48.39 38.92
N MET C 1155 23.01 -48.95 39.30
CA MET C 1155 23.09 -49.63 40.59
C MET C 1155 23.13 -48.65 41.75
N THR C 1156 23.55 -47.41 41.52
CA THR C 1156 23.44 -46.39 42.54
C THR C 1156 22.00 -45.90 42.71
N MET C 1157 21.14 -46.15 41.71
CA MET C 1157 19.73 -45.84 41.87
C MET C 1157 19.06 -46.77 42.89
N ILE C 1158 19.52 -48.02 42.95
CA ILE C 1158 18.98 -48.96 43.94
C ILE C 1158 19.40 -48.55 45.34
N PHE C 1159 20.66 -48.14 45.51
CA PHE C 1159 21.15 -47.73 46.83
C PHE C 1159 20.42 -46.49 47.33
N GLN C 1160 20.20 -45.51 46.47
CA GLN C 1160 19.53 -44.29 46.87
C GLN C 1160 18.03 -44.43 46.99
N HIS C 1161 17.44 -45.52 46.48
CA HIS C 1161 16.01 -45.71 46.61
C HIS C 1161 15.65 -46.36 47.94
N VAL C 1162 16.45 -47.33 48.39
CA VAL C 1162 16.19 -47.98 49.67
C VAL C 1162 16.51 -47.11 50.87
N CYS C 1163 17.18 -45.98 50.67
CA CYS C 1163 17.51 -45.07 51.76
C CYS C 1163 16.25 -44.36 52.26
N ARG C 1176 15.69 -29.61 41.96
CA ARG C 1176 15.89 -28.77 40.80
C ARG C 1176 16.25 -27.35 41.22
N ASP C 1177 17.52 -27.15 41.59
CA ASP C 1177 17.98 -25.84 42.04
C ASP C 1177 17.87 -24.81 40.94
N TYR C 1178 18.25 -25.18 39.71
CA TYR C 1178 18.09 -24.30 38.56
C TYR C 1178 17.92 -25.16 37.32
N GLY C 1179 17.27 -24.59 36.31
CA GLY C 1179 17.02 -25.30 35.07
C GLY C 1179 15.54 -25.57 34.88
N LEU C 1180 14.87 -25.98 35.95
CA LEU C 1180 13.43 -26.15 35.94
C LEU C 1180 12.71 -25.02 36.65
N LYS C 1181 13.15 -24.66 37.86
CA LYS C 1181 12.57 -23.59 38.64
C LYS C 1181 13.68 -22.74 39.23
N LEU C 1182 13.27 -21.64 39.87
CA LEU C 1182 14.23 -20.74 40.52
C LEU C 1182 13.51 -20.14 41.74
N PHE C 1183 13.71 -20.75 42.89
CA PHE C 1183 13.09 -20.26 44.11
C PHE C 1183 13.68 -18.90 44.50
N ILE C 1184 12.82 -17.99 44.92
CA ILE C 1184 13.24 -16.64 45.28
C ILE C 1184 12.59 -16.24 46.59
N THR C 1185 13.16 -15.20 47.21
CA THR C 1185 12.70 -14.71 48.50
C THR C 1185 11.46 -13.85 48.30
N ASP C 1186 11.10 -13.07 49.34
CA ASP C 1186 9.93 -12.22 49.24
C ASP C 1186 10.28 -10.85 48.65
N ASP C 1187 11.47 -10.33 48.94
CA ASP C 1187 11.89 -9.07 48.35
C ASP C 1187 12.04 -9.19 46.84
N GLU C 1188 12.66 -10.27 46.37
CA GLU C 1188 12.77 -10.49 44.93
C GLU C 1188 11.41 -10.68 44.29
N LEU C 1189 10.51 -11.38 44.98
CA LEU C 1189 9.15 -11.55 44.47
C LEU C 1189 8.45 -10.21 44.32
N LYS C 1190 8.61 -9.32 45.32
CA LYS C 1190 7.98 -8.01 45.23
C LYS C 1190 8.59 -7.18 44.11
N LYS C 1191 9.91 -7.23 43.93
CA LYS C 1191 10.55 -6.50 42.85
C LYS C 1191 10.07 -7.00 41.49
N VAL C 1192 9.95 -8.32 41.34
CA VAL C 1192 9.46 -8.90 40.08
C VAL C 1192 8.03 -8.48 39.83
N HIS C 1193 7.18 -8.49 40.86
CA HIS C 1193 5.80 -8.06 40.68
C HIS C 1193 5.72 -6.60 40.26
N ASP C 1194 6.52 -5.74 40.89
CA ASP C 1194 6.51 -4.32 40.51
C ASP C 1194 6.99 -4.11 39.09
N PHE C 1195 8.04 -4.83 38.69
CA PHE C 1195 8.53 -4.73 37.32
C PHE C 1195 7.49 -5.19 36.32
N GLU C 1196 6.79 -6.28 36.64
CA GLU C 1196 5.75 -6.78 35.74
C GLU C 1196 4.59 -5.80 35.62
N GLU C 1197 4.20 -5.17 36.73
CA GLU C 1197 3.13 -4.17 36.66
C GLU C 1197 3.56 -2.97 35.82
N GLN C 1198 4.80 -2.52 35.99
CA GLN C 1198 5.30 -1.42 35.17
C GLN C 1198 5.28 -1.80 33.69
N CYS C 1199 5.71 -3.02 33.38
CA CYS C 1199 5.72 -3.47 31.99
C CYS C 1199 4.32 -3.56 31.41
N ILE C 1200 3.36 -4.06 32.18
CA ILE C 1200 2.01 -4.21 31.65
C ILE C 1200 1.31 -2.87 31.53
N GLU C 1201 1.71 -1.87 32.31
CA GLU C 1201 1.19 -0.53 32.07
C GLU C 1201 1.82 0.09 30.84
N GLU C 1202 3.14 -0.11 30.66
CA GLU C 1202 3.83 0.45 29.50
C GLU C 1202 3.29 -0.10 28.21
N TYR C 1203 3.01 -1.40 28.16
CA TYR C 1203 2.51 -2.01 26.94
C TYR C 1203 1.18 -1.40 26.52
N PHE C 1204 0.26 -1.23 27.47
CA PHE C 1204 -1.04 -0.67 27.15
C PHE C 1204 -0.93 0.79 26.73
N ARG C 1205 -0.07 1.55 27.40
CA ARG C 1205 0.12 2.95 27.00
C ARG C 1205 0.67 3.04 25.58
N GLU C 1206 1.66 2.20 25.24
CA GLU C 1206 2.23 2.23 23.90
C GLU C 1206 1.21 1.82 22.85
N LYS C 1207 0.41 0.78 23.13
CA LYS C 1207 -0.58 0.35 22.15
C LYS C 1207 -1.65 1.42 21.95
N ASP C 1208 -2.10 2.06 23.03
CA ASP C 1208 -3.11 3.10 22.90
C ASP C 1208 -2.57 4.30 22.13
N ASP C 1209 -1.32 4.69 22.40
CA ASP C 1209 -0.73 5.80 21.67
C ASP C 1209 -0.55 5.46 20.20
N ARG C 1210 -0.18 4.22 19.89
CA ARG C 1210 -0.06 3.81 18.50
C ARG C 1210 -1.41 3.83 17.80
N PHE C 1211 -2.46 3.39 18.48
CA PHE C 1211 -3.79 3.40 17.87
C PHE C 1211 -4.29 4.81 17.63
N ASN C 1212 -4.09 5.71 18.60
CA ASN C 1212 -4.62 7.06 18.47
C ASN C 1212 -3.84 7.93 17.49
N SER C 1213 -2.70 7.46 16.99
CA SER C 1213 -1.88 8.24 16.07
C SER C 1213 -1.85 7.66 14.67
N SER C 1214 -2.57 6.57 14.41
CA SER C 1214 -2.60 6.00 13.08
C SER C 1214 -3.44 6.87 12.15
N ASN C 1215 -3.28 6.62 10.84
CA ASN C 1215 -3.95 7.46 9.85
C ASN C 1215 -5.45 7.30 9.89
N ASP C 1216 -5.95 6.09 10.13
CA ASP C 1216 -7.38 5.84 10.09
C ASP C 1216 -8.12 6.62 11.17
N GLU C 1217 -7.64 6.54 12.41
CA GLU C 1217 -8.28 7.27 13.50
C GLU C 1217 -8.11 8.77 13.31
N ARG C 1218 -6.95 9.21 12.84
CA ARG C 1218 -6.72 10.64 12.61
C ARG C 1218 -7.58 11.18 11.49
N ILE C 1219 -8.05 10.33 10.57
CA ILE C 1219 -8.99 10.78 9.56
C ILE C 1219 -10.41 10.78 10.11
N ARG C 1220 -10.77 9.74 10.85
CA ARG C 1220 -12.14 9.63 11.36
C ARG C 1220 -12.46 10.76 12.34
N VAL C 1221 -11.52 11.07 13.24
CA VAL C 1221 -11.74 12.15 14.20
C VAL C 1221 -11.87 13.48 13.47
N THR C 1222 -11.03 13.71 12.46
CA THR C 1222 -11.12 14.94 11.67
C THR C 1222 -12.46 15.05 10.98
N SER C 1223 -12.96 13.94 10.42
CA SER C 1223 -14.25 13.97 9.74
C SER C 1223 -15.38 14.31 10.70
N GLU C 1224 -15.38 13.67 11.88
CA GLU C 1224 -16.44 13.94 12.85
C GLU C 1224 -16.41 15.39 13.32
N ARG C 1225 -15.22 15.91 13.63
CA ARG C 1225 -15.13 17.29 14.09
C ARG C 1225 -15.49 18.27 12.99
N VAL C 1226 -15.16 17.96 11.73
CA VAL C 1226 -15.57 18.81 10.63
C VAL C 1226 -17.09 18.84 10.50
N GLU C 1227 -17.73 17.68 10.67
CA GLU C 1227 -19.18 17.63 10.62
C GLU C 1227 -19.81 18.50 11.71
N ASN C 1228 -19.33 18.36 12.95
CA ASN C 1228 -19.87 19.17 14.04
C ASN C 1228 -19.63 20.65 13.82
N MET C 1229 -18.43 21.01 13.36
CA MET C 1229 -18.11 22.41 13.12
C MET C 1229 -18.96 22.99 12.01
N SER C 1230 -19.21 22.21 10.96
CA SER C 1230 -20.07 22.68 9.88
C SER C 1230 -21.49 22.92 10.37
N MET C 1231 -22.02 22.00 11.19
CA MET C 1231 -23.36 22.21 11.74
C MET C 1231 -23.44 23.47 12.58
N ARG C 1232 -22.46 23.67 13.47
CA ARG C 1232 -22.48 24.84 14.33
C ARG C 1232 -22.30 26.13 13.52
N LEU C 1233 -21.45 26.11 12.50
CA LEU C 1233 -21.24 27.31 11.69
C LEU C 1233 -22.48 27.64 10.87
N GLU C 1234 -23.18 26.63 10.35
CA GLU C 1234 -24.43 26.89 9.65
C GLU C 1234 -25.46 27.47 10.60
N GLU C 1235 -25.52 26.97 11.84
CA GLU C 1235 -26.42 27.54 12.83
C GLU C 1235 -26.09 28.99 13.12
N VAL C 1236 -24.80 29.31 13.23
CA VAL C 1236 -24.38 30.69 13.49
C VAL C 1236 -24.75 31.59 12.32
N ASN C 1237 -24.51 31.15 11.09
CA ASN C 1237 -24.75 32.00 9.94
C ASN C 1237 -26.24 32.22 9.68
N GLU C 1238 -27.05 31.17 9.82
CA GLU C 1238 -28.47 31.32 9.53
C GLU C 1238 -29.18 32.17 10.58
N ARG C 1239 -28.77 32.06 11.84
CA ARG C 1239 -29.38 32.80 12.94
C ARG C 1239 -28.46 33.96 13.30
N GLU C 1240 -28.82 35.17 12.87
CA GLU C 1240 -28.07 36.36 13.18
C GLU C 1240 -29.01 37.44 13.69
N HIS C 1241 -28.49 38.28 14.59
CA HIS C 1241 -29.28 39.38 15.12
C HIS C 1241 -29.41 40.54 14.15
N SER C 1242 -28.36 40.79 13.37
CA SER C 1242 -28.39 41.86 12.38
C SER C 1242 -28.94 41.37 11.05
N UNK D 1 -57.28 -23.33 20.28
CA UNK D 1 -56.16 -22.60 20.85
C UNK D 1 -56.64 -21.52 21.83
N UNK D 2 -55.80 -20.53 22.07
CA UNK D 2 -56.16 -19.41 22.92
C UNK D 2 -56.53 -18.21 22.07
N UNK D 3 -56.76 -18.47 20.79
CA UNK D 3 -57.11 -17.41 19.83
C UNK D 3 -58.44 -16.77 20.18
N UNK D 4 -59.52 -17.54 20.06
CA UNK D 4 -60.84 -17.05 20.40
C UNK D 4 -60.99 -16.89 21.91
N UNK D 5 -60.43 -15.82 22.45
CA UNK D 5 -60.48 -15.56 23.89
C UNK D 5 -61.09 -14.18 24.16
N UNK D 6 -61.12 -13.34 23.13
CA UNK D 6 -61.71 -12.01 23.25
C UNK D 6 -63.02 -11.94 22.48
N UNK D 7 -63.68 -10.79 22.54
CA UNK D 7 -64.95 -10.60 21.84
C UNK D 7 -64.99 -9.26 21.12
N UNK D 8 -65.66 -9.23 19.98
CA UNK D 8 -65.80 -7.99 19.20
C UNK D 8 -67.15 -7.34 19.48
N UNK D 9 -67.43 -6.23 18.81
CA UNK D 9 -68.69 -5.52 19.02
C UNK D 9 -69.13 -4.79 17.76
N UNK D 10 -70.08 -5.38 17.03
CA UNK D 10 -70.62 -4.78 15.82
C UNK D 10 -72.01 -4.18 16.09
N UNK D 11 -72.36 -3.15 15.34
CA UNK D 11 -73.62 -2.44 15.54
C UNK D 11 -74.83 -3.32 15.22
N UNK D 12 -75.80 -3.33 16.12
CA UNK D 12 -77.00 -4.13 15.94
C UNK D 12 -78.06 -3.33 15.17
N UNK D 13 -79.32 -3.56 15.50
CA UNK D 13 -80.42 -2.85 14.85
C UNK D 13 -80.59 -1.46 15.43
N UNK D 14 -79.65 -0.57 15.09
CA UNK D 14 -79.69 0.80 15.58
C UNK D 14 -80.61 1.65 14.71
N UNK D 15 -81.19 2.68 15.32
CA UNK D 15 -82.09 3.57 14.60
C UNK D 15 -81.74 5.03 14.85
N UNK D 16 -81.33 5.72 13.78
CA UNK D 16 -80.97 7.13 13.87
C UNK D 16 -80.95 7.75 12.47
N UNK D 17 -80.42 8.97 12.39
CA UNK D 17 -80.26 9.71 11.14
C UNK D 17 -81.59 9.87 10.40
N ILE E 128 -34.84 53.55 -46.48
CA ILE E 128 -36.07 54.02 -47.11
C ILE E 128 -37.26 53.22 -46.61
N SER E 129 -38.28 53.07 -47.46
CA SER E 129 -39.49 52.36 -47.09
C SER E 129 -39.42 50.87 -47.43
N LYS E 130 -38.34 50.23 -46.96
CA LYS E 130 -38.11 48.80 -47.13
C LYS E 130 -38.16 48.39 -48.61
N HIS E 131 -37.54 49.20 -49.47
CA HIS E 131 -37.45 48.89 -50.89
C HIS E 131 -36.11 48.21 -51.13
N THR E 132 -36.11 46.89 -50.96
CA THR E 132 -34.90 46.07 -51.07
C THR E 132 -35.18 44.86 -51.94
N GLN E 133 -34.12 44.36 -52.57
CA GLN E 133 -34.25 43.19 -53.44
C GLN E 133 -34.40 41.93 -52.60
N LEU E 134 -35.43 41.14 -52.89
CA LEU E 134 -35.64 39.86 -52.20
C LEU E 134 -34.84 38.77 -52.92
N SER E 135 -33.52 38.90 -52.81
CA SER E 135 -32.62 37.96 -53.47
C SER E 135 -32.56 36.65 -52.69
N PRO E 136 -32.23 35.55 -53.36
CA PRO E 136 -32.04 34.28 -52.65
C PRO E 136 -30.81 34.32 -51.75
N THR E 137 -30.83 33.46 -50.73
CA THR E 137 -29.72 33.40 -49.78
C THR E 137 -28.45 32.93 -50.47
N ASP E 138 -27.33 33.52 -50.08
CA ASP E 138 -26.05 33.20 -50.70
C ASP E 138 -24.92 33.08 -49.69
N ALA E 139 -25.23 32.88 -48.40
CA ALA E 139 -24.19 32.84 -47.37
C ALA E 139 -24.67 31.94 -46.24
N PHE E 140 -24.12 30.73 -46.19
CA PHE E 140 -24.38 29.79 -45.10
C PHE E 140 -23.22 28.81 -45.06
N GLY E 141 -23.40 27.71 -44.33
CA GLY E 141 -22.37 26.69 -44.28
C GLY E 141 -21.87 26.40 -42.88
N THR E 142 -20.59 26.71 -42.62
CA THR E 142 -19.98 26.41 -41.34
C THR E 142 -18.84 27.38 -41.10
N ILE E 143 -18.77 27.93 -39.89
CA ILE E 143 -17.69 28.82 -39.50
C ILE E 143 -16.84 28.10 -38.46
N GLU E 144 -15.59 28.56 -38.35
CA GLU E 144 -14.65 28.02 -37.37
C GLU E 144 -13.91 29.19 -36.74
N PHE E 145 -14.03 29.33 -35.42
CA PHE E 145 -13.48 30.48 -34.72
C PHE E 145 -11.98 30.27 -34.49
N GLN E 146 -11.17 31.10 -35.13
CA GLN E 146 -9.73 31.08 -34.93
C GLN E 146 -9.32 32.18 -33.97
N GLY E 147 -8.42 31.84 -33.05
CA GLY E 147 -7.96 32.79 -32.05
C GLY E 147 -8.75 32.79 -30.76
N GLY E 148 -9.84 32.03 -30.68
CA GLY E 148 -10.59 31.92 -29.46
C GLY E 148 -9.96 30.98 -28.48
N GLY E 149 -10.63 30.82 -27.34
CA GLY E 149 -10.13 29.92 -26.30
C GLY E 149 -10.10 28.47 -26.75
N HIS E 150 -11.13 28.03 -27.46
CA HIS E 150 -11.22 26.66 -27.95
C HIS E 150 -11.68 26.67 -29.39
N SER E 151 -11.30 25.63 -30.12
CA SER E 151 -11.72 25.48 -31.51
C SER E 151 -13.13 24.90 -31.55
N ASN E 152 -14.09 25.70 -31.98
CA ASN E 152 -15.49 25.29 -32.02
C ASN E 152 -16.08 25.64 -33.38
N LYS E 153 -16.88 24.73 -33.93
CA LYS E 153 -17.59 24.96 -35.17
C LYS E 153 -19.04 25.34 -34.88
N ALA E 154 -19.68 25.95 -35.87
CA ALA E 154 -21.05 26.43 -35.70
C ALA E 154 -21.67 26.64 -37.06
N MET E 155 -22.73 25.90 -37.36
CA MET E 155 -23.46 26.14 -38.60
C MET E 155 -24.17 27.48 -38.53
N TYR E 156 -24.48 28.03 -39.70
CA TYR E 156 -25.11 29.33 -39.77
C TYR E 156 -25.85 29.45 -41.09
N VAL E 157 -26.84 30.34 -41.12
CA VAL E 157 -27.58 30.65 -42.34
C VAL E 157 -28.26 32.00 -42.18
N ARG E 158 -28.14 32.87 -43.17
CA ARG E 158 -28.82 34.15 -43.14
C ARG E 158 -30.18 34.03 -43.79
N VAL E 159 -31.20 34.56 -43.12
CA VAL E 159 -32.58 34.49 -43.59
C VAL E 159 -33.25 35.84 -43.37
N SER E 160 -34.28 36.11 -44.16
CA SER E 160 -35.03 37.35 -44.04
C SER E 160 -35.92 37.31 -42.80
N PHE E 161 -36.33 38.50 -42.36
CA PHE E 161 -37.14 38.61 -41.14
C PHE E 161 -38.53 38.02 -41.31
N ASP E 162 -39.03 37.90 -42.54
CA ASP E 162 -40.37 37.39 -42.80
C ASP E 162 -40.40 35.89 -43.05
N THR E 163 -39.36 35.18 -42.66
CA THR E 163 -39.32 33.73 -42.85
C THR E 163 -40.35 33.04 -41.97
N LYS E 164 -41.05 32.07 -42.53
CA LYS E 164 -42.04 31.32 -41.77
C LYS E 164 -41.35 30.47 -40.71
N PRO E 165 -41.81 30.52 -39.44
CA PRO E 165 -41.12 29.76 -38.39
C PRO E 165 -41.13 28.25 -38.61
N ASP E 166 -42.13 27.72 -39.32
CA ASP E 166 -42.16 26.29 -39.59
C ASP E 166 -40.95 25.88 -40.44
N LEU E 167 -40.57 26.71 -41.41
CA LEU E 167 -39.41 26.41 -42.23
C LEU E 167 -38.13 26.41 -41.40
N LEU E 168 -38.00 27.36 -40.48
CA LEU E 168 -36.82 27.39 -39.62
C LEU E 168 -36.77 26.18 -38.71
N LEU E 169 -37.92 25.78 -38.17
CA LEU E 169 -37.95 24.57 -37.34
C LEU E 169 -37.57 23.34 -38.15
N HIS E 170 -38.04 23.26 -39.39
CA HIS E 170 -37.66 22.15 -40.26
C HIS E 170 -36.15 22.16 -40.52
N LEU E 171 -35.59 23.35 -40.75
CA LEU E 171 -34.15 23.46 -40.97
C LEU E 171 -33.36 22.99 -39.75
N MET E 172 -33.81 23.37 -38.56
CA MET E 172 -33.13 22.95 -37.35
C MET E 172 -33.31 21.45 -37.09
N THR E 173 -34.43 20.88 -37.52
CA THR E 173 -34.69 19.47 -37.23
C THR E 173 -33.98 18.55 -38.22
N LYS E 174 -34.30 18.65 -39.50
CA LYS E 174 -33.78 17.69 -40.47
C LYS E 174 -32.47 18.11 -41.12
N GLU E 175 -32.23 19.41 -41.28
CA GLU E 175 -31.02 19.87 -41.95
C GLU E 175 -29.85 20.06 -40.99
N TRP E 176 -30.08 20.08 -39.68
CA TRP E 176 -29.01 20.18 -38.70
C TRP E 176 -28.98 19.01 -37.74
N GLN E 177 -29.90 18.05 -37.86
CA GLN E 177 -29.96 16.86 -37.00
C GLN E 177 -30.08 17.22 -35.53
N LEU E 178 -31.17 17.91 -35.20
CA LEU E 178 -31.48 18.27 -33.82
C LEU E 178 -32.92 17.89 -33.52
N GLU E 179 -33.12 17.19 -32.42
CA GLU E 179 -34.46 16.81 -31.99
C GLU E 179 -35.15 17.98 -31.32
N LEU E 180 -36.46 17.83 -31.10
CA LEU E 180 -37.21 18.85 -30.39
C LEU E 180 -36.72 18.96 -28.94
N PRO E 181 -36.55 20.16 -28.43
CA PRO E 181 -36.04 20.31 -27.06
C PRO E 181 -37.14 20.13 -26.03
N LYS E 182 -36.71 19.78 -24.82
CA LYS E 182 -37.59 19.66 -23.67
C LYS E 182 -37.58 20.92 -22.81
N LEU E 183 -36.96 21.99 -23.30
CA LEU E 183 -36.78 23.23 -22.56
C LEU E 183 -36.35 24.31 -23.53
N LEU E 184 -36.83 25.52 -23.33
CA LEU E 184 -36.62 26.63 -24.27
C LEU E 184 -36.18 27.88 -23.54
N ILE E 185 -35.14 27.77 -22.72
CA ILE E 185 -34.62 28.91 -21.96
C ILE E 185 -34.25 30.04 -22.92
N SER E 186 -34.95 31.17 -22.80
CA SER E 186 -34.65 32.35 -23.58
C SER E 186 -34.02 33.40 -22.67
N VAL E 187 -32.96 34.05 -23.17
CA VAL E 187 -32.22 35.03 -22.39
C VAL E 187 -32.39 36.38 -23.08
N HIS E 188 -32.98 37.33 -22.37
CA HIS E 188 -33.07 38.71 -22.82
C HIS E 188 -32.27 39.59 -21.88
N GLY E 189 -31.60 40.59 -22.42
CA GLY E 189 -30.79 41.50 -21.63
C GLY E 189 -30.75 42.87 -22.24
N GLY E 190 -29.63 43.55 -22.09
CA GLY E 190 -29.45 44.87 -22.66
C GLY E 190 -28.24 44.93 -23.55
N LEU E 191 -28.35 45.68 -24.65
CA LEU E 191 -27.27 45.81 -25.62
C LEU E 191 -26.25 46.83 -25.14
N GLN E 192 -25.68 46.55 -23.97
CA GLN E 192 -24.68 47.41 -23.36
C GLN E 192 -23.80 46.54 -22.48
N ASN E 193 -22.48 46.71 -22.58
CA ASN E 193 -21.56 45.90 -21.82
C ASN E 193 -21.55 46.36 -20.37
N PHE E 194 -22.04 45.50 -19.47
CA PHE E 194 -22.02 45.74 -18.04
C PHE E 194 -21.31 44.57 -17.37
N GLU E 195 -20.74 44.85 -16.20
CA GLU E 195 -19.93 43.86 -15.49
C GLU E 195 -20.62 43.50 -14.18
N LEU E 196 -20.94 42.21 -14.03
CA LEU E 196 -21.50 41.73 -12.77
C LEU E 196 -20.43 41.69 -11.69
N GLN E 197 -20.86 41.91 -10.46
CA GLN E 197 -19.96 41.75 -9.34
C GLN E 197 -19.57 40.29 -9.18
N PRO E 198 -18.34 40.02 -8.73
CA PRO E 198 -17.90 38.63 -8.59
C PRO E 198 -18.72 37.87 -7.57
N LYS E 199 -18.67 36.54 -7.68
CA LYS E 199 -19.47 35.60 -6.90
C LYS E 199 -20.97 35.75 -7.16
N LEU E 200 -21.33 36.46 -8.23
CA LEU E 200 -22.71 36.49 -8.71
C LEU E 200 -22.83 35.92 -10.11
N LYS E 201 -21.92 36.29 -11.02
CA LYS E 201 -21.93 35.68 -12.34
C LYS E 201 -21.52 34.22 -12.27
N GLN E 202 -20.71 33.84 -11.27
CA GLN E 202 -20.27 32.46 -11.15
C GLN E 202 -21.44 31.53 -10.85
N VAL E 203 -22.23 31.86 -9.84
CA VAL E 203 -23.36 31.01 -9.46
C VAL E 203 -24.43 31.03 -10.55
N PHE E 204 -24.64 32.19 -11.17
CA PHE E 204 -25.57 32.29 -12.28
C PHE E 204 -25.16 31.38 -13.43
N GLY E 205 -23.88 31.43 -13.80
CA GLY E 205 -23.40 30.58 -14.89
C GLY E 205 -23.50 29.10 -14.56
N LYS E 206 -23.12 28.72 -13.33
CA LYS E 206 -23.20 27.32 -12.94
C LYS E 206 -24.63 26.83 -12.93
N GLY E 207 -25.56 27.64 -12.41
CA GLY E 207 -26.96 27.24 -12.40
C GLY E 207 -27.53 27.10 -13.79
N LEU E 208 -27.23 28.07 -14.68
CA LEU E 208 -27.73 28.00 -16.05
C LEU E 208 -27.16 26.78 -16.76
N ILE E 209 -25.87 26.50 -16.58
CA ILE E 209 -25.23 25.37 -17.23
C ILE E 209 -25.83 24.06 -16.74
N LYS E 210 -26.04 23.93 -15.42
CA LYS E 210 -26.63 22.71 -14.90
C LYS E 210 -28.05 22.52 -15.42
N ALA E 211 -28.85 23.59 -15.44
CA ALA E 211 -30.22 23.49 -15.90
C ALA E 211 -30.31 23.15 -17.38
N ALA E 212 -29.39 23.66 -18.19
CA ALA E 212 -29.41 23.38 -19.62
C ALA E 212 -28.65 22.13 -20.02
N MET E 213 -27.90 21.52 -19.10
CA MET E 213 -27.16 20.31 -19.41
C MET E 213 -27.82 19.05 -18.87
N THR E 214 -28.33 19.08 -17.64
CA THR E 214 -29.04 17.91 -17.13
C THR E 214 -30.34 17.65 -17.89
N THR E 215 -30.89 18.67 -18.53
CA THR E 215 -32.09 18.55 -19.34
C THR E 215 -31.78 19.01 -20.76
N GLY E 216 -32.32 18.30 -21.74
CA GLY E 216 -32.16 18.73 -23.12
C GLY E 216 -32.80 20.07 -23.34
N ALA E 217 -32.00 21.11 -23.53
CA ALA E 217 -32.47 22.47 -23.55
C ALA E 217 -31.88 23.24 -24.73
N TRP E 218 -32.65 24.21 -25.22
CA TRP E 218 -32.20 25.15 -26.23
C TRP E 218 -32.10 26.54 -25.60
N ILE E 219 -30.94 27.15 -25.70
CA ILE E 219 -30.70 28.46 -25.10
C ILE E 219 -30.68 29.48 -26.23
N PHE E 220 -31.77 30.22 -26.39
CA PHE E 220 -31.78 31.35 -27.30
C PHE E 220 -31.05 32.52 -26.66
N THR E 221 -30.34 33.27 -27.48
CA THR E 221 -29.56 34.41 -27.00
C THR E 221 -29.39 35.41 -28.11
N GLY E 222 -28.88 36.59 -27.75
CA GLY E 222 -28.64 37.63 -28.73
C GLY E 222 -27.59 37.26 -29.75
N GLY E 223 -26.58 36.49 -29.34
CA GLY E 223 -25.57 36.02 -30.26
C GLY E 223 -24.34 36.91 -30.33
N VAL E 224 -24.52 38.18 -30.66
CA VAL E 224 -23.38 39.07 -30.79
C VAL E 224 -22.78 39.34 -29.41
N ASN E 225 -21.45 39.49 -29.38
CA ASN E 225 -20.71 39.56 -28.12
C ASN E 225 -20.91 40.92 -27.48
N THR E 226 -22.07 41.08 -26.85
CA THR E 226 -22.40 42.33 -26.15
C THR E 226 -23.31 42.02 -24.96
N GLY E 227 -22.97 42.57 -23.80
CA GLY E 227 -23.88 42.50 -22.67
C GLY E 227 -23.97 41.11 -22.08
N VAL E 228 -25.21 40.63 -21.89
CA VAL E 228 -25.44 39.36 -21.22
C VAL E 228 -24.93 38.19 -22.05
N ILE E 229 -24.88 38.34 -23.38
CA ILE E 229 -24.41 37.27 -24.25
C ILE E 229 -22.95 36.97 -23.96
N ARG E 230 -22.15 37.99 -23.65
CA ARG E 230 -20.77 37.76 -23.23
C ARG E 230 -20.73 36.94 -21.93
N HIS E 231 -21.65 37.22 -21.02
CA HIS E 231 -21.67 36.49 -19.75
C HIS E 231 -22.04 35.02 -19.96
N VAL E 232 -23.01 34.75 -20.83
CA VAL E 232 -23.34 33.34 -21.07
C VAL E 232 -22.23 32.66 -21.86
N GLY E 233 -21.50 33.41 -22.70
CA GLY E 233 -20.34 32.84 -23.35
C GLY E 233 -19.25 32.47 -22.36
N ASP E 234 -19.02 33.32 -21.37
CA ASP E 234 -18.06 33.00 -20.31
C ASP E 234 -18.54 31.80 -19.49
N ALA E 235 -19.84 31.72 -19.25
CA ALA E 235 -20.39 30.55 -18.53
C ALA E 235 -20.15 29.26 -19.31
N LEU E 236 -20.36 29.30 -20.63
CA LEU E 236 -20.05 28.14 -21.45
C LEU E 236 -18.57 27.84 -21.47
N LYS E 237 -17.72 28.88 -21.38
CA LYS E 237 -16.29 28.66 -21.22
C LYS E 237 -15.98 27.91 -19.94
N ASP E 238 -16.67 28.27 -18.85
CA ASP E 238 -16.44 27.65 -17.55
C ASP E 238 -17.18 26.34 -17.36
N HIS E 239 -17.65 25.72 -18.43
CA HIS E 239 -18.25 24.40 -18.36
C HIS E 239 -17.62 23.42 -19.33
N ALA E 240 -17.27 23.85 -20.55
CA ALA E 240 -16.67 22.96 -21.53
C ALA E 240 -15.29 22.49 -21.12
N SER E 241 -14.65 23.17 -20.16
CA SER E 241 -13.35 22.77 -19.64
C SER E 241 -13.46 21.87 -18.42
N LYS E 242 -14.68 21.51 -18.00
CA LYS E 242 -14.86 20.67 -16.82
C LYS E 242 -15.84 19.53 -17.00
N SER E 243 -16.53 19.43 -18.14
CA SER E 243 -17.55 18.39 -18.30
C SER E 243 -17.70 18.04 -19.76
N ARG E 244 -18.33 16.89 -20.00
CA ARG E 244 -18.57 16.38 -21.34
C ARG E 244 -19.82 17.05 -21.92
N GLY E 245 -20.31 16.51 -23.04
CA GLY E 245 -21.58 16.92 -23.59
C GLY E 245 -21.51 18.22 -24.36
N LYS E 246 -22.67 18.62 -24.88
CA LYS E 246 -22.81 19.84 -25.64
C LYS E 246 -24.11 20.53 -25.25
N ILE E 247 -24.15 21.84 -25.48
CA ILE E 247 -25.34 22.66 -25.25
C ILE E 247 -25.73 23.28 -26.58
N CYS E 248 -26.98 23.06 -26.99
CA CYS E 248 -27.47 23.58 -28.27
C CYS E 248 -27.83 25.05 -28.10
N THR E 249 -26.80 25.89 -28.08
CA THR E 249 -26.97 27.32 -27.80
C THR E 249 -27.21 28.06 -29.10
N ILE E 250 -28.44 27.94 -29.60
CA ILE E 250 -28.81 28.63 -30.83
C ILE E 250 -28.81 30.13 -30.59
N GLY E 251 -28.15 30.87 -31.48
CA GLY E 251 -28.09 32.31 -31.35
C GLY E 251 -28.72 33.03 -32.52
N ILE E 252 -29.63 33.96 -32.24
CA ILE E 252 -30.30 34.74 -33.27
C ILE E 252 -29.75 36.16 -33.19
N ALA E 253 -28.93 36.53 -34.18
CA ALA E 253 -28.26 37.81 -34.21
C ALA E 253 -28.56 38.54 -35.51
N PRO E 254 -28.70 39.86 -35.48
CA PRO E 254 -28.94 40.59 -36.71
C PRO E 254 -27.73 40.57 -37.62
N TRP E 255 -27.97 40.41 -38.92
CA TRP E 255 -26.88 40.29 -39.88
C TRP E 255 -26.14 41.60 -40.08
N GLY E 256 -26.85 42.73 -39.97
CA GLY E 256 -26.24 44.01 -40.24
C GLY E 256 -25.28 44.53 -39.19
N ILE E 257 -25.19 43.86 -38.04
CA ILE E 257 -24.30 44.30 -36.97
C ILE E 257 -23.04 43.46 -36.88
N VAL E 258 -22.94 42.37 -37.66
CA VAL E 258 -21.74 41.56 -37.66
C VAL E 258 -20.57 42.38 -38.19
N GLU E 259 -19.44 42.34 -37.48
CA GLU E 259 -18.29 43.14 -37.88
C GLU E 259 -17.73 42.70 -39.23
N ASN E 260 -17.80 41.42 -39.53
CA ASN E 260 -17.39 40.89 -40.83
C ASN E 260 -18.63 40.35 -41.52
N GLN E 261 -19.36 41.25 -42.20
CA GLN E 261 -20.46 40.81 -43.03
C GLN E 261 -19.96 40.02 -44.22
N GLU E 262 -18.76 40.34 -44.71
CA GLU E 262 -18.09 39.52 -45.72
C GLU E 262 -17.38 38.38 -45.01
N ASP E 263 -16.59 37.61 -45.77
CA ASP E 263 -15.87 36.43 -45.29
C ASP E 263 -16.82 35.37 -44.75
N LEU E 264 -18.09 35.41 -45.16
CA LEU E 264 -19.06 34.40 -44.78
C LEU E 264 -19.92 33.97 -45.95
N ILE E 265 -19.51 34.27 -47.19
CA ILE E 265 -20.38 34.09 -48.35
C ILE E 265 -20.23 32.73 -49.00
N GLY E 266 -19.17 31.98 -48.70
CA GLY E 266 -18.99 30.67 -49.28
C GLY E 266 -20.03 29.67 -48.82
N ARG E 267 -20.95 29.30 -49.73
CA ARG E 267 -22.05 28.43 -49.36
C ARG E 267 -21.56 26.99 -49.17
N ASP E 268 -21.98 26.37 -48.07
CA ASP E 268 -21.65 24.97 -47.75
C ASP E 268 -20.14 24.74 -47.71
N VAL E 269 -19.40 25.71 -47.19
CA VAL E 269 -17.95 25.60 -47.06
C VAL E 269 -17.54 26.10 -45.68
N VAL E 270 -16.39 25.62 -45.23
CA VAL E 270 -15.85 26.02 -43.93
C VAL E 270 -15.11 27.34 -44.11
N ARG E 271 -15.55 28.37 -43.40
CA ARG E 271 -14.96 29.69 -43.49
C ARG E 271 -14.34 30.08 -42.15
N PRO E 272 -13.05 30.36 -42.08
CA PRO E 272 -12.46 30.78 -40.80
C PRO E 272 -12.99 32.14 -40.37
N TYR E 273 -13.03 32.34 -39.06
CA TYR E 273 -13.48 33.61 -38.50
C TYR E 273 -12.57 33.97 -37.33
N GLN E 274 -12.22 35.26 -37.25
CA GLN E 274 -11.34 35.77 -36.22
C GLN E 274 -12.17 36.42 -35.12
N THR E 275 -11.95 35.99 -33.88
CA THR E 275 -12.74 36.47 -32.75
C THR E 275 -12.26 37.82 -32.22
N MET E 276 -11.16 38.35 -32.75
CA MET E 276 -10.66 39.64 -32.30
C MET E 276 -11.42 40.76 -33.00
N SER E 277 -11.80 41.78 -32.23
CA SER E 277 -12.51 42.94 -32.76
C SER E 277 -11.91 44.22 -32.20
N ASN E 278 -12.04 45.30 -32.95
CA ASN E 278 -11.52 46.60 -32.58
C ASN E 278 -12.64 47.50 -32.05
N PRO E 279 -12.39 48.23 -30.97
CA PRO E 279 -13.44 49.10 -30.41
C PRO E 279 -13.93 50.18 -31.37
N MET E 280 -13.08 50.67 -32.27
CA MET E 280 -13.47 51.73 -33.18
C MET E 280 -14.18 51.22 -34.43
N SER E 281 -14.36 49.90 -34.56
CA SER E 281 -14.99 49.34 -35.74
C SER E 281 -16.48 49.64 -35.83
N LYS E 282 -17.09 50.16 -34.77
CA LYS E 282 -18.50 50.53 -34.68
C LYS E 282 -19.44 49.34 -34.82
N LEU E 283 -18.91 48.12 -34.90
CA LEU E 283 -19.73 46.91 -35.01
C LEU E 283 -19.35 45.94 -33.92
N THR E 284 -19.85 44.71 -33.99
CA THR E 284 -19.57 43.70 -32.97
C THR E 284 -19.23 42.38 -33.64
N VAL E 285 -18.46 41.57 -32.94
CA VAL E 285 -18.04 40.25 -33.42
C VAL E 285 -18.96 39.20 -32.81
N LEU E 286 -19.31 38.19 -33.62
CA LEU E 286 -20.16 37.12 -33.14
C LEU E 286 -19.45 36.34 -32.05
N ASN E 287 -20.17 36.04 -30.97
CA ASN E 287 -19.58 35.34 -29.84
C ASN E 287 -19.19 33.92 -30.23
N SER E 288 -18.08 33.45 -29.69
CA SER E 288 -17.66 32.08 -29.93
C SER E 288 -18.50 31.13 -29.08
N MET E 289 -18.25 29.83 -29.28
CA MET E 289 -18.99 28.72 -28.66
C MET E 289 -20.49 28.99 -28.58
N HIS E 290 -21.04 29.42 -29.71
CA HIS E 290 -22.48 29.41 -29.95
C HIS E 290 -22.71 28.33 -31.00
N SER E 291 -23.25 27.18 -30.57
CA SER E 291 -23.21 25.99 -31.39
C SER E 291 -23.95 26.14 -32.72
N HIS E 292 -24.87 27.10 -32.84
CA HIS E 292 -25.54 27.37 -34.10
C HIS E 292 -25.75 28.87 -34.23
N PHE E 293 -26.27 29.28 -35.38
CA PHE E 293 -26.55 30.69 -35.61
C PHE E 293 -27.74 30.82 -36.55
N ILE E 294 -28.45 31.95 -36.44
CA ILE E 294 -29.48 32.36 -37.38
C ILE E 294 -29.32 33.85 -37.58
N LEU E 295 -28.99 34.27 -38.80
CA LEU E 295 -28.76 35.68 -39.10
C LEU E 295 -30.01 36.27 -39.75
N ALA E 296 -30.50 37.37 -39.19
CA ALA E 296 -31.68 38.06 -39.68
C ALA E 296 -31.27 39.40 -40.28
N ASP E 297 -31.69 39.64 -41.52
CA ASP E 297 -31.34 40.86 -42.23
C ASP E 297 -32.58 41.46 -42.89
N ASN E 298 -32.68 42.78 -42.84
CA ASN E 298 -33.74 43.52 -43.51
C ASN E 298 -33.16 44.65 -44.35
N GLY E 299 -31.96 44.47 -44.86
CA GLY E 299 -31.34 45.45 -45.73
C GLY E 299 -30.56 46.54 -45.02
N THR E 300 -30.67 46.64 -43.70
CA THR E 300 -29.97 47.68 -42.97
C THR E 300 -28.54 47.25 -42.67
N THR E 301 -27.80 48.14 -42.00
CA THR E 301 -26.44 47.83 -41.57
C THR E 301 -26.14 48.69 -40.35
N GLY E 302 -25.75 48.05 -39.26
CA GLY E 302 -25.44 48.77 -38.03
C GLY E 302 -26.62 49.09 -37.16
N LYS E 303 -27.77 48.46 -37.37
CA LYS E 303 -28.94 48.70 -36.56
C LYS E 303 -29.54 47.36 -36.11
N TYR E 304 -30.11 47.36 -34.90
CA TYR E 304 -30.74 46.19 -34.33
C TYR E 304 -32.22 46.17 -34.68
N GLY E 305 -32.99 45.32 -33.99
CA GLY E 305 -34.43 45.30 -34.13
C GLY E 305 -34.97 44.51 -35.29
N ALA E 306 -34.11 43.85 -36.07
CA ALA E 306 -34.54 43.06 -37.21
C ALA E 306 -34.77 41.60 -36.87
N GLU E 307 -34.54 41.19 -35.64
CA GLU E 307 -34.66 39.79 -35.24
C GLU E 307 -35.63 39.54 -34.11
N VAL E 308 -36.14 40.60 -33.45
CA VAL E 308 -37.05 40.40 -32.33
C VAL E 308 -38.34 39.72 -32.79
N LYS E 309 -38.87 40.16 -33.94
CA LYS E 309 -40.06 39.51 -34.49
C LYS E 309 -39.76 38.06 -34.85
N LEU E 310 -38.60 37.80 -35.44
CA LEU E 310 -38.25 36.44 -35.81
C LEU E 310 -38.13 35.55 -34.58
N ARG E 311 -37.46 36.04 -33.53
CA ARG E 311 -37.30 35.24 -32.32
C ARG E 311 -38.63 34.98 -31.65
N ARG E 312 -39.49 35.99 -31.56
CA ARG E 312 -40.78 35.81 -30.91
C ARG E 312 -41.65 34.83 -31.69
N GLN E 313 -41.65 34.94 -33.02
CA GLN E 313 -42.43 33.98 -33.83
C GLN E 313 -41.88 32.57 -33.68
N LEU E 314 -40.56 32.42 -33.65
CA LEU E 314 -39.98 31.09 -33.49
C LEU E 314 -40.34 30.48 -32.14
N GLU E 315 -40.30 31.28 -31.07
CA GLU E 315 -40.70 30.78 -29.77
C GLU E 315 -42.17 30.40 -29.74
N LYS E 316 -43.03 31.22 -30.35
CA LYS E 316 -44.46 30.90 -30.37
C LYS E 316 -44.71 29.61 -31.13
N HIS E 317 -44.02 29.40 -32.25
CA HIS E 317 -44.23 28.17 -33.00
C HIS E 317 -43.67 26.96 -32.28
N ILE E 318 -42.56 27.13 -31.54
CA ILE E 318 -41.98 26.00 -30.82
C ILE E 318 -42.87 25.59 -29.65
N SER E 319 -43.42 26.57 -28.92
CA SER E 319 -44.25 26.25 -27.77
C SER E 319 -45.53 25.51 -28.15
N LEU E 320 -45.96 25.59 -29.41
CA LEU E 320 -47.13 24.85 -29.87
C LEU E 320 -46.79 23.44 -30.33
N GLN E 321 -45.51 23.10 -30.43
CA GLN E 321 -45.15 21.74 -30.83
C GLN E 321 -45.46 20.76 -29.71
N LYS E 322 -45.61 19.50 -30.08
CA LYS E 322 -46.00 18.45 -29.16
C LYS E 322 -44.77 17.65 -28.74
N ILE E 323 -44.53 17.60 -27.43
CA ILE E 323 -43.45 16.78 -26.88
C ILE E 323 -43.90 15.33 -26.92
N ASN E 324 -42.98 14.40 -26.68
CA ASN E 324 -43.26 12.98 -26.87
C ASN E 324 -44.34 12.45 -25.93
N THR E 325 -44.63 13.15 -24.83
CA THR E 325 -45.66 12.70 -23.91
C THR E 325 -47.04 12.84 -24.55
N ARG E 326 -47.89 11.83 -24.33
CA ARG E 326 -49.20 11.77 -24.96
C ARG E 326 -50.31 12.39 -24.12
N ILE E 327 -49.97 13.01 -22.99
CA ILE E 327 -50.99 13.66 -22.17
C ILE E 327 -51.54 14.88 -22.90
N GLY E 328 -50.67 15.66 -23.54
CA GLY E 328 -51.12 16.78 -24.34
C GLY E 328 -50.41 18.09 -24.07
N GLN E 329 -49.29 18.05 -23.36
CA GLN E 329 -48.55 19.26 -23.04
C GLN E 329 -47.52 19.56 -24.13
N GLY E 330 -47.33 20.84 -24.40
CA GLY E 330 -46.32 21.28 -25.32
C GLY E 330 -44.98 21.52 -24.65
N VAL E 331 -44.03 22.01 -25.42
CA VAL E 331 -42.69 22.29 -24.91
C VAL E 331 -42.76 23.48 -23.97
N PRO E 332 -42.33 23.34 -22.72
CA PRO E 332 -42.40 24.48 -21.79
C PRO E 332 -41.37 25.53 -22.16
N VAL E 333 -41.75 26.79 -21.96
CA VAL E 333 -40.92 27.95 -22.32
C VAL E 333 -40.73 28.81 -21.08
N VAL E 334 -39.49 29.17 -20.80
CA VAL E 334 -39.16 30.08 -19.71
C VAL E 334 -38.28 31.18 -20.26
N ALA E 335 -38.34 32.35 -19.64
CA ALA E 335 -37.56 33.50 -20.06
C ALA E 335 -36.73 34.01 -18.89
N LEU E 336 -35.43 34.11 -19.09
CA LEU E 336 -34.52 34.59 -18.07
C LEU E 336 -34.14 36.03 -18.38
N ILE E 337 -34.32 36.91 -17.40
CA ILE E 337 -34.09 38.34 -17.58
C ILE E 337 -32.93 38.76 -16.70
N VAL E 338 -31.88 39.29 -17.33
CA VAL E 338 -30.75 39.90 -16.62
C VAL E 338 -30.54 41.28 -17.21
N GLU E 339 -30.33 42.28 -16.34
CA GLU E 339 -30.05 43.64 -16.73
C GLU E 339 -31.20 44.25 -17.52
N GLY E 340 -31.07 44.33 -18.84
CA GLY E 340 -32.12 44.91 -19.66
C GLY E 340 -32.14 46.42 -19.59
N GLY E 341 -33.16 46.99 -20.23
CA GLY E 341 -33.31 48.42 -20.29
C GLY E 341 -34.75 48.87 -20.32
N PRO E 342 -35.02 50.01 -20.95
CA PRO E 342 -36.42 50.44 -21.11
C PRO E 342 -37.25 49.46 -21.92
N ASN E 343 -36.66 48.79 -22.90
CA ASN E 343 -37.39 47.85 -23.74
C ASN E 343 -37.64 46.52 -23.05
N VAL E 344 -36.81 46.13 -22.08
CA VAL E 344 -36.96 44.82 -21.46
C VAL E 344 -38.25 44.77 -20.64
N ILE E 345 -38.70 45.90 -20.10
CA ILE E 345 -39.97 45.93 -19.40
C ILE E 345 -41.11 45.66 -20.37
N SER E 346 -41.04 46.25 -21.56
CA SER E 346 -42.07 46.01 -22.58
C SER E 346 -42.08 44.55 -23.03
N ILE E 347 -40.89 43.96 -23.24
CA ILE E 347 -40.90 42.57 -23.70
C ILE E 347 -41.35 41.63 -22.59
N VAL E 348 -41.04 41.94 -21.34
CA VAL E 348 -41.57 41.15 -20.23
C VAL E 348 -43.09 41.26 -20.17
N LEU E 349 -43.62 42.47 -20.34
CA LEU E 349 -45.06 42.67 -20.30
C LEU E 349 -45.76 41.89 -21.42
N GLU E 350 -45.19 41.93 -22.63
CA GLU E 350 -45.83 41.18 -23.71
C GLU E 350 -45.61 39.68 -23.58
N TYR E 351 -44.57 39.25 -22.88
CA TYR E 351 -44.46 37.85 -22.51
C TYR E 351 -45.58 37.43 -21.56
N LEU E 352 -45.87 38.28 -20.56
CA LEU E 352 -46.85 37.94 -19.54
C LEU E 352 -48.28 37.97 -20.05
N ARG E 353 -48.55 38.59 -21.19
CA ARG E 353 -49.91 38.72 -21.70
C ARG E 353 -50.27 37.67 -22.73
N ASP E 354 -49.39 36.73 -23.02
CA ASP E 354 -49.70 35.68 -23.98
C ASP E 354 -50.71 34.70 -23.38
N THR E 355 -51.53 34.11 -24.25
CA THR E 355 -52.55 33.18 -23.79
C THR E 355 -51.97 31.94 -23.10
N PRO E 356 -50.92 31.27 -23.61
CA PRO E 356 -50.11 30.42 -22.76
C PRO E 356 -48.98 31.20 -22.13
N PRO E 357 -49.22 31.89 -21.01
CA PRO E 357 -48.24 32.87 -20.52
C PRO E 357 -46.92 32.20 -20.15
N VAL E 358 -45.83 32.92 -20.39
CA VAL E 358 -44.47 32.39 -20.23
C VAL E 358 -43.93 32.90 -18.90
N PRO E 359 -43.57 32.02 -17.96
CA PRO E 359 -42.99 32.48 -16.70
C PRO E 359 -41.65 33.17 -16.94
N VAL E 360 -41.36 34.16 -16.10
CA VAL E 360 -40.19 35.02 -16.27
C VAL E 360 -39.39 34.99 -14.98
N VAL E 361 -38.09 34.73 -15.11
CA VAL E 361 -37.16 34.73 -13.98
C VAL E 361 -36.22 35.92 -14.15
N VAL E 362 -36.10 36.74 -13.11
CA VAL E 362 -35.23 37.90 -13.15
C VAL E 362 -34.16 37.74 -12.08
N CYS E 363 -33.26 38.71 -11.99
CA CYS E 363 -32.22 38.73 -10.97
C CYS E 363 -32.15 40.11 -10.34
N ASP E 364 -31.70 40.14 -9.08
CA ASP E 364 -31.63 41.38 -8.33
C ASP E 364 -30.25 42.03 -8.36
N GLY E 365 -29.22 41.30 -8.73
CA GLY E 365 -27.86 41.81 -8.76
C GLY E 365 -27.44 42.46 -10.06
N SER E 366 -28.37 42.66 -11.00
CA SER E 366 -28.02 43.26 -12.27
C SER E 366 -27.64 44.74 -12.12
N GLY E 367 -28.46 45.50 -11.40
CA GLY E 367 -28.25 46.92 -11.21
C GLY E 367 -28.99 47.81 -12.19
N ARG E 368 -29.37 47.28 -13.33
CA ARG E 368 -30.16 48.02 -14.31
C ARG E 368 -31.64 47.72 -14.06
N ALA E 369 -32.49 48.00 -15.06
CA ALA E 369 -33.94 47.84 -14.93
C ALA E 369 -34.37 46.48 -14.38
N SER E 370 -33.53 45.46 -14.46
CA SER E 370 -33.80 44.22 -13.73
C SER E 370 -33.84 44.46 -12.24
N ASP E 371 -32.90 45.26 -11.72
CA ASP E 371 -32.89 45.59 -10.30
C ASP E 371 -34.12 46.43 -9.94
N ILE E 372 -34.56 47.30 -10.85
CA ILE E 372 -35.79 48.06 -10.62
C ILE E 372 -36.98 47.13 -10.53
N LEU E 373 -37.04 46.13 -11.40
CA LEU E 373 -38.14 45.16 -11.37
C LEU E 373 -38.11 44.34 -10.09
N ALA E 374 -36.91 43.95 -9.63
CA ALA E 374 -36.80 43.22 -8.38
C ALA E 374 -37.23 44.09 -7.19
N PHE E 375 -36.86 45.37 -7.21
CA PHE E 375 -37.27 46.30 -6.17
C PHE E 375 -38.79 46.47 -6.16
N GLY E 376 -39.40 46.55 -7.34
CA GLY E 376 -40.84 46.65 -7.44
C GLY E 376 -41.58 45.35 -7.17
N HIS E 377 -40.88 44.22 -7.16
CA HIS E 377 -41.52 42.96 -6.78
C HIS E 377 -42.00 43.00 -5.34
N LYS E 378 -41.17 43.50 -4.44
CA LYS E 378 -41.61 43.77 -3.08
C LYS E 378 -42.57 44.95 -3.07
N TYR E 379 -43.50 44.93 -2.12
CA TYR E 379 -44.52 45.97 -1.97
C TYR E 379 -45.35 46.09 -3.25
N SER E 380 -46.10 45.03 -3.54
CA SER E 380 -46.92 44.94 -4.73
C SER E 380 -48.38 45.21 -4.39
N GLU E 381 -49.25 45.04 -5.38
CA GLU E 381 -50.69 45.23 -5.20
C GLU E 381 -51.45 43.94 -5.46
N VAL E 396 -45.72 55.55 -2.87
CA VAL E 396 -44.36 55.20 -3.25
C VAL E 396 -44.24 55.16 -4.77
N THR E 397 -44.21 56.34 -5.39
CA THR E 397 -44.08 56.46 -6.84
C THR E 397 -42.96 57.39 -7.27
N ILE E 398 -42.73 58.47 -6.53
CA ILE E 398 -41.72 59.45 -6.93
C ILE E 398 -40.30 58.97 -6.73
N GLN E 399 -40.10 57.82 -6.08
CA GLN E 399 -38.76 57.27 -5.91
C GLN E 399 -38.19 56.76 -7.23
N LYS E 400 -39.02 56.57 -8.25
CA LYS E 400 -38.59 56.02 -9.52
C LYS E 400 -37.76 57.00 -10.35
N THR E 401 -37.66 58.26 -9.93
CA THR E 401 -36.90 59.26 -10.69
C THR E 401 -35.41 59.00 -10.46
N PHE E 402 -34.88 58.07 -11.25
CA PHE E 402 -33.44 57.77 -11.24
C PHE E 402 -32.72 58.42 -12.41
N THR E 403 -33.39 59.34 -13.12
CA THR E 403 -32.91 59.94 -14.37
C THR E 403 -32.61 58.90 -15.44
N TYR E 404 -33.22 57.72 -15.33
CA TYR E 404 -33.03 56.67 -16.32
C TYR E 404 -33.92 56.87 -17.54
N THR E 405 -34.95 57.71 -17.43
CA THR E 405 -35.82 58.02 -18.55
C THR E 405 -35.87 59.53 -18.77
N ARG E 406 -36.81 59.99 -19.59
CA ARG E 406 -36.94 61.42 -19.89
C ARG E 406 -37.56 62.10 -18.68
N THR E 407 -36.73 62.34 -17.67
CA THR E 407 -37.04 63.04 -16.42
C THR E 407 -38.23 62.35 -15.74
N GLN E 408 -38.97 63.08 -14.91
CA GLN E 408 -40.24 62.59 -14.39
C GLN E 408 -41.38 62.77 -15.37
N ALA E 409 -41.16 63.53 -16.45
CA ALA E 409 -42.21 63.72 -17.44
C ALA E 409 -42.57 62.42 -18.13
N GLN E 410 -41.57 61.62 -18.49
CA GLN E 410 -41.80 60.32 -19.11
C GLN E 410 -41.51 59.21 -18.11
N HIS E 411 -42.43 58.27 -18.00
CA HIS E 411 -42.27 57.15 -17.08
C HIS E 411 -42.96 55.93 -17.66
N LEU E 412 -42.43 54.76 -17.30
CA LEU E 412 -43.05 53.48 -17.64
C LEU E 412 -43.71 52.85 -16.42
N PHE E 413 -44.13 53.69 -15.47
CA PHE E 413 -44.64 53.20 -14.20
C PHE E 413 -45.96 52.47 -14.35
N ILE E 414 -46.82 52.92 -15.27
CA ILE E 414 -48.09 52.23 -15.51
C ILE E 414 -47.85 50.83 -16.05
N ILE E 415 -46.92 50.70 -17.00
CA ILE E 415 -46.59 49.38 -17.55
C ILE E 415 -45.95 48.51 -16.49
N LEU E 416 -45.09 49.09 -15.66
CA LEU E 416 -44.47 48.33 -14.57
C LEU E 416 -45.51 47.86 -13.57
N MET E 417 -46.51 48.69 -13.28
CA MET E 417 -47.57 48.29 -12.37
C MET E 417 -48.46 47.21 -12.98
N GLU E 418 -48.69 47.24 -14.29
CA GLU E 418 -49.41 46.14 -14.92
C GLU E 418 -48.62 44.84 -14.83
N CYS E 419 -47.31 44.92 -15.06
CA CYS E 419 -46.46 43.75 -14.94
C CYS E 419 -46.48 43.20 -13.51
N MET E 420 -46.46 44.09 -12.52
CA MET E 420 -46.57 43.66 -11.13
C MET E 420 -47.98 43.20 -10.79
N LYS E 421 -48.99 43.60 -11.57
CA LYS E 421 -50.32 43.04 -11.43
C LYS E 421 -50.34 41.59 -11.84
N LYS E 422 -49.66 41.25 -12.93
CA LYS E 422 -49.52 39.86 -13.34
C LYS E 422 -48.23 39.25 -12.79
N LYS E 423 -48.10 39.30 -11.45
CA LYS E 423 -46.88 38.88 -10.78
C LYS E 423 -46.92 37.44 -10.30
N GLU E 424 -47.97 36.69 -10.60
CA GLU E 424 -48.05 35.30 -10.14
C GLU E 424 -47.01 34.43 -10.83
N LEU E 425 -46.55 34.83 -12.01
CA LEU E 425 -45.62 34.01 -12.79
C LEU E 425 -44.17 34.45 -12.63
N ILE E 426 -43.90 35.70 -12.27
CA ILE E 426 -42.53 36.16 -12.09
C ILE E 426 -41.94 35.48 -10.86
N THR E 427 -40.73 34.93 -11.02
CA THR E 427 -40.02 34.28 -9.92
C THR E 427 -38.66 34.95 -9.79
N VAL E 428 -38.56 35.93 -8.91
CA VAL E 428 -37.31 36.66 -8.76
C VAL E 428 -36.29 35.80 -8.02
N PHE E 429 -35.03 36.21 -8.11
CA PHE E 429 -33.92 35.48 -7.54
C PHE E 429 -33.01 36.45 -6.79
N ARG E 430 -32.66 36.11 -5.56
CA ARG E 430 -31.75 36.90 -4.74
C ARG E 430 -30.68 35.97 -4.17
N MET E 431 -29.44 36.46 -4.14
CA MET E 431 -28.33 35.60 -3.72
C MET E 431 -28.33 35.39 -2.22
N GLY E 432 -28.95 34.30 -1.77
CA GLY E 432 -28.91 33.89 -0.38
C GLY E 432 -29.90 34.58 0.54
N SER E 433 -30.55 35.64 0.08
CA SER E 433 -31.51 36.35 0.94
C SER E 433 -32.82 35.59 1.07
N GLU E 434 -33.16 34.76 0.08
CA GLU E 434 -34.43 34.04 0.09
C GLU E 434 -34.20 32.55 -0.11
N GLY E 435 -35.29 31.80 -0.27
CA GLY E 435 -35.18 30.40 -0.64
C GLY E 435 -34.85 30.23 -2.11
N HIS E 436 -34.57 28.99 -2.49
CA HIS E 436 -34.17 28.63 -3.85
C HIS E 436 -32.94 29.43 -4.28
N GLN E 437 -31.84 29.18 -3.57
CA GLN E 437 -30.60 29.89 -3.85
C GLN E 437 -29.93 29.43 -5.14
N ASP E 438 -30.41 28.36 -5.76
CA ASP E 438 -29.81 27.82 -6.97
C ASP E 438 -30.62 28.23 -8.18
N ILE E 439 -29.93 28.69 -9.23
CA ILE E 439 -30.60 29.14 -10.44
C ILE E 439 -31.32 27.98 -11.12
N ASP E 440 -30.66 26.83 -11.23
CA ASP E 440 -31.26 25.68 -11.92
C ASP E 440 -32.53 25.23 -11.20
N LEU E 441 -32.52 25.24 -9.87
CA LEU E 441 -33.76 24.99 -9.14
C LEU E 441 -34.79 26.08 -9.39
N ALA E 442 -34.33 27.34 -9.43
CA ALA E 442 -35.26 28.46 -9.64
C ALA E 442 -35.90 28.40 -11.02
N ILE E 443 -35.12 28.10 -12.05
CA ILE E 443 -35.67 28.03 -13.40
C ILE E 443 -36.64 26.87 -13.54
N LEU E 444 -36.24 25.70 -13.03
CA LEU E 444 -37.07 24.50 -13.17
C LEU E 444 -38.37 24.64 -12.41
N THR E 445 -38.32 25.13 -11.17
CA THR E 445 -39.54 25.30 -10.38
C THR E 445 -40.47 26.35 -10.96
N ALA E 446 -39.95 27.28 -11.76
CA ALA E 446 -40.80 28.28 -12.39
C ALA E 446 -41.76 27.63 -13.39
N LEU E 447 -41.28 26.64 -14.13
CA LEU E 447 -42.12 25.98 -15.12
C LEU E 447 -43.19 25.11 -14.50
N LEU E 448 -43.00 24.65 -13.26
CA LEU E 448 -43.99 23.81 -12.61
C LEU E 448 -45.15 24.64 -12.07
N LYS E 449 -44.84 25.60 -11.20
CA LYS E 449 -45.90 26.44 -10.65
C LYS E 449 -46.48 27.36 -11.71
N GLY E 450 -45.67 27.78 -12.68
CA GLY E 450 -46.16 28.67 -13.73
C GLY E 450 -47.07 27.99 -14.73
N ALA E 451 -46.99 26.66 -14.84
CA ALA E 451 -47.87 25.94 -15.74
C ALA E 451 -49.31 25.94 -15.24
N ASN E 452 -49.50 25.95 -13.91
CA ASN E 452 -50.82 25.85 -13.29
C ASN E 452 -51.56 24.61 -13.78
N ALA E 453 -50.81 23.53 -13.97
CA ALA E 453 -51.35 22.29 -14.48
C ALA E 453 -51.55 21.29 -13.35
N SER E 454 -52.16 20.16 -13.69
CA SER E 454 -52.45 19.13 -12.71
C SER E 454 -51.19 18.38 -12.33
N ALA E 455 -51.29 17.61 -11.25
CA ALA E 455 -50.14 16.81 -10.78
C ALA E 455 -49.62 15.81 -11.82
N PRO E 456 -50.46 15.07 -12.58
CA PRO E 456 -49.88 14.18 -13.61
C PRO E 456 -49.03 14.91 -14.64
N ASP E 457 -49.42 16.12 -15.03
CA ASP E 457 -48.62 16.88 -15.99
C ASP E 457 -47.25 17.20 -15.42
N GLN E 458 -47.21 17.66 -14.17
CA GLN E 458 -45.92 17.98 -13.54
C GLN E 458 -45.06 16.74 -13.39
N LEU E 459 -45.67 15.62 -13.01
CA LEU E 459 -44.91 14.38 -12.88
C LEU E 459 -44.36 13.91 -14.21
N SER E 460 -45.16 13.99 -15.27
CA SER E 460 -44.68 13.58 -16.59
C SER E 460 -43.57 14.49 -17.08
N LEU E 461 -43.68 15.80 -16.81
CA LEU E 461 -42.64 16.74 -17.20
C LEU E 461 -41.33 16.44 -16.47
N ALA E 462 -41.41 16.23 -15.14
CA ALA E 462 -40.21 15.91 -14.38
C ALA E 462 -39.63 14.57 -14.79
N LEU E 463 -40.47 13.64 -15.24
CA LEU E 463 -39.98 12.38 -15.77
C LEU E 463 -39.25 12.58 -17.08
N ALA E 464 -39.77 13.45 -17.94
CA ALA E 464 -39.11 13.71 -19.22
C ALA E 464 -37.77 14.39 -19.02
N TRP E 465 -37.68 15.32 -18.06
CA TRP E 465 -36.43 16.02 -17.82
C TRP E 465 -35.37 15.15 -17.17
N ASN E 466 -35.72 13.96 -16.68
CA ASN E 466 -34.81 13.09 -15.94
C ASN E 466 -34.24 13.80 -14.72
N ARG E 467 -35.09 14.56 -14.02
CA ARG E 467 -34.76 15.16 -12.74
C ARG E 467 -35.62 14.51 -11.67
N VAL E 468 -34.98 13.97 -10.64
CA VAL E 468 -35.67 13.22 -9.60
C VAL E 468 -35.96 14.10 -8.38
N ASP E 469 -34.99 14.92 -7.97
CA ASP E 469 -35.18 15.75 -6.77
C ASP E 469 -36.27 16.80 -7.00
N ILE E 470 -36.46 17.25 -8.24
CA ILE E 470 -37.52 18.19 -8.53
C ILE E 470 -38.89 17.58 -8.24
N ALA E 471 -39.09 16.34 -8.67
CA ALA E 471 -40.36 15.66 -8.39
C ALA E 471 -40.47 15.30 -6.91
N ARG E 472 -39.35 14.94 -6.29
CA ARG E 472 -39.38 14.56 -4.88
C ARG E 472 -39.76 15.73 -3.99
N SER E 473 -39.22 16.92 -4.29
CA SER E 473 -39.40 18.08 -3.42
C SER E 473 -40.66 18.88 -3.76
N GLN E 474 -40.88 19.17 -5.04
CA GLN E 474 -41.98 20.05 -5.43
C GLN E 474 -43.28 19.30 -5.67
N ILE E 475 -43.23 18.11 -6.28
CA ILE E 475 -44.46 17.44 -6.68
C ILE E 475 -45.04 16.64 -5.53
N PHE E 476 -44.30 15.64 -5.04
CA PHE E 476 -44.80 14.76 -3.99
C PHE E 476 -44.79 15.52 -2.67
N ILE E 477 -45.88 16.23 -2.41
CA ILE E 477 -46.02 17.03 -1.20
C ILE E 477 -47.32 16.66 -0.49
N TYR E 478 -47.64 17.38 0.58
CA TYR E 478 -48.78 17.07 1.42
C TYR E 478 -50.11 17.21 0.68
N GLY E 479 -50.75 16.08 0.40
CA GLY E 479 -52.08 16.09 -0.19
C GLY E 479 -52.16 16.66 -1.58
N GLN E 480 -51.53 15.98 -2.55
CA GLN E 480 -51.60 16.42 -3.93
C GLN E 480 -52.84 15.91 -4.66
N GLN E 481 -53.57 14.97 -4.06
CA GLN E 481 -54.81 14.44 -4.63
C GLN E 481 -54.59 13.87 -6.03
N TRP E 482 -53.81 12.80 -6.07
CA TRP E 482 -53.53 12.13 -7.33
C TRP E 482 -54.79 11.44 -7.85
N PRO E 483 -55.19 11.69 -9.10
CA PRO E 483 -56.35 11.00 -9.65
C PRO E 483 -56.11 9.50 -9.78
N VAL E 484 -57.21 8.76 -9.79
CA VAL E 484 -57.13 7.30 -9.84
C VAL E 484 -56.62 6.87 -11.20
N GLY E 485 -55.59 6.01 -11.19
CA GLY E 485 -54.98 5.52 -12.41
C GLY E 485 -53.81 6.34 -12.92
N SER E 486 -53.54 7.50 -12.32
CA SER E 486 -52.42 8.32 -12.76
C SER E 486 -51.08 7.70 -12.37
N LEU E 487 -50.99 7.18 -11.15
CA LEU E 487 -49.73 6.63 -10.66
C LEU E 487 -49.32 5.41 -11.47
N GLU E 488 -50.28 4.58 -11.88
CA GLU E 488 -49.95 3.42 -12.70
C GLU E 488 -49.37 3.84 -14.05
N GLN E 489 -49.98 4.84 -14.68
CA GLN E 489 -49.47 5.31 -15.97
C GLN E 489 -48.09 5.94 -15.82
N ALA E 490 -47.87 6.68 -14.73
CA ALA E 490 -46.55 7.23 -14.47
C ALA E 490 -45.52 6.13 -14.27
N MET E 491 -45.90 5.06 -13.55
CA MET E 491 -45.00 3.93 -13.38
C MET E 491 -44.65 3.30 -14.71
N LEU E 492 -45.64 3.10 -15.58
CA LEU E 492 -45.37 2.50 -16.89
C LEU E 492 -44.44 3.39 -17.72
N ASP E 493 -44.70 4.70 -17.72
CA ASP E 493 -43.87 5.62 -18.50
C ASP E 493 -42.44 5.66 -17.97
N ALA E 494 -42.27 5.64 -16.65
CA ALA E 494 -40.92 5.60 -16.11
C ALA E 494 -40.26 4.25 -16.35
N LEU E 495 -41.06 3.20 -16.50
CA LEU E 495 -40.50 1.87 -16.71
C LEU E 495 -39.96 1.71 -18.13
N VAL E 496 -40.71 2.18 -19.13
CA VAL E 496 -40.26 2.01 -20.51
C VAL E 496 -39.02 2.85 -20.77
N LEU E 497 -38.95 4.05 -20.18
CA LEU E 497 -37.88 4.99 -20.47
C LEU E 497 -36.60 4.72 -19.69
N ASP E 498 -36.56 3.65 -18.89
CA ASP E 498 -35.40 3.29 -18.08
C ASP E 498 -35.02 4.42 -17.12
N ARG E 499 -35.95 4.71 -16.21
CA ARG E 499 -35.76 5.70 -15.15
C ARG E 499 -35.84 4.95 -13.83
N VAL E 500 -34.69 4.51 -13.31
CA VAL E 500 -34.67 3.74 -12.07
C VAL E 500 -35.10 4.60 -10.89
N ASP E 501 -34.66 5.85 -10.84
CA ASP E 501 -34.97 6.71 -9.71
C ASP E 501 -36.48 6.96 -9.60
N PHE E 502 -37.15 7.16 -10.74
CA PHE E 502 -38.58 7.38 -10.69
C PHE E 502 -39.35 6.13 -10.30
N VAL E 503 -38.88 4.96 -10.75
CA VAL E 503 -39.51 3.71 -10.31
C VAL E 503 -39.38 3.55 -8.81
N LYS E 504 -38.18 3.81 -8.27
CA LYS E 504 -37.98 3.72 -6.83
C LYS E 504 -38.87 4.70 -6.08
N LEU E 505 -38.95 5.93 -6.56
CA LEU E 505 -39.75 6.94 -5.89
C LEU E 505 -41.23 6.60 -5.92
N LEU E 506 -41.72 6.10 -7.05
CA LEU E 506 -43.13 5.72 -7.15
C LEU E 506 -43.44 4.53 -6.26
N ILE E 507 -42.53 3.57 -6.16
CA ILE E 507 -42.73 2.46 -5.23
C ILE E 507 -42.78 2.98 -3.80
N GLU E 508 -41.89 3.91 -3.45
CA GLU E 508 -41.87 4.45 -2.10
C GLU E 508 -43.06 5.35 -1.78
N ASN E 509 -43.88 5.70 -2.77
CA ASN E 509 -44.98 6.64 -2.56
C ASN E 509 -46.32 6.05 -2.99
N GLY E 510 -46.58 4.80 -2.63
CA GLY E 510 -47.91 4.23 -2.70
C GLY E 510 -48.13 3.22 -3.80
N VAL E 511 -47.34 3.24 -4.87
CA VAL E 511 -47.57 2.32 -5.98
C VAL E 511 -47.11 0.93 -5.58
N SER E 512 -47.98 -0.06 -5.76
CA SER E 512 -47.70 -1.43 -5.43
C SER E 512 -47.44 -2.22 -6.71
N MET E 513 -46.33 -2.95 -6.75
CA MET E 513 -45.96 -3.65 -7.96
C MET E 513 -46.84 -4.88 -8.20
N HIS E 514 -47.36 -5.49 -7.12
CA HIS E 514 -48.21 -6.66 -7.29
C HIS E 514 -49.51 -6.33 -7.99
N ARG E 515 -49.98 -5.09 -7.87
CA ARG E 515 -51.24 -4.67 -8.48
C ARG E 515 -51.04 -3.99 -9.83
N PHE E 516 -49.96 -3.22 -9.99
CA PHE E 516 -49.71 -2.52 -11.25
C PHE E 516 -49.46 -3.50 -12.39
N LEU E 517 -48.66 -4.55 -12.13
CA LEU E 517 -48.27 -5.46 -13.20
C LEU E 517 -49.43 -6.36 -13.59
N THR E 518 -49.56 -6.61 -14.89
CA THR E 518 -50.55 -7.53 -15.41
C THR E 518 -50.02 -8.09 -16.72
N ILE E 519 -50.81 -8.98 -17.33
CA ILE E 519 -50.38 -9.61 -18.58
C ILE E 519 -50.27 -8.58 -19.69
N SER E 520 -51.28 -7.71 -19.80
CA SER E 520 -51.28 -6.73 -20.89
C SER E 520 -50.18 -5.70 -20.73
N ARG E 521 -49.95 -5.22 -19.50
CA ARG E 521 -48.91 -4.21 -19.29
C ARG E 521 -47.53 -4.79 -19.54
N LEU E 522 -47.28 -6.01 -19.10
CA LEU E 522 -45.99 -6.65 -19.40
C LEU E 522 -45.84 -6.88 -20.90
N GLU E 523 -46.92 -7.29 -21.56
CA GLU E 523 -46.88 -7.51 -23.00
C GLU E 523 -46.52 -6.23 -23.75
N GLU E 524 -47.11 -5.11 -23.35
CA GLU E 524 -46.76 -3.84 -23.97
C GLU E 524 -45.37 -3.37 -23.56
N LEU E 525 -44.91 -3.78 -22.38
CA LEU E 525 -43.58 -3.42 -21.93
C LEU E 525 -42.50 -4.15 -22.71
N TYR E 526 -42.80 -5.35 -23.22
CA TYR E 526 -41.84 -6.09 -24.00
C TYR E 526 -41.70 -5.58 -25.43
N ASN E 527 -42.61 -4.74 -25.90
CA ASN E 527 -42.57 -4.22 -27.26
C ASN E 527 -42.27 -2.73 -27.32
N THR E 528 -41.72 -2.17 -26.24
CA THR E 528 -41.43 -0.75 -26.22
C THR E 528 -40.20 -0.46 -27.09
N ARG E 529 -39.99 0.83 -27.36
CA ARG E 529 -38.86 1.28 -28.17
C ARG E 529 -38.05 2.39 -27.53
N HIS E 530 -38.56 3.07 -26.49
CA HIS E 530 -37.89 4.24 -25.93
C HIS E 530 -36.87 3.79 -24.89
N GLY E 531 -35.80 3.17 -25.39
CA GLY E 531 -34.74 2.70 -24.54
C GLY E 531 -33.49 2.35 -25.30
N PRO E 532 -32.48 1.84 -24.60
CA PRO E 532 -31.24 1.44 -25.26
C PRO E 532 -31.46 0.25 -26.19
N SER E 533 -30.58 0.15 -27.18
CA SER E 533 -30.68 -0.93 -28.16
C SER E 533 -30.56 -2.29 -27.48
N ASN E 534 -31.41 -3.22 -27.90
CA ASN E 534 -31.53 -4.52 -27.27
C ASN E 534 -31.44 -5.60 -28.33
N THR E 535 -31.09 -6.81 -27.88
CA THR E 535 -30.92 -7.96 -28.76
C THR E 535 -32.07 -8.95 -28.66
N LEU E 536 -33.26 -8.46 -28.30
CA LEU E 536 -34.40 -9.37 -28.15
C LEU E 536 -34.97 -9.79 -29.49
N TYR E 537 -35.00 -8.88 -30.48
CA TYR E 537 -35.64 -9.18 -31.74
C TYR E 537 -34.88 -10.24 -32.52
N HIS E 538 -33.54 -10.20 -32.47
CA HIS E 538 -32.75 -11.23 -33.15
C HIS E 538 -33.00 -12.60 -32.53
N LEU E 539 -33.07 -12.66 -31.20
CA LEU E 539 -33.38 -13.92 -30.54
C LEU E 539 -34.76 -14.44 -30.91
N VAL E 540 -35.75 -13.55 -30.95
CA VAL E 540 -37.10 -13.99 -31.28
C VAL E 540 -37.22 -14.32 -32.76
N ARG E 541 -36.32 -13.81 -33.60
CA ARG E 541 -36.27 -14.24 -34.99
C ARG E 541 -35.66 -15.63 -35.09
N ASP E 542 -34.59 -15.89 -34.33
CA ASP E 542 -33.94 -17.18 -34.40
C ASP E 542 -34.80 -18.30 -33.82
N VAL E 543 -35.58 -18.00 -32.77
CA VAL E 543 -36.33 -19.06 -32.09
C VAL E 543 -37.41 -19.63 -32.99
N LYS E 544 -38.22 -18.77 -33.62
CA LYS E 544 -39.32 -19.22 -34.46
C LYS E 544 -38.92 -19.34 -35.92
N LYS E 545 -37.64 -19.55 -36.20
CA LYS E 545 -37.09 -19.73 -37.54
C LYS E 545 -37.35 -18.51 -38.42
N GLY E 546 -37.05 -18.63 -39.72
CA GLY E 546 -37.20 -17.51 -40.63
C GLY E 546 -38.63 -17.31 -41.06
N ASN E 547 -38.78 -16.50 -42.12
CA ASN E 547 -40.08 -16.22 -42.75
C ASN E 547 -41.07 -15.62 -41.76
N LEU E 548 -40.75 -14.41 -41.30
CA LEU E 548 -41.57 -13.70 -40.34
C LEU E 548 -41.96 -12.34 -40.88
N PRO E 549 -43.14 -11.83 -40.52
CA PRO E 549 -43.51 -10.47 -40.93
C PRO E 549 -42.60 -9.45 -40.26
N PRO E 550 -42.31 -8.34 -40.94
CA PRO E 550 -41.42 -7.33 -40.33
C PRO E 550 -42.01 -6.70 -39.08
N ASP E 551 -43.23 -6.17 -39.15
CA ASP E 551 -43.90 -5.58 -38.00
C ASP E 551 -44.66 -6.67 -37.28
N TYR E 552 -44.14 -7.13 -36.14
CA TYR E 552 -44.73 -8.23 -35.40
C TYR E 552 -44.71 -7.91 -33.91
N ARG E 553 -45.79 -8.26 -33.23
CA ARG E 553 -45.90 -8.07 -31.79
C ARG E 553 -45.35 -9.30 -31.07
N ILE E 554 -44.42 -9.08 -30.14
CA ILE E 554 -43.75 -10.17 -29.45
C ILE E 554 -44.67 -10.66 -28.34
N SER E 555 -45.42 -11.72 -28.61
CA SER E 555 -46.29 -12.30 -27.60
C SER E 555 -45.47 -12.98 -26.51
N LEU E 556 -46.09 -13.15 -25.34
CA LEU E 556 -45.39 -13.74 -24.20
C LEU E 556 -44.99 -15.19 -24.47
N ILE E 557 -45.70 -15.88 -25.36
CA ILE E 557 -45.31 -17.24 -25.72
C ILE E 557 -43.96 -17.23 -26.42
N ASP E 558 -43.73 -16.22 -27.26
CA ASP E 558 -42.44 -16.10 -27.93
C ASP E 558 -41.31 -15.87 -26.93
N ILE E 559 -41.56 -15.03 -25.93
CA ILE E 559 -40.54 -14.78 -24.91
C ILE E 559 -40.31 -16.01 -24.06
N GLY E 560 -41.36 -16.77 -23.78
CA GLY E 560 -41.18 -18.04 -23.09
C GLY E 560 -40.34 -19.01 -23.88
N LEU E 561 -40.55 -19.08 -25.20
CA LEU E 561 -39.72 -19.92 -26.04
C LEU E 561 -38.28 -19.43 -26.07
N VAL E 562 -38.07 -18.11 -26.05
CA VAL E 562 -36.72 -17.56 -26.01
C VAL E 562 -36.03 -17.95 -24.72
N ILE E 563 -36.74 -17.86 -23.59
CA ILE E 563 -36.17 -18.28 -22.31
C ILE E 563 -35.83 -19.75 -22.34
N GLU E 564 -36.72 -20.58 -22.89
CA GLU E 564 -36.45 -22.02 -22.96
C GLU E 564 -35.25 -22.32 -23.84
N TYR E 565 -35.07 -21.56 -24.91
CA TYR E 565 -33.92 -21.77 -25.79
C TYR E 565 -32.62 -21.35 -25.12
N LEU E 566 -32.63 -20.19 -24.45
CA LEU E 566 -31.39 -19.68 -23.86
C LEU E 566 -30.97 -20.49 -22.65
N MET E 567 -31.94 -20.90 -21.81
CA MET E 567 -31.60 -21.45 -20.50
C MET E 567 -30.93 -22.81 -20.61
N GLY E 568 -31.51 -23.71 -21.40
CA GLY E 568 -30.93 -25.03 -21.54
C GLY E 568 -31.94 -26.00 -22.10
N GLY E 569 -31.59 -27.28 -22.00
CA GLY E 569 -32.41 -28.34 -22.56
C GLY E 569 -33.57 -28.75 -21.69
N ALA E 570 -33.27 -29.19 -20.46
CA ALA E 570 -34.31 -29.69 -19.56
C ALA E 570 -35.22 -28.60 -19.03
N TYR E 571 -34.88 -27.32 -19.24
CA TYR E 571 -35.66 -26.23 -18.71
C TYR E 571 -37.01 -26.13 -19.42
N ARG E 572 -38.01 -25.69 -18.67
CA ARG E 572 -39.37 -25.50 -19.18
C ARG E 572 -39.97 -24.28 -18.48
N CYS E 573 -39.93 -23.14 -19.16
CA CYS E 573 -40.34 -21.90 -18.53
C CYS E 573 -41.83 -21.90 -18.22
N ASN E 574 -42.23 -20.98 -17.35
CA ASN E 574 -43.62 -20.93 -16.89
C ASN E 574 -44.56 -20.47 -17.99
N TYR E 575 -44.07 -19.67 -18.94
CA TYR E 575 -44.95 -19.11 -19.96
C TYR E 575 -45.49 -20.17 -20.91
N THR E 576 -44.69 -21.18 -21.25
CA THR E 576 -45.08 -22.16 -22.25
C THR E 576 -45.91 -23.30 -21.66
N ARG E 577 -46.16 -23.31 -20.36
CA ARG E 577 -46.99 -24.36 -19.77
C ARG E 577 -48.43 -24.22 -20.22
N LYS E 578 -49.14 -25.37 -20.23
CA LYS E 578 -50.51 -25.39 -20.74
C LYS E 578 -51.45 -24.59 -19.85
N ARG E 579 -51.14 -24.48 -18.56
CA ARG E 579 -51.93 -23.60 -17.68
C ARG E 579 -51.88 -22.17 -18.19
N PHE E 580 -50.68 -21.64 -18.43
CA PHE E 580 -50.56 -20.27 -18.91
C PHE E 580 -51.05 -20.13 -20.35
N ARG E 581 -50.89 -21.18 -21.17
CA ARG E 581 -51.41 -21.10 -22.53
C ARG E 581 -52.94 -21.00 -22.53
N THR E 582 -53.61 -21.79 -21.70
CA THR E 582 -55.06 -21.69 -21.60
C THR E 582 -55.49 -20.36 -21.00
N LEU E 583 -54.70 -19.82 -20.06
CA LEU E 583 -55.00 -18.49 -19.52
C LEU E 583 -54.89 -17.44 -20.63
N TYR E 584 -53.88 -17.55 -21.49
CA TYR E 584 -53.63 -16.55 -22.52
C TYR E 584 -54.54 -16.72 -23.73
N HIS E 585 -55.16 -17.89 -23.91
CA HIS E 585 -56.01 -18.10 -25.08
C HIS E 585 -57.24 -17.19 -25.05
N ASN E 586 -57.87 -17.04 -23.89
CA ASN E 586 -59.11 -16.29 -23.77
C ASN E 586 -58.89 -14.91 -23.17
N LEU E 587 -57.73 -14.31 -23.39
CA LEU E 587 -57.43 -13.00 -22.83
C LEU E 587 -56.33 -12.31 -23.62
N ASN E 631 -54.87 -11.47 -16.13
CA ASN E 631 -55.07 -11.48 -14.68
C ASN E 631 -53.96 -10.72 -14.00
N HIS E 632 -53.32 -11.36 -13.03
CA HIS E 632 -52.21 -10.77 -12.29
C HIS E 632 -51.08 -11.78 -12.25
N PHE E 633 -50.05 -11.48 -11.45
CA PHE E 633 -48.93 -12.38 -11.24
C PHE E 633 -48.73 -12.60 -9.74
N PRO E 634 -48.48 -13.84 -9.32
CA PRO E 634 -48.18 -14.06 -7.89
C PRO E 634 -46.92 -13.36 -7.44
N PHE E 635 -45.80 -13.62 -8.11
CA PHE E 635 -44.56 -12.90 -7.88
C PHE E 635 -44.28 -12.03 -9.08
N PRO E 636 -44.40 -10.71 -8.99
CA PRO E 636 -44.19 -9.87 -10.18
C PRO E 636 -42.73 -9.58 -10.47
N PHE E 637 -41.91 -9.57 -9.42
CA PHE E 637 -40.52 -9.19 -9.59
C PHE E 637 -39.73 -10.22 -10.36
N HIS E 638 -40.15 -11.48 -10.36
CA HIS E 638 -39.51 -12.48 -11.22
C HIS E 638 -39.64 -12.09 -12.69
N GLU E 639 -40.87 -11.81 -13.12
CA GLU E 639 -41.11 -11.42 -14.50
C GLU E 639 -40.40 -10.11 -14.83
N LEU E 640 -40.44 -9.15 -13.89
CA LEU E 640 -39.80 -7.87 -14.15
C LEU E 640 -38.28 -8.01 -14.27
N MET E 641 -37.66 -8.87 -13.46
CA MET E 641 -36.22 -9.02 -13.57
C MET E 641 -35.85 -9.80 -14.83
N VAL E 642 -36.65 -10.77 -15.23
CA VAL E 642 -36.39 -11.45 -16.50
C VAL E 642 -36.47 -10.46 -17.65
N TRP E 643 -37.49 -9.58 -17.62
CA TRP E 643 -37.58 -8.54 -18.65
C TRP E 643 -36.40 -7.59 -18.62
N ALA E 644 -35.98 -7.18 -17.43
CA ALA E 644 -34.88 -6.24 -17.31
C ALA E 644 -33.56 -6.85 -17.76
N VAL E 645 -33.40 -8.16 -17.61
CA VAL E 645 -32.15 -8.79 -18.02
C VAL E 645 -32.19 -9.24 -19.47
N LEU E 646 -33.37 -9.35 -20.08
CA LEU E 646 -33.42 -9.67 -21.51
C LEU E 646 -33.23 -8.44 -22.38
N MET E 647 -33.60 -7.25 -21.90
CA MET E 647 -33.50 -6.03 -22.65
C MET E 647 -32.19 -5.29 -22.39
N LYS E 648 -31.22 -5.95 -21.76
CA LYS E 648 -29.88 -5.40 -21.53
C LYS E 648 -29.92 -4.08 -20.75
N ARG E 649 -30.81 -4.02 -19.76
CA ARG E 649 -30.86 -2.89 -18.83
C ARG E 649 -30.34 -3.39 -17.49
N GLN E 650 -29.15 -2.95 -17.11
CA GLN E 650 -28.45 -3.55 -15.98
C GLN E 650 -28.86 -2.95 -14.64
N LYS E 651 -28.90 -1.63 -14.53
CA LYS E 651 -29.20 -1.01 -13.24
C LYS E 651 -30.62 -1.33 -12.80
N MET E 652 -31.56 -1.37 -13.74
CA MET E 652 -32.92 -1.74 -13.39
C MET E 652 -32.99 -3.19 -12.94
N ALA E 653 -32.22 -4.07 -13.57
CA ALA E 653 -32.18 -5.46 -13.13
C ALA E 653 -31.61 -5.58 -11.73
N LEU E 654 -30.56 -4.82 -11.43
CA LEU E 654 -29.99 -4.85 -10.08
C LEU E 654 -30.97 -4.31 -9.06
N PHE E 655 -31.77 -3.30 -9.44
CA PHE E 655 -32.79 -2.81 -8.53
C PHE E 655 -33.87 -3.86 -8.29
N PHE E 656 -34.33 -4.53 -9.34
CA PHE E 656 -35.37 -5.53 -9.18
C PHE E 656 -34.87 -6.81 -8.52
N TRP E 657 -33.55 -7.01 -8.45
CA TRP E 657 -33.03 -8.23 -7.84
C TRP E 657 -33.28 -8.26 -6.34
N GLN E 658 -33.15 -7.11 -5.67
CA GLN E 658 -33.21 -7.10 -4.21
C GLN E 658 -34.62 -7.05 -3.67
N HIS E 659 -35.64 -7.02 -4.51
CA HIS E 659 -37.02 -7.12 -4.07
C HIS E 659 -37.55 -8.53 -4.33
N GLY E 660 -38.70 -8.82 -3.72
CA GLY E 660 -39.28 -10.14 -3.89
C GLY E 660 -38.53 -11.19 -3.09
N GLU E 661 -38.82 -12.44 -3.42
CA GLU E 661 -38.22 -13.60 -2.75
C GLU E 661 -37.46 -14.44 -3.77
N GLU E 662 -36.80 -15.49 -3.27
CA GLU E 662 -35.95 -16.37 -4.08
C GLU E 662 -34.84 -15.58 -4.77
N ALA E 663 -34.13 -14.76 -3.99
CA ALA E 663 -33.13 -13.87 -4.57
C ALA E 663 -31.98 -14.64 -5.21
N MET E 664 -31.53 -15.72 -4.57
CA MET E 664 -30.40 -16.48 -5.10
C MET E 664 -30.74 -17.14 -6.43
N ALA E 665 -31.96 -17.66 -6.55
CA ALA E 665 -32.38 -18.25 -7.82
C ALA E 665 -32.42 -17.19 -8.91
N LYS E 666 -32.90 -15.99 -8.60
CA LYS E 666 -32.93 -14.92 -9.58
C LYS E 666 -31.52 -14.54 -10.02
N ALA E 667 -30.58 -14.48 -9.07
CA ALA E 667 -29.21 -14.16 -9.43
C ALA E 667 -28.61 -15.22 -10.36
N LEU E 668 -28.81 -16.49 -10.04
CA LEU E 668 -28.26 -17.55 -10.87
C LEU E 668 -28.88 -17.55 -12.27
N VAL E 669 -30.20 -17.36 -12.35
CA VAL E 669 -30.85 -17.34 -13.66
C VAL E 669 -30.38 -16.14 -14.47
N ALA E 670 -30.19 -14.99 -13.83
CA ALA E 670 -29.67 -13.83 -14.53
C ALA E 670 -28.27 -14.09 -15.06
N CYS E 671 -27.43 -14.76 -14.27
CA CYS E 671 -26.08 -15.07 -14.73
C CYS E 671 -26.11 -15.97 -15.95
N LYS E 672 -26.92 -17.03 -15.91
CA LYS E 672 -27.00 -17.95 -17.04
C LYS E 672 -27.54 -17.24 -18.29
N LEU E 673 -28.57 -16.41 -18.13
CA LEU E 673 -29.14 -15.72 -19.28
C LEU E 673 -28.14 -14.75 -19.88
N CYS E 674 -27.39 -14.02 -19.05
CA CYS E 674 -26.39 -13.10 -19.59
C CYS E 674 -25.31 -13.85 -20.34
N LYS E 675 -24.85 -14.98 -19.80
CA LYS E 675 -23.82 -15.76 -20.51
C LYS E 675 -24.33 -16.27 -21.85
N ALA E 676 -25.56 -16.80 -21.87
CA ALA E 676 -26.10 -17.33 -23.12
C ALA E 676 -26.31 -16.22 -24.16
N MET E 677 -26.80 -15.06 -23.72
CA MET E 677 -26.98 -13.94 -24.65
C MET E 677 -25.65 -13.44 -25.18
N ALA E 678 -24.62 -13.43 -24.33
CA ALA E 678 -23.29 -13.04 -24.82
C ALA E 678 -22.79 -14.01 -25.88
N HIS E 679 -22.97 -15.32 -25.64
CA HIS E 679 -22.55 -16.30 -26.63
C HIS E 679 -23.32 -16.13 -27.94
N GLU E 680 -24.63 -15.89 -27.86
CA GLU E 680 -25.43 -15.72 -29.07
C GLU E 680 -25.01 -14.47 -29.83
N ALA E 681 -24.73 -13.37 -29.11
CA ALA E 681 -24.31 -12.14 -29.78
C ALA E 681 -22.95 -12.31 -30.44
N SER E 682 -22.03 -13.01 -29.77
CA SER E 682 -20.72 -13.27 -30.38
C SER E 682 -20.83 -14.18 -31.59
N GLU E 683 -21.77 -15.12 -31.58
CA GLU E 683 -21.93 -16.02 -32.71
C GLU E 683 -22.54 -15.31 -33.92
N ASN E 684 -23.42 -14.34 -33.69
CA ASN E 684 -24.12 -13.64 -34.77
C ASN E 684 -23.41 -12.38 -35.22
N ASP E 685 -22.09 -12.33 -35.06
CA ASP E 685 -21.21 -11.24 -35.50
C ASP E 685 -21.82 -9.85 -35.24
N MET E 686 -22.06 -9.57 -33.97
CA MET E 686 -22.57 -8.28 -33.55
C MET E 686 -21.41 -7.29 -33.40
N VAL E 687 -21.68 -6.14 -32.77
CA VAL E 687 -20.70 -5.07 -32.68
C VAL E 687 -19.50 -5.43 -31.80
N ASP E 688 -19.55 -6.56 -31.10
CA ASP E 688 -18.49 -7.09 -30.24
C ASP E 688 -18.19 -6.21 -29.04
N ASP E 689 -19.02 -5.19 -28.79
CA ASP E 689 -19.09 -4.56 -27.47
C ASP E 689 -20.26 -5.10 -26.67
N ILE E 690 -21.30 -5.56 -27.34
CA ILE E 690 -22.43 -6.18 -26.67
C ILE E 690 -21.97 -7.42 -25.92
N SER E 691 -21.06 -8.19 -26.52
CA SER E 691 -20.55 -9.38 -25.84
C SER E 691 -19.83 -9.01 -24.54
N GLN E 692 -19.01 -7.97 -24.58
CA GLN E 692 -18.30 -7.54 -23.37
C GLN E 692 -19.27 -7.04 -22.32
N GLU E 693 -20.29 -6.27 -22.72
CA GLU E 693 -21.27 -5.80 -21.76
C GLU E 693 -22.02 -6.97 -21.10
N LEU E 694 -22.43 -7.95 -21.90
CA LEU E 694 -23.18 -9.07 -21.36
C LEU E 694 -22.31 -9.93 -20.44
N ASN E 695 -21.04 -10.12 -20.79
CA ASN E 695 -20.16 -10.86 -19.91
C ASN E 695 -19.92 -10.12 -18.60
N HIS E 696 -19.80 -8.78 -18.66
CA HIS E 696 -19.68 -8.00 -17.42
C HIS E 696 -20.91 -8.18 -16.55
N ASN E 697 -22.11 -8.15 -17.15
CA ASN E 697 -23.33 -8.36 -16.39
C ASN E 697 -23.36 -9.74 -15.75
N SER E 698 -22.95 -10.76 -16.51
CA SER E 698 -22.94 -12.12 -15.98
C SER E 698 -21.99 -12.24 -14.79
N ARG E 699 -20.80 -11.65 -14.90
CA ARG E 699 -19.86 -11.70 -13.79
C ARG E 699 -20.39 -10.96 -12.56
N ASP E 700 -21.05 -9.81 -12.77
CA ASP E 700 -21.61 -9.08 -11.65
C ASP E 700 -22.67 -9.90 -10.93
N PHE E 701 -23.57 -10.55 -11.69
CA PHE E 701 -24.61 -11.36 -11.04
C PHE E 701 -24.01 -12.56 -10.34
N GLY E 702 -22.99 -13.18 -10.93
CA GLY E 702 -22.33 -14.30 -10.25
C GLY E 702 -21.67 -13.88 -8.94
N GLN E 703 -21.01 -12.73 -8.94
CA GLN E 703 -20.41 -12.22 -7.71
C GLN E 703 -21.46 -11.94 -6.65
N LEU E 704 -22.61 -11.38 -7.07
CA LEU E 704 -23.69 -11.14 -6.13
C LEU E 704 -24.19 -12.44 -5.51
N ALA E 705 -24.35 -13.48 -6.33
CA ALA E 705 -24.80 -14.76 -5.82
C ALA E 705 -23.80 -15.35 -4.83
N VAL E 706 -22.51 -15.25 -5.13
CA VAL E 706 -21.49 -15.79 -4.22
C VAL E 706 -21.50 -15.04 -2.90
N GLU E 707 -21.60 -13.71 -2.95
CA GLU E 707 -21.62 -12.93 -1.71
C GLU E 707 -22.85 -13.26 -0.88
N LEU E 708 -24.01 -13.41 -1.52
CA LEU E 708 -25.22 -13.75 -0.77
C LEU E 708 -25.10 -15.13 -0.12
N LEU E 709 -24.53 -16.10 -0.83
CA LEU E 709 -24.33 -17.42 -0.24
C LEU E 709 -23.37 -17.35 0.95
N ASP E 710 -22.30 -16.57 0.82
CA ASP E 710 -21.35 -16.44 1.92
C ASP E 710 -22.02 -15.84 3.16
N GLN E 711 -22.82 -14.81 2.95
CA GLN E 711 -23.54 -14.21 4.08
C GLN E 711 -24.50 -15.21 4.72
N SER E 712 -25.22 -15.96 3.89
CA SER E 712 -26.18 -16.94 4.41
C SER E 712 -25.48 -18.01 5.23
N TYR E 713 -24.34 -18.50 4.75
CA TYR E 713 -23.60 -19.51 5.51
C TYR E 713 -23.05 -18.92 6.80
N LYS E 714 -22.56 -17.69 6.75
CA LYS E 714 -21.99 -17.08 7.95
C LYS E 714 -23.05 -16.74 8.98
N GLN E 715 -24.33 -16.64 8.58
CA GLN E 715 -25.37 -16.36 9.56
C GLN E 715 -25.86 -17.64 10.24
N ASP E 716 -26.33 -18.61 9.47
CA ASP E 716 -26.83 -19.86 10.02
C ASP E 716 -26.55 -20.99 9.04
N GLU E 717 -25.85 -22.03 9.50
CA GLU E 717 -25.37 -23.05 8.58
C GLU E 717 -26.49 -23.97 8.11
N GLN E 718 -27.36 -24.39 9.03
CA GLN E 718 -28.39 -25.38 8.68
C GLN E 718 -29.39 -24.80 7.69
N LEU E 719 -29.86 -23.57 7.93
CA LEU E 719 -30.76 -22.94 6.98
C LEU E 719 -30.06 -22.63 5.67
N ALA E 720 -28.77 -22.34 5.71
CA ALA E 720 -28.03 -22.13 4.46
C ALA E 720 -27.99 -23.41 3.64
N MET E 721 -27.76 -24.56 4.29
CA MET E 721 -27.79 -25.82 3.57
C MET E 721 -29.18 -26.13 3.03
N LYS E 722 -30.21 -25.83 3.83
CA LYS E 722 -31.58 -26.08 3.39
C LYS E 722 -31.97 -25.16 2.24
N LEU E 723 -31.33 -24.00 2.14
CA LEU E 723 -31.68 -23.04 1.11
C LEU E 723 -31.17 -23.47 -0.27
N LEU E 724 -30.07 -24.22 -0.32
CA LEU E 724 -29.45 -24.57 -1.58
C LEU E 724 -30.05 -25.81 -2.23
N THR E 725 -31.01 -26.48 -1.60
CA THR E 725 -31.46 -27.76 -2.11
C THR E 725 -32.98 -27.94 -2.10
N TYR E 726 -33.75 -26.88 -1.86
CA TYR E 726 -35.19 -27.00 -1.90
C TYR E 726 -35.69 -26.75 -3.30
N GLU E 727 -36.71 -27.50 -3.71
CA GLU E 727 -37.21 -27.43 -5.07
C GLU E 727 -37.80 -26.06 -5.36
N LEU E 728 -37.44 -25.48 -6.49
CA LEU E 728 -37.90 -24.16 -6.90
C LEU E 728 -39.07 -24.33 -7.85
N LYS E 729 -40.29 -24.09 -7.36
CA LYS E 729 -41.48 -24.35 -8.16
C LYS E 729 -41.65 -23.37 -9.32
N ASN E 730 -41.01 -22.21 -9.25
CA ASN E 730 -41.17 -21.21 -10.30
C ASN E 730 -40.13 -21.30 -11.40
N TRP E 731 -39.10 -22.13 -11.23
CA TRP E 731 -38.03 -22.20 -12.22
C TRP E 731 -37.90 -23.61 -12.78
N SER E 732 -39.04 -24.22 -13.12
CA SER E 732 -39.10 -25.56 -13.73
C SER E 732 -38.47 -26.63 -12.84
N ASN E 733 -38.63 -26.47 -11.53
CA ASN E 733 -38.28 -27.50 -10.54
C ASN E 733 -36.79 -27.86 -10.62
N ALA E 734 -35.94 -26.89 -10.30
CA ALA E 734 -34.51 -27.09 -10.24
C ALA E 734 -33.97 -26.46 -8.97
N THR E 735 -33.09 -27.18 -8.27
CA THR E 735 -32.50 -26.63 -7.08
C THR E 735 -31.45 -25.58 -7.44
N CYS E 736 -30.97 -24.87 -6.42
CA CYS E 736 -29.96 -23.84 -6.65
C CYS E 736 -28.66 -24.47 -7.15
N LEU E 737 -28.32 -25.65 -6.67
CA LEU E 737 -27.10 -26.32 -7.11
C LEU E 737 -27.15 -26.64 -8.60
N GLN E 738 -28.29 -27.13 -9.09
CA GLN E 738 -28.40 -27.45 -10.51
C GLN E 738 -28.30 -26.19 -11.36
N LEU E 739 -28.90 -25.10 -10.90
CA LEU E 739 -28.78 -23.84 -11.64
C LEU E 739 -27.34 -23.34 -11.65
N ALA E 740 -26.63 -23.47 -10.53
CA ALA E 740 -25.24 -23.05 -10.49
C ALA E 740 -24.37 -23.91 -11.40
N VAL E 741 -24.65 -25.22 -11.45
CA VAL E 741 -23.88 -26.11 -12.32
C VAL E 741 -24.16 -25.79 -13.79
N ALA E 742 -25.42 -25.54 -14.14
CA ALA E 742 -25.76 -25.23 -15.52
C ALA E 742 -25.11 -23.94 -15.99
N ALA E 743 -24.79 -23.02 -15.08
CA ALA E 743 -24.14 -21.77 -15.44
C ALA E 743 -22.62 -21.87 -15.35
N LYS E 744 -22.08 -23.01 -14.95
CA LYS E 744 -20.64 -23.22 -14.77
C LYS E 744 -20.03 -22.15 -13.85
N HIS E 745 -20.75 -21.87 -12.76
CA HIS E 745 -20.27 -20.90 -11.77
C HIS E 745 -19.37 -21.65 -10.81
N ARG E 746 -18.07 -21.62 -11.09
CA ARG E 746 -17.11 -22.41 -10.31
C ARG E 746 -16.97 -21.90 -8.89
N ASP E 747 -17.05 -20.58 -8.69
CA ASP E 747 -16.87 -20.03 -7.35
C ASP E 747 -18.03 -20.40 -6.42
N PHE E 748 -19.23 -20.57 -6.97
CA PHE E 748 -20.37 -20.92 -6.13
C PHE E 748 -20.26 -22.35 -5.61
N ILE E 749 -19.94 -23.29 -6.49
CA ILE E 749 -19.85 -24.69 -6.08
C ILE E 749 -18.67 -24.89 -5.15
N ALA E 750 -17.57 -24.20 -5.41
CA ALA E 750 -16.35 -24.37 -4.62
C ALA E 750 -16.39 -23.64 -3.30
N HIS E 751 -17.54 -23.12 -2.87
CA HIS E 751 -17.63 -22.46 -1.59
C HIS E 751 -17.63 -23.50 -0.47
N THR E 752 -17.35 -23.02 0.75
CA THR E 752 -17.27 -23.92 1.90
C THR E 752 -18.60 -24.57 2.20
N CYS E 753 -19.69 -23.79 2.16
CA CYS E 753 -21.01 -24.33 2.47
C CYS E 753 -21.43 -25.38 1.46
N SER E 754 -21.20 -25.10 0.16
CA SER E 754 -21.56 -26.06 -0.87
C SER E 754 -20.73 -27.34 -0.75
N GLN E 755 -19.45 -27.20 -0.41
CA GLN E 755 -18.61 -28.39 -0.24
C GLN E 755 -19.05 -29.21 0.96
N MET E 756 -19.46 -28.54 2.05
CA MET E 756 -19.96 -29.28 3.20
C MET E 756 -21.26 -30.00 2.86
N LEU E 757 -22.13 -29.35 2.08
CA LEU E 757 -23.37 -30.00 1.65
C LEU E 757 -23.06 -31.21 0.77
N LEU E 758 -22.10 -31.08 -0.14
CA LEU E 758 -21.73 -32.20 -1.00
C LEU E 758 -21.14 -33.34 -0.19
N THR E 759 -20.33 -33.03 0.83
CA THR E 759 -19.80 -34.08 1.69
C THR E 759 -20.92 -34.80 2.43
N ASP E 760 -21.88 -34.05 2.98
CA ASP E 760 -22.98 -34.67 3.70
C ASP E 760 -23.87 -35.49 2.78
N MET E 761 -23.97 -35.09 1.51
CA MET E 761 -24.75 -35.87 0.55
C MET E 761 -24.01 -37.13 0.13
N TRP E 762 -22.69 -37.03 -0.01
CA TRP E 762 -21.89 -38.16 -0.46
C TRP E 762 -21.75 -39.21 0.62
N MET E 763 -21.68 -38.80 1.88
CA MET E 763 -21.58 -39.76 2.97
C MET E 763 -22.84 -40.62 3.10
N GLY E 764 -23.97 -40.15 2.57
CA GLY E 764 -25.19 -40.93 2.63
C GLY E 764 -25.85 -40.83 4.00
N ARG E 765 -26.63 -41.85 4.34
CA ARG E 765 -27.33 -41.91 5.61
C ARG E 765 -26.50 -42.51 6.73
N LEU E 766 -25.17 -42.50 6.59
CA LEU E 766 -24.29 -42.99 7.64
C LEU E 766 -23.87 -41.82 8.53
N ARG E 767 -23.00 -42.11 9.50
CA ARG E 767 -22.55 -41.09 10.44
C ARG E 767 -21.06 -41.18 10.73
N MET E 768 -20.29 -41.84 9.88
CA MET E 768 -18.85 -41.97 10.08
C MET E 768 -18.14 -40.80 9.41
N ARG E 769 -17.50 -39.95 10.22
CA ARG E 769 -16.78 -38.80 9.69
C ARG E 769 -15.37 -38.64 10.24
N LYS E 770 -15.04 -39.27 11.37
CA LYS E 770 -13.69 -39.17 11.91
C LYS E 770 -12.69 -39.90 11.02
N ASN E 771 -13.00 -41.14 10.63
CA ASN E 771 -12.11 -41.93 9.78
C ASN E 771 -12.96 -42.90 8.99
N SER E 772 -13.25 -42.56 7.74
CA SER E 772 -14.03 -43.40 6.86
C SER E 772 -13.08 -44.29 6.06
N GLY E 773 -13.61 -44.96 5.03
CA GLY E 773 -12.78 -45.78 4.17
C GLY E 773 -12.51 -47.15 4.74
N LEU E 774 -11.70 -47.22 5.80
CA LEU E 774 -11.41 -48.49 6.43
C LEU E 774 -12.67 -49.13 7.01
N LYS E 775 -13.53 -48.32 7.63
CA LYS E 775 -14.78 -48.84 8.15
C LYS E 775 -15.67 -49.37 7.03
N VAL E 776 -15.74 -48.63 5.92
CA VAL E 776 -16.56 -49.08 4.79
C VAL E 776 -16.00 -50.34 4.16
N ILE E 777 -14.68 -50.43 4.05
CA ILE E 777 -14.05 -51.63 3.50
C ILE E 777 -14.33 -52.82 4.39
N LEU E 778 -14.19 -52.65 5.70
CA LEU E 778 -14.48 -53.74 6.62
C LEU E 778 -15.95 -54.14 6.59
N GLY E 779 -16.85 -53.17 6.43
CA GLY E 779 -18.25 -53.50 6.32
C GLY E 779 -18.59 -54.27 5.07
N ILE E 780 -18.03 -53.85 3.93
CA ILE E 780 -18.37 -54.51 2.66
C ILE E 780 -17.67 -55.87 2.56
N LEU E 781 -16.55 -56.05 3.26
CA LEU E 781 -15.89 -57.35 3.25
C LEU E 781 -16.42 -58.27 4.33
N LEU E 782 -16.90 -57.72 5.44
CA LEU E 782 -17.53 -58.50 6.50
C LEU E 782 -18.96 -58.02 6.71
N PRO E 783 -19.93 -58.65 6.04
CA PRO E 783 -21.33 -58.23 6.16
C PRO E 783 -21.85 -58.28 7.59
N PRO E 784 -21.39 -59.21 8.48
CA PRO E 784 -21.85 -59.11 9.88
C PRO E 784 -21.31 -57.91 10.65
N SER E 785 -20.45 -57.10 10.03
CA SER E 785 -19.94 -55.90 10.69
C SER E 785 -20.71 -54.64 10.31
N ILE E 786 -21.69 -54.75 9.41
CA ILE E 786 -22.44 -53.57 8.99
C ILE E 786 -23.33 -53.07 10.11
N LEU E 787 -23.92 -53.98 10.88
CA LEU E 787 -24.92 -53.60 11.88
C LEU E 787 -24.33 -52.74 12.99
N SER E 788 -23.03 -52.90 13.28
CA SER E 788 -22.41 -52.13 14.34
C SER E 788 -21.89 -50.79 13.82
N LEU E 789 -22.75 -50.04 13.14
CA LEU E 789 -22.42 -48.72 12.63
C LEU E 789 -23.57 -47.77 12.93
N GLU E 790 -23.25 -46.61 13.49
CA GLU E 790 -24.28 -45.63 13.80
C GLU E 790 -24.81 -45.00 12.52
N PHE E 791 -26.11 -44.73 12.51
CA PHE E 791 -26.78 -44.12 11.37
C PHE E 791 -27.29 -42.74 11.75
N LYS E 792 -27.95 -42.10 10.79
CA LYS E 792 -28.49 -40.76 10.95
C LYS E 792 -30.00 -40.85 11.11
N ASN E 793 -30.53 -40.11 12.08
CA ASN E 793 -31.95 -40.14 12.39
C ASN E 793 -32.80 -39.58 11.26
N GLY E 860 -32.52 -55.35 8.58
CA GLY E 860 -33.35 -55.42 7.39
C GLY E 860 -33.41 -54.11 6.63
N ARG E 861 -33.76 -53.03 7.33
CA ARG E 861 -33.78 -51.69 6.76
C ARG E 861 -32.48 -50.94 6.99
N LYS E 862 -31.53 -51.51 7.73
CA LYS E 862 -30.21 -50.91 7.90
C LYS E 862 -29.21 -51.44 6.89
N ILE E 863 -29.61 -52.36 6.02
CA ILE E 863 -28.77 -52.85 4.95
C ILE E 863 -29.07 -52.13 3.63
N TYR E 864 -30.36 -51.90 3.35
CA TYR E 864 -30.73 -51.16 2.15
C TYR E 864 -30.20 -49.73 2.20
N GLU E 865 -30.12 -49.14 3.39
CA GLU E 865 -29.56 -47.80 3.49
C GLU E 865 -28.04 -47.79 3.38
N PHE E 866 -27.37 -48.83 3.91
CA PHE E 866 -25.92 -48.87 3.80
C PHE E 866 -25.47 -49.14 2.37
N TYR E 867 -26.13 -50.07 1.69
CA TYR E 867 -25.73 -50.43 0.33
C TYR E 867 -26.22 -49.45 -0.71
N ASN E 868 -26.83 -48.34 -0.32
CA ASN E 868 -27.22 -47.30 -1.25
C ASN E 868 -26.52 -45.98 -1.02
N ALA E 869 -25.67 -45.88 0.00
CA ALA E 869 -24.85 -44.69 0.15
C ALA E 869 -23.84 -44.62 -1.01
N PRO E 870 -23.65 -43.44 -1.60
CA PRO E 870 -22.75 -43.35 -2.76
C PRO E 870 -21.32 -43.77 -2.46
N ILE E 871 -20.82 -43.53 -1.25
CA ILE E 871 -19.46 -43.93 -0.92
C ILE E 871 -19.32 -45.44 -0.95
N VAL E 872 -20.35 -46.17 -0.53
CA VAL E 872 -20.30 -47.63 -0.56
C VAL E 872 -20.32 -48.14 -1.98
N LYS E 873 -21.12 -47.51 -2.85
CA LYS E 873 -21.08 -47.86 -4.27
C LYS E 873 -19.70 -47.61 -4.85
N PHE E 874 -19.08 -46.49 -4.50
CA PHE E 874 -17.76 -46.18 -5.01
C PHE E 874 -16.73 -47.22 -4.56
N TRP E 875 -16.77 -47.63 -3.29
CA TRP E 875 -15.80 -48.60 -2.84
C TRP E 875 -16.07 -49.99 -3.42
N PHE E 876 -17.34 -50.34 -3.62
CA PHE E 876 -17.65 -51.59 -4.30
C PHE E 876 -17.07 -51.59 -5.72
N TYR E 877 -17.25 -50.48 -6.43
CA TYR E 877 -16.74 -50.39 -7.79
C TYR E 877 -15.22 -50.42 -7.81
N THR E 878 -14.57 -49.76 -6.86
CA THR E 878 -13.11 -49.76 -6.81
C THR E 878 -12.57 -51.16 -6.51
N LEU E 879 -13.19 -51.89 -5.58
CA LEU E 879 -12.72 -53.25 -5.30
C LEU E 879 -12.95 -54.15 -6.51
N ALA E 880 -14.07 -53.97 -7.21
CA ALA E 880 -14.31 -54.76 -8.42
C ALA E 880 -13.26 -54.46 -9.48
N TYR E 881 -12.90 -53.18 -9.64
CA TYR E 881 -11.90 -52.83 -10.64
C TYR E 881 -10.53 -53.39 -10.28
N ILE E 882 -10.17 -53.36 -9.00
CA ILE E 882 -8.88 -53.92 -8.58
C ILE E 882 -8.86 -55.43 -8.83
N GLY E 883 -9.95 -56.12 -8.51
CA GLY E 883 -10.01 -57.54 -8.82
C GLY E 883 -9.92 -57.83 -10.30
N TYR E 884 -10.58 -57.01 -11.12
CA TYR E 884 -10.52 -57.19 -12.56
C TYR E 884 -9.10 -56.99 -13.08
N LEU E 885 -8.40 -55.99 -12.56
CA LEU E 885 -7.01 -55.78 -12.97
C LEU E 885 -6.10 -56.92 -12.53
N MET E 886 -6.35 -57.45 -11.32
CA MET E 886 -5.57 -58.59 -10.86
C MET E 886 -5.78 -59.80 -11.76
N LEU E 887 -7.01 -60.00 -12.23
CA LEU E 887 -7.27 -61.10 -13.17
C LEU E 887 -6.66 -60.82 -14.53
N PHE E 888 -6.66 -59.55 -14.97
CA PHE E 888 -6.11 -59.22 -16.28
C PHE E 888 -4.59 -59.40 -16.30
N ASN E 889 -3.92 -59.12 -15.19
CA ASN E 889 -2.47 -59.26 -15.14
C ASN E 889 -2.02 -60.71 -15.01
N TYR E 890 -2.94 -61.65 -14.88
CA TYR E 890 -2.57 -63.05 -14.79
C TYR E 890 -2.65 -63.79 -16.12
N ILE E 891 -3.55 -63.39 -17.01
CA ILE E 891 -3.76 -64.14 -18.26
C ILE E 891 -2.80 -63.73 -19.37
N VAL E 892 -2.00 -62.69 -19.18
CA VAL E 892 -1.07 -62.26 -20.22
C VAL E 892 0.34 -62.71 -19.87
N LEU E 893 0.66 -62.77 -18.58
CA LEU E 893 2.00 -63.20 -18.17
C LEU E 893 2.18 -64.70 -18.41
N VAL E 894 1.22 -65.51 -17.98
CA VAL E 894 1.31 -66.95 -18.13
C VAL E 894 0.96 -67.34 -19.55
N LYS E 895 1.23 -68.59 -19.91
CA LYS E 895 0.97 -69.05 -21.26
C LYS E 895 -0.54 -69.09 -21.54
N MET E 896 -0.89 -68.94 -22.80
CA MET E 896 -2.27 -69.00 -23.25
C MET E 896 -2.52 -70.31 -23.99
N GLU E 897 -3.79 -70.69 -24.07
CA GLU E 897 -4.16 -71.97 -24.64
C GLU E 897 -5.18 -71.78 -25.75
N ARG E 898 -5.55 -72.89 -26.40
CA ARG E 898 -6.48 -72.84 -27.52
C ARG E 898 -7.84 -72.33 -27.07
N TRP E 899 -8.32 -72.78 -25.93
CA TRP E 899 -9.56 -72.23 -25.42
C TRP E 899 -9.30 -71.40 -24.18
N PRO E 900 -10.04 -70.32 -23.97
CA PRO E 900 -9.77 -69.44 -22.83
C PRO E 900 -9.99 -70.14 -21.50
N SER E 901 -9.20 -69.74 -20.51
CA SER E 901 -9.35 -70.28 -19.17
C SER E 901 -10.46 -69.54 -18.44
N THR E 902 -10.64 -69.87 -17.16
CA THR E 902 -11.72 -69.25 -16.38
C THR E 902 -11.49 -67.76 -16.20
N GLN E 903 -10.25 -67.35 -15.94
CA GLN E 903 -9.96 -65.94 -15.71
C GLN E 903 -10.22 -65.11 -16.97
N GLU E 904 -9.90 -65.67 -18.14
CA GLU E 904 -10.18 -64.97 -19.39
C GLU E 904 -11.69 -64.79 -19.57
N TRP E 905 -12.48 -65.80 -19.21
CA TRP E 905 -13.92 -65.67 -19.30
C TRP E 905 -14.44 -64.61 -18.33
N ILE E 906 -13.86 -64.54 -17.13
CA ILE E 906 -14.28 -63.50 -16.17
C ILE E 906 -13.97 -62.12 -16.72
N VAL E 907 -12.78 -61.94 -17.30
CA VAL E 907 -12.42 -60.64 -17.86
C VAL E 907 -13.34 -60.26 -19.02
N ILE E 908 -13.63 -61.22 -19.90
CA ILE E 908 -14.51 -60.95 -21.04
C ILE E 908 -15.91 -60.59 -20.55
N SER E 909 -16.41 -61.30 -19.55
CA SER E 909 -17.72 -60.99 -19.00
C SER E 909 -17.73 -59.59 -18.38
N TYR E 910 -16.65 -59.23 -17.69
CA TYR E 910 -16.56 -57.89 -17.10
C TYR E 910 -16.63 -56.82 -18.17
N ILE E 911 -15.89 -56.99 -19.26
CA ILE E 911 -15.87 -55.97 -20.30
C ILE E 911 -17.21 -55.92 -21.02
N PHE E 912 -17.85 -57.07 -21.22
CA PHE E 912 -19.17 -57.09 -21.85
C PHE E 912 -20.21 -56.36 -21.00
N THR E 913 -20.21 -56.62 -19.69
CA THR E 913 -21.15 -55.93 -18.81
C THR E 913 -20.86 -54.44 -18.74
N LEU E 914 -19.58 -54.07 -18.76
CA LEU E 914 -19.24 -52.65 -18.79
C LEU E 914 -19.75 -52.00 -20.07
N GLY E 915 -19.65 -52.71 -21.20
CA GLY E 915 -20.16 -52.16 -22.45
C GLY E 915 -21.67 -51.96 -22.44
N ILE E 916 -22.41 -52.94 -21.93
CA ILE E 916 -23.86 -52.76 -21.89
C ILE E 916 -24.22 -51.69 -20.86
N GLU E 917 -23.41 -51.50 -19.82
CA GLU E 917 -23.66 -50.42 -18.88
C GLU E 917 -23.44 -49.06 -19.55
N LYS E 918 -22.40 -48.95 -20.39
CA LYS E 918 -22.20 -47.72 -21.14
C LYS E 918 -23.37 -47.45 -22.09
N MET E 919 -23.87 -48.51 -22.74
CA MET E 919 -25.03 -48.34 -23.61
C MET E 919 -26.25 -47.86 -22.84
N ARG E 920 -26.47 -48.44 -21.65
CA ARG E 920 -27.58 -48.00 -20.80
C ARG E 920 -27.41 -46.54 -20.39
N GLU E 921 -26.18 -46.14 -20.06
CA GLU E 921 -25.92 -44.75 -19.69
C GLU E 921 -26.21 -43.81 -20.86
N ILE E 922 -25.83 -44.21 -22.08
CA ILE E 922 -26.12 -43.38 -23.25
C ILE E 922 -27.63 -43.24 -23.43
N LEU E 923 -28.36 -44.35 -23.34
CA LEU E 923 -29.79 -44.31 -23.60
C LEU E 923 -30.60 -43.71 -22.47
N MET E 924 -30.00 -43.44 -21.32
CA MET E 924 -30.68 -42.78 -20.20
C MET E 924 -30.23 -41.32 -20.06
N SER E 925 -29.87 -40.69 -21.15
CA SER E 925 -29.33 -39.33 -21.12
C SER E 925 -30.46 -38.31 -20.95
N GLU E 926 -30.09 -37.04 -20.99
CA GLU E 926 -31.04 -35.95 -20.82
C GLU E 926 -31.82 -35.61 -22.10
N PRO E 927 -31.17 -35.45 -23.29
CA PRO E 927 -31.96 -35.11 -24.48
C PRO E 927 -32.83 -36.24 -24.97
N GLY E 928 -33.55 -36.00 -26.07
CA GLY E 928 -34.45 -37.00 -26.62
C GLY E 928 -34.07 -37.48 -28.00
N LYS E 929 -33.00 -36.91 -28.56
CA LYS E 929 -32.51 -37.29 -29.89
C LYS E 929 -31.30 -38.20 -29.74
N LEU E 930 -31.29 -39.28 -30.54
CA LEU E 930 -30.20 -40.24 -30.46
C LEU E 930 -28.86 -39.60 -30.83
N LEU E 931 -28.85 -38.77 -31.87
CA LEU E 931 -27.63 -38.09 -32.28
C LEU E 931 -27.32 -36.87 -31.42
N GLN E 932 -28.21 -36.49 -30.51
CA GLN E 932 -27.94 -35.42 -29.55
C GLN E 932 -27.48 -35.95 -28.20
N LYS E 933 -28.03 -37.08 -27.76
CA LYS E 933 -27.53 -37.71 -26.54
C LYS E 933 -26.11 -38.20 -26.70
N VAL E 934 -25.79 -38.75 -27.87
CA VAL E 934 -24.44 -39.24 -28.12
C VAL E 934 -23.43 -38.10 -28.12
N LYS E 935 -23.78 -36.97 -28.76
CA LYS E 935 -22.83 -35.87 -28.85
C LYS E 935 -22.66 -35.14 -27.53
N VAL E 936 -23.59 -35.30 -26.59
CA VAL E 936 -23.38 -34.74 -25.26
C VAL E 936 -22.75 -35.74 -24.32
N TRP E 937 -22.85 -37.04 -24.60
CA TRP E 937 -22.11 -38.03 -23.84
C TRP E 937 -20.64 -38.07 -24.24
N LEU E 938 -20.34 -37.75 -25.49
CA LEU E 938 -18.95 -37.68 -25.96
C LEU E 938 -18.35 -36.31 -25.67
N GLN E 939 -18.48 -35.83 -24.44
CA GLN E 939 -17.90 -34.56 -24.05
C GLN E 939 -16.80 -34.70 -23.02
N GLU E 940 -16.77 -35.81 -22.28
CA GLU E 940 -15.66 -36.13 -21.40
C GLU E 940 -14.78 -37.17 -22.08
N TYR E 941 -13.47 -36.91 -22.09
CA TYR E 941 -12.56 -37.77 -22.84
C TYR E 941 -12.49 -39.18 -22.28
N TRP E 942 -12.84 -39.38 -21.00
CA TRP E 942 -12.82 -40.72 -20.43
C TRP E 942 -13.80 -41.64 -21.13
N ASN E 943 -14.99 -41.13 -21.47
CA ASN E 943 -15.97 -41.95 -22.17
C ASN E 943 -15.48 -42.35 -23.55
N VAL E 944 -14.86 -41.41 -24.28
CA VAL E 944 -14.35 -41.71 -25.61
C VAL E 944 -13.25 -42.76 -25.53
N THR E 945 -12.32 -42.60 -24.58
CA THR E 945 -11.23 -43.56 -24.45
C THR E 945 -11.75 -44.93 -24.02
N ASP E 946 -12.77 -44.96 -23.15
CA ASP E 946 -13.36 -46.24 -22.77
C ASP E 946 -14.00 -46.93 -23.96
N LEU E 947 -14.70 -46.18 -24.80
CA LEU E 947 -15.30 -46.76 -25.99
C LEU E 947 -14.22 -47.32 -26.93
N ILE E 948 -13.14 -46.56 -27.12
CA ILE E 948 -12.06 -47.03 -27.99
C ILE E 948 -11.44 -48.30 -27.43
N ALA E 949 -11.21 -48.33 -26.12
CA ALA E 949 -10.60 -49.52 -25.51
C ALA E 949 -11.51 -50.74 -25.61
N ILE E 950 -12.81 -50.56 -25.39
CA ILE E 950 -13.73 -51.68 -25.50
C ILE E 950 -13.77 -52.21 -26.93
N LEU E 951 -13.82 -51.32 -27.91
CA LEU E 951 -13.81 -51.77 -29.30
C LEU E 951 -12.51 -52.50 -29.64
N LEU E 952 -11.37 -51.98 -29.20
CA LEU E 952 -10.09 -52.61 -29.49
C LEU E 952 -9.98 -53.97 -28.83
N PHE E 953 -10.47 -54.10 -27.59
CA PHE E 953 -10.45 -55.40 -26.94
C PHE E 953 -11.39 -56.37 -27.64
N SER E 954 -12.53 -55.89 -28.15
CA SER E 954 -13.42 -56.77 -28.89
C SER E 954 -12.74 -57.29 -30.16
N VAL E 955 -12.03 -56.40 -30.87
CA VAL E 955 -11.29 -56.83 -32.05
C VAL E 955 -10.22 -57.85 -31.67
N GLY E 956 -9.49 -57.60 -30.58
CA GLY E 956 -8.47 -58.54 -30.15
C GLY E 956 -9.03 -59.90 -29.77
N MET E 957 -10.16 -59.91 -29.07
CA MET E 957 -10.78 -61.16 -28.66
C MET E 957 -11.31 -61.92 -29.86
N ILE E 958 -11.89 -61.22 -30.85
CA ILE E 958 -12.32 -61.89 -32.07
C ILE E 958 -11.14 -62.50 -32.80
N LEU E 959 -10.03 -61.76 -32.90
CA LEU E 959 -8.83 -62.31 -33.53
C LEU E 959 -8.16 -63.37 -32.67
N ARG E 960 -8.52 -63.47 -31.39
CA ARG E 960 -7.83 -64.41 -30.50
C ARG E 960 -8.30 -65.85 -30.73
N LEU E 961 -9.57 -66.04 -31.05
CA LEU E 961 -10.14 -67.39 -31.19
C LEU E 961 -9.93 -67.93 -32.61
N GLN E 962 -8.67 -67.97 -33.03
CA GLN E 962 -8.30 -68.39 -34.37
C GLN E 962 -7.04 -69.24 -34.25
N ASP E 963 -6.34 -69.43 -35.37
CA ASP E 963 -5.12 -70.21 -35.41
C ASP E 963 -3.96 -69.41 -34.80
N GLN E 964 -2.74 -69.92 -34.95
CA GLN E 964 -1.59 -69.39 -34.23
C GLN E 964 -1.27 -67.92 -34.52
N PRO E 965 -1.14 -67.46 -35.77
CA PRO E 965 -0.75 -66.05 -35.96
C PRO E 965 -1.80 -65.06 -35.46
N PHE E 966 -3.08 -65.33 -35.73
CA PHE E 966 -4.12 -64.46 -35.22
C PHE E 966 -4.21 -64.53 -33.70
N ARG E 967 -3.88 -65.70 -33.12
CA ARG E 967 -3.82 -65.80 -31.67
C ARG E 967 -2.72 -64.93 -31.09
N SER E 968 -1.55 -64.90 -31.75
CA SER E 968 -0.48 -64.01 -31.31
C SER E 968 -0.89 -62.55 -31.42
N ASP E 969 -1.56 -62.19 -32.51
CA ASP E 969 -2.02 -60.81 -32.66
C ASP E 969 -3.04 -60.45 -31.58
N GLY E 970 -3.94 -61.37 -31.24
CA GLY E 970 -4.87 -61.13 -30.16
C GLY E 970 -4.16 -60.95 -28.83
N ARG E 971 -3.09 -61.71 -28.60
CA ARG E 971 -2.30 -61.52 -27.39
C ARG E 971 -1.69 -60.12 -27.36
N VAL E 972 -1.19 -59.64 -28.49
CA VAL E 972 -0.60 -58.30 -28.54
C VAL E 972 -1.66 -57.23 -28.24
N ILE E 973 -2.85 -57.39 -28.82
CA ILE E 973 -3.93 -56.43 -28.55
C ILE E 973 -4.31 -56.46 -27.08
N TYR E 974 -4.29 -57.65 -26.47
CA TYR E 974 -4.53 -57.76 -25.03
C TYR E 974 -3.50 -56.96 -24.24
N CYS E 975 -2.22 -57.04 -24.65
CA CYS E 975 -1.18 -56.32 -23.93
C CYS E 975 -1.39 -54.81 -23.99
N VAL E 976 -1.70 -54.29 -25.18
CA VAL E 976 -1.92 -52.84 -25.31
C VAL E 976 -3.16 -52.40 -24.53
N ASN E 977 -4.23 -53.19 -24.58
CA ASN E 977 -5.40 -52.89 -23.78
C ASN E 977 -5.08 -52.90 -22.29
N ILE E 978 -4.17 -53.78 -21.86
CA ILE E 978 -3.76 -53.81 -20.46
C ILE E 978 -3.04 -52.53 -20.10
N ILE E 979 -2.24 -51.99 -21.02
CA ILE E 979 -1.62 -50.69 -20.79
C ILE E 979 -2.69 -49.65 -20.51
N TYR E 980 -3.73 -49.61 -21.35
CA TYR E 980 -4.75 -48.59 -21.14
C TYR E 980 -5.49 -48.77 -19.81
N TRP E 981 -5.85 -50.01 -19.48
CA TRP E 981 -6.61 -50.22 -18.25
C TRP E 981 -5.76 -49.95 -17.02
N TYR E 982 -4.44 -50.14 -17.12
CA TYR E 982 -3.56 -49.71 -16.04
C TYR E 982 -3.55 -48.20 -15.89
N ILE E 983 -3.49 -47.47 -17.02
CA ILE E 983 -3.45 -46.01 -16.95
C ILE E 983 -4.76 -45.47 -16.39
N ARG E 984 -5.89 -46.14 -16.66
CA ARG E 984 -7.19 -45.61 -16.25
C ARG E 984 -7.39 -45.61 -14.73
N LEU E 985 -6.41 -46.03 -13.92
CA LEU E 985 -6.57 -45.98 -12.48
C LEU E 985 -6.50 -44.57 -11.91
N LEU E 986 -6.03 -43.60 -12.69
CA LEU E 986 -5.99 -42.23 -12.17
C LEU E 986 -7.38 -41.66 -12.00
N ASP E 987 -8.34 -42.13 -12.79
CA ASP E 987 -9.73 -41.73 -12.59
C ASP E 987 -10.25 -42.21 -11.24
N ILE E 988 -9.83 -43.40 -10.80
CA ILE E 988 -10.17 -43.86 -9.47
C ILE E 988 -9.42 -43.05 -8.41
N PHE E 989 -8.13 -42.76 -8.66
CA PHE E 989 -7.35 -41.97 -7.72
C PHE E 989 -7.90 -40.56 -7.53
N GLY E 990 -8.65 -40.05 -8.51
CA GLY E 990 -9.12 -38.68 -8.43
C GLY E 990 -10.07 -38.38 -7.29
N VAL E 991 -10.60 -39.40 -6.61
CA VAL E 991 -11.52 -39.15 -5.50
C VAL E 991 -10.80 -38.55 -4.29
N ASN E 992 -9.48 -38.67 -4.22
CA ASN E 992 -8.75 -38.19 -3.06
C ASN E 992 -8.70 -36.67 -3.06
N LYS E 993 -8.49 -36.10 -1.88
CA LYS E 993 -8.42 -34.65 -1.74
C LYS E 993 -7.05 -34.09 -2.12
N TYR E 994 -6.04 -34.93 -2.34
CA TYR E 994 -4.71 -34.47 -2.66
C TYR E 994 -4.15 -35.04 -3.95
N LEU E 995 -4.84 -35.96 -4.61
CA LEU E 995 -4.34 -36.56 -5.83
C LEU E 995 -4.97 -36.01 -7.11
N GLY E 996 -6.23 -35.60 -7.05
CA GLY E 996 -6.90 -35.05 -8.21
C GLY E 996 -6.26 -33.79 -8.77
N PRO E 997 -5.97 -32.81 -7.90
CA PRO E 997 -5.23 -31.63 -8.38
C PRO E 997 -3.90 -31.96 -9.03
N TYR E 998 -3.16 -32.93 -8.50
CA TYR E 998 -1.89 -33.29 -9.13
C TYR E 998 -2.12 -33.93 -10.50
N VAL E 999 -3.20 -34.70 -10.65
CA VAL E 999 -3.53 -35.27 -11.95
C VAL E 999 -3.82 -34.16 -12.96
N MET E 1000 -4.58 -33.14 -12.54
CA MET E 1000 -4.87 -32.05 -13.47
C MET E 1000 -3.62 -31.23 -13.79
N MET E 1001 -2.73 -31.05 -12.81
CA MET E 1001 -1.47 -30.38 -13.08
C MET E 1001 -0.66 -31.16 -14.10
N ILE E 1002 -0.65 -32.49 -13.99
CA ILE E 1002 -0.02 -33.32 -15.00
C ILE E 1002 -0.69 -33.08 -16.36
N GLY E 1003 -2.01 -32.94 -16.36
CA GLY E 1003 -2.73 -32.72 -17.60
C GLY E 1003 -2.30 -31.45 -18.33
N LYS E 1004 -2.03 -30.38 -17.59
CA LYS E 1004 -1.61 -29.14 -18.25
C LYS E 1004 -0.11 -29.13 -18.58
N MET E 1005 0.71 -29.65 -17.68
CA MET E 1005 2.12 -29.75 -18.01
C MET E 1005 2.37 -30.68 -19.17
N MET E 1006 1.42 -31.58 -19.49
CA MET E 1006 1.53 -32.35 -20.72
C MET E 1006 1.48 -31.46 -21.94
N ILE E 1007 0.62 -30.44 -21.93
CA ILE E 1007 0.57 -29.51 -23.05
C ILE E 1007 1.89 -28.75 -23.17
N ASP E 1008 2.42 -28.29 -22.03
CA ASP E 1008 3.70 -27.57 -22.10
C ASP E 1008 4.83 -28.47 -22.62
N MET E 1009 4.89 -29.70 -22.13
CA MET E 1009 5.92 -30.63 -22.58
C MET E 1009 5.74 -30.97 -24.06
N MET E 1010 4.50 -31.05 -24.53
CA MET E 1010 4.26 -31.28 -25.94
C MET E 1010 4.76 -30.12 -26.78
N TYR E 1011 4.63 -28.89 -26.27
CA TYR E 1011 5.21 -27.77 -27.00
C TYR E 1011 6.72 -27.87 -27.09
N PHE E 1012 7.39 -28.27 -26.01
CA PHE E 1012 8.86 -28.32 -26.07
C PHE E 1012 9.40 -29.54 -26.81
N VAL E 1013 8.64 -30.63 -26.87
CA VAL E 1013 9.14 -31.83 -27.53
C VAL E 1013 9.32 -31.62 -29.02
N ILE E 1014 8.65 -30.64 -29.62
CA ILE E 1014 8.84 -30.37 -31.04
C ILE E 1014 10.26 -29.86 -31.30
N ILE E 1015 10.70 -28.89 -30.51
CA ILE E 1015 12.07 -28.37 -30.65
C ILE E 1015 13.08 -29.47 -30.35
N MET E 1016 12.84 -30.24 -29.29
CA MET E 1016 13.76 -31.32 -28.97
C MET E 1016 13.85 -32.33 -30.11
N LEU E 1017 12.71 -32.63 -30.74
CA LEU E 1017 12.69 -33.58 -31.85
C LEU E 1017 13.38 -33.03 -33.08
N VAL E 1018 13.26 -31.72 -33.32
CA VAL E 1018 13.98 -31.12 -34.45
C VAL E 1018 15.48 -31.28 -34.29
N VAL E 1019 15.99 -30.95 -33.10
CA VAL E 1019 17.43 -31.09 -32.86
C VAL E 1019 17.86 -32.55 -32.96
N LEU E 1020 17.04 -33.46 -32.41
CA LEU E 1020 17.36 -34.88 -32.44
C LEU E 1020 17.44 -35.40 -33.87
N MET E 1021 16.46 -35.04 -34.71
CA MET E 1021 16.48 -35.47 -36.10
C MET E 1021 17.69 -34.92 -36.83
N SER E 1022 18.05 -33.66 -36.57
CA SER E 1022 19.22 -33.07 -37.22
C SER E 1022 20.47 -33.88 -36.90
N PHE E 1023 20.73 -34.13 -35.61
CA PHE E 1023 21.94 -34.86 -35.25
C PHE E 1023 21.92 -36.28 -35.78
N GLY E 1024 20.77 -36.95 -35.72
CA GLY E 1024 20.69 -38.32 -36.19
C GLY E 1024 20.98 -38.42 -37.67
N VAL E 1025 20.40 -37.53 -38.47
CA VAL E 1025 20.64 -37.55 -39.91
C VAL E 1025 22.11 -37.27 -40.21
N ALA E 1026 22.71 -36.30 -39.51
CA ALA E 1026 24.10 -35.99 -39.76
C ALA E 1026 25.00 -37.18 -39.47
N ARG E 1027 24.79 -37.83 -38.31
CA ARG E 1027 25.63 -38.97 -37.95
C ARG E 1027 25.44 -40.13 -38.91
N GLN E 1028 24.19 -40.47 -39.22
CA GLN E 1028 23.91 -41.60 -40.10
C GLN E 1028 24.45 -41.37 -41.50
N ALA E 1029 24.42 -40.12 -41.97
CA ALA E 1029 24.95 -39.86 -43.30
C ALA E 1029 26.48 -39.86 -43.31
N ILE E 1030 27.11 -39.37 -42.24
CA ILE E 1030 28.57 -39.33 -42.21
C ILE E 1030 29.14 -40.73 -42.10
N LEU E 1031 28.60 -41.55 -41.19
CA LEU E 1031 29.25 -42.82 -40.88
C LEU E 1031 29.10 -43.85 -42.00
N PHE E 1032 27.90 -43.98 -42.55
CA PHE E 1032 27.62 -45.03 -43.51
C PHE E 1032 27.34 -44.43 -44.88
N PRO E 1033 28.32 -44.38 -45.78
CA PRO E 1033 28.11 -43.76 -47.09
C PRO E 1033 27.77 -44.72 -48.24
N ASN E 1034 27.54 -46.00 -47.96
CA ASN E 1034 27.24 -46.98 -49.01
C ASN E 1034 26.01 -47.80 -48.63
N GLU E 1035 24.95 -47.12 -48.21
CA GLU E 1035 23.73 -47.78 -47.77
C GLU E 1035 22.73 -47.83 -48.92
N GLU E 1036 22.21 -49.02 -49.20
CA GLU E 1036 21.10 -49.15 -50.12
C GLU E 1036 19.84 -48.59 -49.47
N PRO E 1037 18.93 -48.00 -50.26
CA PRO E 1037 17.71 -47.43 -49.67
C PRO E 1037 16.83 -48.50 -49.06
N SER E 1038 16.69 -48.47 -47.73
CA SER E 1038 15.92 -49.46 -47.00
C SER E 1038 15.18 -48.79 -45.86
N TRP E 1039 14.11 -49.42 -45.40
CA TRP E 1039 13.32 -48.87 -44.30
C TRP E 1039 14.10 -48.82 -43.00
N LYS E 1040 15.20 -49.55 -42.89
CA LYS E 1040 16.02 -49.50 -41.68
C LYS E 1040 16.73 -48.16 -41.53
N LEU E 1041 16.79 -47.35 -42.59
CA LEU E 1041 17.39 -46.02 -42.46
C LEU E 1041 16.59 -45.12 -41.56
N ALA E 1042 15.26 -45.24 -41.57
CA ALA E 1042 14.42 -44.44 -40.71
C ALA E 1042 14.51 -44.85 -39.24
N LYS E 1043 15.16 -45.97 -38.93
CA LYS E 1043 15.28 -46.41 -37.56
C LYS E 1043 16.54 -45.87 -36.89
N ASN E 1044 17.66 -45.83 -37.62
CA ASN E 1044 18.90 -45.36 -37.05
C ASN E 1044 18.90 -43.85 -36.80
N ILE E 1045 18.00 -43.11 -37.43
CA ILE E 1045 17.91 -41.67 -37.20
C ILE E 1045 17.35 -41.39 -35.82
N PHE E 1046 16.35 -42.14 -35.38
CA PHE E 1046 15.61 -41.85 -34.16
C PHE E 1046 16.04 -42.70 -32.97
N TYR E 1047 16.54 -43.90 -33.20
CA TYR E 1047 16.90 -44.83 -32.12
C TYR E 1047 18.01 -44.29 -31.23
N MET E 1048 19.22 -44.21 -31.79
CA MET E 1048 20.39 -43.86 -30.98
C MET E 1048 20.34 -42.43 -30.43
N PRO E 1049 20.02 -41.39 -31.22
CA PRO E 1049 19.96 -40.05 -30.63
C PRO E 1049 18.88 -39.89 -29.57
N TYR E 1050 17.86 -40.75 -29.55
CA TYR E 1050 16.88 -40.64 -28.47
C TYR E 1050 17.35 -41.39 -27.24
N TRP E 1051 17.91 -42.59 -27.40
CA TRP E 1051 18.42 -43.27 -26.21
C TRP E 1051 19.66 -42.61 -25.64
N MET E 1052 20.29 -41.70 -26.38
CA MET E 1052 21.52 -41.09 -25.89
C MET E 1052 21.27 -40.08 -24.77
N ILE E 1053 20.16 -39.35 -24.82
CA ILE E 1053 19.96 -38.27 -23.86
C ILE E 1053 19.32 -38.77 -22.57
N TYR E 1054 19.19 -40.08 -22.44
CA TYR E 1054 18.67 -40.69 -21.23
C TYR E 1054 19.74 -41.51 -20.51
N GLY E 1055 20.98 -41.01 -20.53
CA GLY E 1055 22.06 -41.61 -19.78
C GLY E 1055 22.81 -42.72 -20.49
N GLU E 1056 22.37 -43.14 -21.68
CA GLU E 1056 23.06 -44.18 -22.43
C GLU E 1056 23.92 -43.51 -23.50
N VAL E 1057 25.05 -42.95 -23.07
CA VAL E 1057 26.04 -42.38 -23.97
C VAL E 1057 27.20 -43.35 -24.06
N PHE E 1058 27.50 -43.80 -25.27
CA PHE E 1058 28.55 -44.78 -25.46
C PHE E 1058 29.70 -44.18 -26.26
N ALA E 1059 30.88 -44.77 -26.09
CA ALA E 1059 32.08 -44.31 -26.78
C ALA E 1059 32.51 -45.21 -27.92
N ASP E 1060 31.99 -46.44 -28.00
CA ASP E 1060 32.31 -47.35 -29.08
C ASP E 1060 31.16 -47.58 -30.04
N GLN E 1061 29.92 -47.53 -29.57
CA GLN E 1061 28.77 -47.63 -30.48
C GLN E 1061 28.66 -46.43 -31.40
N ILE E 1062 29.28 -45.30 -31.04
CA ILE E 1062 29.38 -44.13 -31.90
C ILE E 1062 30.83 -43.69 -31.93
N ASP E 1063 31.29 -43.24 -33.09
CA ASP E 1063 32.68 -42.91 -33.37
C ASP E 1063 33.54 -44.13 -33.06
N PRO E 1064 33.43 -45.19 -33.85
CA PRO E 1064 34.15 -46.43 -33.53
C PRO E 1064 35.65 -46.25 -33.71
N PRO E 1065 36.45 -47.09 -33.05
CA PRO E 1065 37.91 -46.96 -33.21
C PRO E 1065 38.37 -47.44 -34.57
N CYS E 1066 38.19 -46.59 -35.58
CA CYS E 1066 38.58 -46.91 -36.94
C CYS E 1066 40.09 -47.01 -37.09
N GLN E 1079 45.17 -54.23 -39.56
CA GLN E 1079 44.53 -54.72 -38.35
C GLN E 1079 43.34 -53.84 -37.98
N LEU E 1080 43.62 -52.55 -37.76
CA LEU E 1080 42.56 -51.61 -37.43
C LEU E 1080 41.65 -51.41 -38.65
N PRO E 1081 40.35 -51.23 -38.41
CA PRO E 1081 39.40 -51.06 -39.53
C PRO E 1081 39.66 -49.75 -40.26
N PRO E 1082 39.27 -49.67 -41.53
CA PRO E 1082 39.48 -48.44 -42.29
C PRO E 1082 38.62 -47.30 -41.76
N CYS E 1083 39.12 -46.09 -41.96
CA CYS E 1083 38.49 -44.88 -41.41
C CYS E 1083 37.63 -44.20 -42.47
N LYS E 1084 36.37 -43.98 -42.14
CA LYS E 1084 35.47 -43.24 -43.03
C LYS E 1084 35.89 -41.78 -43.08
N THR E 1085 35.69 -41.17 -44.24
CA THR E 1085 36.07 -39.78 -44.42
C THR E 1085 35.21 -38.86 -43.56
N GLY E 1086 35.85 -37.97 -42.83
CA GLY E 1086 35.12 -37.05 -41.97
C GLY E 1086 34.53 -37.68 -40.74
N ALA E 1087 35.12 -38.76 -40.23
CA ALA E 1087 34.61 -39.40 -39.03
C ALA E 1087 34.91 -38.61 -37.76
N TRP E 1088 35.77 -37.60 -37.84
CA TRP E 1088 36.12 -36.81 -36.66
C TRP E 1088 35.10 -35.74 -36.33
N ILE E 1089 34.09 -35.53 -37.18
CA ILE E 1089 33.06 -34.54 -36.89
C ILE E 1089 31.99 -35.08 -35.96
N VAL E 1090 31.79 -36.40 -35.93
CA VAL E 1090 30.67 -36.97 -35.18
C VAL E 1090 30.79 -36.70 -33.67
N PRO E 1091 31.93 -36.90 -33.01
CA PRO E 1091 32.00 -36.53 -31.60
C PRO E 1091 31.79 -35.05 -31.33
N ALA E 1092 32.22 -34.17 -32.23
CA ALA E 1092 32.01 -32.74 -32.01
C ALA E 1092 30.52 -32.38 -32.11
N ILE E 1093 29.86 -32.90 -33.14
CA ILE E 1093 28.42 -32.67 -33.27
C ILE E 1093 27.69 -33.26 -32.08
N MET E 1094 28.14 -34.42 -31.60
CA MET E 1094 27.52 -35.03 -30.42
C MET E 1094 27.70 -34.16 -29.19
N ALA E 1095 28.89 -33.57 -29.02
CA ALA E 1095 29.12 -32.70 -27.87
C ALA E 1095 28.18 -31.49 -27.91
N CYS E 1096 28.06 -30.87 -29.08
CA CYS E 1096 27.14 -29.73 -29.21
C CYS E 1096 25.69 -30.16 -28.96
N TYR E 1097 25.30 -31.31 -29.49
CA TYR E 1097 23.93 -31.77 -29.34
C TYR E 1097 23.60 -32.10 -27.89
N LEU E 1098 24.51 -32.78 -27.19
CA LEU E 1098 24.28 -33.08 -25.78
C LEU E 1098 24.23 -31.80 -24.95
N LEU E 1099 25.10 -30.83 -25.25
CA LEU E 1099 25.07 -29.58 -24.52
C LEU E 1099 23.76 -28.84 -24.73
N VAL E 1100 23.23 -28.86 -25.96
CA VAL E 1100 22.00 -28.12 -26.23
C VAL E 1100 20.73 -28.89 -25.89
N ALA E 1101 20.82 -30.19 -25.62
CA ALA E 1101 19.63 -30.97 -25.30
C ALA E 1101 19.55 -31.42 -23.85
N ASN E 1102 20.66 -31.38 -23.09
CA ASN E 1102 20.63 -31.79 -21.70
C ASN E 1102 20.92 -30.67 -20.72
N ILE E 1103 21.33 -29.49 -21.19
CA ILE E 1103 21.69 -28.41 -20.28
C ILE E 1103 20.77 -27.21 -20.50
N LEU E 1104 20.31 -27.02 -21.73
CA LEU E 1104 19.54 -25.84 -22.08
C LEU E 1104 18.04 -26.10 -22.12
N LEU E 1105 17.59 -27.05 -22.95
CA LEU E 1105 16.16 -27.22 -23.17
C LEU E 1105 15.47 -27.78 -21.94
N VAL E 1106 16.06 -28.78 -21.29
CA VAL E 1106 15.41 -29.38 -20.13
C VAL E 1106 15.37 -28.39 -18.96
N ASN E 1107 16.44 -27.60 -18.80
CA ASN E 1107 16.44 -26.60 -17.73
C ASN E 1107 15.44 -25.48 -18.02
N LEU E 1108 15.28 -25.10 -19.28
CA LEU E 1108 14.26 -24.14 -19.63
C LEU E 1108 12.86 -24.70 -19.37
N LEU E 1109 12.67 -25.99 -19.63
CA LEU E 1109 11.39 -26.63 -19.34
C LEU E 1109 11.12 -26.63 -17.84
N ILE E 1110 12.15 -26.89 -17.04
CA ILE E 1110 12.01 -26.82 -15.59
C ILE E 1110 11.59 -25.42 -15.16
N ALA E 1111 12.21 -24.40 -15.75
CA ALA E 1111 11.85 -23.02 -15.43
C ALA E 1111 10.40 -22.74 -15.81
N VAL E 1112 9.96 -23.25 -16.96
CA VAL E 1112 8.58 -23.02 -17.39
C VAL E 1112 7.60 -23.69 -16.45
N PHE E 1113 7.89 -24.93 -16.02
CA PHE E 1113 7.05 -25.58 -15.04
C PHE E 1113 7.02 -24.80 -13.73
N ASN E 1114 8.16 -24.26 -13.32
CA ASN E 1114 8.25 -23.64 -12.01
C ASN E 1114 7.54 -22.29 -11.97
N ASN E 1115 7.67 -21.48 -13.01
CA ASN E 1115 7.14 -20.13 -12.98
C ASN E 1115 5.70 -20.02 -13.48
N THR E 1116 5.08 -21.14 -13.84
CA THR E 1116 3.67 -21.17 -14.21
C THR E 1116 2.96 -22.27 -13.43
N PHE E 1117 3.20 -22.30 -12.13
CA PHE E 1117 2.69 -23.36 -11.27
C PHE E 1117 1.60 -22.92 -10.31
N PHE E 1118 1.68 -21.69 -9.79
CA PHE E 1118 0.70 -21.27 -8.79
C PHE E 1118 -0.69 -21.12 -9.41
N GLU E 1119 -0.77 -20.54 -10.61
CA GLU E 1119 -2.06 -20.38 -11.26
C GLU E 1119 -2.66 -21.74 -11.62
N VAL E 1120 -1.83 -22.66 -12.11
CA VAL E 1120 -2.30 -24.00 -12.42
C VAL E 1120 -2.79 -24.70 -11.16
N LYS E 1121 -2.09 -24.52 -10.05
CA LYS E 1121 -2.50 -25.15 -8.80
C LYS E 1121 -3.87 -24.62 -8.35
N SER E 1122 -4.05 -23.29 -8.38
CA SER E 1122 -5.32 -22.73 -7.96
C SER E 1122 -6.47 -23.16 -8.87
N ILE E 1123 -6.24 -23.13 -10.18
CA ILE E 1123 -7.29 -23.53 -11.12
C ILE E 1123 -7.61 -25.02 -10.96
N SER E 1124 -6.60 -25.85 -10.72
CA SER E 1124 -6.85 -27.27 -10.52
C SER E 1124 -7.66 -27.52 -9.26
N ASN E 1125 -7.35 -26.80 -8.18
CA ASN E 1125 -8.15 -26.95 -6.96
C ASN E 1125 -9.61 -26.56 -7.20
N GLN E 1126 -9.82 -25.43 -7.89
CA GLN E 1126 -11.19 -25.01 -8.18
C GLN E 1126 -11.93 -26.04 -9.03
N VAL E 1127 -11.26 -26.57 -10.06
CA VAL E 1127 -11.91 -27.51 -10.97
C VAL E 1127 -12.24 -28.82 -10.25
N TRP E 1128 -11.33 -29.31 -9.40
CA TRP E 1128 -11.63 -30.53 -8.66
C TRP E 1128 -12.78 -30.33 -7.70
N LYS E 1129 -12.79 -29.21 -6.96
CA LYS E 1129 -13.89 -28.95 -6.04
C LYS E 1129 -15.20 -28.80 -6.80
N PHE E 1130 -15.15 -28.32 -8.04
CA PHE E 1130 -16.38 -28.22 -8.84
C PHE E 1130 -16.83 -29.59 -9.33
N GLN E 1131 -15.89 -30.44 -9.74
CA GLN E 1131 -16.25 -31.74 -10.31
C GLN E 1131 -16.61 -32.77 -9.26
N ARG E 1132 -16.37 -32.47 -7.98
CA ARG E 1132 -16.89 -33.35 -6.93
C ARG E 1132 -18.40 -33.55 -7.06
N TYR E 1133 -19.13 -32.51 -7.47
CA TYR E 1133 -20.57 -32.63 -7.63
C TYR E 1133 -20.93 -33.63 -8.73
N GLN E 1134 -20.23 -33.56 -9.86
CA GLN E 1134 -20.49 -34.49 -10.94
C GLN E 1134 -20.18 -35.92 -10.50
N LEU E 1135 -19.10 -36.09 -9.74
CA LEU E 1135 -18.76 -37.41 -9.21
C LEU E 1135 -19.89 -37.94 -8.33
N ILE E 1136 -20.39 -37.10 -7.41
CA ILE E 1136 -21.44 -37.53 -6.49
C ILE E 1136 -22.70 -37.90 -7.23
N MET E 1137 -23.10 -37.08 -8.21
CA MET E 1137 -24.32 -37.38 -8.96
C MET E 1137 -24.17 -38.67 -9.77
N THR E 1138 -23.05 -38.83 -10.46
CA THR E 1138 -22.89 -40.02 -11.30
C THR E 1138 -22.71 -41.27 -10.47
N PHE E 1139 -22.36 -41.15 -9.19
CA PHE E 1139 -22.37 -42.33 -8.34
C PHE E 1139 -23.73 -42.59 -7.72
N HIS E 1140 -24.51 -41.53 -7.47
CA HIS E 1140 -25.87 -41.75 -6.97
C HIS E 1140 -26.75 -42.37 -8.04
N GLU E 1141 -26.47 -42.10 -9.31
CA GLU E 1141 -27.32 -42.64 -10.37
C GLU E 1141 -27.06 -44.12 -10.62
N ARG E 1142 -25.86 -44.62 -10.33
CA ARG E 1142 -25.48 -45.96 -10.74
C ARG E 1142 -26.21 -47.03 -9.94
N PRO E 1143 -26.33 -48.23 -10.49
CA PRO E 1143 -26.94 -49.35 -9.74
C PRO E 1143 -26.07 -49.79 -8.58
N VAL E 1144 -26.64 -50.64 -7.74
CA VAL E 1144 -25.97 -51.07 -6.52
C VAL E 1144 -24.80 -52.00 -6.84
N LEU E 1145 -25.01 -52.96 -7.74
CA LEU E 1145 -24.00 -53.98 -7.97
C LEU E 1145 -22.87 -53.46 -8.84
N PRO E 1146 -21.65 -53.96 -8.64
CA PRO E 1146 -20.52 -53.58 -9.48
C PRO E 1146 -20.63 -54.21 -10.86
N PRO E 1147 -19.85 -53.74 -11.82
CA PRO E 1147 -19.97 -54.24 -13.21
C PRO E 1147 -19.72 -55.74 -13.36
N PRO E 1148 -18.86 -56.39 -12.57
CA PRO E 1148 -18.73 -57.86 -12.75
C PRO E 1148 -20.03 -58.62 -12.60
N LEU E 1149 -20.89 -58.22 -11.67
CA LEU E 1149 -22.17 -58.86 -11.44
C LEU E 1149 -23.32 -57.86 -11.56
N ILE E 1150 -23.21 -56.95 -12.53
CA ILE E 1150 -24.28 -55.98 -12.77
C ILE E 1150 -25.39 -56.54 -13.65
N ILE E 1151 -25.21 -57.74 -14.20
CA ILE E 1151 -26.20 -58.31 -15.10
C ILE E 1151 -27.51 -58.61 -14.39
N PHE E 1152 -27.48 -58.78 -13.06
CA PHE E 1152 -28.72 -58.97 -12.32
C PHE E 1152 -29.52 -57.68 -12.23
N SER E 1153 -28.84 -56.54 -12.06
CA SER E 1153 -29.55 -55.27 -12.00
C SER E 1153 -30.06 -54.82 -13.35
N HIS E 1154 -29.44 -55.27 -14.44
CA HIS E 1154 -29.94 -54.91 -15.77
C HIS E 1154 -31.19 -55.69 -16.15
N MET E 1155 -31.29 -56.95 -15.73
CA MET E 1155 -32.49 -57.71 -16.03
C MET E 1155 -33.67 -57.28 -15.17
N THR E 1156 -33.41 -56.68 -14.01
CA THR E 1156 -34.50 -56.09 -13.22
C THR E 1156 -34.97 -54.78 -13.83
N MET E 1157 -34.17 -54.15 -14.70
CA MET E 1157 -34.63 -52.98 -15.42
C MET E 1157 -35.71 -53.33 -16.42
N ILE E 1158 -35.63 -54.52 -17.02
CA ILE E 1158 -36.66 -54.95 -17.96
C ILE E 1158 -37.96 -55.23 -17.23
N PHE E 1159 -37.89 -55.87 -16.05
CA PHE E 1159 -39.09 -56.18 -15.29
C PHE E 1159 -39.80 -54.91 -14.82
N GLN E 1160 -39.03 -53.92 -14.36
CA GLN E 1160 -39.62 -52.69 -13.86
C GLN E 1160 -40.04 -51.73 -14.97
N HIS E 1161 -39.64 -51.99 -16.21
CA HIS E 1161 -40.05 -51.15 -17.33
C HIS E 1161 -41.39 -51.59 -17.92
N VAL E 1162 -41.62 -52.90 -18.02
CA VAL E 1162 -42.90 -53.39 -18.55
C VAL E 1162 -44.05 -53.22 -17.58
N CYS E 1163 -43.76 -52.91 -16.32
CA CYS E 1163 -44.81 -52.70 -15.32
C CYS E 1163 -45.57 -51.41 -15.59
N ARG E 1176 -36.34 -39.03 -6.34
CA ARG E 1176 -35.19 -38.37 -5.72
C ARG E 1176 -35.61 -37.73 -4.40
N ASP E 1177 -35.70 -38.56 -3.35
CA ASP E 1177 -36.12 -38.07 -2.05
C ASP E 1177 -35.11 -37.08 -1.48
N TYR E 1178 -33.81 -37.38 -1.63
CA TYR E 1178 -32.77 -36.46 -1.23
C TYR E 1178 -31.56 -36.70 -2.10
N GLY E 1179 -30.73 -35.67 -2.24
CA GLY E 1179 -29.54 -35.75 -3.06
C GLY E 1179 -29.64 -34.86 -4.28
N LEU E 1180 -30.80 -34.86 -4.91
CA LEU E 1180 -31.09 -33.96 -6.01
C LEU E 1180 -31.99 -32.80 -5.60
N LYS E 1181 -33.09 -33.10 -4.91
CA LYS E 1181 -34.03 -32.09 -4.44
C LYS E 1181 -34.42 -32.40 -3.00
N LEU E 1182 -35.18 -31.49 -2.41
CA LEU E 1182 -35.66 -31.65 -1.04
C LEU E 1182 -37.02 -30.96 -0.96
N PHE E 1183 -38.09 -31.74 -1.15
CA PHE E 1183 -39.42 -31.18 -1.08
C PHE E 1183 -39.74 -30.74 0.35
N ILE E 1184 -40.38 -29.57 0.48
CA ILE E 1184 -40.71 -29.01 1.78
C ILE E 1184 -42.15 -28.52 1.76
N THR E 1185 -42.69 -28.32 2.97
CA THR E 1185 -44.06 -27.90 3.16
C THR E 1185 -44.16 -26.39 2.93
N ASP E 1186 -45.28 -25.79 3.35
CA ASP E 1186 -45.46 -24.36 3.17
C ASP E 1186 -44.87 -23.55 4.33
N ASP E 1187 -44.94 -24.10 5.55
CA ASP E 1187 -44.34 -23.41 6.69
C ASP E 1187 -42.82 -23.33 6.54
N GLU E 1188 -42.19 -24.42 6.12
CA GLU E 1188 -40.75 -24.39 5.88
C GLU E 1188 -40.40 -23.45 4.74
N LEU E 1189 -41.23 -23.41 3.70
CA LEU E 1189 -41.00 -22.47 2.60
C LEU E 1189 -41.07 -21.03 3.09
N LYS E 1190 -42.03 -20.72 3.94
CA LYS E 1190 -42.15 -19.36 4.47
C LYS E 1190 -40.96 -19.01 5.36
N LYS E 1191 -40.52 -19.96 6.21
CA LYS E 1191 -39.36 -19.71 7.05
C LYS E 1191 -38.10 -19.47 6.22
N VAL E 1192 -37.92 -20.26 5.16
CA VAL E 1192 -36.77 -20.08 4.28
C VAL E 1192 -36.83 -18.74 3.58
N HIS E 1193 -38.01 -18.33 3.11
CA HIS E 1193 -38.14 -17.03 2.46
C HIS E 1193 -37.80 -15.90 3.42
N ASP E 1194 -38.30 -15.97 4.66
CA ASP E 1194 -38.01 -14.92 5.62
C ASP E 1194 -36.53 -14.87 5.96
N PHE E 1195 -35.90 -16.04 6.12
CA PHE E 1195 -34.46 -16.08 6.39
C PHE E 1195 -33.67 -15.48 5.24
N GLU E 1196 -34.06 -15.78 4.01
CA GLU E 1196 -33.34 -15.23 2.86
C GLU E 1196 -33.51 -13.72 2.78
N GLU E 1197 -34.70 -13.21 3.05
CA GLU E 1197 -34.90 -11.75 3.04
C GLU E 1197 -34.05 -11.08 4.12
N GLN E 1198 -34.02 -11.67 5.33
CA GLN E 1198 -33.17 -11.12 6.38
C GLN E 1198 -31.71 -11.13 5.97
N CYS E 1199 -31.26 -12.23 5.35
CA CYS E 1199 -29.86 -12.34 4.93
C CYS E 1199 -29.49 -11.29 3.89
N ILE E 1200 -30.35 -11.10 2.88
CA ILE E 1200 -30.01 -10.14 1.83
C ILE E 1200 -30.05 -8.71 2.37
N GLU E 1201 -30.99 -8.41 3.27
CA GLU E 1201 -31.03 -7.09 3.87
C GLU E 1201 -29.77 -6.82 4.69
N GLU E 1202 -29.34 -7.81 5.47
CA GLU E 1202 -28.12 -7.65 6.26
C GLU E 1202 -26.91 -7.49 5.36
N TYR E 1203 -26.87 -8.22 4.24
CA TYR E 1203 -25.75 -8.09 3.31
C TYR E 1203 -25.67 -6.68 2.75
N PHE E 1204 -26.81 -6.13 2.31
CA PHE E 1204 -26.79 -4.78 1.75
C PHE E 1204 -26.41 -3.75 2.80
N ARG E 1205 -26.92 -3.92 4.03
CA ARG E 1205 -26.57 -2.97 5.09
C ARG E 1205 -25.07 -3.03 5.41
N GLU E 1206 -24.50 -4.23 5.46
CA GLU E 1206 -23.07 -4.35 5.77
C GLU E 1206 -22.22 -3.78 4.65
N LYS E 1207 -22.60 -4.02 3.40
CA LYS E 1207 -21.83 -3.46 2.29
C LYS E 1207 -21.88 -1.94 2.29
N ASP E 1208 -23.05 -1.36 2.54
CA ASP E 1208 -23.16 0.09 2.60
C ASP E 1208 -22.34 0.66 3.76
N ASP E 1209 -22.36 -0.03 4.90
CA ASP E 1209 -21.58 0.42 6.06
C ASP E 1209 -20.08 0.37 5.76
N ARG E 1210 -19.63 -0.69 5.09
CA ARG E 1210 -18.21 -0.77 4.74
C ARG E 1210 -17.83 0.30 3.73
N PHE E 1211 -18.72 0.63 2.80
CA PHE E 1211 -18.41 1.68 1.84
C PHE E 1211 -18.36 3.05 2.50
N ASN E 1212 -19.27 3.34 3.42
CA ASN E 1212 -19.35 4.68 4.00
C ASN E 1212 -18.28 4.95 5.05
N SER E 1213 -17.49 3.95 5.45
CA SER E 1213 -16.47 4.14 6.47
C SER E 1213 -15.06 3.94 5.94
N SER E 1214 -14.90 3.74 4.64
CA SER E 1214 -13.58 3.61 4.06
C SER E 1214 -12.88 4.96 4.04
N ASN E 1215 -11.56 4.93 3.86
CA ASN E 1215 -10.78 6.16 3.92
C ASN E 1215 -11.12 7.11 2.79
N ASP E 1216 -11.34 6.57 1.59
CA ASP E 1216 -11.60 7.43 0.43
C ASP E 1216 -12.87 8.23 0.61
N GLU E 1217 -13.94 7.58 1.07
CA GLU E 1217 -15.20 8.28 1.24
C GLU E 1217 -15.12 9.32 2.35
N ARG E 1218 -14.42 9.00 3.45
CA ARG E 1218 -14.25 9.98 4.51
C ARG E 1218 -13.46 11.19 4.03
N ILE E 1219 -12.40 10.96 3.24
CA ILE E 1219 -11.63 12.07 2.72
C ILE E 1219 -12.48 12.94 1.79
N ARG E 1220 -13.26 12.30 0.92
CA ARG E 1220 -14.09 13.07 -0.01
C ARG E 1220 -15.14 13.90 0.72
N VAL E 1221 -15.80 13.30 1.71
CA VAL E 1221 -16.83 14.00 2.47
C VAL E 1221 -16.20 15.16 3.25
N THR E 1222 -15.03 14.92 3.86
CA THR E 1222 -14.34 15.98 4.57
C THR E 1222 -13.98 17.13 3.65
N SER E 1223 -13.49 16.82 2.45
CA SER E 1223 -13.13 17.87 1.51
C SER E 1223 -14.34 18.69 1.10
N GLU E 1224 -15.46 18.03 0.77
CA GLU E 1224 -16.65 18.77 0.36
C GLU E 1224 -17.18 19.65 1.49
N ARG E 1225 -17.25 19.11 2.71
CA ARG E 1225 -17.75 19.91 3.82
C ARG E 1225 -16.80 21.06 4.15
N VAL E 1226 -15.49 20.85 4.02
CA VAL E 1226 -14.54 21.93 4.24
C VAL E 1226 -14.73 23.03 3.21
N GLU E 1227 -14.98 22.66 1.95
CA GLU E 1227 -15.22 23.65 0.91
C GLU E 1227 -16.47 24.48 1.24
N ASN E 1228 -17.57 23.81 1.59
CA ASN E 1228 -18.79 24.54 1.91
C ASN E 1228 -18.61 25.43 3.13
N MET E 1229 -17.94 24.92 4.17
CA MET E 1229 -17.73 25.70 5.37
C MET E 1229 -16.83 26.90 5.11
N SER E 1230 -15.82 26.75 4.27
CA SER E 1230 -14.97 27.87 3.92
C SER E 1230 -15.74 28.93 3.15
N MET E 1231 -16.61 28.52 2.24
CA MET E 1231 -17.42 29.49 1.51
C MET E 1231 -18.33 30.26 2.45
N ARG E 1232 -19.00 29.55 3.36
CA ARG E 1232 -19.89 30.22 4.31
C ARG E 1232 -19.13 31.14 5.25
N LEU E 1233 -17.94 30.73 5.69
CA LEU E 1233 -17.17 31.56 6.59
C LEU E 1233 -16.65 32.81 5.89
N GLU E 1234 -16.28 32.68 4.61
CA GLU E 1234 -15.90 33.86 3.83
C GLU E 1234 -17.08 34.81 3.69
N GLU E 1235 -18.28 34.27 3.46
CA GLU E 1235 -19.47 35.11 3.41
C GLU E 1235 -19.71 35.82 4.74
N VAL E 1236 -19.51 35.12 5.85
CA VAL E 1236 -19.69 35.74 7.17
C VAL E 1236 -18.67 36.86 7.38
N ASN E 1237 -17.41 36.60 7.04
CA ASN E 1237 -16.36 37.58 7.28
C ASN E 1237 -16.52 38.82 6.40
N GLU E 1238 -16.90 38.63 5.13
CA GLU E 1238 -17.06 39.77 4.24
C GLU E 1238 -18.27 40.62 4.64
N ARG E 1239 -19.36 39.98 5.05
CA ARG E 1239 -20.59 40.67 5.40
C ARG E 1239 -20.59 40.89 6.91
N GLU E 1240 -20.19 42.08 7.34
CA GLU E 1240 -20.22 42.45 8.75
C GLU E 1240 -20.96 43.76 8.92
N HIS E 1241 -21.57 43.92 10.10
CA HIS E 1241 -22.31 45.13 10.44
C HIS E 1241 -21.56 46.03 11.41
N SER E 1242 -20.38 45.62 11.85
CA SER E 1242 -19.59 46.42 12.78
C SER E 1242 -18.10 46.24 12.53
N UNK F 1 -30.55 20.68 -53.64
CA UNK F 1 -30.92 20.29 -52.28
C UNK F 1 -32.02 21.18 -51.72
N UNK F 2 -32.13 21.24 -50.40
CA UNK F 2 -33.09 22.10 -49.74
C UNK F 2 -32.39 23.34 -49.20
N UNK F 3 -31.16 23.56 -49.69
CA UNK F 3 -30.35 24.70 -49.26
C UNK F 3 -31.01 26.01 -49.65
N UNK F 4 -31.07 26.28 -50.95
CA UNK F 4 -31.69 27.49 -51.44
C UNK F 4 -33.22 27.42 -51.27
N UNK F 5 -33.67 27.66 -50.06
CA UNK F 5 -35.10 27.61 -49.75
C UNK F 5 -35.57 28.92 -49.14
N UNK F 6 -34.62 29.72 -48.65
CA UNK F 6 -34.94 31.02 -48.08
C UNK F 6 -34.47 32.14 -49.00
N UNK F 7 -34.67 33.38 -48.57
CA UNK F 7 -34.27 34.53 -49.39
C UNK F 7 -33.64 35.61 -48.53
N UNK F 8 -32.65 36.31 -49.08
CA UNK F 8 -31.98 37.40 -48.37
C UNK F 8 -32.58 38.74 -48.78
N UNK F 9 -32.03 39.82 -48.24
CA UNK F 9 -32.52 41.16 -48.55
C UNK F 9 -31.41 42.22 -48.46
N UNK F 10 -30.88 42.60 -49.61
CA UNK F 10 -29.84 43.63 -49.68
C UNK F 10 -30.42 44.96 -50.15
N UNK F 11 -29.82 46.06 -49.72
CA UNK F 11 -30.30 47.39 -50.04
C UNK F 11 -30.19 47.69 -51.53
N UNK F 12 -31.28 48.21 -52.11
CA UNK F 12 -31.31 48.55 -53.52
C UNK F 12 -30.81 49.97 -53.73
N UNK F 13 -31.40 50.65 -54.72
CA UNK F 13 -31.01 52.03 -55.02
C UNK F 13 -31.68 52.99 -54.06
N UNK F 14 -31.20 53.00 -52.82
CA UNK F 14 -31.75 53.88 -51.80
C UNK F 14 -31.13 55.27 -51.89
N UNK F 15 -31.89 56.27 -51.47
CA UNK F 15 -31.42 57.65 -51.51
C UNK F 15 -31.66 58.35 -50.19
N UNK F 16 -30.57 58.74 -49.53
CA UNK F 16 -30.64 59.43 -48.25
C UNK F 16 -29.31 60.10 -47.93
N UNK F 17 -29.18 60.57 -46.69
CA UNK F 17 -27.95 61.20 -46.18
C UNK F 17 -27.51 62.38 -47.05
N ILE G 128 35.67 69.75 10.27
CA ILE G 128 35.99 71.06 9.73
C ILE G 128 35.29 71.26 8.38
N SER G 129 35.91 72.03 7.50
CA SER G 129 35.33 72.34 6.19
C SER G 129 35.74 71.32 5.13
N LYS G 130 35.54 70.04 5.45
CA LYS G 130 35.82 68.93 4.53
C LYS G 130 37.27 68.96 4.04
N HIS G 131 38.20 69.23 4.95
CA HIS G 131 39.62 69.21 4.64
C HIS G 131 40.16 67.84 5.02
N THR G 132 40.08 66.90 4.07
CA THR G 132 40.48 65.53 4.29
C THR G 132 41.34 65.04 3.13
N GLN G 133 42.18 64.06 3.40
CA GLN G 133 43.07 63.50 2.38
C GLN G 133 42.28 62.57 1.46
N LEU G 134 42.37 62.83 0.16
CA LEU G 134 41.72 61.99 -0.85
C LEU G 134 42.64 60.82 -1.19
N SER G 135 42.81 59.95 -0.20
CA SER G 135 43.67 58.79 -0.32
C SER G 135 42.99 57.70 -1.15
N PRO G 136 43.77 56.83 -1.79
CA PRO G 136 43.19 55.69 -2.50
C PRO G 136 42.56 54.70 -1.53
N THR G 137 41.60 53.94 -2.06
CA THR G 137 40.89 52.96 -1.25
C THR G 137 41.85 51.85 -0.81
N ASP G 138 41.68 51.39 0.43
CA ASP G 138 42.56 50.38 1.00
C ASP G 138 41.81 49.32 1.79
N ALA G 139 40.50 49.17 1.57
CA ALA G 139 39.71 48.23 2.37
C ALA G 139 38.55 47.74 1.50
N PHE G 140 38.66 46.52 1.00
CA PHE G 140 37.60 45.85 0.27
C PHE G 140 37.84 44.36 0.34
N GLY G 141 37.13 43.60 -0.49
CA GLY G 141 37.34 42.17 -0.53
C GLY G 141 36.10 41.35 -0.25
N THR G 142 36.11 40.59 0.85
CA THR G 142 34.99 39.73 1.18
C THR G 142 34.94 39.56 2.69
N ILE G 143 33.74 39.66 3.26
CA ILE G 143 33.55 39.44 4.68
C ILE G 143 32.75 38.15 4.86
N GLU G 144 32.87 37.57 6.05
CA GLU G 144 32.13 36.36 6.40
C GLU G 144 31.62 36.53 7.82
N PHE G 145 30.30 36.46 7.98
CA PHE G 145 29.67 36.74 9.27
C PHE G 145 29.76 35.51 10.16
N GLN G 146 30.54 35.61 11.23
CA GLN G 146 30.65 34.54 12.22
C GLN G 146 29.73 34.83 13.39
N GLY G 147 29.04 33.79 13.86
CA GLY G 147 28.12 33.92 14.96
C GLY G 147 26.70 34.27 14.56
N GLY G 148 26.43 34.48 13.28
CA GLY G 148 25.08 34.73 12.82
C GLY G 148 24.28 33.46 12.69
N GLY G 149 23.03 33.62 12.23
CA GLY G 149 22.16 32.48 12.03
C GLY G 149 22.67 31.54 10.97
N HIS G 150 23.18 32.08 9.86
CA HIS G 150 23.68 31.29 8.76
C HIS G 150 25.01 31.85 8.29
N SER G 151 25.84 30.99 7.71
CA SER G 151 27.12 31.42 7.17
C SER G 151 26.90 32.04 5.81
N ASN G 152 27.15 33.35 5.70
CA ASN G 152 26.94 34.08 4.47
C ASN G 152 28.15 34.96 4.18
N LYS G 153 28.41 35.17 2.89
CA LYS G 153 29.48 36.03 2.43
C LYS G 153 28.89 37.26 1.75
N ALA G 154 29.71 38.32 1.67
CA ALA G 154 29.25 39.58 1.11
C ALA G 154 30.45 40.38 0.65
N MET G 155 30.59 40.56 -0.66
CA MET G 155 31.62 41.45 -1.17
C MET G 155 31.33 42.88 -0.73
N TYR G 156 32.39 43.66 -0.58
CA TYR G 156 32.25 45.02 -0.10
C TYR G 156 33.39 45.87 -0.64
N VAL G 157 33.18 47.19 -0.65
CA VAL G 157 34.19 48.14 -1.05
C VAL G 157 33.82 49.52 -0.52
N ARG G 158 34.77 50.21 0.09
CA ARG G 158 34.53 51.56 0.58
C ARG G 158 34.89 52.56 -0.51
N VAL G 159 33.99 53.54 -0.72
CA VAL G 159 34.18 54.55 -1.75
C VAL G 159 33.77 55.90 -1.19
N SER G 160 34.32 56.96 -1.78
CA SER G 160 33.99 58.31 -1.37
C SER G 160 32.59 58.69 -1.86
N PHE G 161 32.03 59.72 -1.22
CA PHE G 161 30.68 60.16 -1.55
C PHE G 161 30.58 60.78 -2.94
N ASP G 162 31.69 61.24 -3.51
CA ASP G 162 31.68 61.89 -4.80
C ASP G 162 31.99 60.94 -5.96
N THR G 163 31.86 59.63 -5.74
CA THR G 163 32.12 58.66 -6.79
C THR G 163 31.07 58.76 -7.88
N LYS G 164 31.53 58.69 -9.13
CA LYS G 164 30.60 58.74 -10.26
C LYS G 164 29.75 57.48 -10.30
N PRO G 165 28.42 57.59 -10.41
CA PRO G 165 27.57 56.40 -10.39
C PRO G 165 27.85 55.42 -11.51
N ASP G 166 28.35 55.90 -12.66
CA ASP G 166 28.68 54.99 -13.74
C ASP G 166 29.78 54.01 -13.32
N LEU G 167 30.77 54.50 -12.57
CA LEU G 167 31.83 53.61 -12.10
C LEU G 167 31.29 52.56 -11.15
N LEU G 168 30.37 52.95 -10.25
CA LEU G 168 29.78 51.97 -9.34
C LEU G 168 28.96 50.94 -10.09
N LEU G 169 28.21 51.37 -11.10
CA LEU G 169 27.45 50.41 -11.90
C LEU G 169 28.38 49.46 -12.63
N HIS G 170 29.50 49.97 -13.14
CA HIS G 170 30.48 49.10 -13.79
C HIS G 170 31.05 48.09 -12.79
N LEU G 171 31.34 48.54 -11.57
CA LEU G 171 31.85 47.65 -10.54
C LEU G 171 30.84 46.55 -10.22
N MET G 172 29.56 46.90 -10.12
CA MET G 172 28.54 45.90 -9.82
C MET G 172 28.33 44.97 -11.00
N THR G 173 28.55 45.43 -12.22
CA THR G 173 28.28 44.60 -13.39
C THR G 173 29.44 43.65 -13.69
N LYS G 174 30.62 44.19 -13.97
CA LYS G 174 31.72 43.37 -14.44
C LYS G 174 32.61 42.83 -13.32
N GLU G 175 32.70 43.53 -12.19
CA GLU G 175 33.58 43.09 -11.12
C GLU G 175 32.88 42.22 -10.09
N TRP G 176 31.55 42.19 -10.07
CA TRP G 176 30.81 41.32 -9.18
C TRP G 176 29.92 40.33 -9.90
N GLN G 177 29.91 40.35 -11.24
CA GLN G 177 29.13 39.43 -12.08
C GLN G 177 27.63 39.50 -11.73
N LEU G 178 27.06 40.68 -11.94
CA LEU G 178 25.64 40.92 -11.73
C LEU G 178 25.06 41.63 -12.94
N GLU G 179 23.97 41.08 -13.48
CA GLU G 179 23.30 41.69 -14.61
C GLU G 179 22.42 42.85 -14.14
N LEU G 180 21.95 43.65 -15.10
CA LEU G 180 21.04 44.73 -14.77
C LEU G 180 19.72 44.18 -14.25
N PRO G 181 19.18 44.75 -13.19
CA PRO G 181 17.94 44.22 -12.62
C PRO G 181 16.72 44.66 -13.41
N LYS G 182 15.68 43.83 -13.34
CA LYS G 182 14.40 44.14 -13.93
C LYS G 182 13.47 44.86 -12.97
N LEU G 183 13.95 45.18 -11.78
CA LEU G 183 13.14 45.83 -10.75
C LEU G 183 14.09 46.37 -9.68
N LEU G 184 13.85 47.61 -9.25
CA LEU G 184 14.70 48.26 -8.26
C LEU G 184 13.83 48.69 -7.08
N ILE G 185 13.80 47.88 -6.03
CA ILE G 185 13.03 48.19 -4.83
C ILE G 185 13.93 48.96 -3.87
N SER G 186 13.57 50.20 -3.59
CA SER G 186 14.32 51.05 -2.67
C SER G 186 13.54 51.18 -1.38
N VAL G 187 14.21 51.00 -0.26
CA VAL G 187 13.58 50.98 1.06
C VAL G 187 14.15 52.12 1.89
N HIS G 188 13.27 52.91 2.50
CA HIS G 188 13.66 53.98 3.40
C HIS G 188 12.88 53.81 4.70
N GLY G 189 13.45 54.33 5.79
CA GLY G 189 12.81 54.19 7.08
C GLY G 189 13.49 55.06 8.11
N GLY G 190 13.01 54.94 9.35
CA GLY G 190 13.59 55.69 10.45
C GLY G 190 14.87 55.05 10.94
N LEU G 191 15.85 55.91 11.25
CA LEU G 191 17.14 55.41 11.71
C LEU G 191 17.05 54.78 13.09
N GLN G 192 16.12 55.24 13.92
CA GLN G 192 15.91 54.61 15.21
C GLN G 192 15.34 53.20 15.02
N ASN G 193 15.69 52.31 15.93
CA ASN G 193 15.31 50.91 15.81
C ASN G 193 14.03 50.68 16.61
N PHE G 194 12.90 50.54 15.91
CA PHE G 194 11.59 50.33 16.50
C PHE G 194 11.15 48.89 16.31
N GLU G 195 9.92 48.60 16.72
CA GLU G 195 9.36 47.27 16.62
C GLU G 195 7.99 47.33 15.95
N LEU G 196 7.79 46.50 14.93
CA LEU G 196 6.48 46.35 14.32
C LEU G 196 5.58 45.49 15.21
N GLN G 197 4.28 45.75 15.12
CA GLN G 197 3.32 44.91 15.81
C GLN G 197 3.28 43.53 15.15
N PRO G 198 3.04 42.48 15.93
CA PRO G 198 3.02 41.13 15.36
C PRO G 198 1.88 40.94 14.37
N LYS G 199 2.03 39.90 13.54
CA LYS G 199 1.11 39.55 12.46
C LYS G 199 1.05 40.60 11.36
N LEU G 200 1.91 41.61 11.41
CA LEU G 200 2.06 42.59 10.32
C LEU G 200 3.40 42.48 9.62
N LYS G 201 4.49 42.29 10.36
CA LYS G 201 5.79 42.11 9.73
C LYS G 201 5.87 40.81 8.95
N GLN G 202 5.08 39.81 9.34
CA GLN G 202 5.11 38.53 8.64
C GLN G 202 4.63 38.66 7.20
N VAL G 203 3.45 39.27 7.01
CA VAL G 203 2.91 39.40 5.66
C VAL G 203 3.73 40.38 4.84
N PHE G 204 4.24 41.44 5.48
CA PHE G 204 5.12 42.38 4.80
C PHE G 204 6.37 41.68 4.30
N GLY G 205 7.01 40.88 5.15
CA GLY G 205 8.21 40.17 4.74
C GLY G 205 7.95 39.17 3.65
N LYS G 206 6.85 38.40 3.76
CA LYS G 206 6.55 37.43 2.72
C LYS G 206 6.25 38.09 1.39
N GLY G 207 5.51 39.21 1.41
CA GLY G 207 5.23 39.91 0.17
C GLY G 207 6.48 40.50 -0.46
N LEU G 208 7.35 41.10 0.35
CA LEU G 208 8.59 41.66 -0.19
C LEU G 208 9.47 40.56 -0.77
N ILE G 209 9.57 39.43 -0.06
CA ILE G 209 10.39 38.32 -0.54
C ILE G 209 9.85 37.77 -1.85
N LYS G 210 8.54 37.58 -1.95
CA LYS G 210 7.95 37.07 -3.19
C LYS G 210 8.18 38.04 -4.34
N ALA G 211 8.00 39.34 -4.08
CA ALA G 211 8.16 40.33 -5.14
C ALA G 211 9.61 40.43 -5.61
N ALA G 212 10.57 40.27 -4.69
CA ALA G 212 11.97 40.36 -5.05
C ALA G 212 12.57 39.05 -5.50
N MET G 213 11.87 37.93 -5.34
CA MET G 213 12.38 36.63 -5.75
C MET G 213 11.78 36.13 -7.05
N THR G 214 10.46 36.27 -7.24
CA THR G 214 9.88 35.86 -8.51
C THR G 214 10.37 36.72 -9.66
N THR G 215 10.73 37.96 -9.38
CA THR G 215 11.30 38.86 -10.37
C THR G 215 12.73 39.18 -9.98
N GLY G 216 13.62 39.22 -10.97
CA GLY G 216 14.98 39.62 -10.71
C GLY G 216 15.04 41.05 -10.21
N ALA G 217 15.34 41.23 -8.92
CA ALA G 217 15.19 42.53 -8.29
C ALA G 217 16.43 42.86 -7.47
N TRP G 218 16.72 44.16 -7.38
CA TRP G 218 17.76 44.69 -6.52
C TRP G 218 17.11 45.47 -5.39
N ILE G 219 17.44 45.12 -4.15
CA ILE G 219 16.87 45.77 -2.98
C ILE G 219 17.93 46.68 -2.39
N PHE G 220 17.71 47.99 -2.45
CA PHE G 220 18.58 48.94 -1.79
C PHE G 220 18.09 49.18 -0.38
N THR G 221 19.01 49.10 0.60
CA THR G 221 18.64 49.24 2.00
C THR G 221 19.74 49.99 2.73
N GLY G 222 19.43 50.38 3.97
CA GLY G 222 20.42 51.10 4.76
C GLY G 222 21.63 50.26 5.09
N GLY G 223 21.41 49.01 5.48
CA GLY G 223 22.51 48.09 5.70
C GLY G 223 22.88 47.90 7.16
N VAL G 224 22.92 48.99 7.92
CA VAL G 224 23.26 48.89 9.33
C VAL G 224 22.06 48.35 10.10
N ASN G 225 22.34 47.55 11.12
CA ASN G 225 21.29 46.82 11.82
C ASN G 225 20.45 47.73 12.71
N THR G 226 19.69 48.63 12.11
CA THR G 226 18.82 49.54 12.85
C THR G 226 17.57 49.81 12.04
N GLY G 227 16.45 49.98 12.73
CA GLY G 227 15.22 50.40 12.06
C GLY G 227 14.66 49.31 11.17
N VAL G 228 14.17 49.71 10.00
CA VAL G 228 13.53 48.80 9.06
C VAL G 228 14.53 47.80 8.48
N ILE G 229 15.82 48.13 8.49
CA ILE G 229 16.82 47.25 7.91
C ILE G 229 16.88 45.93 8.68
N ARG G 230 16.74 45.99 10.01
CA ARG G 230 16.66 44.76 10.79
C ARG G 230 15.45 43.94 10.39
N HIS G 231 14.33 44.60 10.11
CA HIS G 231 13.12 43.87 9.73
C HIS G 231 13.28 43.19 8.38
N VAL G 232 13.91 43.87 7.41
CA VAL G 232 14.12 43.21 6.12
C VAL G 232 15.16 42.11 6.25
N GLY G 233 16.11 42.26 7.18
CA GLY G 233 17.04 41.16 7.44
C GLY G 233 16.34 39.95 8.01
N ASP G 234 15.41 40.17 8.94
CA ASP G 234 14.62 39.06 9.48
C ASP G 234 13.75 38.43 8.39
N ALA G 235 13.21 39.27 7.49
CA ALA G 235 12.41 38.73 6.38
C ALA G 235 13.25 37.86 5.47
N LEU G 236 14.49 38.29 5.19
CA LEU G 236 15.39 37.45 4.40
C LEU G 236 15.71 36.15 5.13
N LYS G 237 15.88 36.23 6.45
CA LYS G 237 16.13 35.03 7.23
C LYS G 237 14.94 34.07 7.21
N ASP G 238 13.73 34.60 7.11
CA ASP G 238 12.52 33.79 7.05
C ASP G 238 12.18 33.34 5.63
N HIS G 239 13.13 33.42 4.72
CA HIS G 239 12.97 32.90 3.36
C HIS G 239 14.12 31.98 2.96
N ALA G 240 15.34 32.29 3.36
CA ALA G 240 16.49 31.45 3.01
C ALA G 240 16.44 30.09 3.69
N SER G 241 15.60 29.94 4.72
CA SER G 241 15.40 28.66 5.38
C SER G 241 14.23 27.88 4.79
N LYS G 242 13.58 28.39 3.74
CA LYS G 242 12.44 27.71 3.15
C LYS G 242 12.47 27.64 1.63
N SER G 243 13.41 28.28 0.95
CA SER G 243 13.40 28.32 -0.50
C SER G 243 14.81 28.43 -1.04
N ARG G 244 14.95 28.15 -2.34
CA ARG G 244 16.22 28.23 -3.03
C ARG G 244 16.51 29.67 -3.44
N GLY G 245 17.51 29.86 -4.29
CA GLY G 245 17.76 31.15 -4.90
C GLY G 245 18.47 32.12 -3.99
N LYS G 246 18.70 33.32 -4.53
CA LYS G 246 19.36 34.39 -3.82
C LYS G 246 18.70 35.71 -4.15
N ILE G 247 18.87 36.67 -3.25
CA ILE G 247 18.38 38.03 -3.44
C ILE G 247 19.57 38.98 -3.38
N CYS G 248 19.71 39.82 -4.39
CA CYS G 248 20.86 40.73 -4.49
C CYS G 248 20.58 41.97 -3.64
N THR G 249 20.61 41.78 -2.32
CA THR G 249 20.24 42.83 -1.39
C THR G 249 21.44 43.75 -1.15
N ILE G 250 21.68 44.62 -2.13
CA ILE G 250 22.78 45.57 -2.03
C ILE G 250 22.50 46.56 -0.91
N GLY G 251 23.48 46.75 -0.02
CA GLY G 251 23.31 47.69 1.07
C GLY G 251 24.28 48.85 0.99
N ILE G 252 23.77 50.06 1.16
CA ILE G 252 24.59 51.27 1.13
C ILE G 252 24.58 51.85 2.53
N ALA G 253 25.68 51.66 3.26
CA ALA G 253 25.78 52.09 4.64
C ALA G 253 26.96 53.04 4.83
N PRO G 254 26.83 54.05 5.69
CA PRO G 254 27.96 54.95 5.91
C PRO G 254 29.09 54.25 6.63
N TRP G 255 30.32 54.55 6.21
CA TRP G 255 31.49 53.86 6.76
C TRP G 255 31.77 54.28 8.19
N GLY G 256 31.45 55.52 8.56
CA GLY G 256 31.77 56.02 9.88
C GLY G 256 30.90 55.51 11.00
N ILE G 257 29.84 54.77 10.69
CA ILE G 257 28.94 54.25 11.72
C ILE G 257 29.16 52.77 11.98
N VAL G 258 29.98 52.09 11.19
CA VAL G 258 30.27 50.68 11.41
C VAL G 258 30.99 50.53 12.74
N GLU G 259 30.53 49.58 13.56
CA GLU G 259 31.15 49.39 14.88
C GLU G 259 32.59 48.94 14.78
N ASN G 260 32.93 48.16 13.76
CA ASN G 260 34.31 47.75 13.51
C ASN G 260 34.73 48.37 12.18
N GLN G 261 35.18 49.62 12.24
CA GLN G 261 35.80 50.23 11.07
C GLN G 261 37.10 49.54 10.73
N GLU G 262 37.82 49.06 11.74
CA GLU G 262 38.98 48.20 11.53
C GLU G 262 38.51 46.77 11.28
N ASP G 263 39.47 45.85 11.18
CA ASP G 263 39.23 44.45 10.85
C ASP G 263 38.55 44.28 9.49
N LEU G 264 38.69 45.28 8.61
CA LEU G 264 38.15 45.21 7.26
C LEU G 264 39.14 45.73 6.23
N ILE G 265 40.42 45.86 6.59
CA ILE G 265 41.39 46.56 5.74
C ILE G 265 42.13 45.65 4.78
N GLY G 266 42.09 44.34 4.99
CA GLY G 266 42.76 43.42 4.09
C GLY G 266 42.15 43.39 2.71
N ARG G 267 42.85 43.93 1.73
CA ARG G 267 42.30 44.05 0.38
C ARG G 267 42.30 42.69 -0.31
N ASP G 268 41.16 42.36 -0.93
CA ASP G 268 40.98 41.12 -1.68
C ASP G 268 41.26 39.88 -0.83
N VAL G 269 40.87 39.93 0.44
CA VAL G 269 41.04 38.80 1.35
C VAL G 269 39.76 38.61 2.15
N VAL G 270 39.57 37.38 2.63
CA VAL G 270 38.40 37.05 3.43
C VAL G 270 38.67 37.45 4.88
N ARG G 271 37.82 38.34 5.39
CA ARG G 271 37.98 38.86 6.75
C ARG G 271 36.77 38.44 7.58
N PRO G 272 36.96 37.71 8.68
CA PRO G 272 35.81 37.36 9.52
C PRO G 272 35.22 38.58 10.19
N TYR G 273 33.91 38.51 10.45
CA TYR G 273 33.21 39.58 11.14
C TYR G 273 32.25 38.98 12.15
N GLN G 274 32.19 39.59 13.33
CA GLN G 274 31.34 39.12 14.41
C GLN G 274 30.06 39.95 14.45
N THR G 275 28.91 39.28 14.40
CA THR G 275 27.63 39.98 14.36
C THR G 275 27.17 40.44 15.73
N MET G 276 27.87 40.06 16.80
CA MET G 276 27.49 40.50 18.14
C MET G 276 27.85 41.97 18.33
N SER G 277 26.96 42.72 18.99
CA SER G 277 27.17 44.13 19.26
C SER G 277 26.80 44.44 20.70
N ASN G 278 27.38 45.51 21.23
CA ASN G 278 27.11 45.97 22.57
C ASN G 278 26.34 47.28 22.55
N PRO G 279 25.31 47.42 23.39
CA PRO G 279 24.52 48.67 23.38
C PRO G 279 25.30 49.93 23.70
N MET G 280 26.36 49.82 24.50
CA MET G 280 27.14 50.99 24.90
C MET G 280 28.24 51.34 23.90
N SER G 281 28.35 50.61 22.80
CA SER G 281 29.41 50.87 21.82
C SER G 281 29.18 52.15 21.04
N LYS G 282 27.99 52.76 21.14
CA LYS G 282 27.65 54.02 20.47
C LYS G 282 27.67 53.91 18.96
N LEU G 283 27.85 52.71 18.42
CA LEU G 283 27.87 52.48 16.99
C LEU G 283 26.91 51.34 16.63
N THR G 284 26.96 50.87 15.39
CA THR G 284 26.08 49.81 14.94
C THR G 284 26.87 48.79 14.13
N VAL G 285 26.38 47.55 14.15
CA VAL G 285 27.01 46.45 13.42
C VAL G 285 26.28 46.28 12.09
N LEU G 286 27.06 46.03 11.03
CA LEU G 286 26.47 45.77 9.72
C LEU G 286 25.61 44.52 9.76
N ASN G 287 24.41 44.62 9.20
CA ASN G 287 23.48 43.50 9.24
C ASN G 287 24.02 42.33 8.43
N SER G 288 23.77 41.12 8.92
CA SER G 288 24.16 39.93 8.19
C SER G 288 23.19 39.72 7.02
N MET G 289 23.42 38.64 6.28
CA MET G 289 22.69 38.23 5.08
C MET G 289 22.31 39.38 4.16
N HIS G 290 23.24 40.33 3.99
CA HIS G 290 23.18 41.29 2.90
C HIS G 290 24.11 40.79 1.81
N SER G 291 23.61 40.71 0.58
CA SER G 291 24.38 40.06 -0.48
C SER G 291 25.66 40.83 -0.79
N HIS G 292 25.59 42.16 -0.82
CA HIS G 292 26.75 42.98 -1.12
C HIS G 292 26.76 44.18 -0.16
N PHE G 293 27.75 45.05 -0.33
CA PHE G 293 27.84 46.25 0.48
C PHE G 293 28.50 47.36 -0.31
N ILE G 294 28.18 48.60 0.04
CA ILE G 294 28.87 49.78 -0.46
C ILE G 294 29.02 50.74 0.71
N LEU G 295 30.26 51.05 1.07
CA LEU G 295 30.55 51.91 2.21
C LEU G 295 30.90 53.30 1.72
N ALA G 296 30.18 54.30 2.24
CA ALA G 296 30.40 55.70 1.88
C ALA G 296 31.00 56.44 3.07
N ASP G 297 32.12 57.12 2.83
CA ASP G 297 32.82 57.84 3.88
C ASP G 297 33.18 59.24 3.41
N ASN G 298 33.04 60.21 4.30
CA ASN G 298 33.45 61.59 4.05
C ASN G 298 34.33 62.10 5.18
N GLY G 299 35.08 61.21 5.82
CA GLY G 299 36.01 61.59 6.85
C GLY G 299 35.42 61.68 8.24
N THR G 300 34.11 61.55 8.38
CA THR G 300 33.50 61.64 9.70
C THR G 300 33.52 60.28 10.39
N THR G 301 32.97 60.25 11.61
CA THR G 301 32.85 59.01 12.36
C THR G 301 31.68 59.16 13.32
N GLY G 302 30.72 58.24 13.24
CA GLY G 302 29.56 58.29 14.09
C GLY G 302 28.44 59.19 13.63
N LYS G 303 28.45 59.62 12.36
CA LYS G 303 27.40 60.45 11.81
C LYS G 303 26.91 59.88 10.50
N TYR G 304 25.61 60.07 10.24
CA TYR G 304 24.98 59.60 9.02
C TYR G 304 25.02 60.70 7.97
N GLY G 305 24.22 60.53 6.90
CA GLY G 305 24.07 61.56 5.90
C GLY G 305 25.13 61.60 4.83
N ALA G 306 26.10 60.68 4.85
CA ALA G 306 27.17 60.66 3.86
C ALA G 306 26.85 59.76 2.67
N GLU G 307 25.71 59.06 2.68
CA GLU G 307 25.38 58.14 1.62
C GLU G 307 24.07 58.45 0.90
N VAL G 308 23.27 59.41 1.41
CA VAL G 308 22.00 59.72 0.78
C VAL G 308 22.22 60.27 -0.63
N LYS G 309 23.20 61.15 -0.79
CA LYS G 309 23.53 61.65 -2.12
C LYS G 309 24.01 60.53 -3.03
N LEU G 310 24.85 59.63 -2.50
CA LEU G 310 25.35 58.52 -3.30
C LEU G 310 24.22 57.61 -3.73
N ARG G 311 23.32 57.27 -2.81
CA ARG G 311 22.20 56.38 -3.15
C ARG G 311 21.28 57.03 -4.17
N ARG G 312 20.96 58.31 -3.99
CA ARG G 312 20.06 58.98 -4.93
C ARG G 312 20.69 59.08 -6.31
N GLN G 313 21.98 59.40 -6.39
CA GLN G 313 22.64 59.46 -7.69
C GLN G 313 22.70 58.09 -8.35
N LEU G 314 22.94 57.04 -7.56
CA LEU G 314 22.97 55.69 -8.11
C LEU G 314 21.61 55.28 -8.67
N GLU G 315 20.54 55.60 -7.93
CA GLU G 315 19.20 55.29 -8.43
C GLU G 315 18.88 56.08 -9.70
N LYS G 316 19.26 57.36 -9.74
CA LYS G 316 19.00 58.17 -10.93
C LYS G 316 19.75 57.62 -12.14
N HIS G 317 21.00 57.19 -11.94
CA HIS G 317 21.75 56.65 -13.07
C HIS G 317 21.24 55.28 -13.49
N ILE G 318 20.79 54.46 -12.54
CA ILE G 318 20.34 53.12 -12.89
C ILE G 318 18.94 53.12 -13.49
N SER G 319 18.14 54.15 -13.24
CA SER G 319 16.83 54.23 -13.87
C SER G 319 16.91 54.64 -15.33
N LEU G 320 18.03 55.21 -15.76
CA LEU G 320 18.22 55.59 -17.15
C LEU G 320 18.80 54.47 -18.00
N GLN G 321 19.23 53.38 -17.40
CA GLN G 321 19.76 52.26 -18.15
C GLN G 321 18.65 51.59 -18.96
N LYS G 322 19.03 50.94 -20.05
CA LYS G 322 18.08 50.34 -20.98
C LYS G 322 17.97 48.85 -20.67
N ILE G 323 16.75 48.41 -20.39
CA ILE G 323 16.46 47.00 -20.19
C ILE G 323 16.47 46.33 -21.56
N ASN G 324 16.47 44.99 -21.58
CA ASN G 324 16.65 44.27 -22.83
C ASN G 324 15.53 44.50 -23.85
N THR G 325 14.37 44.98 -23.40
CA THR G 325 13.29 45.24 -24.33
C THR G 325 13.63 46.43 -25.23
N ARG G 326 13.29 46.31 -26.50
CA ARG G 326 13.64 47.31 -27.50
C ARG G 326 12.56 48.37 -27.71
N ILE G 327 11.50 48.35 -26.91
CA ILE G 327 10.47 49.38 -27.04
C ILE G 327 11.01 50.73 -26.58
N GLY G 328 11.80 50.75 -25.51
CA GLY G 328 12.45 51.98 -25.08
C GLY G 328 12.25 52.33 -23.62
N GLN G 329 11.80 51.37 -22.81
CA GLN G 329 11.58 51.62 -21.40
C GLN G 329 12.83 51.30 -20.58
N GLY G 330 13.06 52.09 -19.54
CA GLY G 330 14.15 51.85 -18.62
C GLY G 330 13.72 50.98 -17.46
N VAL G 331 14.67 50.75 -16.55
CA VAL G 331 14.42 49.92 -15.37
C VAL G 331 13.47 50.66 -14.44
N PRO G 332 12.33 50.08 -14.10
CA PRO G 332 11.38 50.77 -13.21
C PRO G 332 11.91 50.81 -11.79
N VAL G 333 11.55 51.89 -11.09
CA VAL G 333 12.00 52.15 -9.72
C VAL G 333 10.77 52.36 -8.85
N VAL G 334 10.70 51.65 -7.73
CA VAL G 334 9.62 51.79 -6.77
C VAL G 334 10.22 51.93 -5.39
N ALA G 335 9.77 52.93 -4.63
CA ALA G 335 10.28 53.18 -3.30
C ALA G 335 9.27 52.72 -2.27
N LEU G 336 9.71 51.87 -1.35
CA LEU G 336 8.86 51.37 -0.28
C LEU G 336 9.18 52.14 1.00
N ILE G 337 8.14 52.67 1.64
CA ILE G 337 8.30 53.53 2.82
C ILE G 337 7.67 52.84 4.01
N VAL G 338 8.48 52.58 5.04
CA VAL G 338 8.01 52.09 6.33
C VAL G 338 8.60 52.99 7.39
N GLU G 339 7.80 53.34 8.40
CA GLU G 339 8.21 54.18 9.52
C GLU G 339 8.64 55.56 9.05
N GLY G 340 9.94 55.76 8.85
CA GLY G 340 10.44 57.06 8.46
C GLY G 340 10.44 58.04 9.61
N GLY G 341 10.57 59.32 9.26
CA GLY G 341 10.60 60.39 10.24
C GLY G 341 10.33 61.74 9.62
N PRO G 342 10.86 62.80 10.24
CA PRO G 342 10.74 64.13 9.62
C PRO G 342 11.41 64.23 8.25
N ASN G 343 12.51 63.50 8.04
CA ASN G 343 13.21 63.52 6.77
C ASN G 343 12.51 62.67 5.71
N VAL G 344 11.72 61.68 6.12
CA VAL G 344 11.10 60.79 5.13
C VAL G 344 10.08 61.55 4.30
N ILE G 345 9.43 62.56 4.87
CA ILE G 345 8.54 63.40 4.08
C ILE G 345 9.31 64.15 3.01
N SER G 346 10.49 64.67 3.37
CA SER G 346 11.31 65.36 2.39
C SER G 346 11.77 64.44 1.28
N ILE G 347 12.18 63.21 1.62
CA ILE G 347 12.64 62.31 0.56
C ILE G 347 11.47 61.81 -0.29
N VAL G 348 10.28 61.65 0.29
CA VAL G 348 9.11 61.31 -0.50
C VAL G 348 8.78 62.44 -1.48
N LEU G 349 8.83 63.68 -1.00
CA LEU G 349 8.57 64.81 -1.90
C LEU G 349 9.62 64.89 -3.00
N GLU G 350 10.89 64.65 -2.67
CA GLU G 350 11.93 64.71 -3.69
C GLU G 350 11.83 63.54 -4.67
N TYR G 351 11.25 62.43 -4.24
CA TYR G 351 10.95 61.34 -5.18
C TYR G 351 9.80 61.74 -6.11
N LEU G 352 8.75 62.34 -5.55
CA LEU G 352 7.56 62.64 -6.33
C LEU G 352 7.76 63.80 -7.30
N ARG G 353 8.86 64.54 -7.21
CA ARG G 353 9.09 65.69 -8.07
C ARG G 353 10.13 65.44 -9.15
N ASP G 354 10.60 64.20 -9.30
CA ASP G 354 11.54 63.89 -10.36
C ASP G 354 10.85 63.94 -11.71
N THR G 355 11.63 64.19 -12.77
CA THR G 355 11.06 64.27 -14.11
C THR G 355 10.43 62.95 -14.54
N PRO G 356 11.06 61.79 -14.37
CA PRO G 356 10.27 60.55 -14.27
C PRO G 356 9.84 60.31 -12.84
N PRO G 357 8.56 60.42 -12.54
CA PRO G 357 8.11 60.21 -11.16
C PRO G 357 8.30 58.76 -10.72
N VAL G 358 8.59 58.60 -9.43
CA VAL G 358 8.87 57.30 -8.83
C VAL G 358 7.69 56.96 -7.92
N PRO G 359 6.93 55.91 -8.22
CA PRO G 359 5.81 55.54 -7.35
C PRO G 359 6.30 55.14 -5.97
N VAL G 360 5.51 55.47 -4.96
CA VAL G 360 5.87 55.27 -3.56
C VAL G 360 4.79 54.45 -2.88
N VAL G 361 5.19 53.38 -2.20
CA VAL G 361 4.30 52.53 -1.44
C VAL G 361 4.60 52.72 0.04
N VAL G 362 3.57 53.00 0.83
CA VAL G 362 3.73 53.19 2.26
C VAL G 362 2.91 52.14 2.99
N CYS G 363 2.97 52.15 4.32
CA CYS G 363 2.20 51.23 5.14
C CYS G 363 1.52 52.01 6.26
N ASP G 364 0.39 51.47 6.72
CA ASP G 364 -0.41 52.13 7.76
C ASP G 364 -0.08 51.65 9.17
N GLY G 365 0.60 50.52 9.31
CA GLY G 365 0.93 49.97 10.61
C GLY G 365 2.25 50.40 11.19
N SER G 366 2.93 51.37 10.56
CA SER G 366 4.23 51.80 11.06
C SER G 366 4.10 52.57 12.37
N GLY G 367 3.19 53.54 12.42
CA GLY G 367 3.00 54.37 13.59
C GLY G 367 3.80 55.66 13.57
N ARG G 368 4.84 55.75 12.75
CA ARG G 368 5.62 56.97 12.60
C ARG G 368 5.05 57.77 11.43
N ALA G 369 5.83 58.71 10.89
CA ALA G 369 5.38 59.58 9.80
C ALA G 369 4.79 58.81 8.62
N SER G 370 5.07 57.52 8.48
CA SER G 370 4.33 56.71 7.52
C SER G 370 2.85 56.66 7.87
N ASP G 371 2.54 56.50 9.16
CA ASP G 371 1.14 56.53 9.59
C ASP G 371 0.53 57.91 9.35
N ILE G 372 1.33 58.97 9.43
CA ILE G 372 0.83 60.30 9.10
C ILE G 372 0.41 60.36 7.63
N LEU G 373 1.22 59.79 6.74
CA LEU G 373 0.86 59.75 5.32
C LEU G 373 -0.38 58.90 5.10
N ALA G 374 -0.50 57.77 5.82
CA ALA G 374 -1.71 56.95 5.71
C ALA G 374 -2.94 57.71 6.19
N PHE G 375 -2.81 58.44 7.29
CA PHE G 375 -3.92 59.24 7.81
C PHE G 375 -4.31 60.34 6.84
N GLY G 376 -3.32 60.99 6.22
CA GLY G 376 -3.58 62.04 5.26
C GLY G 376 -4.04 61.57 3.90
N HIS G 377 -3.87 60.29 3.59
CA HIS G 377 -4.35 59.77 2.31
C HIS G 377 -5.88 59.91 2.20
N LYS G 378 -6.59 59.56 3.26
CA LYS G 378 -8.01 59.86 3.34
C LYS G 378 -8.20 61.36 3.54
N TYR G 379 -9.29 61.88 2.99
CA TYR G 379 -9.63 63.32 3.05
C TYR G 379 -8.52 64.16 2.44
N SER G 380 -8.32 63.99 1.14
CA SER G 380 -7.30 64.69 0.40
C SER G 380 -7.92 65.78 -0.47
N GLU G 381 -7.08 66.43 -1.26
CA GLU G 381 -7.52 67.50 -2.15
C GLU G 381 -7.21 67.15 -3.61
N VAL G 396 -9.34 70.75 8.94
CA VAL G 396 -8.66 69.67 9.64
C VAL G 396 -7.15 69.88 9.54
N THR G 397 -6.63 70.77 10.37
CA THR G 397 -5.20 71.08 10.40
C THR G 397 -4.59 70.98 11.79
N ILE G 398 -5.33 71.39 12.83
CA ILE G 398 -4.79 71.40 14.18
C ILE G 398 -4.65 69.98 14.74
N GLN G 399 -5.30 69.00 14.13
CA GLN G 399 -5.14 67.62 14.56
C GLN G 399 -3.76 67.06 14.22
N LYS G 400 -3.02 67.73 13.33
CA LYS G 400 -1.72 67.26 12.88
C LYS G 400 -0.64 67.38 13.95
N THR G 401 -0.91 68.08 15.05
CA THR G 401 0.07 68.26 16.11
C THR G 401 0.00 67.06 17.06
N PHE G 402 1.09 66.31 17.14
CA PHE G 402 1.22 65.19 18.07
C PHE G 402 2.44 65.33 18.96
N THR G 403 2.93 66.55 19.15
CA THR G 403 4.20 66.82 19.84
C THR G 403 5.36 66.09 19.17
N TYR G 404 5.26 65.88 17.86
CA TYR G 404 6.28 65.19 17.09
C TYR G 404 7.30 66.13 16.46
N THR G 405 6.95 67.40 16.32
CA THR G 405 7.83 68.43 15.78
C THR G 405 7.96 69.55 16.79
N ARG G 406 8.55 70.67 16.36
CA ARG G 406 8.76 71.82 17.24
C ARG G 406 7.43 72.52 17.45
N THR G 407 6.63 71.93 18.34
CA THR G 407 5.31 72.43 18.78
C THR G 407 4.43 72.66 17.55
N GLN G 408 3.44 73.55 17.67
CA GLN G 408 2.67 74.00 16.52
C GLN G 408 3.38 75.09 15.75
N ALA G 409 4.48 75.64 16.29
CA ALA G 409 5.22 76.68 15.59
C ALA G 409 5.85 76.14 14.31
N GLN G 410 6.43 74.95 14.36
CA GLN G 410 7.03 74.32 13.20
C GLN G 410 6.16 73.16 12.74
N HIS G 411 5.93 73.08 11.43
CA HIS G 411 5.10 72.03 10.87
C HIS G 411 5.57 71.73 9.46
N LEU G 412 5.42 70.46 9.07
CA LEU G 412 5.67 70.03 7.70
C LEU G 412 4.37 69.89 6.92
N PHE G 413 3.33 70.62 7.32
CA PHE G 413 2.01 70.45 6.73
C PHE G 413 1.98 70.90 5.27
N ILE G 414 2.78 71.90 4.91
CA ILE G 414 2.78 72.39 3.53
C ILE G 414 3.31 71.32 2.58
N ILE G 415 4.45 70.71 2.92
CA ILE G 415 5.00 69.67 2.05
C ILE G 415 4.15 68.41 2.13
N LEU G 416 3.53 68.15 3.28
CA LEU G 416 2.61 67.02 3.38
C LEU G 416 1.42 67.20 2.45
N MET G 417 0.87 68.41 2.38
CA MET G 417 -0.24 68.68 1.48
C MET G 417 0.21 68.67 0.03
N GLU G 418 1.44 69.06 -0.26
CA GLU G 418 1.96 68.92 -1.63
C GLU G 418 2.03 67.45 -2.04
N CYS G 419 2.56 66.61 -1.15
CA CYS G 419 2.61 65.17 -1.42
C CYS G 419 1.22 64.58 -1.59
N MET G 420 0.27 65.03 -0.76
CA MET G 420 -1.11 64.57 -0.91
C MET G 420 -1.75 65.13 -2.17
N LYS G 421 -1.27 66.25 -2.69
CA LYS G 421 -1.72 66.75 -3.98
C LYS G 421 -1.23 65.84 -5.10
N LYS G 422 -0.01 65.31 -4.98
CA LYS G 422 0.50 64.36 -5.96
C LYS G 422 0.16 62.92 -5.61
N LYS G 423 -0.96 62.68 -4.92
CA LYS G 423 -1.32 61.35 -4.42
C LYS G 423 -1.68 60.36 -5.50
N GLU G 424 -1.59 60.73 -6.78
CA GLU G 424 -1.92 59.78 -7.84
C GLU G 424 -0.94 58.62 -7.91
N LEU G 425 0.32 58.86 -7.50
CA LEU G 425 1.35 57.83 -7.56
C LEU G 425 1.53 57.10 -6.25
N ILE G 426 1.20 57.71 -5.12
CA ILE G 426 1.31 57.04 -3.84
C ILE G 426 0.25 55.95 -3.75
N THR G 427 0.68 54.75 -3.39
CA THR G 427 -0.20 53.59 -3.25
C THR G 427 -0.06 53.07 -1.82
N VAL G 428 -0.98 53.47 -0.95
CA VAL G 428 -0.91 53.07 0.46
C VAL G 428 -1.35 51.62 0.60
N PHE G 429 -1.07 51.03 1.76
CA PHE G 429 -1.38 49.63 2.01
C PHE G 429 -1.94 49.49 3.41
N ARG G 430 -3.05 48.78 3.54
CA ARG G 430 -3.69 48.51 4.82
C ARG G 430 -3.99 47.02 4.92
N MET G 431 -3.77 46.46 6.11
CA MET G 431 -3.90 45.02 6.29
C MET G 431 -5.36 44.59 6.29
N GLY G 432 -5.87 44.20 5.12
CA GLY G 432 -7.20 43.64 5.00
C GLY G 432 -8.33 44.64 4.92
N SER G 433 -8.08 45.91 5.22
CA SER G 433 -9.15 46.91 5.18
C SER G 433 -9.51 47.29 3.75
N GLU G 434 -8.57 47.16 2.82
CA GLU G 434 -8.81 47.57 1.43
C GLU G 434 -8.51 46.43 0.47
N GLY G 435 -8.54 46.71 -0.83
CA GLY G 435 -8.10 45.75 -1.82
C GLY G 435 -6.59 45.67 -1.88
N HIS G 436 -6.11 44.70 -2.66
CA HIS G 436 -4.68 44.42 -2.80
C HIS G 436 -4.04 44.17 -1.43
N GLN G 437 -4.49 43.10 -0.77
CA GLN G 437 -4.00 42.76 0.56
C GLN G 437 -2.58 42.21 0.53
N ASP G 438 -2.02 41.93 -0.64
CA ASP G 438 -0.69 41.34 -0.76
C ASP G 438 0.31 42.43 -1.15
N ILE G 439 1.45 42.45 -0.45
CA ILE G 439 2.48 43.45 -0.71
C ILE G 439 3.05 43.29 -2.12
N ASP G 440 3.35 42.05 -2.52
CA ASP G 440 3.95 41.81 -3.83
C ASP G 440 3.01 42.26 -4.95
N LEU G 441 1.71 42.04 -4.78
CA LEU G 441 0.75 42.58 -5.73
C LEU G 441 0.73 44.10 -5.66
N ALA G 442 0.81 44.66 -4.44
CA ALA G 442 0.77 46.11 -4.28
C ALA G 442 1.97 46.79 -4.92
N ILE G 443 3.17 46.21 -4.71
CA ILE G 443 4.37 46.81 -5.28
C ILE G 443 4.36 46.72 -6.79
N LEU G 444 4.00 45.54 -7.31
CA LEU G 444 4.03 45.33 -8.76
C LEU G 444 3.01 46.20 -9.47
N THR G 445 1.79 46.30 -8.93
CA THR G 445 0.77 47.13 -9.55
C THR G 445 1.11 48.61 -9.51
N ALA G 446 1.94 49.03 -8.55
CA ALA G 446 2.34 50.43 -8.49
C ALA G 446 3.16 50.83 -9.71
N LEU G 447 4.03 49.94 -10.18
CA LEU G 447 4.86 50.25 -11.34
C LEU G 447 4.07 50.28 -12.64
N LEU G 448 2.89 49.66 -12.67
CA LEU G 448 2.10 49.66 -13.90
C LEU G 448 1.27 50.93 -14.02
N LYS G 449 0.43 51.21 -13.02
CA LYS G 449 -0.37 52.42 -13.05
C LYS G 449 0.49 53.67 -12.90
N GLY G 450 1.60 53.57 -12.15
CA GLY G 450 2.48 54.71 -11.97
C GLY G 450 3.30 55.05 -13.19
N ALA G 451 3.48 54.10 -14.10
CA ALA G 451 4.22 54.39 -15.33
C ALA G 451 3.44 55.31 -16.26
N ASN G 452 2.10 55.21 -16.23
CA ASN G 452 1.23 55.98 -17.12
C ASN G 452 1.61 55.75 -18.59
N ALA G 453 2.00 54.52 -18.89
CA ALA G 453 2.44 54.14 -20.22
C ALA G 453 1.34 53.38 -20.96
N SER G 454 1.61 53.10 -22.23
CA SER G 454 0.64 52.41 -23.06
C SER G 454 0.57 50.93 -22.70
N ALA G 455 -0.47 50.26 -23.21
CA ALA G 455 -0.64 48.84 -22.97
C ALA G 455 0.53 47.97 -23.44
N PRO G 456 1.13 48.19 -24.63
CA PRO G 456 2.29 47.37 -24.99
C PRO G 456 3.45 47.46 -24.00
N ASP G 457 3.69 48.63 -23.43
CA ASP G 457 4.76 48.77 -22.44
C ASP G 457 4.47 47.92 -21.21
N GLN G 458 3.23 47.97 -20.71
CA GLN G 458 2.87 47.17 -19.54
C GLN G 458 2.96 45.69 -19.84
N LEU G 459 2.51 45.28 -21.03
CA LEU G 459 2.60 43.87 -21.39
C LEU G 459 4.04 43.40 -21.50
N SER G 460 4.91 44.21 -22.11
CA SER G 460 6.32 43.84 -22.23
C SER G 460 6.98 43.77 -20.85
N LEU G 461 6.63 44.69 -19.96
CA LEU G 461 7.18 44.67 -18.61
C LEU G 461 6.75 43.41 -17.87
N ALA G 462 5.45 43.08 -17.93
CA ALA G 462 4.97 41.88 -17.26
C ALA G 462 5.55 40.62 -17.88
N LEU G 463 5.86 40.67 -19.18
CA LEU G 463 6.54 39.56 -19.82
C LEU G 463 7.97 39.41 -19.32
N ALA G 464 8.66 40.53 -19.13
CA ALA G 464 10.03 40.48 -18.63
C ALA G 464 10.09 39.97 -17.20
N TRP G 465 9.11 40.36 -16.38
CA TRP G 465 9.12 39.92 -14.98
C TRP G 465 8.73 38.45 -14.83
N ASN G 466 8.25 37.80 -15.88
CA ASN G 466 7.74 36.43 -15.82
C ASN G 466 6.63 36.29 -14.78
N ARG G 467 5.75 37.28 -14.73
CA ARG G 467 4.53 37.23 -13.93
C ARG G 467 3.35 37.19 -14.87
N VAL G 468 2.49 36.18 -14.72
CA VAL G 468 1.37 35.96 -15.62
C VAL G 468 0.08 36.55 -15.04
N ASP G 469 -0.17 36.35 -13.76
CA ASP G 469 -1.41 36.84 -13.15
C ASP G 469 -1.47 38.36 -13.14
N ILE G 470 -0.32 39.03 -13.09
CA ILE G 470 -0.31 40.49 -13.15
C ILE G 470 -0.85 40.97 -14.49
N ALA G 471 -0.40 40.34 -15.58
CA ALA G 471 -0.90 40.71 -16.90
C ALA G 471 -2.36 40.28 -17.07
N ARG G 472 -2.72 39.12 -16.52
CA ARG G 472 -4.08 38.62 -16.66
C ARG G 472 -5.08 39.54 -15.96
N SER G 473 -4.73 40.03 -14.77
CA SER G 473 -5.67 40.79 -13.95
C SER G 473 -5.64 42.29 -14.26
N GLN G 474 -4.45 42.88 -14.33
CA GLN G 474 -4.34 44.32 -14.48
C GLN G 474 -4.34 44.77 -15.94
N ILE G 475 -3.67 44.04 -16.83
CA ILE G 475 -3.50 44.52 -18.20
C ILE G 475 -4.72 44.17 -19.05
N PHE G 476 -4.98 42.88 -19.22
CA PHE G 476 -6.08 42.44 -20.09
C PHE G 476 -7.40 42.70 -19.39
N ILE G 477 -7.92 43.91 -19.58
CA ILE G 477 -9.17 44.34 -18.97
C ILE G 477 -10.09 44.87 -20.05
N TYR G 478 -11.25 45.39 -19.63
CA TYR G 478 -12.29 45.84 -20.54
C TYR G 478 -11.85 47.00 -21.41
N GLY G 479 -11.65 46.74 -22.70
CA GLY G 479 -11.36 47.79 -23.66
C GLY G 479 -10.03 48.49 -23.44
N GLN G 480 -8.93 47.76 -23.62
CA GLN G 480 -7.61 48.36 -23.49
C GLN G 480 -7.13 49.01 -24.78
N GLN G 481 -7.82 48.77 -25.90
CA GLN G 481 -7.51 49.39 -27.19
C GLN G 481 -6.06 49.09 -27.61
N TRP G 482 -5.80 47.82 -27.85
CA TRP G 482 -4.47 47.40 -28.29
C TRP G 482 -4.20 47.91 -29.69
N PRO G 483 -3.07 48.58 -29.93
CA PRO G 483 -2.74 49.03 -31.28
C PRO G 483 -2.51 47.86 -32.21
N VAL G 484 -2.67 48.13 -33.51
CA VAL G 484 -2.54 47.09 -34.52
C VAL G 484 -1.08 46.66 -34.62
N GLY G 485 -0.84 45.35 -34.55
CA GLY G 485 0.49 44.80 -34.62
C GLY G 485 1.18 44.64 -33.29
N SER G 486 0.59 45.12 -32.20
CA SER G 486 1.23 44.98 -30.89
C SER G 486 1.14 43.55 -30.39
N LEU G 487 -0.01 42.90 -30.57
CA LEU G 487 -0.19 41.55 -30.07
C LEU G 487 0.74 40.56 -30.75
N GLU G 488 0.98 40.75 -32.05
CA GLU G 488 1.90 39.87 -32.77
C GLU G 488 3.32 40.00 -32.22
N GLN G 489 3.77 41.23 -31.96
CA GLN G 489 5.11 41.42 -31.41
C GLN G 489 5.21 40.86 -30.01
N ALA G 490 4.16 41.02 -29.21
CA ALA G 490 4.16 40.42 -27.88
C ALA G 490 4.23 38.90 -27.96
N MET G 491 3.51 38.31 -28.92
CA MET G 491 3.57 36.86 -29.11
C MET G 491 4.98 36.43 -29.48
N LEU G 492 5.63 37.15 -30.39
CA LEU G 492 7.00 36.78 -30.78
C LEU G 492 7.95 36.89 -29.60
N ASP G 493 7.85 37.97 -28.82
CA ASP G 493 8.74 38.16 -27.67
C ASP G 493 8.51 37.09 -26.62
N ALA G 494 7.25 36.71 -26.37
CA ALA G 494 7.01 35.63 -25.42
C ALA G 494 7.45 34.29 -25.98
N LEU G 495 7.47 34.16 -27.30
CA LEU G 495 7.86 32.89 -27.92
C LEU G 495 9.36 32.66 -27.82
N VAL G 496 10.17 33.69 -28.10
CA VAL G 496 11.61 33.51 -28.06
C VAL G 496 12.08 33.26 -26.63
N LEU G 497 11.47 33.92 -25.66
CA LEU G 497 11.92 33.86 -24.27
C LEU G 497 11.44 32.64 -23.52
N ASP G 498 10.72 31.73 -24.18
CA ASP G 498 10.19 30.52 -23.57
C ASP G 498 9.27 30.85 -22.39
N ARG G 499 8.18 31.54 -22.71
CA ARG G 499 7.13 31.88 -21.74
C ARG G 499 5.85 31.19 -22.20
N VAL G 500 5.62 29.99 -21.67
CA VAL G 500 4.45 29.22 -22.08
C VAL G 500 3.16 29.90 -21.63
N ASP G 501 3.15 30.42 -20.41
CA ASP G 501 1.94 31.04 -19.87
C ASP G 501 1.50 32.23 -20.70
N PHE G 502 2.46 33.06 -21.13
CA PHE G 502 2.11 34.22 -21.94
C PHE G 502 1.63 33.81 -23.33
N VAL G 503 2.21 32.77 -23.91
CA VAL G 503 1.72 32.27 -25.19
C VAL G 503 0.29 31.79 -25.05
N LYS G 504 0.00 31.04 -23.99
CA LYS G 504 -1.36 30.57 -23.76
C LYS G 504 -2.33 31.72 -23.56
N LEU G 505 -1.93 32.72 -22.78
CA LEU G 505 -2.81 33.86 -22.52
C LEU G 505 -3.07 34.66 -23.78
N LEU G 506 -2.04 34.87 -24.61
CA LEU G 506 -2.23 35.61 -25.85
C LEU G 506 -3.11 34.83 -26.82
N ILE G 507 -2.98 33.51 -26.86
CA ILE G 507 -3.87 32.70 -27.68
C ILE G 507 -5.31 32.83 -27.20
N GLU G 508 -5.50 32.82 -25.89
CA GLU G 508 -6.86 32.94 -25.33
C GLU G 508 -7.44 34.35 -25.48
N ASN G 509 -6.66 35.34 -25.91
CA ASN G 509 -7.12 36.71 -25.98
C ASN G 509 -6.96 37.31 -27.36
N GLY G 510 -7.32 36.55 -28.39
CA GLY G 510 -7.53 37.08 -29.73
C GLY G 510 -6.42 36.83 -30.72
N VAL G 511 -5.23 36.45 -30.27
CA VAL G 511 -4.12 36.21 -31.21
C VAL G 511 -4.34 34.86 -31.88
N SER G 512 -4.30 34.85 -33.20
CA SER G 512 -4.49 33.63 -33.97
C SER G 512 -3.16 33.16 -34.52
N MET G 513 -2.84 31.89 -34.30
CA MET G 513 -1.53 31.37 -34.71
C MET G 513 -1.44 31.20 -36.21
N HIS G 514 -2.57 30.94 -36.89
CA HIS G 514 -2.54 30.76 -38.34
C HIS G 514 -2.15 32.05 -39.05
N ARG G 515 -2.42 33.21 -38.46
CA ARG G 515 -2.10 34.49 -39.05
C ARG G 515 -0.77 35.06 -38.59
N PHE G 516 -0.43 34.85 -37.31
CA PHE G 516 0.82 35.38 -36.77
C PHE G 516 2.04 34.74 -37.43
N LEU G 517 2.00 33.42 -37.63
CA LEU G 517 3.17 32.72 -38.14
C LEU G 517 3.36 32.99 -39.62
N THR G 518 4.61 33.12 -40.04
CA THR G 518 4.95 33.29 -41.43
C THR G 518 6.38 32.78 -41.63
N ILE G 519 6.85 32.84 -42.86
CA ILE G 519 8.19 32.33 -43.16
C ILE G 519 9.25 33.16 -42.46
N SER G 520 9.12 34.49 -42.52
CA SER G 520 10.13 35.37 -41.93
C SER G 520 10.15 35.26 -40.41
N ARG G 521 8.98 35.20 -39.78
CA ARG G 521 8.94 35.13 -38.33
C ARG G 521 9.49 33.81 -37.82
N LEU G 522 9.17 32.70 -38.49
CA LEU G 522 9.76 31.41 -38.11
C LEU G 522 11.27 31.42 -38.35
N GLU G 523 11.70 32.03 -39.45
CA GLU G 523 13.13 32.11 -39.74
C GLU G 523 13.87 32.86 -38.65
N GLU G 524 13.32 33.98 -38.19
CA GLU G 524 13.94 34.72 -37.10
C GLU G 524 13.80 33.99 -35.77
N LEU G 525 12.75 33.17 -35.62
CA LEU G 525 12.57 32.40 -34.41
C LEU G 525 13.59 31.28 -34.29
N TYR G 526 14.08 30.77 -35.42
CA TYR G 526 15.08 29.71 -35.39
C TYR G 526 16.48 30.22 -35.07
N ASN G 527 16.73 31.53 -35.16
CA ASN G 527 18.05 32.09 -34.90
C ASN G 527 18.08 32.91 -33.62
N THR G 528 17.13 32.72 -32.72
CA THR G 528 17.10 33.47 -31.49
C THR G 528 18.17 32.97 -30.54
N ARG G 529 18.43 33.76 -29.49
CA ARG G 529 19.42 33.43 -28.49
C ARG G 529 18.91 33.50 -27.06
N HIS G 530 17.77 34.13 -26.80
CA HIS G 530 17.29 34.36 -25.44
C HIS G 530 16.52 33.13 -24.95
N GLY G 531 17.27 32.06 -24.74
CA GLY G 531 16.67 30.83 -24.26
C GLY G 531 17.70 29.85 -23.75
N PRO G 532 17.24 28.65 -23.35
CA PRO G 532 18.17 27.63 -22.87
C PRO G 532 19.07 27.15 -23.99
N SER G 533 20.23 26.62 -23.58
CA SER G 533 21.22 26.13 -24.53
C SER G 533 20.64 24.99 -25.37
N ASN G 534 20.93 25.04 -26.67
CA ASN G 534 20.34 24.12 -27.63
C ASN G 534 21.45 23.51 -28.48
N THR G 535 21.14 22.35 -29.08
CA THR G 535 22.09 21.60 -29.89
C THR G 535 21.79 21.73 -31.38
N LEU G 536 21.20 22.84 -31.81
CA LEU G 536 20.87 23.00 -33.22
C LEU G 536 22.10 23.33 -34.05
N TYR G 537 23.02 24.13 -33.51
CA TYR G 537 24.17 24.57 -34.29
C TYR G 537 25.10 23.42 -34.62
N HIS G 538 25.28 22.48 -33.69
CA HIS G 538 26.13 21.33 -33.96
C HIS G 538 25.56 20.47 -35.08
N LEU G 539 24.25 20.26 -35.06
CA LEU G 539 23.61 19.52 -36.15
C LEU G 539 23.74 20.27 -37.47
N VAL G 540 23.53 21.58 -37.46
CA VAL G 540 23.56 22.34 -38.70
C VAL G 540 24.99 22.51 -39.21
N ARG G 541 26.00 22.28 -38.39
CA ARG G 541 27.37 22.22 -38.88
C ARG G 541 27.79 20.83 -39.29
N ASP G 542 27.18 19.79 -38.72
CA ASP G 542 27.42 18.44 -39.23
C ASP G 542 26.85 18.29 -40.64
N VAL G 543 25.63 18.78 -40.86
CA VAL G 543 25.07 18.85 -42.20
C VAL G 543 25.62 20.11 -42.86
N LYS G 544 25.42 20.25 -44.16
CA LYS G 544 25.84 21.43 -44.93
C LYS G 544 27.35 21.65 -44.83
N LYS G 545 28.08 20.68 -45.39
CA LYS G 545 29.54 20.72 -45.57
C LYS G 545 30.29 20.68 -44.24
N GLY G 546 31.57 20.28 -44.30
CA GLY G 546 32.33 20.08 -43.07
C GLY G 546 32.58 21.36 -42.30
N ASN G 547 32.99 22.42 -42.99
CA ASN G 547 33.34 23.66 -42.33
C ASN G 547 32.11 24.55 -42.20
N LEU G 548 32.30 25.72 -41.58
CA LEU G 548 31.18 26.60 -41.28
C LEU G 548 31.66 28.03 -41.05
N PRO G 549 31.11 29.02 -41.76
CA PRO G 549 31.42 30.41 -41.42
C PRO G 549 30.88 30.77 -40.04
N PRO G 550 31.54 31.70 -39.34
CA PRO G 550 31.13 32.01 -37.97
C PRO G 550 29.72 32.57 -37.87
N ASP G 551 29.44 33.66 -38.59
CA ASP G 551 28.13 34.31 -38.56
C ASP G 551 27.30 33.76 -39.70
N TYR G 552 26.42 32.80 -39.39
CA TYR G 552 25.56 32.17 -40.38
C TYR G 552 24.12 32.25 -39.90
N ARG G 553 23.26 32.79 -40.75
CA ARG G 553 21.82 32.75 -40.50
C ARG G 553 21.28 31.42 -40.96
N ILE G 554 20.70 30.66 -40.04
CA ILE G 554 20.26 29.29 -40.32
C ILE G 554 18.97 29.39 -41.13
N SER G 555 19.08 29.25 -42.44
CA SER G 555 17.92 29.28 -43.32
C SER G 555 17.10 28.01 -43.15
N LEU G 556 15.82 28.10 -43.53
CA LEU G 556 14.90 26.97 -43.38
C LEU G 556 15.33 25.76 -44.20
N ILE G 557 16.10 25.96 -45.27
CA ILE G 557 16.61 24.83 -46.03
C ILE G 557 17.57 24.01 -45.18
N ASP G 558 18.40 24.69 -44.39
CA ASP G 558 19.30 23.97 -43.49
C ASP G 558 18.54 23.17 -42.45
N ILE G 559 17.47 23.73 -41.91
CA ILE G 559 16.67 23.00 -40.92
C ILE G 559 15.96 21.83 -41.57
N GLY G 560 15.51 22.00 -42.83
CA GLY G 560 14.93 20.88 -43.54
C GLY G 560 15.93 19.76 -43.75
N LEU G 561 17.17 20.11 -44.09
CA LEU G 561 18.21 19.10 -44.22
C LEU G 561 18.50 18.42 -42.89
N VAL G 562 18.48 19.18 -41.80
CA VAL G 562 18.68 18.60 -40.48
C VAL G 562 17.58 17.60 -40.14
N ILE G 563 16.33 17.96 -40.45
CA ILE G 563 15.21 17.05 -40.22
C ILE G 563 15.38 15.80 -41.06
N GLU G 564 15.77 15.95 -42.32
CA GLU G 564 15.95 14.80 -43.20
C GLU G 564 17.07 13.90 -42.70
N TYR G 565 18.13 14.50 -42.13
CA TYR G 565 19.24 13.70 -41.60
C TYR G 565 18.84 12.96 -40.34
N LEU G 566 18.12 13.63 -39.43
CA LEU G 566 17.77 12.99 -38.16
C LEU G 566 16.71 11.93 -38.34
N MET G 567 15.71 12.17 -39.20
CA MET G 567 14.53 11.32 -39.23
C MET G 567 14.85 9.94 -39.79
N GLY G 568 15.54 9.87 -40.91
CA GLY G 568 15.85 8.59 -41.50
C GLY G 568 16.24 8.74 -42.95
N GLY G 569 16.28 7.59 -43.64
CA GLY G 569 16.70 7.55 -45.02
C GLY G 569 15.62 7.93 -46.02
N ALA G 570 14.51 7.20 -46.00
CA ALA G 570 13.44 7.41 -46.96
C ALA G 570 12.68 8.71 -46.72
N TYR G 571 12.90 9.38 -45.59
CA TYR G 571 12.16 10.59 -45.28
C TYR G 571 12.57 11.74 -46.19
N ARG G 572 11.61 12.62 -46.46
CA ARG G 572 11.83 13.79 -47.31
C ARG G 572 10.96 14.92 -46.75
N CYS G 573 11.57 15.81 -45.97
CA CYS G 573 10.81 16.83 -45.27
C CYS G 573 10.19 17.81 -46.26
N ASN G 574 9.22 18.57 -45.77
CA ASN G 574 8.48 19.50 -46.63
C ASN G 574 9.33 20.68 -47.06
N TYR G 575 10.32 21.05 -46.23
CA TYR G 575 11.12 22.24 -46.53
C TYR G 575 11.98 22.07 -47.78
N THR G 576 12.54 20.88 -47.99
CA THR G 576 13.47 20.67 -49.09
C THR G 576 12.80 20.36 -50.41
N ARG G 577 11.47 20.30 -50.45
CA ARG G 577 10.77 20.05 -51.69
C ARG G 577 10.90 21.23 -52.63
N LYS G 578 10.82 20.96 -53.94
CA LYS G 578 11.04 22.00 -54.93
C LYS G 578 9.94 23.05 -54.91
N ARG G 579 8.73 22.68 -54.48
CA ARG G 579 7.67 23.67 -54.28
C ARG G 579 8.10 24.71 -53.26
N PHE G 580 8.56 24.27 -52.09
CA PHE G 580 8.99 25.21 -51.06
C PHE G 580 10.29 25.92 -51.45
N ARG G 581 11.17 25.24 -52.20
CA ARG G 581 12.39 25.90 -52.64
C ARG G 581 12.08 27.05 -53.60
N THR G 582 11.16 26.83 -54.54
CA THR G 582 10.75 27.90 -55.44
C THR G 582 10.02 29.01 -54.70
N LEU G 583 9.23 28.65 -53.67
CA LEU G 583 8.59 29.67 -52.85
C LEU G 583 9.63 30.52 -52.13
N TYR G 584 10.69 29.89 -51.62
CA TYR G 584 11.70 30.59 -50.84
C TYR G 584 12.70 31.35 -51.70
N HIS G 585 12.81 31.00 -53.00
CA HIS G 585 13.79 31.67 -53.85
C HIS G 585 13.47 33.16 -54.02
N ASN G 586 12.19 33.49 -54.24
CA ASN G 586 11.78 34.85 -54.51
C ASN G 586 11.18 35.55 -53.29
N LEU G 587 11.60 35.16 -52.08
CA LEU G 587 11.06 35.74 -50.87
C LEU G 587 12.03 35.59 -49.70
N ASN G 631 4.90 33.96 -47.29
CA ASN G 631 3.47 33.70 -47.25
C ASN G 631 3.06 33.24 -45.86
N HIS G 632 2.18 32.25 -45.81
CA HIS G 632 1.72 31.69 -44.54
C HIS G 632 1.94 30.19 -44.52
N PHE G 633 1.39 29.52 -43.50
CA PHE G 633 1.44 28.07 -43.40
C PHE G 633 0.03 27.51 -43.25
N PRO G 634 -0.27 26.40 -43.94
CA PRO G 634 -1.59 25.79 -43.75
C PRO G 634 -1.80 25.27 -42.33
N PHE G 635 -0.90 24.44 -41.84
CA PHE G 635 -0.90 24.02 -40.45
C PHE G 635 0.29 24.63 -39.76
N PRO G 636 0.12 25.60 -38.86
CA PRO G 636 1.28 26.25 -38.25
C PRO G 636 1.85 25.47 -37.08
N PHE G 637 0.99 24.70 -36.40
CA PHE G 637 1.43 24.03 -35.19
C PHE G 637 2.40 22.89 -35.50
N HIS G 638 2.37 22.33 -36.70
CA HIS G 638 3.38 21.35 -37.08
C HIS G 638 4.77 21.98 -37.05
N GLU G 639 4.93 23.11 -37.73
CA GLU G 639 6.22 23.80 -37.75
C GLU G 639 6.62 24.26 -36.36
N LEU G 640 5.66 24.76 -35.59
CA LEU G 640 5.98 25.24 -34.24
C LEU G 640 6.41 24.10 -33.34
N MET G 641 5.78 22.93 -33.44
CA MET G 641 6.20 21.82 -32.59
C MET G 641 7.55 21.26 -33.03
N VAL G 642 7.82 21.24 -34.33
CA VAL G 642 9.15 20.83 -34.78
C VAL G 642 10.20 21.77 -34.24
N TRP G 643 9.93 23.08 -34.29
CA TRP G 643 10.86 24.05 -33.71
C TRP G 643 11.03 23.86 -32.22
N ALA G 644 9.93 23.63 -31.50
CA ALA G 644 10.01 23.49 -30.06
C ALA G 644 10.74 22.22 -29.65
N VAL G 645 10.69 21.18 -30.48
CA VAL G 645 11.38 19.94 -30.15
C VAL G 645 12.82 19.92 -30.65
N LEU G 646 13.17 20.80 -31.60
CA LEU G 646 14.57 20.87 -32.02
C LEU G 646 15.40 21.73 -31.08
N MET G 647 14.80 22.73 -30.43
CA MET G 647 15.50 23.63 -29.54
C MET G 647 15.48 23.16 -28.09
N LYS G 648 15.09 21.91 -27.85
CA LYS G 648 15.12 21.30 -26.51
C LYS G 648 14.28 22.10 -25.51
N ARG G 649 13.13 22.58 -25.95
CA ARG G 649 12.16 23.22 -25.06
C ARG G 649 10.98 22.26 -24.93
N GLN G 650 10.84 21.66 -23.75
CA GLN G 650 9.91 20.56 -23.60
C GLN G 650 8.48 21.01 -23.31
N LYS G 651 8.30 21.92 -22.35
CA LYS G 651 6.94 22.31 -21.96
C LYS G 651 6.23 23.02 -23.11
N MET G 652 6.96 23.82 -23.89
CA MET G 652 6.36 24.47 -25.05
C MET G 652 5.97 23.44 -26.10
N ALA G 653 6.79 22.41 -26.28
CA ALA G 653 6.44 21.34 -27.22
C ALA G 653 5.19 20.60 -26.76
N LEU G 654 5.07 20.33 -25.46
CA LEU G 654 3.89 19.66 -24.94
C LEU G 654 2.65 20.54 -25.11
N PHE G 655 2.81 21.86 -24.96
CA PHE G 655 1.68 22.75 -25.20
C PHE G 655 1.27 22.74 -26.67
N PHE G 656 2.24 22.80 -27.58
CA PHE G 656 1.91 22.83 -29.00
C PHE G 656 1.43 21.47 -29.51
N TRP G 657 1.65 20.40 -28.76
CA TRP G 657 1.22 19.08 -29.23
C TRP G 657 -0.29 18.95 -29.25
N GLN G 658 -0.98 19.54 -28.27
CA GLN G 658 -2.41 19.34 -28.13
C GLN G 658 -3.24 20.28 -29.00
N HIS G 659 -2.62 21.13 -29.79
CA HIS G 659 -3.33 21.95 -30.75
C HIS G 659 -3.12 21.42 -32.17
N GLY G 660 -3.95 21.91 -33.09
CA GLY G 660 -3.85 21.46 -34.46
C GLY G 660 -4.42 20.06 -34.63
N GLU G 661 -4.11 19.46 -35.76
CA GLU G 661 -4.57 18.13 -36.12
C GLU G 661 -3.37 17.20 -36.32
N GLU G 662 -3.68 15.92 -36.58
CA GLU G 662 -2.67 14.87 -36.73
C GLU G 662 -1.80 14.76 -35.47
N ALA G 663 -2.45 14.67 -34.32
CA ALA G 663 -1.72 14.69 -33.04
C ALA G 663 -0.83 13.46 -32.89
N MET G 664 -1.30 12.29 -33.31
CA MET G 664 -0.52 11.08 -33.15
C MET G 664 0.74 11.10 -34.00
N ALA G 665 0.63 11.63 -35.23
CA ALA G 665 1.81 11.75 -36.07
C ALA G 665 2.82 12.69 -35.45
N LYS G 666 2.36 13.80 -34.88
CA LYS G 666 3.26 14.74 -34.23
C LYS G 666 3.96 14.09 -33.04
N ALA G 667 3.22 13.30 -32.26
CA ALA G 667 3.84 12.61 -31.13
C ALA G 667 4.92 11.64 -31.59
N LEU G 668 4.64 10.84 -32.63
CA LEU G 668 5.62 9.88 -33.10
C LEU G 668 6.86 10.57 -33.67
N VAL G 669 6.65 11.63 -34.45
CA VAL G 669 7.78 12.35 -35.03
C VAL G 669 8.63 12.99 -33.94
N ALA G 670 7.98 13.54 -32.92
CA ALA G 670 8.74 14.12 -31.80
C ALA G 670 9.55 13.05 -31.08
N CYS G 671 8.97 11.86 -30.90
CA CYS G 671 9.71 10.79 -30.24
C CYS G 671 10.95 10.39 -31.04
N LYS G 672 10.79 10.23 -32.36
CA LYS G 672 11.93 9.85 -33.19
C LYS G 672 13.00 10.93 -33.19
N LEU G 673 12.58 12.21 -33.27
CA LEU G 673 13.56 13.30 -33.28
C LEU G 673 14.32 13.37 -31.96
N CYS G 674 13.61 13.20 -30.83
CA CYS G 674 14.30 13.21 -29.55
C CYS G 674 15.30 12.07 -29.44
N LYS G 675 14.93 10.88 -29.88
CA LYS G 675 15.86 9.76 -29.83
C LYS G 675 17.09 10.01 -30.70
N ALA G 676 16.90 10.51 -31.91
CA ALA G 676 18.03 10.76 -32.80
C ALA G 676 18.93 11.86 -32.25
N MET G 677 18.34 12.92 -31.68
CA MET G 677 19.16 13.98 -31.09
C MET G 677 19.94 13.48 -29.89
N ALA G 678 19.33 12.60 -29.08
CA ALA G 678 20.06 12.03 -27.96
C ALA G 678 21.24 11.20 -28.44
N HIS G 679 21.04 10.40 -29.49
CA HIS G 679 22.15 9.61 -30.03
C HIS G 679 23.25 10.50 -30.57
N GLU G 680 22.88 11.57 -31.28
CA GLU G 680 23.89 12.48 -31.81
C GLU G 680 24.66 13.19 -30.71
N ALA G 681 23.97 13.62 -29.66
CA ALA G 681 24.65 14.29 -28.55
C ALA G 681 25.58 13.34 -27.82
N SER G 682 25.16 12.08 -27.63
CA SER G 682 26.04 11.11 -27.00
C SER G 682 27.24 10.78 -27.87
N GLU G 683 27.07 10.83 -29.20
CA GLU G 683 28.19 10.52 -30.08
C GLU G 683 29.22 11.64 -30.11
N ASN G 684 28.78 12.89 -29.95
CA ASN G 684 29.67 14.04 -30.02
C ASN G 684 30.21 14.46 -28.66
N ASP G 685 30.31 13.52 -27.71
CA ASP G 685 30.86 13.70 -26.36
C ASP G 685 30.44 15.03 -25.73
N MET G 686 29.12 15.17 -25.57
CA MET G 686 28.54 16.35 -24.93
C MET G 686 28.58 16.17 -23.41
N VAL G 687 27.85 17.03 -22.69
CA VAL G 687 27.90 17.06 -21.23
C VAL G 687 27.29 15.81 -20.59
N ASP G 688 26.66 14.95 -21.38
CA ASP G 688 26.05 13.69 -20.95
C ASP G 688 24.89 13.86 -19.99
N ASP G 689 24.44 15.09 -19.77
CA ASP G 689 23.11 15.35 -19.21
C ASP G 689 22.10 15.67 -20.31
N ILE G 690 22.57 16.21 -21.42
CA ILE G 690 21.72 16.46 -22.58
C ILE G 690 21.13 15.15 -23.08
N SER G 691 21.94 14.09 -23.10
CA SER G 691 21.44 12.79 -23.54
C SER G 691 20.31 12.29 -22.65
N GLN G 692 20.46 12.44 -21.33
CA GLN G 692 19.42 12.01 -20.41
C GLN G 692 18.16 12.84 -20.59
N GLU G 693 18.30 14.16 -20.76
CA GLU G 693 17.13 15.01 -20.99
C GLU G 693 16.40 14.60 -22.26
N LEU G 694 17.14 14.37 -23.34
CA LEU G 694 16.51 14.03 -24.61
C LEU G 694 15.83 12.67 -24.54
N ASN G 695 16.45 11.70 -23.86
CA ASN G 695 15.80 10.40 -23.70
C ASN G 695 14.53 10.51 -22.86
N HIS G 696 14.56 11.35 -21.82
CA HIS G 696 13.34 11.56 -21.04
C HIS G 696 12.24 12.16 -21.90
N ASN G 697 12.58 13.14 -22.76
CA ASN G 697 11.58 13.71 -23.65
C ASN G 697 11.03 12.67 -24.61
N SER G 698 11.90 11.82 -25.16
CA SER G 698 11.44 10.79 -26.08
C SER G 698 10.49 9.82 -25.39
N ARG G 699 10.81 9.40 -24.17
CA ARG G 699 9.92 8.49 -23.45
C ARG G 699 8.58 9.14 -23.13
N ASP G 700 8.60 10.43 -22.77
CA ASP G 700 7.34 11.13 -22.50
C ASP G 700 6.46 11.18 -23.74
N PHE G 701 7.05 11.51 -24.89
CA PHE G 701 6.26 11.58 -26.12
C PHE G 701 5.74 10.19 -26.52
N GLY G 702 6.55 9.16 -26.35
CA GLY G 702 6.08 7.82 -26.64
C GLY G 702 4.92 7.40 -25.75
N GLN G 703 5.00 7.73 -24.46
CA GLN G 703 3.90 7.42 -23.56
C GLN G 703 2.63 8.17 -23.95
N LEU G 704 2.77 9.43 -24.35
CA LEU G 704 1.61 10.18 -24.82
C LEU G 704 0.98 9.53 -26.04
N ALA G 705 1.81 9.09 -26.99
CA ALA G 705 1.27 8.43 -28.17
C ALA G 705 0.53 7.15 -27.82
N VAL G 706 1.09 6.34 -26.91
CA VAL G 706 0.44 5.10 -26.51
C VAL G 706 -0.89 5.38 -25.83
N GLU G 707 -0.93 6.37 -24.93
CA GLU G 707 -2.18 6.69 -24.25
C GLU G 707 -3.24 7.18 -25.23
N LEU G 708 -2.85 8.01 -26.20
CA LEU G 708 -3.80 8.49 -27.18
C LEU G 708 -4.35 7.35 -28.03
N LEU G 709 -3.49 6.41 -28.43
CA LEU G 709 -3.96 5.26 -29.18
C LEU G 709 -4.93 4.41 -28.36
N ASP G 710 -4.62 4.21 -27.08
CA ASP G 710 -5.51 3.44 -26.22
C ASP G 710 -6.88 4.09 -26.11
N GLN G 711 -6.90 5.41 -25.93
CA GLN G 711 -8.18 6.11 -25.85
C GLN G 711 -8.95 5.99 -27.16
N SER G 712 -8.25 6.13 -28.30
CA SER G 712 -8.92 6.04 -29.59
C SER G 712 -9.52 4.66 -29.81
N TYR G 713 -8.78 3.60 -29.44
CA TYR G 713 -9.34 2.26 -29.60
C TYR G 713 -10.51 2.04 -28.65
N LYS G 714 -10.42 2.54 -27.42
CA LYS G 714 -11.50 2.34 -26.47
C LYS G 714 -12.74 3.14 -26.83
N GLN G 715 -12.62 4.16 -27.67
CA GLN G 715 -13.80 4.92 -28.07
C GLN G 715 -14.51 4.27 -29.25
N ASP G 716 -13.80 4.09 -30.37
CA ASP G 716 -14.39 3.47 -31.55
C ASP G 716 -13.32 2.69 -32.29
N GLU G 717 -13.57 1.39 -32.51
CA GLU G 717 -12.52 0.52 -33.03
C GLU G 717 -12.26 0.77 -34.51
N GLN G 718 -13.31 0.93 -35.31
CA GLN G 718 -13.14 1.03 -36.76
C GLN G 718 -12.40 2.32 -37.13
N LEU G 719 -12.80 3.45 -36.53
CA LEU G 719 -12.09 4.69 -36.79
C LEU G 719 -10.68 4.65 -36.22
N ALA G 720 -10.46 3.93 -35.13
CA ALA G 720 -9.09 3.77 -34.61
C ALA G 720 -8.22 3.02 -35.60
N MET G 721 -8.75 1.96 -36.21
CA MET G 721 -7.99 1.23 -37.23
C MET G 721 -7.75 2.12 -38.45
N LYS G 722 -8.75 2.89 -38.85
CA LYS G 722 -8.59 3.77 -40.01
C LYS G 722 -7.59 4.88 -39.73
N LEU G 723 -7.42 5.25 -38.46
CA LEU G 723 -6.53 6.35 -38.11
C LEU G 723 -5.06 5.94 -38.23
N LEU G 724 -4.75 4.66 -38.04
CA LEU G 724 -3.37 4.21 -38.00
C LEU G 724 -2.79 3.91 -39.37
N THR G 725 -3.58 4.01 -40.45
CA THR G 725 -3.12 3.54 -41.74
C THR G 725 -3.43 4.49 -42.89
N TYR G 726 -3.88 5.71 -42.62
CA TYR G 726 -4.13 6.65 -43.70
C TYR G 726 -2.87 7.43 -44.00
N GLU G 727 -2.65 7.72 -45.29
CA GLU G 727 -1.43 8.37 -45.72
C GLU G 727 -1.34 9.77 -45.15
N LEU G 728 -0.18 10.12 -44.61
CA LEU G 728 0.06 11.43 -44.01
C LEU G 728 0.76 12.30 -45.03
N LYS G 729 0.02 13.24 -45.61
CA LYS G 729 0.56 14.04 -46.70
C LYS G 729 1.61 15.04 -46.24
N ASN G 730 1.63 15.39 -44.95
CA ASN G 730 2.57 16.38 -44.45
C ASN G 730 3.86 15.78 -43.92
N TRP G 731 3.94 14.45 -43.81
CA TRP G 731 5.14 13.83 -43.25
C TRP G 731 5.77 12.88 -44.25
N SER G 732 5.91 13.32 -45.50
CA SER G 732 6.56 12.56 -46.57
C SER G 732 5.87 11.22 -46.83
N ASN G 733 4.54 11.21 -46.68
CA ASN G 733 3.70 10.07 -47.08
C ASN G 733 4.10 8.79 -46.35
N ALA G 734 3.92 8.80 -45.04
CA ALA G 734 4.18 7.63 -44.21
C ALA G 734 3.01 7.45 -43.24
N THR G 735 2.54 6.22 -43.09
CA THR G 735 1.47 5.96 -42.16
C THR G 735 1.99 6.00 -40.73
N CYS G 736 1.06 5.97 -39.77
CA CYS G 736 1.45 6.00 -38.37
C CYS G 736 2.23 4.75 -37.99
N LEU G 737 1.89 3.60 -38.57
CA LEU G 737 2.61 2.37 -38.27
C LEU G 737 4.07 2.46 -38.70
N GLN G 738 4.33 3.02 -39.89
CA GLN G 738 5.71 3.13 -40.34
C GLN G 738 6.51 4.08 -39.45
N LEU G 739 5.88 5.17 -39.02
CA LEU G 739 6.56 6.08 -38.10
C LEU G 739 6.85 5.41 -36.77
N ALA G 740 5.91 4.62 -36.25
CA ALA G 740 6.13 3.92 -35.00
C ALA G 740 7.24 2.88 -35.14
N VAL G 741 7.30 2.19 -36.28
CA VAL G 741 8.35 1.20 -36.50
C VAL G 741 9.71 1.88 -36.62
N ALA G 742 9.78 3.00 -37.32
CA ALA G 742 11.05 3.71 -37.48
C ALA G 742 11.58 4.23 -36.15
N ALA G 743 10.71 4.46 -35.17
CA ALA G 743 11.14 4.92 -33.86
C ALA G 743 11.37 3.77 -32.89
N LYS G 744 11.14 2.53 -33.31
CA LYS G 744 11.28 1.34 -32.46
C LYS G 744 10.45 1.48 -31.19
N HIS G 745 9.23 1.98 -31.34
CA HIS G 745 8.31 2.13 -30.21
C HIS G 745 7.59 0.79 -30.04
N ARG G 746 8.14 -0.05 -29.16
CA ARG G 746 7.60 -1.40 -29.01
C ARG G 746 6.22 -1.40 -28.38
N ASP G 747 5.94 -0.49 -27.45
CA ASP G 747 4.65 -0.48 -26.79
C ASP G 747 3.53 -0.08 -27.74
N PHE G 748 3.82 0.73 -28.74
CA PHE G 748 2.78 1.15 -29.68
C PHE G 748 2.36 0.00 -30.59
N ILE G 749 3.34 -0.71 -31.16
CA ILE G 749 3.02 -1.81 -32.06
C ILE G 749 2.36 -2.96 -31.30
N ALA G 750 2.81 -3.21 -30.08
CA ALA G 750 2.30 -4.33 -29.29
C ALA G 750 0.96 -4.04 -28.65
N HIS G 751 0.29 -2.95 -29.00
CA HIS G 751 -1.02 -2.67 -28.45
C HIS G 751 -2.07 -3.58 -29.08
N THR G 752 -3.22 -3.68 -28.41
CA THR G 752 -4.28 -4.56 -28.89
C THR G 752 -4.82 -4.13 -30.24
N CYS G 753 -5.05 -2.82 -30.41
CA CYS G 753 -5.60 -2.32 -31.67
C CYS G 753 -4.64 -2.55 -32.83
N SER G 754 -3.34 -2.29 -32.61
CA SER G 754 -2.36 -2.50 -33.65
C SER G 754 -2.24 -3.98 -34.01
N GLN G 755 -2.32 -4.85 -33.00
CA GLN G 755 -2.25 -6.29 -33.28
C GLN G 755 -3.48 -6.75 -34.04
N MET G 756 -4.65 -6.22 -33.72
CA MET G 756 -5.85 -6.58 -34.47
C MET G 756 -5.75 -6.09 -35.92
N LEU G 757 -5.21 -4.89 -36.12
CA LEU G 757 -5.00 -4.39 -37.47
C LEU G 757 -4.02 -5.27 -38.24
N LEU G 758 -2.94 -5.69 -37.59
CA LEU G 758 -1.97 -6.56 -38.25
C LEU G 758 -2.59 -7.91 -38.59
N THR G 759 -3.43 -8.45 -37.71
CA THR G 759 -4.11 -9.70 -38.01
C THR G 759 -5.03 -9.54 -39.22
N ASP G 760 -5.81 -8.45 -39.26
CA ASP G 760 -6.71 -8.24 -40.39
C ASP G 760 -5.95 -7.99 -41.68
N MET G 761 -4.75 -7.42 -41.60
CA MET G 761 -3.94 -7.23 -42.80
C MET G 761 -3.32 -8.55 -43.25
N TRP G 762 -2.91 -9.38 -42.30
CA TRP G 762 -2.24 -10.63 -42.63
C TRP G 762 -3.22 -11.65 -43.18
N MET G 763 -4.47 -11.65 -42.70
CA MET G 763 -5.46 -12.57 -43.21
C MET G 763 -5.80 -12.30 -44.68
N GLY G 764 -5.54 -11.09 -45.16
CA GLY G 764 -5.82 -10.78 -46.55
C GLY G 764 -7.29 -10.48 -46.77
N ARG G 765 -7.73 -10.70 -48.02
CA ARG G 765 -9.12 -10.47 -48.39
C ARG G 765 -10.01 -11.68 -48.13
N LEU G 766 -9.60 -12.58 -47.24
CA LEU G 766 -10.42 -13.72 -46.89
C LEU G 766 -11.26 -13.38 -45.66
N ARG G 767 -12.02 -14.38 -45.17
CA ARG G 767 -12.88 -14.15 -44.03
C ARG G 767 -12.87 -15.33 -43.05
N MET G 768 -11.85 -16.17 -43.10
CA MET G 768 -11.75 -17.32 -42.20
C MET G 768 -11.00 -16.89 -40.94
N ARG G 769 -11.69 -16.91 -39.81
CA ARG G 769 -11.09 -16.52 -38.54
C ARG G 769 -11.33 -17.52 -37.40
N LYS G 770 -12.34 -18.39 -37.51
CA LYS G 770 -12.58 -19.36 -36.47
C LYS G 770 -11.47 -20.40 -36.41
N ASN G 771 -11.09 -20.96 -37.56
CA ASN G 771 -10.05 -21.99 -37.62
C ASN G 771 -9.41 -21.90 -39.00
N SER G 772 -8.27 -21.23 -39.08
CA SER G 772 -7.52 -21.12 -40.32
C SER G 772 -6.50 -22.25 -40.40
N GLY G 773 -5.57 -22.15 -41.35
CA GLY G 773 -4.52 -23.14 -41.48
C GLY G 773 -4.95 -24.37 -42.23
N LEU G 774 -5.82 -25.19 -41.62
CA LEU G 774 -6.31 -26.39 -42.29
C LEU G 774 -7.11 -26.03 -43.53
N LYS G 775 -7.93 -24.99 -43.46
CA LYS G 775 -8.68 -24.55 -44.63
C LYS G 775 -7.74 -24.08 -45.73
N VAL G 776 -6.70 -23.33 -45.37
CA VAL G 776 -5.76 -22.85 -46.37
C VAL G 776 -4.95 -24.00 -46.95
N ILE G 777 -4.57 -24.97 -46.12
CA ILE G 777 -3.85 -26.13 -46.61
C ILE G 777 -4.69 -26.92 -47.60
N LEU G 778 -5.98 -27.13 -47.27
CA LEU G 778 -6.86 -27.83 -48.19
C LEU G 778 -7.08 -27.03 -49.46
N GLY G 779 -7.15 -25.71 -49.36
CA GLY G 779 -7.33 -24.88 -50.54
C GLY G 779 -6.13 -24.86 -51.45
N ILE G 780 -4.94 -25.01 -50.88
CA ILE G 780 -3.73 -24.96 -51.71
C ILE G 780 -3.33 -26.33 -52.24
N LEU G 781 -3.59 -27.42 -51.49
CA LEU G 781 -3.28 -28.75 -52.00
C LEU G 781 -4.29 -29.19 -53.06
N LEU G 782 -5.57 -28.92 -52.83
CA LEU G 782 -6.62 -29.19 -53.82
C LEU G 782 -6.92 -27.90 -54.56
N PRO G 783 -6.70 -27.83 -55.88
CA PRO G 783 -7.04 -26.62 -56.63
C PRO G 783 -8.52 -26.25 -56.53
N PRO G 784 -9.47 -27.24 -56.46
CA PRO G 784 -10.85 -26.84 -56.12
C PRO G 784 -11.02 -26.48 -54.66
N SER G 785 -12.26 -26.23 -54.26
CA SER G 785 -12.66 -25.86 -52.90
C SER G 785 -12.17 -24.47 -52.50
N ILE G 786 -11.41 -23.82 -53.38
CA ILE G 786 -11.06 -22.42 -53.16
C ILE G 786 -12.28 -21.54 -53.35
N LEU G 787 -13.11 -21.87 -54.35
CA LEU G 787 -14.30 -21.08 -54.63
C LEU G 787 -15.30 -21.15 -53.48
N SER G 788 -15.34 -22.27 -52.77
CA SER G 788 -16.23 -22.43 -51.63
C SER G 788 -15.66 -21.83 -50.34
N LEU G 789 -15.22 -20.56 -50.40
CA LEU G 789 -14.71 -19.85 -49.25
C LEU G 789 -15.26 -18.43 -49.27
N GLU G 790 -15.73 -17.97 -48.11
CA GLU G 790 -16.27 -16.62 -48.03
C GLU G 790 -15.15 -15.60 -48.14
N PHE G 791 -15.48 -14.46 -48.74
CA PHE G 791 -14.54 -13.37 -48.96
C PHE G 791 -15.06 -12.11 -48.27
N LYS G 792 -14.29 -11.04 -48.37
CA LYS G 792 -14.62 -9.77 -47.76
C LYS G 792 -15.09 -8.80 -48.84
N ASN G 793 -16.19 -8.10 -48.56
CA ASN G 793 -16.80 -7.18 -49.53
C ASN G 793 -15.89 -5.99 -49.82
N GLY G 860 -12.46 -16.57 -61.35
CA GLY G 860 -11.47 -15.82 -62.10
C GLY G 860 -10.79 -14.75 -61.26
N ARG G 861 -11.60 -13.88 -60.65
CA ARG G 861 -11.10 -12.85 -59.75
C ARG G 861 -11.10 -13.29 -58.30
N LYS G 862 -11.61 -14.48 -57.99
CA LYS G 862 -11.52 -15.04 -56.64
C LYS G 862 -10.30 -15.92 -56.45
N ILE G 863 -9.50 -16.12 -57.49
CA ILE G 863 -8.25 -16.85 -57.39
C ILE G 863 -7.07 -15.91 -57.21
N TYR G 864 -7.07 -14.78 -57.94
CA TYR G 864 -6.01 -13.79 -57.79
C TYR G 864 -6.01 -13.20 -56.38
N GLU G 865 -7.18 -13.06 -55.77
CA GLU G 865 -7.24 -12.55 -54.41
C GLU G 865 -6.81 -13.60 -53.39
N PHE G 866 -7.14 -14.86 -53.63
CA PHE G 866 -6.74 -15.90 -52.69
C PHE G 866 -5.24 -16.15 -52.74
N TYR G 867 -4.66 -16.21 -53.94
CA TYR G 867 -3.24 -16.49 -54.06
C TYR G 867 -2.36 -15.28 -53.80
N ASN G 868 -2.93 -14.16 -53.35
CA ASN G 868 -2.15 -12.99 -52.98
C ASN G 868 -2.29 -12.63 -51.50
N ALA G 869 -3.11 -13.35 -50.75
CA ALA G 869 -3.14 -13.13 -49.31
C ALA G 869 -1.81 -13.59 -48.71
N PRO G 870 -1.23 -12.80 -47.78
CA PRO G 870 0.07 -13.16 -47.23
C PRO G 870 0.11 -14.52 -46.54
N ILE G 871 -0.99 -14.93 -45.91
CA ILE G 871 -1.00 -16.22 -45.23
C ILE G 871 -0.88 -17.36 -46.23
N VAL G 872 -1.46 -17.19 -47.42
CA VAL G 872 -1.36 -18.22 -48.44
C VAL G 872 0.06 -18.29 -48.99
N LYS G 873 0.72 -17.15 -49.17
CA LYS G 873 2.12 -17.17 -49.56
C LYS G 873 2.97 -17.86 -48.50
N PHE G 874 2.68 -17.59 -47.22
CA PHE G 874 3.44 -18.22 -46.15
C PHE G 874 3.27 -19.72 -46.15
N TRP G 875 2.04 -20.20 -46.34
CA TRP G 875 1.84 -21.65 -46.34
C TRP G 875 2.42 -22.30 -47.59
N PHE G 876 2.38 -21.62 -48.73
CA PHE G 876 3.05 -22.13 -49.92
C PHE G 876 4.54 -22.28 -49.68
N TYR G 877 5.15 -21.26 -49.08
CA TYR G 877 6.59 -21.31 -48.80
C TYR G 877 6.91 -22.41 -47.80
N THR G 878 6.08 -22.57 -46.77
CA THR G 878 6.32 -23.62 -45.78
C THR G 878 6.22 -25.01 -46.40
N LEU G 879 5.22 -25.24 -47.23
CA LEU G 879 5.11 -26.55 -47.88
C LEU G 879 6.27 -26.80 -48.81
N ALA G 880 6.72 -25.77 -49.54
CA ALA G 880 7.89 -25.93 -50.39
C ALA G 880 9.13 -26.26 -49.57
N TYR G 881 9.31 -25.60 -48.42
CA TYR G 881 10.47 -25.88 -47.59
C TYR G 881 10.43 -27.30 -47.04
N ILE G 882 9.26 -27.76 -46.62
CA ILE G 882 9.13 -29.13 -46.12
C ILE G 882 9.45 -30.14 -47.21
N GLY G 883 8.96 -29.90 -48.43
CA GLY G 883 9.30 -30.78 -49.54
C GLY G 883 10.79 -30.77 -49.84
N TYR G 884 11.41 -29.59 -49.81
CA TYR G 884 12.83 -29.50 -50.06
C TYR G 884 13.64 -30.26 -49.00
N LEU G 885 13.22 -30.16 -47.74
CA LEU G 885 13.92 -30.90 -46.69
C LEU G 885 13.71 -32.40 -46.85
N MET G 886 12.52 -32.82 -47.26
CA MET G 886 12.29 -34.23 -47.51
C MET G 886 13.18 -34.75 -48.63
N LEU G 887 13.40 -33.93 -49.66
CA LEU G 887 14.30 -34.34 -50.73
C LEU G 887 15.75 -34.34 -50.27
N PHE G 888 16.12 -33.39 -49.42
CA PHE G 888 17.49 -33.32 -48.94
C PHE G 888 17.83 -34.52 -48.05
N ASN G 889 16.87 -34.96 -47.22
CA ASN G 889 17.13 -36.09 -46.35
C ASN G 889 17.14 -37.42 -47.08
N TYR G 890 16.93 -37.45 -48.39
CA TYR G 890 16.97 -38.68 -49.14
C TYR G 890 18.27 -38.89 -49.89
N ILE G 891 18.95 -37.82 -50.30
CA ILE G 891 20.15 -37.97 -51.12
C ILE G 891 21.42 -38.16 -50.30
N VAL G 892 21.35 -38.04 -48.98
CA VAL G 892 22.53 -38.21 -48.15
C VAL G 892 22.51 -39.57 -47.48
N LEU G 893 21.31 -40.08 -47.17
CA LEU G 893 21.21 -41.39 -46.54
C LEU G 893 21.55 -42.50 -47.52
N VAL G 894 20.98 -42.46 -48.73
CA VAL G 894 21.20 -43.49 -49.72
C VAL G 894 22.54 -43.27 -50.40
N LYS G 895 23.00 -44.24 -51.17
CA LYS G 895 24.28 -44.13 -51.84
C LYS G 895 24.25 -43.04 -52.90
N MET G 896 25.42 -42.47 -53.17
CA MET G 896 25.57 -41.40 -54.14
C MET G 896 26.38 -41.90 -55.32
N GLU G 897 26.01 -41.47 -56.52
CA GLU G 897 26.60 -41.98 -57.74
C GLU G 897 27.47 -40.91 -58.40
N ARG G 898 28.09 -41.28 -59.53
CA ARG G 898 29.00 -40.38 -60.21
C ARG G 898 28.28 -39.14 -60.71
N TRP G 899 27.10 -39.31 -61.28
CA TRP G 899 26.33 -38.15 -61.68
C TRP G 899 25.12 -37.97 -60.77
N PRO G 900 24.73 -36.74 -60.48
CA PRO G 900 23.62 -36.51 -59.55
C PRO G 900 22.31 -37.08 -60.07
N SER G 901 21.49 -37.55 -59.14
CA SER G 901 20.17 -38.05 -59.48
C SER G 901 19.18 -36.90 -59.62
N THR G 902 17.92 -37.24 -59.85
CA THR G 902 16.90 -36.20 -60.04
C THR G 902 16.71 -35.37 -58.78
N GLN G 903 16.70 -36.02 -57.62
CA GLN G 903 16.47 -35.30 -56.37
C GLN G 903 17.59 -34.32 -56.09
N GLU G 904 18.83 -34.70 -56.39
CA GLU G 904 19.96 -33.79 -56.21
C GLU G 904 19.81 -32.58 -57.12
N TRP G 905 19.35 -32.78 -58.35
CA TRP G 905 19.12 -31.65 -59.26
C TRP G 905 18.03 -30.74 -58.72
N ILE G 906 16.97 -31.32 -58.15
CA ILE G 906 15.90 -30.49 -57.58
C ILE G 906 16.43 -29.66 -56.42
N VAL G 907 17.24 -30.27 -55.55
CA VAL G 907 17.80 -29.53 -54.42
C VAL G 907 18.71 -28.41 -54.90
N ILE G 908 19.57 -28.70 -55.88
CA ILE G 908 20.47 -27.69 -56.40
C ILE G 908 19.70 -26.55 -57.04
N SER G 909 18.65 -26.86 -57.80
CA SER G 909 17.83 -25.82 -58.39
C SER G 909 17.16 -24.97 -57.32
N TYR G 910 16.68 -25.61 -56.25
CA TYR G 910 16.06 -24.85 -55.16
C TYR G 910 17.04 -23.88 -54.53
N ILE G 911 18.26 -24.33 -54.26
CA ILE G 911 19.24 -23.45 -53.63
C ILE G 911 19.66 -22.34 -54.58
N PHE G 912 19.78 -22.64 -55.87
CA PHE G 912 20.11 -21.60 -56.85
C PHE G 912 19.03 -20.53 -56.93
N THR G 913 17.76 -20.95 -56.97
CA THR G 913 16.67 -19.98 -57.01
C THR G 913 16.61 -19.18 -55.73
N LEU G 914 16.87 -19.81 -54.59
CA LEU G 914 16.91 -19.08 -53.33
C LEU G 914 18.02 -18.04 -53.34
N GLY G 915 19.17 -18.39 -53.92
CA GLY G 915 20.27 -17.43 -54.00
C GLY G 915 19.93 -16.23 -54.87
N ILE G 916 19.34 -16.48 -56.04
CA ILE G 916 18.99 -15.33 -56.89
C ILE G 916 17.85 -14.53 -56.25
N GLU G 917 16.98 -15.16 -55.45
CA GLU G 917 15.97 -14.41 -54.72
C GLU G 917 16.61 -13.52 -53.66
N LYS G 918 17.64 -14.02 -52.97
CA LYS G 918 18.36 -13.19 -52.02
C LYS G 918 19.03 -12.01 -52.71
N MET G 919 19.61 -12.25 -53.89
CA MET G 919 20.22 -11.16 -54.65
C MET G 919 19.19 -10.12 -55.04
N ARG G 920 18.02 -10.57 -55.49
CA ARG G 920 16.94 -9.64 -55.84
C ARG G 920 16.50 -8.84 -54.62
N GLU G 921 16.41 -9.50 -53.45
CA GLU G 921 16.04 -8.80 -52.23
C GLU G 921 17.07 -7.73 -51.87
N ILE G 922 18.35 -8.04 -52.02
CA ILE G 922 19.41 -7.07 -51.74
C ILE G 922 19.27 -5.87 -52.68
N LEU G 923 19.09 -6.14 -53.97
CA LEU G 923 19.06 -5.05 -54.95
C LEU G 923 17.76 -4.28 -54.94
N MET G 924 16.73 -4.73 -54.22
CA MET G 924 15.48 -4.00 -54.08
C MET G 924 15.36 -3.34 -52.71
N SER G 925 16.47 -2.95 -52.11
CA SER G 925 16.47 -2.41 -50.76
C SER G 925 16.03 -0.94 -50.78
N GLU G 926 16.07 -0.32 -49.60
CA GLU G 926 15.66 1.08 -49.45
C GLU G 926 16.73 2.08 -49.88
N PRO G 927 18.02 1.96 -49.43
CA PRO G 927 19.01 2.97 -49.84
C PRO G 927 19.37 2.89 -51.31
N GLY G 928 20.28 3.76 -51.75
CA GLY G 928 20.68 3.81 -53.14
C GLY G 928 22.14 3.49 -53.37
N LYS G 929 22.86 3.16 -52.30
CA LYS G 929 24.27 2.80 -52.38
C LYS G 929 24.44 1.30 -52.19
N LEU G 930 25.26 0.69 -53.05
CA LEU G 930 25.46 -0.75 -52.97
C LEU G 930 26.08 -1.17 -51.64
N LEU G 931 27.06 -0.41 -51.16
CA LEU G 931 27.68 -0.73 -49.88
C LEU G 931 26.84 -0.27 -48.69
N GLN G 932 25.75 0.47 -48.93
CA GLN G 932 24.81 0.84 -47.87
C GLN G 932 23.62 -0.10 -47.79
N LYS G 933 23.14 -0.58 -48.94
CA LYS G 933 22.07 -1.58 -48.92
C LYS G 933 22.55 -2.90 -48.33
N VAL G 934 23.78 -3.28 -48.64
CA VAL G 934 24.34 -4.52 -48.10
C VAL G 934 24.49 -4.44 -46.59
N LYS G 935 24.98 -3.30 -46.09
CA LYS G 935 25.22 -3.19 -44.65
C LYS G 935 23.92 -3.05 -43.87
N VAL G 936 22.82 -2.70 -44.52
CA VAL G 936 21.53 -2.69 -43.83
C VAL G 936 20.78 -4.00 -44.02
N TRP G 937 21.12 -4.78 -45.06
CA TRP G 937 20.56 -6.11 -45.19
C TRP G 937 21.26 -7.11 -44.28
N LEU G 938 22.53 -6.87 -43.96
CA LEU G 938 23.26 -7.70 -43.01
C LEU G 938 23.04 -7.24 -41.57
N GLN G 939 21.79 -7.03 -41.19
CA GLN G 939 21.44 -6.64 -39.84
C GLN G 939 20.67 -7.70 -39.08
N GLU G 940 20.02 -8.63 -39.79
CA GLU G 940 19.40 -9.80 -39.19
C GLU G 940 20.30 -11.00 -39.42
N TYR G 941 20.57 -11.74 -38.35
CA TYR G 941 21.52 -12.84 -38.44
C TYR G 941 21.06 -13.96 -39.35
N TRP G 942 19.76 -14.08 -39.59
CA TRP G 942 19.26 -15.12 -40.49
C TRP G 942 19.79 -14.93 -41.91
N ASN G 943 19.85 -13.68 -42.38
CA ASN G 943 20.37 -13.43 -43.72
C ASN G 943 21.84 -13.80 -43.83
N VAL G 944 22.63 -13.44 -42.82
CA VAL G 944 24.06 -13.77 -42.84
C VAL G 944 24.26 -15.27 -42.82
N THR G 945 23.52 -15.99 -41.97
CA THR G 945 23.66 -17.44 -41.90
C THR G 945 23.20 -18.10 -43.19
N ASP G 946 22.13 -17.57 -43.81
CA ASP G 946 21.70 -18.11 -45.10
C ASP G 946 22.76 -17.93 -46.17
N LEU G 947 23.41 -16.75 -46.19
CA LEU G 947 24.47 -16.52 -47.15
C LEU G 947 25.64 -17.48 -46.92
N ILE G 948 26.02 -17.68 -45.67
CA ILE G 948 27.11 -18.61 -45.36
C ILE G 948 26.75 -20.02 -45.80
N ALA G 949 25.52 -20.45 -45.53
CA ALA G 949 25.10 -21.81 -45.90
C ALA G 949 25.07 -21.98 -47.42
N ILE G 950 24.58 -20.98 -48.15
CA ILE G 950 24.54 -21.09 -49.60
C ILE G 950 25.95 -21.17 -50.16
N LEU G 951 26.87 -20.34 -49.65
CA LEU G 951 28.25 -20.40 -50.13
C LEU G 951 28.88 -21.74 -49.82
N LEU G 952 28.67 -22.27 -48.62
CA LEU G 952 29.26 -23.55 -48.25
C LEU G 952 28.69 -24.68 -49.09
N PHE G 953 27.38 -24.64 -49.37
CA PHE G 953 26.80 -25.66 -50.24
C PHE G 953 27.35 -25.56 -51.66
N SER G 954 27.58 -24.33 -52.14
CA SER G 954 28.17 -24.17 -53.46
C SER G 954 29.57 -24.75 -53.52
N VAL G 955 30.37 -24.53 -52.47
CA VAL G 955 31.70 -25.12 -52.40
C VAL G 955 31.60 -26.65 -52.39
N GLY G 956 30.67 -27.18 -51.60
CA GLY G 956 30.52 -28.63 -51.54
C GLY G 956 30.09 -29.23 -52.86
N MET G 957 29.17 -28.56 -53.56
CA MET G 957 28.70 -29.06 -54.85
C MET G 957 29.81 -29.00 -55.90
N ILE G 958 30.61 -27.94 -55.88
CA ILE G 958 31.75 -27.85 -56.80
C ILE G 958 32.74 -28.98 -56.50
N LEU G 959 33.03 -29.23 -55.23
CA LEU G 959 33.93 -30.33 -54.88
C LEU G 959 33.28 -31.69 -55.11
N ARG G 960 31.97 -31.75 -55.28
CA ARG G 960 31.30 -33.05 -55.41
C ARG G 960 31.50 -33.65 -56.79
N LEU G 961 31.54 -32.82 -57.83
CA LEU G 961 31.62 -33.30 -59.22
C LEU G 961 33.08 -33.54 -59.63
N GLN G 962 33.76 -34.38 -58.88
CA GLN G 962 35.18 -34.66 -59.10
C GLN G 962 35.40 -36.15 -58.90
N ASP G 963 36.67 -36.54 -58.72
CA ASP G 963 37.03 -37.94 -58.53
C ASP G 963 36.66 -38.38 -57.11
N GLN G 964 37.10 -39.58 -56.72
CA GLN G 964 36.62 -40.22 -55.51
C GLN G 964 36.93 -39.45 -54.22
N PRO G 965 38.16 -39.00 -53.94
CA PRO G 965 38.38 -38.30 -52.66
C PRO G 965 37.65 -36.98 -52.56
N PHE G 966 37.66 -36.18 -53.63
CA PHE G 966 36.91 -34.93 -53.60
C PHE G 966 35.41 -35.17 -53.55
N ARG G 967 34.94 -36.27 -54.15
CA ARG G 967 33.52 -36.62 -54.04
C ARG G 967 33.16 -36.96 -52.60
N SER G 968 34.03 -37.69 -51.91
CA SER G 968 33.79 -37.99 -50.50
C SER G 968 33.78 -36.72 -49.67
N ASP G 969 34.70 -35.79 -49.95
CA ASP G 969 34.72 -34.54 -49.20
C ASP G 969 33.46 -33.71 -49.47
N GLY G 970 33.00 -33.70 -50.72
CA GLY G 970 31.75 -33.00 -51.02
C GLY G 970 30.56 -33.61 -50.32
N ARG G 971 30.53 -34.95 -50.23
CA ARG G 971 29.47 -35.60 -49.47
C ARG G 971 29.52 -35.20 -48.01
N VAL G 972 30.73 -35.11 -47.44
CA VAL G 972 30.87 -34.68 -46.04
C VAL G 972 30.38 -33.25 -45.88
N ILE G 973 30.66 -32.38 -46.86
CA ILE G 973 30.18 -31.00 -46.78
C ILE G 973 28.66 -30.97 -46.81
N TYR G 974 28.04 -31.81 -47.65
CA TYR G 974 26.58 -31.91 -47.66
C TYR G 974 26.04 -32.35 -46.30
N CYS G 975 26.68 -33.36 -45.70
CA CYS G 975 26.22 -33.87 -44.42
C CYS G 975 26.34 -32.84 -43.31
N VAL G 976 27.41 -32.04 -43.32
CA VAL G 976 27.52 -30.97 -42.34
C VAL G 976 26.52 -29.86 -42.63
N ASN G 977 26.24 -29.61 -43.91
CA ASN G 977 25.37 -28.50 -44.28
C ASN G 977 23.91 -28.77 -43.95
N ILE G 978 23.48 -30.04 -43.95
CA ILE G 978 22.08 -30.34 -43.70
C ILE G 978 21.63 -29.90 -42.31
N ILE G 979 22.57 -29.77 -41.37
CA ILE G 979 22.22 -29.39 -40.01
C ILE G 979 21.62 -27.99 -39.97
N TYR G 980 22.20 -27.06 -40.74
CA TYR G 980 21.67 -25.69 -40.72
C TYR G 980 20.27 -25.63 -41.31
N TRP G 981 20.02 -26.35 -42.40
CA TRP G 981 18.69 -26.32 -42.99
C TRP G 981 17.68 -27.01 -42.10
N TYR G 982 18.13 -27.96 -41.27
CA TYR G 982 17.23 -28.50 -40.26
C TYR G 982 16.93 -27.49 -39.16
N ILE G 983 17.95 -26.77 -38.70
CA ILE G 983 17.77 -25.81 -37.63
C ILE G 983 16.90 -24.64 -38.07
N ARG G 984 16.98 -24.25 -39.34
CA ARG G 984 16.25 -23.09 -39.83
C ARG G 984 14.73 -23.26 -39.77
N LEU G 985 14.24 -24.44 -39.41
CA LEU G 985 12.80 -24.62 -39.24
C LEU G 985 12.25 -23.84 -38.06
N LEU G 986 13.11 -23.38 -37.14
CA LEU G 986 12.63 -22.55 -36.04
C LEU G 986 12.14 -21.20 -36.55
N ASP G 987 12.73 -20.70 -37.63
CA ASP G 987 12.24 -19.48 -38.25
C ASP G 987 10.83 -19.67 -38.81
N ILE G 988 10.53 -20.87 -39.31
CA ILE G 988 9.17 -21.18 -39.72
C ILE G 988 8.25 -21.31 -38.52
N PHE G 989 8.72 -21.97 -37.46
CA PHE G 989 7.93 -22.11 -36.24
C PHE G 989 7.61 -20.78 -35.60
N GLY G 990 8.41 -19.74 -35.85
CA GLY G 990 8.20 -18.45 -35.21
C GLY G 990 6.88 -17.79 -35.53
N VAL G 991 6.14 -18.27 -36.55
CA VAL G 991 4.86 -17.66 -36.86
C VAL G 991 3.80 -17.98 -35.81
N ASN G 992 4.01 -19.01 -34.99
CA ASN G 992 3.01 -19.41 -34.02
C ASN G 992 2.94 -18.40 -32.88
N LYS G 993 1.80 -18.39 -32.20
CA LYS G 993 1.59 -17.47 -31.08
C LYS G 993 2.23 -17.97 -29.79
N TYR G 994 2.71 -19.21 -29.75
CA TYR G 994 3.29 -19.77 -28.54
C TYR G 994 4.69 -20.31 -28.71
N LEU G 995 5.18 -20.48 -29.94
CA LEU G 995 6.52 -21.02 -30.16
C LEU G 995 7.59 -19.96 -30.35
N GLY G 996 7.25 -18.81 -30.91
CA GLY G 996 8.21 -17.75 -31.12
C GLY G 996 8.83 -17.22 -29.85
N PRO G 997 8.00 -16.91 -28.83
CA PRO G 997 8.56 -16.50 -27.54
C PRO G 997 9.51 -17.53 -26.94
N TYR G 998 9.23 -18.82 -27.08
CA TYR G 998 10.14 -19.82 -26.52
C TYR G 998 11.45 -19.85 -27.29
N VAL G 999 11.40 -19.63 -28.61
CA VAL G 999 12.64 -19.55 -29.38
C VAL G 999 13.48 -18.37 -28.92
N MET G 1000 12.85 -17.22 -28.69
CA MET G 1000 13.60 -16.06 -28.22
C MET G 1000 14.14 -16.28 -26.80
N MET G 1001 13.38 -16.99 -25.96
CA MET G 1001 13.88 -17.33 -24.64
C MET G 1001 15.12 -18.21 -24.73
N ILE G 1002 15.12 -19.17 -25.65
CA ILE G 1002 16.30 -19.99 -25.88
C ILE G 1002 17.47 -19.11 -26.32
N GLY G 1003 17.20 -18.15 -27.21
CA GLY G 1003 18.24 -17.26 -27.68
C GLY G 1003 18.90 -16.47 -26.57
N LYS G 1004 18.10 -16.01 -25.60
CA LYS G 1004 18.69 -15.27 -24.48
C LYS G 1004 19.37 -16.19 -23.47
N MET G 1005 18.80 -17.37 -23.24
CA MET G 1005 19.41 -18.29 -22.27
C MET G 1005 20.73 -18.85 -22.77
N MET G 1006 20.97 -18.86 -24.08
CA MET G 1006 22.30 -19.26 -24.56
C MET G 1006 23.37 -18.28 -24.08
N ILE G 1007 23.08 -16.98 -24.13
CA ILE G 1007 24.00 -15.98 -23.59
C ILE G 1007 24.13 -16.16 -22.09
N ASP G 1008 23.02 -16.43 -21.40
CA ASP G 1008 23.10 -16.70 -19.96
C ASP G 1008 23.90 -17.95 -19.62
N MET G 1009 24.03 -18.90 -20.55
CA MET G 1009 24.68 -20.17 -20.30
C MET G 1009 26.15 -20.20 -20.71
N MET G 1010 26.57 -19.30 -21.60
CA MET G 1010 27.95 -19.30 -22.08
C MET G 1010 28.96 -19.23 -20.93
N TYR G 1011 28.69 -18.41 -19.91
CA TYR G 1011 29.62 -18.23 -18.81
C TYR G 1011 29.83 -19.52 -18.02
N PHE G 1012 28.73 -20.21 -17.69
CA PHE G 1012 28.86 -21.46 -16.97
C PHE G 1012 29.49 -22.53 -17.84
N VAL G 1013 29.30 -22.46 -19.16
CA VAL G 1013 30.05 -23.34 -20.05
C VAL G 1013 31.55 -23.09 -19.90
N ILE G 1014 31.95 -21.82 -19.81
CA ILE G 1014 33.38 -21.50 -19.66
C ILE G 1014 33.93 -22.06 -18.36
N ILE G 1015 33.19 -21.88 -17.26
CA ILE G 1015 33.68 -22.33 -15.95
C ILE G 1015 33.80 -23.86 -15.93
N MET G 1016 32.75 -24.54 -16.42
CA MET G 1016 32.81 -26.00 -16.46
C MET G 1016 33.92 -26.48 -17.37
N LEU G 1017 34.22 -25.74 -18.44
CA LEU G 1017 35.32 -26.11 -19.32
C LEU G 1017 36.66 -26.00 -18.60
N VAL G 1018 36.82 -24.97 -17.76
CA VAL G 1018 38.05 -24.84 -16.97
C VAL G 1018 38.22 -26.04 -16.05
N VAL G 1019 37.16 -26.40 -15.33
CA VAL G 1019 37.26 -27.54 -14.39
C VAL G 1019 37.53 -28.83 -15.15
N LEU G 1020 36.86 -29.02 -16.29
CA LEU G 1020 37.03 -30.22 -17.10
C LEU G 1020 38.45 -30.35 -17.60
N MET G 1021 39.04 -29.25 -18.09
CA MET G 1021 40.42 -29.30 -18.55
C MET G 1021 41.36 -29.65 -17.41
N SER G 1022 41.11 -29.09 -16.22
CA SER G 1022 41.95 -29.41 -15.07
C SER G 1022 41.94 -30.90 -14.78
N PHE G 1023 40.75 -31.49 -14.65
CA PHE G 1023 40.68 -32.91 -14.31
C PHE G 1023 41.26 -33.78 -15.42
N GLY G 1024 40.98 -33.44 -16.67
CA GLY G 1024 41.50 -34.23 -17.78
C GLY G 1024 43.02 -34.24 -17.81
N VAL G 1025 43.63 -33.07 -17.64
CA VAL G 1025 45.09 -33.00 -17.65
C VAL G 1025 45.66 -33.79 -16.47
N ALA G 1026 45.04 -33.69 -15.30
CA ALA G 1026 45.54 -34.43 -14.14
C ALA G 1026 45.51 -35.94 -14.39
N ARG G 1027 44.37 -36.45 -14.86
CA ARG G 1027 44.26 -37.89 -15.10
C ARG G 1027 45.23 -38.35 -16.18
N GLN G 1028 45.31 -37.61 -17.30
CA GLN G 1028 46.17 -38.02 -18.40
C GLN G 1028 47.63 -37.99 -17.99
N ALA G 1029 48.03 -37.05 -17.14
CA ALA G 1029 49.42 -37.01 -16.70
C ALA G 1029 49.72 -38.10 -15.70
N ILE G 1030 48.79 -38.40 -14.79
CA ILE G 1030 49.05 -39.40 -13.76
C ILE G 1030 49.11 -40.80 -14.38
N LEU G 1031 48.15 -41.14 -15.23
CA LEU G 1031 48.02 -42.53 -15.67
C LEU G 1031 49.10 -42.91 -16.67
N PHE G 1032 49.42 -42.05 -17.63
CA PHE G 1032 50.34 -42.38 -18.71
C PHE G 1032 51.59 -41.52 -18.61
N PRO G 1033 52.67 -42.01 -17.99
CA PRO G 1033 53.88 -41.19 -17.81
C PRO G 1033 54.97 -41.41 -18.85
N ASN G 1034 54.73 -42.16 -19.91
CA ASN G 1034 55.74 -42.43 -20.94
C ASN G 1034 55.17 -42.21 -22.33
N GLU G 1035 54.51 -41.07 -22.52
CA GLU G 1035 53.87 -40.74 -23.78
C GLU G 1035 54.79 -39.85 -24.61
N GLU G 1036 55.02 -40.26 -25.86
CA GLU G 1036 55.70 -39.39 -26.80
C GLU G 1036 54.78 -38.23 -27.19
N PRO G 1037 55.34 -37.05 -27.45
CA PRO G 1037 54.48 -35.90 -27.81
C PRO G 1037 53.75 -36.12 -29.12
N SER G 1038 52.42 -36.25 -29.05
CA SER G 1038 51.60 -36.52 -30.21
C SER G 1038 50.29 -35.75 -30.09
N TRP G 1039 49.66 -35.51 -31.24
CA TRP G 1039 48.40 -34.77 -31.26
C TRP G 1039 47.27 -35.52 -30.55
N LYS G 1040 47.43 -36.83 -30.31
CA LYS G 1040 46.42 -37.57 -29.58
C LYS G 1040 46.36 -37.17 -28.11
N LEU G 1041 47.38 -36.49 -27.59
CA LEU G 1041 47.35 -36.02 -26.21
C LEU G 1041 46.30 -34.95 -26.01
N ALA G 1042 45.96 -34.20 -27.06
CA ALA G 1042 44.93 -33.18 -26.95
C ALA G 1042 43.53 -33.75 -27.03
N LYS G 1043 43.39 -35.05 -27.28
CA LYS G 1043 42.09 -35.69 -27.37
C LYS G 1043 41.67 -36.34 -26.05
N ASN G 1044 42.61 -36.99 -25.35
CA ASN G 1044 42.27 -37.64 -24.09
C ASN G 1044 41.95 -36.63 -22.98
N ILE G 1045 42.36 -35.37 -23.13
CA ILE G 1045 42.05 -34.37 -22.13
C ILE G 1045 40.56 -34.02 -22.15
N PHE G 1046 39.98 -33.92 -23.35
CA PHE G 1046 38.62 -33.42 -23.51
C PHE G 1046 37.58 -34.52 -23.70
N TYR G 1047 37.97 -35.67 -24.25
CA TYR G 1047 37.04 -36.75 -24.55
C TYR G 1047 36.38 -37.33 -23.30
N MET G 1048 37.18 -38.01 -22.48
CA MET G 1048 36.62 -38.76 -21.35
C MET G 1048 36.01 -37.86 -20.29
N PRO G 1049 36.64 -36.76 -19.84
CA PRO G 1049 35.96 -35.91 -18.85
C PRO G 1049 34.66 -35.31 -19.36
N TYR G 1050 34.53 -35.06 -20.66
CA TYR G 1050 33.26 -34.54 -21.15
C TYR G 1050 32.20 -35.62 -21.19
N TRP G 1051 32.55 -36.82 -21.65
CA TRP G 1051 31.54 -37.87 -21.64
C TRP G 1051 31.23 -38.37 -20.24
N MET G 1052 32.05 -38.03 -19.25
CA MET G 1052 31.83 -38.57 -17.91
C MET G 1052 30.64 -37.91 -17.21
N ILE G 1053 30.32 -36.67 -17.54
CA ILE G 1053 29.27 -35.96 -16.81
C ILE G 1053 27.93 -36.11 -17.50
N TYR G 1054 27.84 -37.02 -18.48
CA TYR G 1054 26.59 -37.29 -19.17
C TYR G 1054 26.16 -38.73 -19.01
N GLY G 1055 26.56 -39.37 -17.91
CA GLY G 1055 26.10 -40.70 -17.60
C GLY G 1055 27.04 -41.84 -17.94
N GLU G 1056 28.26 -41.55 -18.37
CA GLU G 1056 29.24 -42.58 -18.67
C GLU G 1056 30.40 -42.45 -17.66
N VAL G 1057 30.28 -43.15 -16.54
CA VAL G 1057 31.25 -43.05 -15.45
C VAL G 1057 31.93 -44.40 -15.28
N PHE G 1058 32.17 -45.08 -16.40
CA PHE G 1058 32.67 -46.46 -16.38
C PHE G 1058 33.93 -46.58 -15.55
N ALA G 1059 33.94 -47.57 -14.65
CA ALA G 1059 35.00 -47.71 -13.67
C ALA G 1059 36.23 -48.42 -14.21
N ASP G 1060 36.22 -48.86 -15.47
CA ASP G 1060 37.38 -49.51 -16.06
C ASP G 1060 38.19 -48.57 -16.95
N GLN G 1061 37.53 -47.65 -17.65
CA GLN G 1061 38.27 -46.68 -18.46
C GLN G 1061 39.01 -45.66 -17.61
N ILE G 1062 38.60 -45.48 -16.36
CA ILE G 1062 39.27 -44.59 -15.43
C ILE G 1062 39.60 -45.39 -14.18
N ASP G 1063 40.83 -45.21 -13.66
CA ASP G 1063 41.38 -46.01 -12.58
C ASP G 1063 41.31 -47.49 -12.94
N PRO G 1064 42.12 -47.97 -13.89
CA PRO G 1064 42.03 -49.36 -14.30
C PRO G 1064 42.47 -50.29 -13.19
N PRO G 1065 41.98 -51.53 -13.17
CA PRO G 1065 42.39 -52.46 -12.11
C PRO G 1065 43.84 -52.92 -12.27
N CYS G 1066 44.77 -52.08 -11.85
CA CYS G 1066 46.19 -52.38 -11.96
C CYS G 1066 46.59 -53.57 -11.11
N GLN G 1079 50.60 -61.63 -12.74
CA GLN G 1079 49.37 -61.77 -13.52
C GLN G 1079 48.71 -60.41 -13.72
N LEU G 1080 48.44 -59.71 -12.62
CA LEU G 1080 47.85 -58.39 -12.69
C LEU G 1080 48.85 -57.40 -13.29
N PRO G 1081 48.36 -56.41 -14.05
CA PRO G 1081 49.27 -55.44 -14.66
C PRO G 1081 49.93 -54.58 -13.59
N PRO G 1082 51.12 -54.05 -13.86
CA PRO G 1082 51.80 -53.21 -12.86
C PRO G 1082 51.05 -51.92 -12.60
N CYS G 1083 51.25 -51.39 -11.39
CA CYS G 1083 50.54 -50.21 -10.91
C CYS G 1083 51.38 -48.96 -11.13
N LYS G 1084 50.80 -47.96 -11.78
CA LYS G 1084 51.48 -46.68 -11.96
C LYS G 1084 51.58 -45.95 -10.63
N THR G 1085 52.68 -45.25 -10.44
CA THR G 1085 52.93 -44.56 -9.17
C THR G 1085 51.95 -43.42 -9.00
N GLY G 1086 50.97 -43.59 -8.12
CA GLY G 1086 49.97 -42.58 -7.88
C GLY G 1086 48.62 -42.83 -8.51
N ALA G 1087 48.26 -44.09 -8.76
CA ALA G 1087 46.97 -44.40 -9.37
C ALA G 1087 45.82 -44.31 -8.39
N TRP G 1088 46.09 -44.14 -7.10
CA TRP G 1088 45.04 -44.03 -6.10
C TRP G 1088 44.47 -42.62 -5.97
N ILE G 1089 45.02 -41.66 -6.72
CA ILE G 1089 44.51 -40.29 -6.63
C ILE G 1089 43.43 -40.03 -7.68
N VAL G 1090 43.47 -40.75 -8.80
CA VAL G 1090 42.53 -40.47 -9.89
C VAL G 1090 41.08 -40.67 -9.49
N PRO G 1091 40.69 -41.76 -8.80
CA PRO G 1091 39.29 -41.83 -8.34
C PRO G 1091 38.89 -40.72 -7.38
N ALA G 1092 39.81 -40.27 -6.52
CA ALA G 1092 39.46 -39.18 -5.61
C ALA G 1092 39.24 -37.87 -6.35
N ILE G 1093 40.13 -37.55 -7.28
CA ILE G 1093 39.95 -36.35 -8.10
C ILE G 1093 38.66 -36.46 -8.90
N MET G 1094 38.36 -37.67 -9.40
CA MET G 1094 37.13 -37.86 -10.15
C MET G 1094 35.90 -37.65 -9.28
N ALA G 1095 35.95 -38.11 -8.03
CA ALA G 1095 34.83 -37.89 -7.12
C ALA G 1095 34.61 -36.41 -6.87
N CYS G 1096 35.70 -35.67 -6.60
CA CYS G 1096 35.57 -34.23 -6.37
C CYS G 1096 35.06 -33.52 -7.62
N TYR G 1097 35.55 -33.91 -8.80
CA TYR G 1097 35.14 -33.28 -10.05
C TYR G 1097 33.68 -33.55 -10.34
N LEU G 1098 33.21 -34.78 -10.16
CA LEU G 1098 31.80 -35.08 -10.38
C LEU G 1098 30.93 -34.32 -9.40
N LEU G 1099 31.35 -34.23 -8.13
CA LEU G 1099 30.56 -33.49 -7.16
C LEU G 1099 30.47 -32.01 -7.53
N VAL G 1100 31.56 -31.42 -8.02
CA VAL G 1100 31.55 -29.99 -8.33
C VAL G 1100 30.97 -29.68 -9.71
N ALA G 1101 30.79 -30.68 -10.57
CA ALA G 1101 30.27 -30.42 -11.91
C ALA G 1101 28.86 -30.95 -12.14
N ASN G 1102 28.34 -31.83 -11.28
CA ASN G 1102 27.00 -32.35 -11.45
C ASN G 1102 26.04 -31.96 -10.32
N ILE G 1103 26.53 -31.36 -9.24
CA ILE G 1103 25.67 -31.04 -8.11
C ILE G 1103 25.64 -29.54 -7.90
N LEU G 1104 26.74 -28.86 -8.20
CA LEU G 1104 26.86 -27.44 -7.90
C LEU G 1104 26.60 -26.56 -9.12
N LEU G 1105 27.37 -26.73 -10.19
CA LEU G 1105 27.29 -25.80 -11.31
C LEU G 1105 25.97 -25.92 -12.06
N VAL G 1106 25.51 -27.15 -12.32
CA VAL G 1106 24.26 -27.31 -13.07
C VAL G 1106 23.08 -26.83 -12.25
N ASN G 1107 23.09 -27.06 -10.93
CA ASN G 1107 22.00 -26.58 -10.09
C ASN G 1107 22.01 -25.05 -10.00
N LEU G 1108 23.20 -24.45 -9.95
CA LEU G 1108 23.28 -23.00 -9.98
C LEU G 1108 22.77 -22.45 -11.30
N LEU G 1109 23.06 -23.15 -12.40
CA LEU G 1109 22.53 -22.73 -13.70
C LEU G 1109 21.01 -22.83 -13.73
N ILE G 1110 20.45 -23.88 -13.13
CA ILE G 1110 19.00 -23.99 -13.03
C ILE G 1110 18.43 -22.82 -12.24
N ALA G 1111 19.09 -22.45 -11.14
CA ALA G 1111 18.63 -21.31 -10.35
C ALA G 1111 18.69 -20.03 -11.16
N VAL G 1112 19.75 -19.84 -11.95
CA VAL G 1112 19.88 -18.64 -12.78
C VAL G 1112 18.78 -18.58 -13.83
N PHE G 1113 18.49 -19.71 -14.48
CA PHE G 1113 17.38 -19.75 -15.43
C PHE G 1113 16.06 -19.43 -14.75
N ASN G 1114 15.87 -19.93 -13.53
CA ASN G 1114 14.58 -19.82 -12.87
C ASN G 1114 14.32 -18.41 -12.37
N ASN G 1115 15.34 -17.75 -11.81
CA ASN G 1115 15.13 -16.45 -11.18
C ASN G 1115 15.31 -15.28 -12.14
N THR G 1116 15.59 -15.53 -13.41
CA THR G 1116 15.66 -14.50 -14.43
C THR G 1116 14.80 -14.89 -15.62
N PHE G 1117 13.58 -15.31 -15.34
CA PHE G 1117 12.69 -15.84 -16.37
C PHE G 1117 11.50 -14.95 -16.67
N PHE G 1118 10.96 -14.27 -15.68
CA PHE G 1118 9.76 -13.46 -15.92
C PHE G 1118 10.07 -12.27 -16.83
N GLU G 1119 11.18 -11.59 -16.59
CA GLU G 1119 11.56 -10.45 -17.42
C GLU G 1119 11.85 -10.90 -18.85
N VAL G 1120 12.54 -12.03 -19.01
CA VAL G 1120 12.82 -12.56 -20.34
C VAL G 1120 11.52 -12.92 -21.05
N LYS G 1121 10.57 -13.50 -20.32
CA LYS G 1121 9.28 -13.86 -20.92
C LYS G 1121 8.54 -12.62 -21.41
N SER G 1122 8.47 -11.57 -20.58
CA SER G 1122 7.77 -10.36 -20.98
C SER G 1122 8.44 -9.69 -22.18
N ILE G 1123 9.76 -9.59 -22.14
CA ILE G 1123 10.49 -8.95 -23.24
C ILE G 1123 10.33 -9.77 -24.52
N SER G 1124 10.36 -11.10 -24.41
CA SER G 1124 10.17 -11.93 -25.60
C SER G 1124 8.79 -11.77 -26.20
N ASN G 1125 7.76 -11.68 -25.34
CA ASN G 1125 6.41 -11.44 -25.86
C ASN G 1125 6.33 -10.11 -26.59
N GLN G 1126 6.90 -9.07 -25.99
CA GLN G 1126 6.88 -7.76 -26.65
C GLN G 1126 7.61 -7.79 -27.98
N VAL G 1127 8.77 -8.43 -28.03
CA VAL G 1127 9.57 -8.45 -29.24
C VAL G 1127 8.87 -9.24 -30.35
N TRP G 1128 8.25 -10.38 -30.00
CA TRP G 1128 7.52 -11.14 -31.00
C TRP G 1128 6.33 -10.37 -31.54
N LYS G 1129 5.56 -9.73 -30.65
CA LYS G 1129 4.42 -8.94 -31.11
C LYS G 1129 4.88 -7.78 -31.98
N PHE G 1130 6.08 -7.26 -31.73
CA PHE G 1130 6.59 -6.18 -32.58
C PHE G 1130 7.05 -6.71 -33.92
N GLN G 1131 7.70 -7.88 -33.95
CA GLN G 1131 8.24 -8.40 -35.20
C GLN G 1131 7.18 -9.05 -36.08
N ARG G 1132 5.97 -9.25 -35.57
CA ARG G 1132 4.88 -9.68 -36.45
C ARG G 1132 4.70 -8.73 -37.63
N TYR G 1133 4.90 -7.43 -37.40
CA TYR G 1133 4.77 -6.47 -38.48
C TYR G 1133 5.82 -6.69 -39.57
N GLN G 1134 7.07 -6.93 -39.17
CA GLN G 1134 8.11 -7.19 -40.15
C GLN G 1134 7.82 -8.46 -40.92
N LEU G 1135 7.30 -9.48 -40.23
CA LEU G 1135 6.91 -10.72 -40.91
C LEU G 1135 5.84 -10.45 -41.96
N ILE G 1136 4.81 -9.68 -41.59
CA ILE G 1136 3.71 -9.42 -42.51
C ILE G 1136 4.19 -8.64 -43.73
N MET G 1137 5.03 -7.62 -43.50
CA MET G 1137 5.52 -6.83 -44.63
C MET G 1137 6.41 -7.66 -45.55
N THR G 1138 7.33 -8.44 -44.98
CA THR G 1138 8.23 -9.21 -45.82
C THR G 1138 7.52 -10.35 -46.53
N PHE G 1139 6.33 -10.75 -46.06
CA PHE G 1139 5.56 -11.70 -46.85
C PHE G 1139 4.67 -11.03 -47.88
N HIS G 1140 4.23 -9.80 -47.63
CA HIS G 1140 3.47 -9.09 -48.64
C HIS G 1140 4.37 -8.68 -49.81
N GLU G 1141 5.65 -8.46 -49.55
CA GLU G 1141 6.54 -8.04 -50.63
C GLU G 1141 6.90 -9.18 -51.57
N ARG G 1142 6.89 -10.42 -51.09
CA ARG G 1142 7.42 -11.55 -51.84
C ARG G 1142 6.54 -11.91 -53.03
N PRO G 1143 7.09 -12.59 -54.05
CA PRO G 1143 6.28 -13.07 -55.16
C PRO G 1143 5.28 -14.15 -54.76
N VAL G 1144 4.51 -14.65 -55.72
CA VAL G 1144 3.42 -15.56 -55.41
C VAL G 1144 3.93 -16.98 -55.19
N LEU G 1145 4.53 -17.56 -56.22
CA LEU G 1145 4.93 -18.96 -56.16
C LEU G 1145 6.22 -19.13 -55.34
N PRO G 1146 6.40 -20.30 -54.73
CA PRO G 1146 7.53 -20.50 -53.81
C PRO G 1146 8.86 -20.58 -54.55
N PRO G 1147 9.97 -20.57 -53.83
CA PRO G 1147 11.31 -20.58 -54.47
C PRO G 1147 11.58 -21.78 -55.37
N PRO G 1148 11.04 -22.98 -55.12
CA PRO G 1148 11.32 -24.07 -56.07
C PRO G 1148 10.94 -23.75 -57.51
N LEU G 1149 9.85 -23.04 -57.74
CA LEU G 1149 9.42 -22.64 -59.07
C LEU G 1149 9.29 -21.12 -59.16
N ILE G 1150 10.23 -20.41 -58.53
CA ILE G 1150 10.21 -18.94 -58.57
C ILE G 1150 10.85 -18.38 -59.83
N ILE G 1151 11.48 -19.24 -60.64
CA ILE G 1151 12.17 -18.76 -61.83
C ILE G 1151 11.20 -18.15 -62.84
N PHE G 1152 9.91 -18.48 -62.76
CA PHE G 1152 8.93 -17.89 -63.66
C PHE G 1152 8.64 -16.45 -63.29
N SER G 1153 8.53 -16.15 -61.99
CA SER G 1153 8.27 -14.78 -61.57
C SER G 1153 9.49 -13.90 -61.68
N HIS G 1154 10.69 -14.47 -61.73
CA HIS G 1154 11.89 -13.66 -61.91
C HIS G 1154 12.05 -13.24 -63.38
N MET G 1155 11.67 -14.09 -64.32
CA MET G 1155 11.76 -13.72 -65.72
C MET G 1155 10.65 -12.74 -66.13
N THR G 1156 9.54 -12.72 -65.41
CA THR G 1156 8.53 -11.69 -65.63
C THR G 1156 8.94 -10.35 -65.05
N MET G 1157 9.93 -10.34 -64.14
CA MET G 1157 10.48 -9.07 -63.68
C MET G 1157 11.25 -8.36 -64.77
N ILE G 1158 11.91 -9.11 -65.65
CA ILE G 1158 12.62 -8.51 -66.76
C ILE G 1158 11.64 -7.92 -67.78
N PHE G 1159 10.55 -8.63 -68.05
CA PHE G 1159 9.56 -8.13 -69.01
C PHE G 1159 8.89 -6.86 -68.51
N GLN G 1160 8.56 -6.79 -67.22
CA GLN G 1160 7.89 -5.62 -66.67
C GLN G 1160 8.85 -4.47 -66.39
N HIS G 1161 10.16 -4.72 -66.42
CA HIS G 1161 11.12 -3.64 -66.20
C HIS G 1161 11.41 -2.88 -67.48
N VAL G 1162 11.53 -3.59 -68.61
CA VAL G 1162 11.80 -2.95 -69.89
C VAL G 1162 10.59 -2.21 -70.44
N CYS G 1163 9.41 -2.42 -69.87
CA CYS G 1163 8.20 -1.73 -70.32
C CYS G 1163 8.25 -0.26 -69.96
N ARG G 1176 0.55 0.04 -53.69
CA ARG G 1176 0.15 -0.42 -52.38
C ARG G 1176 -1.26 0.05 -52.05
N ASP G 1177 -2.26 -0.63 -52.61
CA ASP G 1177 -3.65 -0.23 -52.39
C ASP G 1177 -4.04 -0.38 -50.93
N TYR G 1178 -3.62 -1.46 -50.28
CA TYR G 1178 -3.83 -1.65 -48.86
C TYR G 1178 -2.71 -2.51 -48.31
N GLY G 1179 -2.46 -2.38 -47.01
CA GLY G 1179 -1.41 -3.12 -46.36
C GLY G 1179 -0.28 -2.21 -45.91
N LEU G 1180 0.09 -1.27 -46.77
CA LEU G 1180 1.07 -0.25 -46.41
C LEU G 1180 0.42 1.10 -46.15
N LYS G 1181 -0.46 1.54 -47.03
CA LYS G 1181 -1.16 2.80 -46.89
C LYS G 1181 -2.63 2.61 -47.22
N LEU G 1182 -3.41 3.67 -47.00
CA LEU G 1182 -4.84 3.64 -47.30
C LEU G 1182 -5.24 5.06 -47.72
N PHE G 1183 -5.23 5.31 -49.01
CA PHE G 1183 -5.60 6.62 -49.52
C PHE G 1183 -7.09 6.89 -49.26
N ILE G 1184 -7.40 8.12 -48.83
CA ILE G 1184 -8.77 8.50 -48.51
C ILE G 1184 -9.08 9.85 -49.12
N THR G 1185 -10.37 10.14 -49.22
CA THR G 1185 -10.85 11.37 -49.82
C THR G 1185 -10.73 12.52 -48.82
N ASP G 1186 -11.40 13.64 -49.09
CA ASP G 1186 -11.34 14.78 -48.19
C ASP G 1186 -12.38 14.71 -47.10
N ASP G 1187 -13.56 14.16 -47.40
CA ASP G 1187 -14.59 13.99 -46.37
C ASP G 1187 -14.13 13.01 -45.30
N GLU G 1188 -13.53 11.89 -45.70
CA GLU G 1188 -13.01 10.94 -44.73
C GLU G 1188 -11.87 11.55 -43.93
N LEU G 1189 -11.03 12.35 -44.57
CA LEU G 1189 -9.94 13.02 -43.86
C LEU G 1189 -10.51 13.97 -42.80
N LYS G 1190 -11.55 14.72 -43.15
CA LYS G 1190 -12.16 15.63 -42.18
C LYS G 1190 -12.80 14.87 -41.02
N LYS G 1191 -13.49 13.76 -41.33
CA LYS G 1191 -14.08 12.96 -40.26
C LYS G 1191 -13.02 12.39 -39.33
N VAL G 1192 -11.90 11.92 -39.89
CA VAL G 1192 -10.82 11.38 -39.08
C VAL G 1192 -10.21 12.47 -38.21
N HIS G 1193 -10.02 13.67 -38.77
CA HIS G 1193 -9.47 14.77 -37.99
C HIS G 1193 -10.40 15.13 -36.83
N ASP G 1194 -11.71 15.21 -37.09
CA ASP G 1194 -12.65 15.54 -36.02
C ASP G 1194 -12.67 14.46 -34.94
N PHE G 1195 -12.63 13.20 -35.36
CA PHE G 1195 -12.60 12.11 -34.38
C PHE G 1195 -11.35 12.18 -33.53
N GLU G 1196 -10.20 12.47 -34.14
CA GLU G 1196 -8.95 12.56 -33.39
C GLU G 1196 -8.98 13.72 -32.40
N GLU G 1197 -9.53 14.87 -32.81
CA GLU G 1197 -9.63 15.99 -31.88
C GLU G 1197 -10.54 15.66 -30.71
N GLN G 1198 -11.68 15.01 -30.99
CA GLN G 1198 -12.56 14.59 -29.90
C GLN G 1198 -11.85 13.62 -28.96
N CYS G 1199 -11.08 12.68 -29.53
CA CYS G 1199 -10.38 11.70 -28.71
C CYS G 1199 -9.34 12.35 -27.81
N ILE G 1200 -8.55 13.28 -28.35
CA ILE G 1200 -7.51 13.89 -27.53
C ILE G 1200 -8.11 14.78 -26.46
N GLU G 1201 -9.20 15.49 -26.78
CA GLU G 1201 -9.89 16.28 -25.76
C GLU G 1201 -10.43 15.40 -24.64
N GLU G 1202 -11.03 14.26 -25.01
CA GLU G 1202 -11.52 13.33 -24.01
C GLU G 1202 -10.39 12.80 -23.14
N TYR G 1203 -9.24 12.49 -23.75
CA TYR G 1203 -8.10 11.99 -23.00
C TYR G 1203 -7.63 13.01 -21.97
N PHE G 1204 -7.48 14.27 -22.40
CA PHE G 1204 -7.01 15.29 -21.46
C PHE G 1204 -8.02 15.53 -20.34
N ARG G 1205 -9.30 15.54 -20.67
CA ARG G 1205 -10.32 15.75 -19.65
C ARG G 1205 -10.32 14.61 -18.63
N GLU G 1206 -10.20 13.37 -19.12
CA GLU G 1206 -10.20 12.22 -18.20
C GLU G 1206 -8.96 12.23 -17.32
N LYS G 1207 -7.79 12.55 -17.89
CA LYS G 1207 -6.58 12.61 -17.08
C LYS G 1207 -6.66 13.68 -16.01
N ASP G 1208 -7.18 14.86 -16.37
CA ASP G 1208 -7.33 15.91 -15.37
C ASP G 1208 -8.32 15.52 -14.29
N ASP G 1209 -9.41 14.85 -14.67
CA ASP G 1209 -10.39 14.40 -13.68
C ASP G 1209 -9.79 13.37 -12.74
N ARG G 1210 -8.98 12.44 -13.27
CA ARG G 1210 -8.34 11.46 -12.41
C ARG G 1210 -7.33 12.11 -11.48
N PHE G 1211 -6.62 13.13 -11.95
CA PHE G 1211 -5.66 13.81 -11.09
C PHE G 1211 -6.36 14.58 -9.97
N ASN G 1212 -7.45 15.28 -10.29
CA ASN G 1212 -8.11 16.11 -9.28
C ASN G 1212 -8.93 15.31 -8.28
N SER G 1213 -9.10 14.01 -8.48
CA SER G 1213 -9.89 13.19 -7.58
C SER G 1213 -9.06 12.19 -6.78
N SER G 1214 -7.74 12.18 -6.97
CA SER G 1214 -6.89 11.27 -6.23
C SER G 1214 -6.78 11.72 -4.77
N ASN G 1215 -6.30 10.82 -3.92
CA ASN G 1215 -6.26 11.10 -2.48
C ASN G 1215 -5.25 12.19 -2.15
N ASP G 1216 -4.13 12.25 -2.87
CA ASP G 1216 -3.09 13.22 -2.54
C ASP G 1216 -3.58 14.65 -2.74
N GLU G 1217 -4.16 14.93 -3.90
CA GLU G 1217 -4.67 16.27 -4.16
C GLU G 1217 -5.84 16.61 -3.25
N ARG G 1218 -6.71 15.63 -2.99
CA ARG G 1218 -7.84 15.85 -2.11
C ARG G 1218 -7.42 16.09 -0.67
N ILE G 1219 -6.23 15.63 -0.27
CA ILE G 1219 -5.72 15.96 1.05
C ILE G 1219 -5.04 17.33 1.04
N ARG G 1220 -4.28 17.63 -0.01
CA ARG G 1220 -3.57 18.90 -0.06
C ARG G 1220 -4.53 20.08 -0.11
N VAL G 1221 -5.58 19.98 -0.92
CA VAL G 1221 -6.56 21.05 -1.01
C VAL G 1221 -7.26 21.25 0.33
N THR G 1222 -7.61 20.15 1.00
CA THR G 1222 -8.24 20.24 2.30
C THR G 1222 -7.33 20.92 3.30
N SER G 1223 -6.04 20.57 3.29
CA SER G 1223 -5.10 21.20 4.23
C SER G 1223 -4.99 22.70 3.98
N GLU G 1224 -4.87 23.11 2.72
CA GLU G 1224 -4.77 24.53 2.43
C GLU G 1224 -6.03 25.29 2.84
N ARG G 1225 -7.20 24.73 2.54
CA ARG G 1225 -8.44 25.39 2.91
C ARG G 1225 -8.60 25.47 4.42
N VAL G 1226 -8.17 24.42 5.14
CA VAL G 1226 -8.24 24.44 6.59
C VAL G 1226 -7.32 25.52 7.15
N GLU G 1227 -6.13 25.67 6.56
CA GLU G 1227 -5.23 26.73 7.00
C GLU G 1227 -5.86 28.11 6.82
N ASN G 1228 -6.43 28.36 5.64
CA ASN G 1228 -7.05 29.66 5.40
C ASN G 1228 -8.24 29.90 6.33
N MET G 1229 -9.07 28.87 6.53
CA MET G 1229 -10.23 29.01 7.39
C MET G 1229 -9.82 29.27 8.83
N SER G 1230 -8.78 28.59 9.31
CA SER G 1230 -8.30 28.83 10.68
C SER G 1230 -7.77 30.25 10.82
N MET G 1231 -7.04 30.73 9.82
CA MET G 1231 -6.54 32.10 9.89
C MET G 1231 -7.68 33.11 9.95
N ARG G 1232 -8.69 32.93 9.09
CA ARG G 1232 -9.82 33.85 9.09
C ARG G 1232 -10.63 33.77 10.37
N LEU G 1233 -10.78 32.57 10.94
CA LEU G 1233 -11.51 32.43 12.18
C LEU G 1233 -10.77 33.11 13.34
N GLU G 1234 -9.43 32.98 13.36
CA GLU G 1234 -8.65 33.68 14.38
C GLU G 1234 -8.79 35.19 14.22
N GLU G 1235 -8.79 35.67 12.98
CA GLU G 1235 -8.99 37.10 12.75
C GLU G 1235 -10.37 37.55 13.23
N VAL G 1236 -11.40 36.75 12.97
CA VAL G 1236 -12.75 37.11 13.40
C VAL G 1236 -12.84 37.14 14.91
N ASN G 1237 -12.29 36.14 15.59
CA ASN G 1237 -12.44 36.06 17.04
C ASN G 1237 -11.59 37.10 17.75
N GLU G 1238 -10.41 37.42 17.20
CA GLU G 1238 -9.55 38.43 17.81
C GLU G 1238 -10.16 39.82 17.69
N ARG G 1239 -10.76 40.13 16.55
CA ARG G 1239 -11.36 41.43 16.29
C ARG G 1239 -12.85 41.35 16.57
N GLU G 1240 -13.25 41.79 17.76
CA GLU G 1240 -14.65 41.78 18.16
C GLU G 1240 -15.05 43.16 18.66
N HIS G 1241 -16.30 43.54 18.38
CA HIS G 1241 -16.85 44.82 18.83
C HIS G 1241 -17.69 44.68 20.10
N SER G 1242 -17.77 43.49 20.67
CA SER G 1242 -18.56 43.28 21.89
C SER G 1242 -17.84 42.35 22.85
N UNK H 1 45.06 45.52 -11.47
CA UNK H 1 43.68 45.25 -11.86
C UNK H 1 42.86 46.53 -11.89
N UNK H 2 41.55 46.41 -11.79
CA UNK H 2 40.66 47.56 -11.75
C UNK H 2 40.24 47.82 -10.31
N UNK H 3 40.96 47.22 -9.37
CA UNK H 3 40.66 47.35 -7.95
C UNK H 3 40.86 48.79 -7.49
N UNK H 4 42.11 49.25 -7.51
CA UNK H 4 42.42 50.62 -7.11
C UNK H 4 41.93 51.60 -8.18
N UNK H 5 40.63 51.87 -8.17
CA UNK H 5 40.02 52.78 -9.12
C UNK H 5 39.27 53.89 -8.42
N UNK H 6 38.95 53.66 -7.14
CA UNK H 6 38.25 54.66 -6.33
C UNK H 6 39.19 55.25 -5.30
N UNK H 7 38.70 56.20 -4.52
CA UNK H 7 39.51 56.86 -3.49
C UNK H 7 38.74 56.99 -2.18
N UNK H 8 39.47 56.88 -1.06
CA UNK H 8 38.86 57.03 0.25
C UNK H 8 39.07 58.44 0.79
N UNK H 9 38.60 58.69 2.01
CA UNK H 9 38.74 60.02 2.61
C UNK H 9 38.82 59.94 4.13
N UNK H 10 40.05 60.04 4.66
CA UNK H 10 40.27 60.01 6.10
C UNK H 10 40.55 61.42 6.62
N UNK H 11 40.21 61.66 7.88
CA UNK H 11 40.35 62.99 8.48
C UNK H 11 41.81 63.39 8.62
N UNK H 12 42.12 64.61 8.20
CA UNK H 12 43.48 65.12 8.27
C UNK H 12 43.73 65.79 9.62
N UNK H 13 44.53 66.85 9.62
CA UNK H 13 44.85 67.57 10.84
C UNK H 13 43.73 68.53 11.20
N UNK H 14 42.61 67.98 11.65
CA UNK H 14 41.45 68.77 12.03
C UNK H 14 41.62 69.31 13.46
N UNK H 15 40.99 70.46 13.71
CA UNK H 15 41.07 71.07 15.03
C UNK H 15 39.69 71.48 15.52
N UNK H 16 39.25 70.86 16.61
CA UNK H 16 37.95 71.15 17.20
C UNK H 16 37.89 70.61 18.63
N UNK H 17 36.68 70.62 19.19
CA UNK H 17 36.41 70.09 20.54
C UNK H 17 37.29 70.75 21.60
#